data_1R9M
#
_entry.id   1R9M
#
_cell.length_a   121.823
_cell.length_b   124.056
_cell.length_c   144.491
_cell.angle_alpha   90.00
_cell.angle_beta   114.71
_cell.angle_gamma   90.00
#
_symmetry.space_group_name_H-M   'P 1 21 1'
#
loop_
_entity.id
_entity.type
_entity.pdbx_description
1 polymer 'Dipeptidyl peptidase IV'
2 branched 2-acetamido-2-deoxy-beta-D-glucopyranose-(1-4)-2-acetamido-2-deoxy-beta-D-glucopyranose
3 branched alpha-D-mannopyranose-(1-4)-2-acetamido-2-deoxy-beta-D-glucopyranose-(1-4)-2-acetamido-2-deoxy-beta-D-glucopyranose
4 branched alpha-D-mannopyranose-(1-6)-alpha-D-mannopyranose-(1-4)-2-acetamido-2-deoxy-beta-D-glucopyranose-(1-4)-2-acetamido-2-deoxy-beta-D-glucopyranose
5 non-polymer 2-acetamido-2-deoxy-beta-D-glucopyranose
6 non-polymer alpha-L-fucopyranose
7 water water
#
_entity_poly.entity_id   1
_entity_poly.type   'polypeptide(L)'
_entity_poly.pdbx_seq_one_letter_code
;HHHHHSRKTYTLTDYLKNTYRLKLYSLRWISDHEYLYKQENNILVFNAEYGNSSVFLENSTFDEFGHSINDYSISPDGQF
ILLEYNYVKQWRHSYTASYDIYDLNKRQLITEERIPNNTQWVTWSPVGHKLAYVWNNDIYVKIEPNLPSYRITWTGKEDI
IYNGITDWVYEEEVFSAYSALWWSPNGTFLAYAQFNDTEVPLIEYSFYSDESLQYPKTVRVPYPKAGAVNPTVKFFVVNT
DSLSSVTNATSIQITAPASMLIGDHYLCDVTWATQERISLQWLRRIQNYSVMDICDYDESSGRWNCLVARQHIEMSTTGW
VGRFRPSEPHFTLDGNSFYKIISNEEGYRHICYFQIDKKDCTFITKGTWEVIGIEALTSDYLYYISNEYKGMPGGRNLYK
IQLSDYTKVTCLSCELNPERCQYYSVSFSKEAKYYQLRCSGPGLPLYTLHSSVNDKGLRVLEDNSALDKMLQNVQMPSKK
LDFIILNETKFWYQMILPPHFDKSKKYPLLLDVYAGPCSQKADTVFRLNWATYLASTENIIVASFDGRGSGYQGDKIMHA
INRRLGTFEVEDQIEAARQFSKMGFVDNKRIAIWGWSYGGYVTSMVLGSGSGVFKCGIAVAPVSRWEYYDSVYTERYMGL
PTPEDNLDHYRNSTVMSRAENFKQVEYLLIHGTADDNVHFQQSAQISKALVDVGVDFQAMWYTDEDHGIASSTAHQHIYT
HMSHFIKQCFSLP
;
_entity_poly.pdbx_strand_id   A,B,C,D
#
loop_
_chem_comp.id
_chem_comp.type
_chem_comp.name
_chem_comp.formula
FUC L-saccharide, alpha linking alpha-L-fucopyranose 'C6 H12 O5'
MAN D-saccharide, alpha linking alpha-D-mannopyranose 'C6 H12 O6'
NAG D-saccharide, beta linking 2-acetamido-2-deoxy-beta-D-glucopyranose 'C8 H15 N O6'
#
# COMPACT_ATOMS: atom_id res chain seq x y z
N ARG A 7 30.32 -6.75 -5.33
CA ARG A 7 30.66 -8.19 -5.53
C ARG A 7 29.43 -9.11 -5.56
N LYS A 8 28.25 -8.55 -5.79
CA LYS A 8 27.06 -9.40 -5.84
C LYS A 8 26.85 -10.04 -7.21
N THR A 9 26.14 -11.15 -7.23
CA THR A 9 25.83 -11.81 -8.48
C THR A 9 24.35 -11.62 -8.73
N TYR A 10 23.90 -12.06 -9.90
CA TYR A 10 22.50 -11.97 -10.24
C TYR A 10 21.86 -13.22 -9.65
N THR A 11 21.02 -13.04 -8.64
CA THR A 11 20.47 -14.18 -7.89
C THR A 11 19.13 -14.70 -8.39
N LEU A 12 18.74 -15.85 -7.84
CA LEU A 12 17.45 -16.42 -8.20
C LEU A 12 16.39 -15.43 -7.80
N THR A 13 16.49 -14.91 -6.59
CA THR A 13 15.55 -13.91 -6.11
C THR A 13 15.51 -12.72 -7.05
N ASP A 14 16.66 -12.32 -7.58
CA ASP A 14 16.67 -11.17 -8.50
C ASP A 14 15.77 -11.49 -9.69
N TYR A 15 15.98 -12.68 -10.24
CA TYR A 15 15.16 -13.14 -11.36
C TYR A 15 13.71 -13.25 -10.95
N LEU A 16 13.45 -13.88 -9.81
CA LEU A 16 12.06 -14.14 -9.41
C LEU A 16 11.28 -12.90 -8.99
N LYS A 17 11.99 -11.94 -8.42
CA LYS A 17 11.38 -10.71 -7.92
C LYS A 17 11.57 -9.54 -8.90
N ASN A 18 12.23 -9.80 -10.03
CA ASN A 18 12.48 -8.77 -11.01
C ASN A 18 13.18 -7.55 -10.40
N THR A 19 14.33 -7.79 -9.75
CA THR A 19 15.09 -6.71 -9.14
C THR A 19 15.58 -5.72 -10.20
N TYR A 20 16.10 -6.28 -11.28
CA TYR A 20 16.64 -5.56 -12.42
C TYR A 20 15.66 -5.65 -13.57
N ARG A 21 14.94 -4.57 -13.80
CA ARG A 21 13.92 -4.58 -14.82
C ARG A 21 14.38 -3.99 -16.15
N LEU A 22 14.03 -4.65 -17.24
CA LEU A 22 14.34 -4.13 -18.56
C LEU A 22 13.26 -3.11 -18.86
N LYS A 23 13.65 -1.89 -19.18
CA LYS A 23 12.62 -0.93 -19.54
C LYS A 23 12.24 -1.07 -21.00
N LEU A 24 10.96 -0.84 -21.29
CA LEU A 24 10.42 -0.90 -22.63
C LEU A 24 10.00 0.49 -23.09
N TYR A 25 9.62 0.60 -24.34
CA TYR A 25 8.99 1.81 -24.81
C TYR A 25 7.89 1.39 -25.75
N SER A 26 6.81 0.93 -25.14
CA SER A 26 5.67 0.48 -25.88
C SER A 26 4.79 1.65 -26.26
N LEU A 27 4.61 1.85 -27.56
CA LEU A 27 3.80 2.94 -28.04
C LEU A 27 2.81 2.38 -29.01
N ARG A 28 1.67 3.03 -29.14
CA ARG A 28 0.77 2.67 -30.23
C ARG A 28 0.43 3.90 -31.03
N TRP A 29 0.72 3.81 -32.32
CA TRP A 29 0.46 4.88 -33.25
C TRP A 29 -1.03 5.11 -33.30
N ILE A 30 -1.41 6.37 -33.53
CA ILE A 30 -2.82 6.75 -33.64
C ILE A 30 -3.07 7.35 -35.00
N SER A 31 -1.98 7.80 -35.62
CA SER A 31 -2.04 8.48 -36.88
C SER A 31 -0.66 8.38 -37.48
N ASP A 32 -0.36 9.26 -38.42
CA ASP A 32 0.94 9.23 -39.06
C ASP A 32 1.99 10.08 -38.35
N HIS A 33 1.62 10.74 -37.26
CA HIS A 33 2.60 11.57 -36.53
C HIS A 33 2.44 11.64 -35.02
N GLU A 34 1.44 10.94 -34.48
CA GLU A 34 1.25 10.89 -33.04
C GLU A 34 1.13 9.44 -32.55
N TYR A 35 1.58 9.19 -31.33
CA TYR A 35 1.42 7.88 -30.72
C TYR A 35 1.21 8.01 -29.22
N LEU A 36 0.60 6.99 -28.61
CA LEU A 36 0.30 7.00 -27.19
C LEU A 36 1.34 6.28 -26.36
N TYR A 37 1.51 6.74 -25.15
CA TYR A 37 2.47 6.19 -24.24
C TYR A 37 1.91 6.28 -22.81
N LYS A 38 2.22 5.36 -22.02
CA LYS A 38 1.82 5.12 -20.66
C LYS A 38 2.86 5.34 -19.62
N GLN A 39 2.99 6.58 -19.13
CA GLN A 39 3.92 6.91 -18.00
C GLN A 39 3.27 6.57 -16.65
N GLU A 40 3.98 5.89 -15.78
CA GLU A 40 3.63 4.66 -15.09
C GLU A 40 2.11 4.44 -15.09
N ASN A 41 1.68 5.76 -14.87
CA ASN A 41 0.42 6.15 -14.35
C ASN A 41 -0.57 6.89 -15.20
N ASN A 42 -0.38 7.22 -16.44
CA ASN A 42 -0.82 8.34 -17.27
C ASN A 42 -0.87 8.01 -18.76
N ILE A 43 -1.85 8.35 -19.54
CA ILE A 43 -1.73 8.13 -21.00
C ILE A 43 -1.26 9.41 -21.77
N LEU A 44 -0.09 9.49 -22.39
CA LEU A 44 0.33 10.72 -23.06
C LEU A 44 0.10 10.59 -24.54
N VAL A 45 -0.02 11.73 -25.21
CA VAL A 45 0.01 11.77 -26.66
C VAL A 45 1.35 12.37 -26.98
N PHE A 46 2.09 11.73 -27.87
CA PHE A 46 3.38 12.27 -28.27
C PHE A 46 3.27 12.70 -29.72
N ASN A 47 3.98 13.76 -30.07
CA ASN A 47 4.10 14.13 -31.47
C ASN A 47 5.39 13.47 -31.90
N ALA A 48 5.36 12.78 -33.04
CA ALA A 48 6.58 12.14 -33.51
C ALA A 48 7.63 13.17 -33.90
N GLU A 49 7.23 14.23 -34.60
CA GLU A 49 8.17 15.27 -35.04
C GLU A 49 8.99 15.91 -33.93
N TYR A 50 8.33 16.47 -32.94
CA TYR A 50 9.03 17.29 -31.93
C TYR A 50 9.48 16.61 -30.64
N GLY A 51 8.86 15.49 -30.29
CA GLY A 51 9.21 14.84 -29.05
C GLY A 51 8.40 15.36 -27.87
N ASN A 52 7.36 16.13 -28.15
CA ASN A 52 6.57 16.71 -27.07
C ASN A 52 5.26 16.00 -26.77
N SER A 53 4.93 15.92 -25.49
CA SER A 53 3.71 15.26 -25.06
C SER A 53 2.77 16.16 -24.27
N SER A 54 1.54 15.69 -24.14
CA SER A 54 0.54 16.34 -23.32
C SER A 54 -0.23 15.17 -22.77
N VAL A 55 -0.82 15.34 -21.59
CA VAL A 55 -1.59 14.26 -21.00
C VAL A 55 -2.87 14.06 -21.79
N PHE A 56 -3.05 12.84 -22.31
CA PHE A 56 -4.21 12.53 -23.15
C PHE A 56 -5.32 11.93 -22.31
N LEU A 57 -4.94 11.04 -21.41
CA LEU A 57 -5.90 10.43 -20.53
C LEU A 57 -5.24 10.42 -19.16
N GLU A 58 -5.82 11.22 -18.28
CA GLU A 58 -5.30 11.36 -16.94
C GLU A 58 -5.84 10.19 -16.15
N ASN A 59 -5.07 9.72 -15.17
CA ASN A 59 -5.51 8.61 -14.34
C ASN A 59 -6.91 8.87 -13.80
N SER A 60 -7.08 10.08 -13.26
CA SER A 60 -8.28 10.50 -12.55
C SER A 60 -9.59 10.47 -13.33
N THR A 61 -9.52 10.34 -14.64
CA THR A 61 -10.75 10.36 -15.43
C THR A 61 -11.69 9.26 -14.98
N PHE A 62 -11.13 8.13 -14.53
CA PHE A 62 -11.97 7.00 -14.17
C PHE A 62 -11.95 6.60 -12.69
N ASP A 63 -11.54 7.52 -11.82
CA ASP A 63 -11.53 7.26 -10.37
C ASP A 63 -12.92 6.85 -9.88
N GLU A 64 -13.94 7.55 -10.36
CA GLU A 64 -15.31 7.30 -9.93
C GLU A 64 -15.93 6.12 -10.68
N PHE A 65 -15.15 5.54 -11.58
CA PHE A 65 -15.64 4.40 -12.35
C PHE A 65 -16.20 3.36 -11.38
N GLY A 66 -15.32 2.73 -10.62
CA GLY A 66 -15.73 1.70 -9.67
C GLY A 66 -15.29 0.29 -10.07
N HIS A 67 -14.54 0.22 -11.18
CA HIS A 67 -14.00 -1.04 -11.68
C HIS A 67 -12.53 -0.83 -11.98
N SER A 68 -11.76 -1.92 -12.07
CA SER A 68 -10.33 -1.83 -12.38
C SER A 68 -10.06 -2.06 -13.87
N ILE A 69 -9.49 -1.05 -14.52
CA ILE A 69 -9.29 -1.07 -15.97
C ILE A 69 -8.10 -1.87 -16.46
N ASN A 70 -8.37 -2.79 -17.39
CA ASN A 70 -7.34 -3.67 -17.94
C ASN A 70 -6.66 -3.05 -19.16
N ASP A 71 -7.47 -2.55 -20.08
CA ASP A 71 -6.93 -1.94 -21.27
C ASP A 71 -7.92 -0.93 -21.81
N TYR A 72 -7.47 -0.18 -22.80
CA TYR A 72 -8.29 0.85 -23.42
C TYR A 72 -8.07 0.72 -24.91
N SER A 73 -8.99 1.30 -25.69
CA SER A 73 -8.85 1.27 -27.13
C SER A 73 -9.51 2.50 -27.73
N ILE A 74 -8.72 3.33 -28.39
CA ILE A 74 -9.22 4.53 -29.02
C ILE A 74 -9.75 4.25 -30.42
N SER A 75 -10.98 4.67 -30.67
CA SER A 75 -11.52 4.53 -32.00
C SER A 75 -10.56 5.26 -32.94
N PRO A 76 -10.42 4.76 -34.16
CA PRO A 76 -9.50 5.35 -35.15
C PRO A 76 -9.75 6.82 -35.40
N ASP A 77 -11.02 7.23 -35.44
CA ASP A 77 -11.33 8.64 -35.71
C ASP A 77 -10.98 9.52 -34.51
N GLY A 78 -10.85 8.89 -33.34
CA GLY A 78 -10.42 9.58 -32.14
C GLY A 78 -11.53 10.10 -31.25
N GLN A 79 -12.77 9.70 -31.54
CA GLN A 79 -13.92 10.24 -30.85
C GLN A 79 -14.49 9.40 -29.70
N PHE A 80 -14.01 8.17 -29.55
CA PHE A 80 -14.46 7.34 -28.45
C PHE A 80 -13.32 6.51 -27.90
N ILE A 81 -13.46 6.03 -26.66
CA ILE A 81 -12.47 5.14 -26.10
C ILE A 81 -13.17 3.96 -25.43
N LEU A 82 -12.79 2.77 -25.85
CA LEU A 82 -13.33 1.55 -25.28
C LEU A 82 -12.50 1.27 -24.03
N LEU A 83 -13.17 1.01 -22.92
CA LEU A 83 -12.47 0.67 -21.69
C LEU A 83 -12.81 -0.77 -21.39
N GLU A 84 -11.78 -1.59 -21.26
CA GLU A 84 -11.98 -3.00 -21.00
C GLU A 84 -11.72 -3.32 -19.53
N TYR A 85 -12.63 -4.06 -18.92
CA TYR A 85 -12.48 -4.42 -17.51
C TYR A 85 -13.09 -5.79 -17.23
N ASN A 86 -12.91 -6.28 -16.01
CA ASN A 86 -13.37 -7.62 -15.61
C ASN A 86 -12.76 -8.69 -16.51
N TYR A 87 -11.53 -8.44 -16.92
CA TYR A 87 -10.77 -9.37 -17.73
C TYR A 87 -10.71 -10.75 -17.09
N VAL A 88 -11.12 -11.76 -17.86
CA VAL A 88 -11.03 -13.16 -17.45
C VAL A 88 -10.34 -13.96 -18.57
N LYS A 89 -9.09 -14.34 -18.33
CA LYS A 89 -8.30 -15.07 -19.31
C LYS A 89 -8.93 -16.41 -19.69
N GLN A 90 -8.87 -16.75 -20.97
CA GLN A 90 -9.23 -18.10 -21.38
C GLN A 90 -7.96 -18.84 -21.80
N TRP A 91 -7.70 -18.95 -23.09
CA TRP A 91 -6.49 -19.64 -23.52
C TRP A 91 -5.34 -18.66 -23.72
N ARG A 92 -4.46 -18.93 -24.67
CA ARG A 92 -3.30 -18.07 -24.85
C ARG A 92 -3.63 -16.63 -25.24
N HIS A 93 -4.60 -16.46 -26.12
CA HIS A 93 -4.96 -15.12 -26.58
C HIS A 93 -6.38 -14.77 -26.21
N SER A 94 -7.21 -15.80 -26.01
CA SER A 94 -8.63 -15.55 -25.75
C SER A 94 -8.92 -15.15 -24.32
N TYR A 95 -9.92 -14.28 -24.17
CA TYR A 95 -10.37 -13.85 -22.86
C TYR A 95 -11.75 -13.26 -22.95
N THR A 96 -12.36 -13.12 -21.78
CA THR A 96 -13.67 -12.51 -21.64
C THR A 96 -13.48 -11.20 -20.83
N ALA A 97 -14.33 -10.21 -21.08
CA ALA A 97 -14.24 -8.96 -20.34
C ALA A 97 -15.50 -8.11 -20.51
N SER A 98 -15.61 -7.09 -19.67
CA SER A 98 -16.71 -6.14 -19.77
C SER A 98 -16.17 -4.91 -20.46
N TYR A 99 -17.04 -4.16 -21.12
CA TYR A 99 -16.59 -2.97 -21.84
C TYR A 99 -17.51 -1.77 -21.63
N ASP A 100 -16.90 -0.58 -21.67
CA ASP A 100 -17.63 0.68 -21.59
C ASP A 100 -17.05 1.60 -22.65
N ILE A 101 -17.91 2.43 -23.23
CA ILE A 101 -17.48 3.38 -24.24
C ILE A 101 -17.64 4.79 -23.69
N TYR A 102 -16.60 5.59 -23.85
CA TYR A 102 -16.58 6.92 -23.30
C TYR A 102 -16.37 7.91 -24.45
N ASP A 103 -17.35 8.81 -24.63
CA ASP A 103 -17.26 9.85 -25.64
C ASP A 103 -16.14 10.76 -25.17
N LEU A 104 -15.15 10.98 -26.03
CA LEU A 104 -14.00 11.79 -25.65
C LEU A 104 -14.30 13.28 -25.72
N ASN A 105 -14.99 13.70 -26.76
CA ASN A 105 -15.36 15.10 -26.95
C ASN A 105 -16.45 15.57 -25.99
N LYS A 106 -17.28 14.64 -25.54
CA LYS A 106 -18.35 14.94 -24.58
C LYS A 106 -17.94 14.54 -23.18
N ARG A 107 -16.75 14.01 -23.04
CA ARG A 107 -16.11 13.40 -21.88
C ARG A 107 -17.14 12.87 -20.90
N GLN A 108 -17.85 11.75 -21.42
CA GLN A 108 -18.79 11.02 -20.59
C GLN A 108 -19.09 9.61 -21.10
N LEU A 109 -19.36 8.73 -20.13
CA LEU A 109 -19.70 7.35 -20.37
C LEU A 109 -20.96 7.23 -21.21
N ILE A 110 -21.02 6.19 -22.03
CA ILE A 110 -22.25 5.90 -22.76
C ILE A 110 -22.98 4.88 -21.92
N THR A 111 -24.18 5.22 -21.46
CA THR A 111 -24.92 4.32 -20.60
C THR A 111 -26.01 3.61 -21.37
N GLU A 112 -26.09 3.85 -22.66
CA GLU A 112 -27.14 3.22 -23.44
C GLU A 112 -26.60 2.12 -24.35
N GLU A 113 -27.40 1.08 -24.53
CA GLU A 113 -27.07 -0.03 -25.41
C GLU A 113 -25.63 -0.47 -25.18
N ARG A 114 -25.29 -0.74 -23.93
CA ARG A 114 -23.92 -1.11 -23.58
C ARG A 114 -23.51 -2.45 -24.15
N ILE A 115 -22.21 -2.60 -24.33
CA ILE A 115 -21.65 -3.87 -24.74
C ILE A 115 -21.85 -4.77 -23.53
N PRO A 116 -22.40 -5.95 -23.77
CA PRO A 116 -22.69 -6.89 -22.69
C PRO A 116 -21.46 -7.27 -21.87
N ASN A 117 -21.71 -7.89 -20.73
CA ASN A 117 -20.64 -8.43 -19.92
C ASN A 117 -20.35 -9.76 -20.60
N ASN A 118 -19.16 -10.31 -20.36
CA ASN A 118 -18.78 -11.60 -20.93
C ASN A 118 -18.64 -11.55 -22.45
N THR A 119 -18.29 -10.39 -22.99
CA THR A 119 -18.06 -10.27 -24.40
C THR A 119 -16.74 -10.96 -24.68
N GLN A 120 -16.68 -11.69 -25.78
CA GLN A 120 -15.53 -12.52 -26.13
C GLN A 120 -14.50 -11.76 -26.97
N TRP A 121 -14.97 -10.77 -27.70
CA TRP A 121 -14.08 -9.97 -28.53
C TRP A 121 -14.76 -8.72 -29.05
N VAL A 122 -13.98 -7.65 -29.17
CA VAL A 122 -14.48 -6.38 -29.69
C VAL A 122 -13.39 -5.73 -30.52
N THR A 123 -13.76 -5.10 -31.61
CA THR A 123 -12.80 -4.35 -32.40
C THR A 123 -13.46 -3.18 -33.12
N TRP A 124 -12.72 -2.09 -33.20
CA TRP A 124 -13.14 -0.90 -33.90
C TRP A 124 -12.94 -1.17 -35.39
N SER A 125 -13.75 -0.53 -36.22
CA SER A 125 -13.57 -0.57 -37.66
C SER A 125 -12.23 0.12 -37.85
N PRO A 126 -11.57 -0.07 -38.99
CA PRO A 126 -10.26 0.55 -39.25
C PRO A 126 -10.35 2.06 -39.42
N VAL A 127 -11.52 2.57 -39.81
CA VAL A 127 -11.73 4.00 -39.87
C VAL A 127 -13.03 4.30 -39.14
N GLY A 128 -13.21 5.55 -38.72
CA GLY A 128 -14.44 5.93 -38.06
C GLY A 128 -14.60 5.36 -36.67
N HIS A 129 -15.78 4.84 -36.36
CA HIS A 129 -16.05 4.31 -35.03
C HIS A 129 -17.12 3.22 -34.98
N LYS A 130 -17.33 2.50 -36.06
CA LYS A 130 -18.24 1.36 -36.01
C LYS A 130 -17.62 0.38 -35.02
N LEU A 131 -18.43 -0.47 -34.42
CA LEU A 131 -17.93 -1.41 -33.45
C LEU A 131 -18.44 -2.81 -33.73
N ALA A 132 -17.56 -3.80 -33.70
CA ALA A 132 -17.99 -5.19 -33.87
C ALA A 132 -17.61 -6.02 -32.65
N TYR A 133 -18.57 -6.75 -32.10
CA TYR A 133 -18.24 -7.59 -30.96
C TYR A 133 -18.85 -8.98 -31.06
N VAL A 134 -18.25 -9.91 -30.36
CA VAL A 134 -18.77 -11.26 -30.30
C VAL A 134 -19.24 -11.57 -28.89
N TRP A 135 -20.42 -12.12 -28.76
CA TRP A 135 -20.96 -12.40 -27.45
C TRP A 135 -21.76 -13.67 -27.53
N ASN A 136 -21.53 -14.61 -26.61
CA ASN A 136 -22.17 -15.91 -26.67
C ASN A 136 -21.98 -16.55 -28.05
N ASN A 137 -20.80 -16.34 -28.61
CA ASN A 137 -20.43 -16.98 -29.87
C ASN A 137 -21.17 -16.39 -31.08
N ASP A 138 -21.73 -15.20 -30.91
CA ASP A 138 -22.39 -14.52 -32.03
C ASP A 138 -21.85 -13.12 -32.27
N ILE A 139 -21.84 -12.73 -33.53
CA ILE A 139 -21.30 -11.45 -33.95
C ILE A 139 -22.36 -10.35 -33.90
N TYR A 140 -21.96 -9.20 -33.38
CA TYR A 140 -22.85 -8.06 -33.27
C TYR A 140 -22.13 -6.82 -33.79
N VAL A 141 -22.87 -5.92 -34.44
CA VAL A 141 -22.31 -4.68 -34.94
C VAL A 141 -23.01 -3.44 -34.35
N LYS A 142 -22.21 -2.46 -33.95
CA LYS A 142 -22.71 -1.18 -33.43
C LYS A 142 -22.19 -0.08 -34.34
N ILE A 143 -23.09 0.51 -35.14
CA ILE A 143 -22.71 1.60 -36.04
C ILE A 143 -22.24 2.83 -35.29
N GLU A 144 -22.87 3.09 -34.15
CA GLU A 144 -22.50 4.22 -33.30
C GLU A 144 -22.54 3.72 -31.89
N PRO A 145 -21.54 4.06 -31.09
CA PRO A 145 -21.48 3.61 -29.70
C PRO A 145 -22.81 3.60 -28.95
N ASN A 146 -23.73 4.53 -29.20
CA ASN A 146 -24.95 4.51 -28.39
C ASN A 146 -26.22 3.89 -28.95
N LEU A 147 -26.14 3.31 -30.14
CA LEU A 147 -27.32 2.72 -30.76
C LEU A 147 -27.37 1.19 -30.65
N PRO A 148 -28.57 0.64 -30.61
CA PRO A 148 -28.74 -0.80 -30.61
C PRO A 148 -27.70 -1.41 -31.55
N SER A 149 -27.27 -2.63 -31.28
CA SER A 149 -26.32 -3.31 -32.15
C SER A 149 -27.10 -4.25 -33.03
N TYR A 150 -26.65 -4.44 -34.26
CA TYR A 150 -27.34 -5.39 -35.14
C TYR A 150 -26.72 -6.77 -34.95
N ARG A 151 -27.57 -7.77 -34.75
CA ARG A 151 -27.11 -9.14 -34.57
C ARG A 151 -26.88 -9.78 -35.94
N ILE A 152 -25.63 -10.10 -36.25
CA ILE A 152 -25.27 -10.67 -37.55
C ILE A 152 -25.49 -12.17 -37.63
N THR A 153 -25.10 -12.91 -36.60
CA THR A 153 -25.27 -14.36 -36.63
C THR A 153 -26.16 -14.83 -35.50
N TRP A 154 -26.83 -15.95 -35.74
CA TRP A 154 -27.77 -16.52 -34.80
C TRP A 154 -27.44 -17.98 -34.51
N THR A 155 -26.29 -18.45 -34.99
CA THR A 155 -25.90 -19.86 -34.80
C THR A 155 -24.97 -20.12 -33.62
N GLY A 156 -24.46 -19.06 -33.02
CA GLY A 156 -23.58 -19.18 -31.88
C GLY A 156 -24.04 -20.21 -30.87
N LYS A 157 -23.11 -21.06 -30.45
CA LYS A 157 -23.45 -22.09 -29.49
C LYS A 157 -22.17 -22.57 -28.82
N GLU A 158 -22.17 -22.48 -27.49
CA GLU A 158 -21.01 -22.82 -26.70
C GLU A 158 -20.37 -24.15 -27.11
N ASP A 159 -19.06 -24.13 -27.36
CA ASP A 159 -18.22 -25.30 -27.65
C ASP A 159 -18.62 -25.93 -28.98
N ILE A 160 -19.49 -25.35 -29.75
CA ILE A 160 -19.96 -25.97 -30.97
C ILE A 160 -19.88 -25.07 -32.19
N ILE A 161 -20.55 -23.93 -32.13
CA ILE A 161 -20.51 -22.99 -33.24
C ILE A 161 -19.85 -21.71 -32.80
N TYR A 162 -18.81 -21.31 -33.51
CA TYR A 162 -18.11 -20.10 -33.15
C TYR A 162 -18.20 -19.14 -34.33
N ASN A 163 -18.84 -18.01 -34.12
CA ASN A 163 -18.89 -16.97 -35.15
C ASN A 163 -17.99 -15.82 -34.74
N GLY A 164 -17.07 -15.44 -35.61
CA GLY A 164 -16.20 -14.32 -35.33
C GLY A 164 -15.06 -14.54 -34.35
N ILE A 165 -15.04 -15.70 -33.71
CA ILE A 165 -13.95 -16.09 -32.80
C ILE A 165 -13.50 -17.52 -33.15
N THR A 166 -12.29 -17.87 -32.75
CA THR A 166 -11.76 -19.20 -33.07
C THR A 166 -12.03 -20.22 -31.97
N ASP A 167 -11.92 -21.50 -32.32
CA ASP A 167 -12.02 -22.53 -31.29
C ASP A 167 -10.59 -22.75 -30.79
N TRP A 168 -10.38 -23.71 -29.90
CA TRP A 168 -9.06 -23.90 -29.29
C TRP A 168 -7.93 -24.02 -30.30
N VAL A 169 -8.09 -24.94 -31.25
CA VAL A 169 -7.01 -25.21 -32.18
C VAL A 169 -6.73 -24.08 -33.20
N TYR A 170 -7.76 -23.42 -33.69
CA TYR A 170 -7.52 -22.31 -34.60
C TYR A 170 -6.85 -21.16 -33.84
N GLU A 171 -7.29 -20.93 -32.61
CA GLU A 171 -6.68 -19.89 -31.78
C GLU A 171 -5.19 -20.14 -31.56
N GLU A 172 -4.87 -21.32 -31.06
CA GLU A 172 -3.49 -21.65 -30.69
C GLU A 172 -2.55 -21.87 -31.87
N GLU A 173 -3.03 -22.58 -32.88
CA GLU A 173 -2.14 -23.04 -33.95
C GLU A 173 -2.26 -22.39 -35.33
N VAL A 174 -3.41 -21.78 -35.64
CA VAL A 174 -3.59 -21.17 -36.96
C VAL A 174 -3.53 -19.65 -36.96
N PHE A 175 -4.45 -19.02 -36.25
CA PHE A 175 -4.54 -17.57 -36.26
C PHE A 175 -3.70 -16.86 -35.19
N SER A 176 -3.30 -17.57 -34.13
CA SER A 176 -2.60 -16.93 -33.02
C SER A 176 -3.41 -15.74 -32.56
N ALA A 177 -4.72 -15.91 -32.56
CA ALA A 177 -5.60 -14.87 -32.13
C ALA A 177 -6.94 -15.50 -31.85
N TYR A 178 -7.64 -14.93 -30.89
CA TYR A 178 -8.98 -15.34 -30.59
C TYR A 178 -9.93 -14.88 -31.70
N SER A 179 -9.64 -13.75 -32.33
CA SER A 179 -10.62 -13.18 -33.26
C SER A 179 -10.56 -13.73 -34.66
N ALA A 180 -11.74 -13.91 -35.23
CA ALA A 180 -11.90 -14.37 -36.59
C ALA A 180 -12.82 -13.38 -37.31
N LEU A 181 -12.48 -12.10 -37.15
CA LEU A 181 -13.21 -10.99 -37.75
C LEU A 181 -12.24 -10.10 -38.50
N TRP A 182 -12.59 -9.72 -39.71
CA TRP A 182 -11.72 -8.82 -40.48
C TRP A 182 -12.51 -7.71 -41.20
N TRP A 183 -12.39 -6.49 -40.71
CA TRP A 183 -13.04 -5.33 -41.35
C TRP A 183 -12.32 -4.98 -42.64
N SER A 184 -13.05 -4.62 -43.69
CA SER A 184 -12.40 -4.12 -44.90
C SER A 184 -11.73 -2.80 -44.54
N PRO A 185 -10.82 -2.31 -45.37
CA PRO A 185 -10.02 -1.12 -45.02
C PRO A 185 -10.83 0.10 -44.58
N ASN A 186 -11.98 0.37 -45.19
CA ASN A 186 -12.73 1.55 -44.76
C ASN A 186 -13.96 1.24 -43.94
N GLY A 187 -14.06 -0.01 -43.49
CA GLY A 187 -15.12 -0.43 -42.60
C GLY A 187 -16.44 -0.79 -43.24
N THR A 188 -16.49 -0.77 -44.56
CA THR A 188 -17.74 -1.10 -45.23
C THR A 188 -18.15 -2.56 -45.01
N PHE A 189 -17.19 -3.47 -45.14
CA PHE A 189 -17.49 -4.89 -45.00
C PHE A 189 -16.91 -5.48 -43.73
N LEU A 190 -17.58 -6.50 -43.21
CA LEU A 190 -17.05 -7.22 -42.07
C LEU A 190 -16.94 -8.68 -42.46
N ALA A 191 -15.72 -9.14 -42.68
CA ALA A 191 -15.52 -10.53 -43.03
C ALA A 191 -15.41 -11.32 -41.73
N TYR A 192 -15.91 -12.54 -41.73
CA TYR A 192 -15.75 -13.37 -40.53
C TYR A 192 -15.75 -14.84 -40.88
N ALA A 193 -15.13 -15.64 -40.02
CA ALA A 193 -15.12 -17.07 -40.22
C ALA A 193 -16.04 -17.67 -39.19
N GLN A 194 -16.61 -18.83 -39.52
CA GLN A 194 -17.44 -19.57 -38.61
C GLN A 194 -16.86 -20.95 -38.43
N PHE A 195 -16.68 -21.37 -37.19
CA PHE A 195 -16.10 -22.70 -36.94
C PHE A 195 -17.11 -23.63 -36.34
N ASN A 196 -17.17 -24.84 -36.89
CA ASN A 196 -18.07 -25.87 -36.41
C ASN A 196 -17.28 -27.04 -35.79
N ASP A 197 -17.38 -27.17 -34.48
CA ASP A 197 -16.66 -28.21 -33.72
C ASP A 197 -17.54 -29.36 -33.27
N THR A 198 -18.71 -29.49 -33.88
CA THR A 198 -19.70 -30.52 -33.51
C THR A 198 -19.17 -31.92 -33.27
N GLU A 199 -18.26 -32.39 -34.11
CA GLU A 199 -17.78 -33.74 -33.88
C GLU A 199 -16.34 -33.78 -33.38
N VAL A 200 -15.84 -32.66 -32.90
CA VAL A 200 -14.50 -32.61 -32.35
C VAL A 200 -14.52 -33.19 -30.95
N PRO A 201 -13.68 -34.17 -30.67
CA PRO A 201 -13.67 -34.79 -29.34
C PRO A 201 -13.19 -33.78 -28.30
N LEU A 202 -13.57 -33.99 -27.06
CA LEU A 202 -13.20 -33.06 -26.03
C LEU A 202 -12.13 -33.62 -25.14
N ILE A 203 -11.18 -32.78 -24.77
CA ILE A 203 -10.22 -33.19 -23.78
C ILE A 203 -10.89 -32.81 -22.49
N GLU A 204 -10.85 -33.70 -21.52
CA GLU A 204 -11.42 -33.42 -20.22
C GLU A 204 -10.32 -33.56 -19.18
N TYR A 205 -10.32 -32.65 -18.21
CA TYR A 205 -9.38 -32.71 -17.12
C TYR A 205 -10.00 -32.00 -15.92
N SER A 206 -9.45 -32.23 -14.74
CA SER A 206 -9.98 -31.67 -13.53
C SER A 206 -9.45 -30.27 -13.28
N PHE A 207 -10.31 -29.42 -12.74
CA PHE A 207 -9.86 -28.11 -12.26
C PHE A 207 -10.29 -28.10 -10.81
N TYR A 208 -9.32 -27.92 -9.93
CA TYR A 208 -9.58 -28.04 -8.50
C TYR A 208 -10.08 -26.74 -7.86
N SER A 209 -9.68 -25.60 -8.41
CA SER A 209 -10.18 -24.30 -7.94
C SER A 209 -9.77 -23.98 -6.51
N ASP A 210 -10.38 -22.95 -5.95
CA ASP A 210 -10.05 -22.57 -4.58
C ASP A 210 -10.44 -23.73 -3.64
N GLU A 211 -9.77 -23.81 -2.52
CA GLU A 211 -10.00 -24.84 -1.51
C GLU A 211 -11.47 -24.97 -1.12
N SER A 212 -12.22 -23.88 -1.30
CA SER A 212 -13.65 -23.82 -1.00
C SER A 212 -14.51 -24.74 -1.89
N LEU A 213 -14.02 -25.10 -3.07
CA LEU A 213 -14.78 -25.98 -3.97
C LEU A 213 -14.75 -27.41 -3.44
N GLN A 214 -15.91 -27.95 -3.10
CA GLN A 214 -15.97 -29.27 -2.49
C GLN A 214 -15.69 -30.38 -3.53
N TYR A 215 -16.32 -30.28 -4.70
CA TYR A 215 -16.13 -31.24 -5.79
C TYR A 215 -15.38 -30.58 -6.93
N PRO A 216 -14.29 -31.18 -7.38
CA PRO A 216 -13.54 -30.63 -8.50
C PRO A 216 -14.44 -30.51 -9.71
N LYS A 217 -14.10 -29.55 -10.58
CA LYS A 217 -14.87 -29.32 -11.78
C LYS A 217 -14.13 -30.06 -12.89
N THR A 218 -14.87 -30.53 -13.87
CA THR A 218 -14.24 -31.13 -15.02
C THR A 218 -14.28 -30.14 -16.17
N VAL A 219 -13.13 -29.69 -16.63
CA VAL A 219 -13.08 -28.80 -17.78
C VAL A 219 -13.14 -29.68 -19.04
N ARG A 220 -13.94 -29.28 -20.02
CA ARG A 220 -14.10 -30.02 -21.26
C ARG A 220 -13.90 -29.06 -22.43
N VAL A 221 -12.95 -29.36 -23.31
CA VAL A 221 -12.63 -28.48 -24.42
C VAL A 221 -12.57 -29.25 -25.72
N PRO A 222 -13.27 -28.78 -26.75
CA PRO A 222 -13.19 -29.36 -28.10
C PRO A 222 -11.75 -29.22 -28.58
N TYR A 223 -11.06 -30.34 -28.72
CA TYR A 223 -9.64 -30.34 -29.01
C TYR A 223 -9.31 -31.55 -29.85
N PRO A 224 -8.96 -31.32 -31.10
CA PRO A 224 -8.62 -32.40 -32.01
C PRO A 224 -7.18 -32.83 -31.77
N LYS A 225 -6.99 -34.04 -31.26
CA LYS A 225 -5.67 -34.63 -31.17
C LYS A 225 -5.34 -35.20 -32.56
N ALA A 226 -4.08 -35.55 -32.80
CA ALA A 226 -3.61 -36.02 -34.11
C ALA A 226 -4.50 -37.06 -34.75
N GLY A 227 -4.91 -36.81 -35.98
CA GLY A 227 -5.77 -37.75 -36.69
C GLY A 227 -7.25 -37.71 -36.32
N ALA A 228 -7.65 -36.94 -35.32
CA ALA A 228 -9.06 -36.85 -34.92
C ALA A 228 -9.91 -35.97 -35.83
N VAL A 229 -11.21 -35.96 -35.63
CA VAL A 229 -12.08 -35.10 -36.42
C VAL A 229 -11.76 -33.66 -36.10
N ASN A 230 -11.57 -32.86 -37.15
CA ASN A 230 -11.26 -31.44 -37.05
C ASN A 230 -12.49 -30.53 -37.13
N PRO A 231 -12.39 -29.32 -36.61
CA PRO A 231 -13.45 -28.34 -36.81
C PRO A 231 -13.55 -28.08 -38.32
N THR A 232 -14.74 -27.71 -38.77
CA THR A 232 -14.88 -27.32 -40.16
C THR A 232 -15.02 -25.81 -40.13
N VAL A 233 -14.81 -25.16 -41.27
CA VAL A 233 -14.84 -23.72 -41.28
C VAL A 233 -15.64 -23.20 -42.45
N LYS A 234 -16.31 -22.08 -42.24
CA LYS A 234 -17.04 -21.40 -43.30
C LYS A 234 -16.66 -19.93 -43.28
N PHE A 235 -16.66 -19.29 -44.44
CA PHE A 235 -16.29 -17.88 -44.51
C PHE A 235 -17.45 -17.01 -44.97
N PHE A 236 -17.55 -15.83 -44.40
CA PHE A 236 -18.65 -14.93 -44.73
C PHE A 236 -18.22 -13.48 -44.72
N VAL A 237 -18.94 -12.67 -45.50
CA VAL A 237 -18.71 -11.23 -45.55
C VAL A 237 -20.07 -10.55 -45.44
N VAL A 238 -20.14 -9.53 -44.60
CA VAL A 238 -21.40 -8.81 -44.41
C VAL A 238 -21.20 -7.32 -44.66
N ASN A 239 -22.16 -6.71 -45.37
CA ASN A 239 -22.15 -5.29 -45.66
C ASN A 239 -22.68 -4.55 -44.44
N THR A 240 -21.84 -3.80 -43.76
CA THR A 240 -22.30 -3.12 -42.56
C THR A 240 -22.95 -1.77 -42.86
N ASP A 241 -22.94 -1.37 -44.13
CA ASP A 241 -23.49 -0.08 -44.53
C ASP A 241 -24.94 -0.20 -44.93
N SER A 242 -25.38 -1.43 -45.18
CA SER A 242 -26.77 -1.67 -45.50
C SER A 242 -27.35 -2.53 -44.41
N LEU A 243 -26.92 -2.27 -43.20
CA LEU A 243 -27.66 -3.06 -42.28
C LEU A 243 -29.12 -2.78 -42.12
N SER A 244 -29.92 -3.60 -41.38
CA SER A 244 -31.19 -3.01 -40.99
C SER A 244 -31.57 -3.16 -39.50
N SER A 245 -32.66 -2.45 -39.17
CA SER A 245 -33.19 -2.68 -37.80
C SER A 245 -34.44 -3.48 -37.92
N VAL A 246 -34.62 -3.97 -39.14
CA VAL A 246 -35.90 -4.71 -39.38
C VAL A 246 -35.68 -6.05 -39.97
N THR A 247 -34.76 -6.23 -40.88
CA THR A 247 -34.54 -7.58 -41.42
C THR A 247 -33.20 -8.06 -40.87
N ASN A 248 -32.99 -9.37 -40.84
CA ASN A 248 -31.71 -9.90 -40.38
C ASN A 248 -30.65 -9.61 -41.43
N ALA A 249 -29.42 -9.39 -40.99
CA ALA A 249 -28.35 -9.15 -41.94
C ALA A 249 -28.18 -10.37 -42.84
N THR A 250 -27.66 -10.18 -44.03
CA THR A 250 -27.42 -11.31 -44.90
C THR A 250 -25.92 -11.45 -45.13
N SER A 251 -25.37 -12.57 -44.68
CA SER A 251 -23.96 -12.80 -44.85
C SER A 251 -23.72 -13.56 -46.14
N ILE A 252 -22.81 -13.04 -46.94
CA ILE A 252 -22.48 -13.70 -48.20
C ILE A 252 -21.34 -14.67 -47.96
N GLN A 253 -21.57 -15.94 -48.27
CA GLN A 253 -20.55 -16.96 -48.09
C GLN A 253 -19.60 -17.02 -49.28
N ILE A 254 -18.32 -17.08 -48.97
CA ILE A 254 -17.29 -17.34 -49.96
C ILE A 254 -16.86 -18.78 -49.70
N THR A 255 -17.06 -19.65 -50.68
CA THR A 255 -16.68 -21.03 -50.47
C THR A 255 -15.20 -21.27 -50.76
N ALA A 256 -14.62 -22.22 -50.04
CA ALA A 256 -13.23 -22.60 -50.27
C ALA A 256 -13.10 -23.13 -51.71
N PRO A 257 -11.91 -23.05 -52.29
CA PRO A 257 -11.71 -23.53 -53.67
C PRO A 257 -11.97 -25.02 -53.78
N ALA A 258 -12.34 -25.46 -54.97
CA ALA A 258 -12.57 -26.87 -55.22
C ALA A 258 -11.34 -27.72 -54.84
N SER A 259 -10.14 -27.15 -54.91
CA SER A 259 -8.92 -27.85 -54.54
C SER A 259 -8.85 -28.15 -53.03
N MET A 260 -9.64 -27.41 -52.26
CA MET A 260 -9.66 -27.59 -50.83
C MET A 260 -10.86 -28.41 -50.42
N LEU A 261 -11.96 -28.24 -51.15
CA LEU A 261 -13.21 -28.92 -50.81
C LEU A 261 -13.17 -30.43 -50.92
N ILE A 262 -12.17 -30.98 -51.58
CA ILE A 262 -12.12 -32.43 -51.74
C ILE A 262 -11.77 -33.21 -50.45
N GLY A 263 -11.40 -32.48 -49.40
CA GLY A 263 -11.11 -33.10 -48.13
C GLY A 263 -11.02 -32.10 -47.00
N ASP A 264 -10.50 -32.55 -45.85
CA ASP A 264 -10.30 -31.66 -44.72
C ASP A 264 -9.36 -30.54 -45.13
N HIS A 265 -9.63 -29.36 -44.65
CA HIS A 265 -8.81 -28.21 -44.98
C HIS A 265 -8.93 -27.19 -43.86
N TYR A 266 -8.12 -26.15 -43.95
CA TYR A 266 -8.17 -25.08 -42.98
C TYR A 266 -8.24 -23.73 -43.66
N LEU A 267 -8.81 -22.75 -42.96
CA LEU A 267 -8.68 -21.38 -43.43
C LEU A 267 -7.42 -20.92 -42.71
N CYS A 268 -6.43 -20.42 -43.44
CA CYS A 268 -5.19 -20.06 -42.77
C CYS A 268 -4.80 -18.59 -42.79
N ASP A 269 -5.41 -17.82 -43.69
CA ASP A 269 -5.09 -16.40 -43.78
C ASP A 269 -6.25 -15.60 -44.39
N VAL A 270 -6.51 -14.43 -43.81
CA VAL A 270 -7.51 -13.51 -44.34
C VAL A 270 -6.85 -12.15 -44.45
N THR A 271 -6.74 -11.63 -45.67
CA THR A 271 -6.13 -10.33 -45.88
C THR A 271 -6.89 -9.47 -46.89
N TRP A 272 -7.35 -8.30 -46.43
CA TRP A 272 -8.04 -7.39 -47.34
C TRP A 272 -7.02 -6.76 -48.27
N ALA A 273 -7.33 -6.73 -49.56
CA ALA A 273 -6.45 -6.11 -50.55
C ALA A 273 -6.90 -4.69 -50.90
N THR A 274 -8.21 -4.49 -51.07
CA THR A 274 -8.78 -3.18 -51.35
C THR A 274 -10.14 -3.11 -50.68
N GLN A 275 -10.91 -2.08 -51.00
CA GLN A 275 -12.26 -1.91 -50.47
C GLN A 275 -13.17 -3.07 -50.87
N GLU A 276 -12.92 -3.62 -52.05
CA GLU A 276 -13.81 -4.66 -52.59
C GLU A 276 -13.09 -5.92 -53.03
N ARG A 277 -11.86 -6.10 -52.56
CA ARG A 277 -11.10 -7.30 -52.88
C ARG A 277 -10.52 -7.90 -51.62
N ILE A 278 -10.85 -9.15 -51.35
CA ILE A 278 -10.28 -9.84 -50.19
C ILE A 278 -9.56 -11.12 -50.60
N SER A 279 -8.41 -11.36 -49.97
CA SER A 279 -7.64 -12.57 -50.25
C SER A 279 -7.74 -13.53 -49.07
N LEU A 280 -7.94 -14.80 -49.39
CA LEU A 280 -8.09 -15.85 -48.41
C LEU A 280 -7.12 -16.97 -48.73
N GLN A 281 -6.36 -17.41 -47.74
CA GLN A 281 -5.51 -18.56 -47.97
C GLN A 281 -6.10 -19.76 -47.25
N TRP A 282 -6.11 -20.87 -47.96
CA TRP A 282 -6.64 -22.12 -47.48
C TRP A 282 -5.52 -23.14 -47.49
N LEU A 283 -5.60 -24.11 -46.60
CA LEU A 283 -4.54 -25.10 -46.44
C LEU A 283 -5.15 -26.45 -46.28
N ARG A 284 -4.74 -27.42 -47.08
CA ARG A 284 -5.22 -28.80 -46.90
C ARG A 284 -4.75 -29.33 -45.55
N ARG A 285 -5.52 -30.27 -45.00
CA ARG A 285 -5.16 -30.92 -43.76
C ARG A 285 -3.76 -31.54 -43.89
N ILE A 286 -3.43 -32.05 -45.07
CA ILE A 286 -2.04 -32.43 -45.30
C ILE A 286 -1.43 -31.13 -45.73
N GLN A 287 -0.63 -30.57 -44.84
CA GLN A 287 -0.19 -29.20 -44.95
C GLN A 287 0.95 -28.87 -45.88
N ASN A 288 0.99 -29.53 -47.02
CA ASN A 288 2.02 -29.22 -47.98
C ASN A 288 1.44 -28.58 -49.23
N TYR A 289 0.17 -28.16 -49.15
CA TYR A 289 -0.51 -27.58 -50.30
C TYR A 289 -1.48 -26.51 -49.85
N SER A 290 -1.28 -25.29 -50.29
CA SER A 290 -2.20 -24.21 -49.92
C SER A 290 -2.57 -23.42 -51.15
N VAL A 291 -3.70 -22.72 -51.09
CA VAL A 291 -4.17 -21.96 -52.22
C VAL A 291 -4.65 -20.59 -51.77
N MET A 292 -4.22 -19.56 -52.49
CA MET A 292 -4.72 -18.24 -52.23
C MET A 292 -5.81 -17.89 -53.25
N ASP A 293 -7.00 -17.68 -52.74
CA ASP A 293 -8.10 -17.18 -53.54
C ASP A 293 -8.16 -15.67 -53.44
N ILE A 294 -8.48 -15.02 -54.53
CA ILE A 294 -8.68 -13.58 -54.50
C ILE A 294 -10.09 -13.28 -54.93
N CYS A 295 -10.86 -12.78 -53.98
CA CYS A 295 -12.29 -12.59 -54.16
C CYS A 295 -12.72 -11.13 -54.28
N ASP A 296 -13.42 -10.82 -55.37
CA ASP A 296 -13.93 -9.48 -55.64
C ASP A 296 -15.42 -9.34 -55.34
N TYR A 297 -15.81 -8.20 -54.80
CA TYR A 297 -17.22 -7.94 -54.58
C TYR A 297 -17.89 -7.64 -55.92
N ASP A 298 -19.03 -8.27 -56.19
CA ASP A 298 -19.75 -7.98 -57.43
C ASP A 298 -20.89 -7.03 -57.14
N GLU A 299 -20.77 -5.80 -57.66
CA GLU A 299 -21.75 -4.75 -57.42
C GLU A 299 -23.21 -5.07 -57.68
N SER A 300 -23.50 -5.70 -58.81
CA SER A 300 -24.89 -5.96 -59.18
C SER A 300 -25.48 -7.23 -58.58
N SER A 301 -24.61 -8.15 -58.15
CA SER A 301 -25.10 -9.43 -57.60
C SER A 301 -25.11 -9.47 -56.08
N GLY A 302 -24.41 -8.54 -55.44
CA GLY A 302 -24.30 -8.56 -53.98
C GLY A 302 -23.42 -9.70 -53.52
N ARG A 303 -22.83 -10.42 -54.48
CA ARG A 303 -22.04 -11.59 -54.15
C ARG A 303 -20.53 -11.37 -54.28
N TRP A 304 -19.76 -12.31 -53.75
CA TRP A 304 -18.31 -12.25 -53.81
C TRP A 304 -17.82 -13.36 -54.72
N ASN A 305 -17.09 -13.01 -55.77
CA ASN A 305 -16.62 -14.03 -56.69
C ASN A 305 -15.10 -14.18 -56.71
N CYS A 306 -14.64 -15.43 -56.68
CA CYS A 306 -13.23 -15.72 -56.74
C CYS A 306 -12.93 -16.47 -58.02
N LEU A 307 -12.31 -15.77 -58.97
CA LEU A 307 -11.93 -16.35 -60.25
C LEU A 307 -10.92 -17.47 -60.04
N VAL A 308 -11.20 -18.63 -60.64
CA VAL A 308 -10.28 -19.75 -60.51
C VAL A 308 -8.94 -19.32 -61.07
N ALA A 309 -9.00 -18.47 -62.09
CA ALA A 309 -7.81 -17.97 -62.75
C ALA A 309 -6.96 -17.07 -61.86
N ARG A 310 -7.50 -16.63 -60.72
CA ARG A 310 -6.69 -15.78 -59.83
C ARG A 310 -6.13 -16.54 -58.62
N GLN A 311 -6.32 -17.86 -58.60
CA GLN A 311 -5.80 -18.67 -57.52
C GLN A 311 -4.29 -18.72 -57.56
N HIS A 312 -3.67 -18.73 -56.38
CA HIS A 312 -2.23 -18.84 -56.31
C HIS A 312 -1.90 -19.99 -55.40
N ILE A 313 -1.20 -20.96 -55.95
CA ILE A 313 -0.85 -22.16 -55.24
C ILE A 313 0.53 -22.02 -54.61
N GLU A 314 0.63 -22.46 -53.37
CA GLU A 314 1.91 -22.52 -52.67
C GLU A 314 1.95 -23.91 -52.06
N MET A 315 2.93 -24.71 -52.49
CA MET A 315 3.04 -26.07 -52.02
C MET A 315 4.49 -26.37 -51.71
N SER A 316 4.73 -27.50 -51.06
CA SER A 316 6.10 -27.86 -50.76
C SER A 316 6.27 -29.33 -51.04
N THR A 317 7.42 -29.70 -51.60
CA THR A 317 7.72 -31.10 -51.85
C THR A 317 8.57 -31.67 -50.75
N THR A 318 9.15 -30.82 -49.91
CA THR A 318 10.02 -31.35 -48.87
C THR A 318 9.45 -31.25 -47.47
N GLY A 319 8.33 -30.57 -47.32
CA GLY A 319 7.72 -30.43 -46.01
C GLY A 319 6.36 -29.78 -46.05
N TRP A 320 6.11 -28.92 -45.07
CA TRP A 320 4.85 -28.21 -44.96
C TRP A 320 5.04 -26.90 -45.66
N VAL A 321 4.01 -26.07 -45.70
CA VAL A 321 4.14 -24.78 -46.34
C VAL A 321 4.18 -23.67 -45.30
N GLY A 322 5.13 -22.76 -45.45
CA GLY A 322 5.27 -21.65 -44.54
C GLY A 322 6.10 -22.05 -43.36
N ARG A 323 6.43 -21.09 -42.50
CA ARG A 323 7.20 -21.44 -41.30
C ARG A 323 6.34 -22.23 -40.36
N PHE A 324 5.21 -21.65 -40.00
CA PHE A 324 4.20 -22.34 -39.20
C PHE A 324 2.88 -22.34 -39.99
N ARG A 325 2.79 -21.50 -41.02
CA ARG A 325 1.60 -21.40 -41.87
C ARG A 325 1.99 -20.53 -43.06
N PRO A 326 1.25 -20.59 -44.16
CA PRO A 326 1.55 -19.77 -45.33
C PRO A 326 1.66 -18.31 -44.91
N SER A 327 2.58 -17.58 -45.52
CA SER A 327 2.78 -16.19 -45.19
C SER A 327 1.64 -15.28 -45.66
N GLU A 328 1.52 -14.12 -45.02
CA GLU A 328 0.51 -13.17 -45.38
C GLU A 328 1.03 -12.33 -46.55
N PRO A 329 0.16 -12.03 -47.50
CA PRO A 329 0.53 -11.15 -48.61
C PRO A 329 0.45 -9.69 -48.20
N HIS A 330 1.19 -8.84 -48.92
CA HIS A 330 1.13 -7.40 -48.74
C HIS A 330 0.82 -6.79 -50.11
N PHE A 331 -0.40 -6.29 -50.23
CA PHE A 331 -0.91 -5.76 -51.48
C PHE A 331 -0.51 -4.34 -51.75
N THR A 332 -0.28 -4.03 -53.01
CA THR A 332 -0.01 -2.65 -53.40
C THR A 332 -1.33 -1.94 -53.23
N LEU A 333 -1.28 -0.62 -53.15
CA LEU A 333 -2.48 0.18 -52.94
C LEU A 333 -3.62 -0.21 -53.88
N ASP A 334 -3.35 -0.39 -55.17
CA ASP A 334 -4.42 -0.75 -56.11
C ASP A 334 -4.94 -2.18 -55.97
N GLY A 335 -4.19 -3.00 -55.24
CA GLY A 335 -4.60 -4.37 -55.00
C GLY A 335 -4.50 -5.32 -56.17
N ASN A 336 -3.82 -4.91 -57.23
CA ASN A 336 -3.69 -5.77 -58.39
C ASN A 336 -2.38 -6.53 -58.30
N SER A 337 -1.65 -6.27 -57.22
CA SER A 337 -0.35 -6.86 -57.06
C SER A 337 -0.04 -7.04 -55.58
N PHE A 338 0.87 -7.97 -55.28
CA PHE A 338 1.25 -8.20 -53.89
C PHE A 338 2.64 -8.85 -53.68
N TYR A 339 3.16 -8.69 -52.46
CA TYR A 339 4.43 -9.27 -52.08
C TYR A 339 4.21 -10.27 -50.96
N LYS A 340 4.89 -11.41 -51.04
CA LYS A 340 4.86 -12.36 -49.94
C LYS A 340 6.09 -13.23 -49.89
N ILE A 341 6.40 -13.67 -48.68
CA ILE A 341 7.58 -14.46 -48.48
C ILE A 341 7.29 -15.91 -48.78
N ILE A 342 8.07 -16.50 -49.69
CA ILE A 342 7.96 -17.93 -49.97
C ILE A 342 9.36 -18.50 -50.12
N SER A 343 9.50 -19.81 -49.97
CA SER A 343 10.81 -20.43 -50.15
C SER A 343 11.18 -20.41 -51.62
N ASN A 344 12.36 -19.90 -51.93
CA ASN A 344 12.77 -19.90 -53.31
C ASN A 344 13.22 -21.30 -53.75
N GLU A 345 13.88 -21.36 -54.90
CA GLU A 345 14.28 -22.66 -55.45
C GLU A 345 15.41 -23.33 -54.67
N GLU A 346 16.16 -22.56 -53.89
CA GLU A 346 17.20 -23.15 -53.06
C GLU A 346 16.69 -23.40 -51.63
N GLY A 347 15.41 -23.18 -51.40
CA GLY A 347 14.82 -23.39 -50.09
C GLY A 347 14.96 -22.24 -49.11
N TYR A 348 15.38 -21.07 -49.60
CA TYR A 348 15.51 -19.91 -48.74
C TYR A 348 14.28 -18.99 -48.86
N ARG A 349 13.74 -18.57 -47.71
CA ARG A 349 12.55 -17.74 -47.69
C ARG A 349 12.84 -16.29 -48.12
N HIS A 350 12.24 -15.90 -49.24
CA HIS A 350 12.47 -14.58 -49.79
C HIS A 350 11.18 -13.94 -50.29
N ILE A 351 11.21 -12.62 -50.48
CA ILE A 351 10.02 -11.91 -50.93
C ILE A 351 9.81 -12.08 -52.43
N CYS A 352 8.60 -12.50 -52.80
CA CYS A 352 8.24 -12.69 -54.18
C CYS A 352 7.12 -11.71 -54.52
N TYR A 353 7.14 -11.21 -55.75
CA TYR A 353 6.21 -10.19 -56.24
C TYR A 353 5.22 -10.84 -57.19
N PHE A 354 3.96 -10.84 -56.79
CA PHE A 354 2.93 -11.45 -57.60
C PHE A 354 2.08 -10.38 -58.27
N GLN A 355 1.60 -10.69 -59.46
CA GLN A 355 0.60 -9.86 -60.11
C GLN A 355 -0.63 -10.73 -59.97
N ILE A 356 -1.69 -10.13 -59.46
CA ILE A 356 -2.92 -10.84 -59.17
C ILE A 356 -3.31 -11.87 -60.23
N ASP A 357 -3.10 -11.50 -61.50
CA ASP A 357 -3.54 -12.30 -62.65
C ASP A 357 -2.56 -13.34 -63.19
N LYS A 358 -1.32 -13.36 -62.71
CA LYS A 358 -0.37 -14.34 -63.26
C LYS A 358 0.25 -15.34 -62.28
N LYS A 359 0.50 -16.55 -62.79
CA LYS A 359 1.00 -17.66 -61.98
C LYS A 359 2.41 -17.47 -61.46
N ASP A 360 3.31 -17.02 -62.33
CA ASP A 360 4.70 -16.89 -61.93
C ASP A 360 4.97 -15.56 -61.24
N CYS A 361 5.68 -15.62 -60.10
CA CYS A 361 6.04 -14.43 -59.37
C CYS A 361 7.53 -14.18 -59.54
N THR A 362 8.00 -12.98 -59.23
CA THR A 362 9.43 -12.74 -59.29
C THR A 362 10.00 -12.36 -57.92
N PHE A 363 11.10 -13.01 -57.58
CA PHE A 363 11.77 -12.79 -56.31
C PHE A 363 12.54 -11.50 -56.37
N ILE A 364 12.33 -10.66 -55.37
CA ILE A 364 13.03 -9.39 -55.32
C ILE A 364 14.22 -9.42 -54.36
N THR A 365 14.27 -10.44 -53.49
CA THR A 365 15.44 -10.70 -52.66
C THR A 365 15.90 -12.13 -52.92
N LYS A 366 17.14 -12.42 -52.54
CA LYS A 366 17.77 -13.71 -52.78
C LYS A 366 19.02 -13.83 -51.91
N GLY A 367 19.50 -15.05 -51.71
CA GLY A 367 20.70 -15.26 -50.91
C GLY A 367 20.54 -16.37 -49.89
N THR A 368 21.65 -16.85 -49.31
CA THR A 368 21.57 -17.88 -48.28
C THR A 368 21.31 -17.24 -46.90
N TRP A 369 20.15 -16.61 -46.78
CA TRP A 369 19.68 -15.99 -45.56
C TRP A 369 18.18 -15.82 -45.77
N GLU A 370 17.45 -15.37 -44.76
CA GLU A 370 16.00 -15.33 -44.92
C GLU A 370 15.35 -14.03 -44.56
N VAL A 371 14.28 -13.73 -45.26
CA VAL A 371 13.45 -12.61 -44.91
C VAL A 371 12.55 -13.13 -43.77
N ILE A 372 12.56 -12.43 -42.65
CA ILE A 372 11.76 -12.80 -41.50
C ILE A 372 10.32 -12.32 -41.68
N GLY A 373 10.17 -11.08 -42.13
CA GLY A 373 8.85 -10.52 -42.33
C GLY A 373 8.87 -9.24 -43.15
N ILE A 374 7.75 -8.96 -43.80
CA ILE A 374 7.57 -7.71 -44.53
C ILE A 374 6.88 -6.81 -43.55
N GLU A 375 7.47 -5.66 -43.28
CA GLU A 375 6.98 -4.77 -42.23
C GLU A 375 6.13 -3.61 -42.75
N ALA A 376 6.44 -3.14 -43.95
CA ALA A 376 5.62 -2.10 -44.55
C ALA A 376 5.91 -1.99 -46.02
N LEU A 377 4.97 -1.41 -46.75
CA LEU A 377 5.22 -1.12 -48.13
C LEU A 377 4.54 0.19 -48.48
N THR A 378 5.27 1.02 -49.18
CA THR A 378 4.73 2.28 -49.64
C THR A 378 4.76 2.18 -51.16
N SER A 379 4.41 3.28 -51.82
CA SER A 379 4.42 3.31 -53.27
C SER A 379 5.84 3.22 -53.78
N ASP A 380 6.81 3.59 -52.94
CA ASP A 380 8.22 3.63 -53.35
C ASP A 380 9.15 2.56 -52.78
N TYR A 381 8.86 2.07 -51.57
CA TYR A 381 9.72 1.09 -50.91
C TYR A 381 8.97 -0.02 -50.18
N LEU A 382 9.69 -1.12 -49.96
CA LEU A 382 9.20 -2.26 -49.20
C LEU A 382 10.20 -2.37 -48.07
N TYR A 383 9.71 -2.34 -46.83
CA TYR A 383 10.57 -2.50 -45.67
C TYR A 383 10.43 -3.93 -45.16
N TYR A 384 11.56 -4.55 -44.83
CA TYR A 384 11.51 -5.92 -44.34
C TYR A 384 12.60 -6.20 -43.33
N ILE A 385 12.38 -7.25 -42.54
CA ILE A 385 13.41 -7.67 -41.61
C ILE A 385 13.98 -9.00 -42.08
N SER A 386 15.29 -9.14 -42.01
CA SER A 386 15.95 -10.37 -42.42
C SER A 386 17.13 -10.62 -41.52
N ASN A 387 17.74 -11.80 -41.67
CA ASN A 387 18.96 -12.11 -40.94
C ASN A 387 20.17 -12.09 -41.85
N GLU A 388 20.13 -11.27 -42.89
CA GLU A 388 21.26 -11.19 -43.83
C GLU A 388 22.58 -10.72 -43.21
N TYR A 389 22.51 -9.73 -42.33
CA TYR A 389 23.74 -9.14 -41.78
C TYR A 389 24.77 -10.16 -41.28
N LYS A 390 25.90 -10.21 -41.99
CA LYS A 390 27.04 -11.06 -41.65
C LYS A 390 26.75 -12.56 -41.61
N GLY A 391 25.76 -13.02 -42.37
CA GLY A 391 25.41 -14.42 -42.38
C GLY A 391 25.05 -15.03 -41.03
N MET A 392 24.59 -14.19 -40.10
CA MET A 392 24.19 -14.64 -38.75
C MET A 392 22.67 -14.82 -38.68
N PRO A 393 22.23 -16.07 -38.65
CA PRO A 393 20.80 -16.37 -38.65
C PRO A 393 20.03 -15.82 -37.46
N GLY A 394 20.74 -15.56 -36.37
CA GLY A 394 20.15 -15.09 -35.14
C GLY A 394 20.19 -13.59 -34.94
N GLY A 395 20.61 -12.87 -35.97
CA GLY A 395 20.57 -11.42 -35.92
C GLY A 395 19.35 -10.97 -36.70
N ARG A 396 18.87 -9.77 -36.44
CA ARG A 396 17.72 -9.25 -37.17
C ARG A 396 17.97 -7.80 -37.49
N ASN A 397 17.77 -7.44 -38.75
CA ASN A 397 17.94 -6.05 -39.18
C ASN A 397 16.87 -5.60 -40.15
N LEU A 398 16.55 -4.31 -40.09
CA LEU A 398 15.54 -3.70 -40.94
C LEU A 398 16.14 -3.21 -42.27
N TYR A 399 15.54 -3.64 -43.38
CA TYR A 399 16.01 -3.20 -44.69
C TYR A 399 14.88 -2.53 -45.44
N LYS A 400 15.23 -1.75 -46.46
CA LYS A 400 14.21 -1.14 -47.30
C LYS A 400 14.64 -1.37 -48.75
N ILE A 401 13.74 -1.88 -49.56
CA ILE A 401 14.11 -2.15 -50.94
C ILE A 401 13.38 -1.19 -51.89
N GLN A 402 14.16 -0.58 -52.78
CA GLN A 402 13.63 0.37 -53.74
C GLN A 402 12.86 -0.39 -54.82
N LEU A 403 11.56 -0.16 -54.88
CA LEU A 403 10.69 -0.90 -55.78
C LEU A 403 10.99 -0.69 -57.26
N SER A 404 11.62 0.42 -57.62
CA SER A 404 11.92 0.66 -59.03
C SER A 404 13.26 0.04 -59.43
N ASP A 405 13.98 -0.46 -58.43
CA ASP A 405 15.26 -1.12 -58.66
C ASP A 405 15.64 -1.99 -57.46
N TYR A 406 15.35 -3.29 -57.58
CA TYR A 406 15.55 -4.27 -56.51
C TYR A 406 16.98 -4.45 -56.01
N THR A 407 17.96 -4.03 -56.79
CA THR A 407 19.32 -4.16 -56.30
C THR A 407 19.65 -2.98 -55.38
N LYS A 408 18.73 -2.02 -55.30
CA LYS A 408 18.94 -0.86 -54.45
C LYS A 408 18.38 -1.16 -53.07
N VAL A 409 19.23 -1.72 -52.22
CA VAL A 409 18.81 -2.13 -50.88
C VAL A 409 19.62 -1.43 -49.80
N THR A 410 18.91 -0.75 -48.91
CA THR A 410 19.55 -0.01 -47.82
C THR A 410 19.31 -0.72 -46.50
N CYS A 411 20.35 -1.00 -45.73
CA CYS A 411 20.11 -1.51 -44.40
C CYS A 411 19.88 -0.27 -43.55
N LEU A 412 18.78 -0.27 -42.82
CA LEU A 412 18.45 0.89 -42.01
C LEU A 412 18.97 0.80 -40.58
N SER A 413 19.39 -0.40 -40.16
CA SER A 413 19.73 -0.57 -38.75
C SER A 413 21.07 -1.21 -38.47
N CYS A 414 21.64 -1.89 -39.46
CA CYS A 414 22.92 -2.59 -39.28
C CYS A 414 24.00 -1.73 -38.64
N GLU A 415 24.04 -0.45 -38.98
CA GLU A 415 25.14 0.43 -38.53
C GLU A 415 24.82 1.39 -37.43
N LEU A 416 23.60 1.35 -36.91
CA LEU A 416 23.22 2.28 -35.85
C LEU A 416 24.14 2.14 -34.63
N ASN A 417 24.39 0.89 -34.23
CA ASN A 417 25.32 0.58 -33.15
C ASN A 417 25.65 -0.89 -33.22
N PRO A 418 26.56 -1.25 -34.13
CA PRO A 418 26.96 -2.65 -34.33
C PRO A 418 27.40 -3.44 -33.09
N GLU A 419 28.01 -2.80 -32.11
CA GLU A 419 28.43 -3.57 -30.94
C GLU A 419 27.25 -3.96 -30.05
N ARG A 420 26.29 -3.06 -29.91
CA ARG A 420 25.17 -3.25 -28.99
C ARG A 420 23.84 -3.71 -29.59
N CYS A 421 23.63 -3.38 -30.86
CA CYS A 421 22.36 -3.67 -31.51
C CYS A 421 22.46 -4.55 -32.76
N GLN A 422 21.94 -5.77 -32.64
CA GLN A 422 21.99 -6.74 -33.74
C GLN A 422 20.69 -7.52 -33.90
N TYR A 423 19.69 -7.13 -33.12
CA TYR A 423 18.39 -7.78 -33.18
C TYR A 423 17.36 -6.69 -33.14
N TYR A 424 16.80 -6.34 -34.29
CA TYR A 424 15.81 -5.30 -34.34
C TYR A 424 14.43 -5.77 -34.71
N SER A 425 13.44 -5.09 -34.16
CA SER A 425 12.06 -5.18 -34.60
C SER A 425 11.65 -3.73 -34.92
N VAL A 426 10.54 -3.54 -35.62
CA VAL A 426 10.14 -2.19 -36.02
C VAL A 426 8.63 -1.97 -35.96
N SER A 427 8.23 -0.72 -35.76
CA SER A 427 6.83 -0.33 -35.74
C SER A 427 6.68 0.98 -36.49
N PHE A 428 6.07 0.90 -37.67
CA PHE A 428 5.90 2.07 -38.49
C PHE A 428 4.66 2.85 -38.08
N SER A 429 4.67 4.14 -38.37
CA SER A 429 3.50 4.96 -38.08
C SER A 429 2.46 4.54 -39.08
N LYS A 430 1.22 4.98 -38.86
CA LYS A 430 0.11 4.57 -39.71
C LYS A 430 0.35 4.59 -41.22
N GLU A 431 1.14 5.54 -41.71
CA GLU A 431 1.45 5.59 -43.14
C GLU A 431 2.97 5.56 -43.35
N ALA A 432 3.66 4.88 -42.44
CA ALA A 432 5.11 4.75 -42.54
C ALA A 432 5.91 6.06 -42.55
N LYS A 433 5.31 7.15 -42.07
CA LYS A 433 6.01 8.43 -42.04
C LYS A 433 7.21 8.27 -41.13
N TYR A 434 6.98 7.67 -39.97
CA TYR A 434 8.05 7.38 -39.03
C TYR A 434 8.07 5.91 -38.70
N TYR A 435 9.11 5.50 -37.99
CA TYR A 435 9.21 4.15 -37.45
C TYR A 435 10.01 4.17 -36.16
N GLN A 436 9.55 3.40 -35.18
CA GLN A 436 10.29 3.20 -33.97
C GLN A 436 11.15 1.96 -34.17
N LEU A 437 12.43 2.03 -33.83
CA LEU A 437 13.27 0.85 -33.93
C LEU A 437 13.42 0.23 -32.56
N ARG A 438 13.17 -1.08 -32.46
CA ARG A 438 13.41 -1.79 -31.20
C ARG A 438 14.57 -2.75 -31.30
N CYS A 439 15.64 -2.45 -30.57
CA CYS A 439 16.82 -3.26 -30.51
C CYS A 439 16.75 -4.07 -29.22
N SER A 440 16.92 -5.39 -29.32
CA SER A 440 16.77 -6.29 -28.16
C SER A 440 18.05 -6.93 -27.67
N GLY A 441 19.15 -6.64 -28.33
CA GLY A 441 20.43 -7.21 -27.92
C GLY A 441 21.44 -7.06 -29.02
N PRO A 442 22.68 -7.48 -28.78
CA PRO A 442 23.09 -8.16 -27.54
C PRO A 442 23.28 -7.23 -26.33
N GLY A 443 23.32 -5.92 -26.55
CA GLY A 443 23.42 -4.99 -25.44
C GLY A 443 22.04 -4.80 -24.83
N LEU A 444 21.91 -3.81 -23.96
CA LEU A 444 20.66 -3.50 -23.31
C LEU A 444 19.72 -2.96 -24.36
N PRO A 445 18.45 -3.31 -24.27
CA PRO A 445 17.48 -2.86 -25.27
C PRO A 445 17.56 -1.36 -25.46
N LEU A 446 17.47 -0.96 -26.72
CA LEU A 446 17.55 0.43 -27.11
C LEU A 446 16.38 0.75 -28.02
N TYR A 447 15.56 1.71 -27.63
CA TYR A 447 14.43 2.10 -28.46
C TYR A 447 14.67 3.50 -29.05
N THR A 448 14.56 3.60 -30.39
CA THR A 448 14.77 4.88 -31.10
C THR A 448 13.64 5.20 -32.07
N LEU A 449 13.53 6.48 -32.44
CA LEU A 449 12.47 6.93 -33.35
C LEU A 449 13.10 7.51 -34.61
N HIS A 450 12.48 7.27 -35.76
CA HIS A 450 13.08 7.69 -37.04
C HIS A 450 12.04 8.22 -38.02
N SER A 451 12.48 9.07 -38.94
CA SER A 451 11.60 9.60 -39.98
C SER A 451 11.91 8.85 -41.27
N SER A 452 10.91 8.24 -41.88
CA SER A 452 11.17 7.41 -43.05
C SER A 452 11.54 8.18 -44.33
N VAL A 453 11.32 9.49 -44.36
CA VAL A 453 11.66 10.25 -45.56
C VAL A 453 13.16 10.18 -45.88
N ASN A 454 13.99 10.33 -44.85
CA ASN A 454 15.45 10.27 -45.03
C ASN A 454 16.13 9.33 -44.03
N ASP A 455 15.31 8.56 -43.32
CA ASP A 455 15.83 7.59 -42.34
C ASP A 455 16.75 8.17 -41.26
N LYS A 456 16.54 9.43 -40.92
CA LYS A 456 17.36 10.04 -39.89
C LYS A 456 16.82 9.67 -38.51
N GLY A 457 17.72 9.65 -37.53
CA GLY A 457 17.30 9.36 -36.16
C GLY A 457 16.78 10.65 -35.55
N LEU A 458 15.51 10.66 -35.19
CA LEU A 458 14.91 11.81 -34.53
C LEU A 458 15.31 11.84 -33.06
N ARG A 459 15.30 10.69 -32.42
CA ARG A 459 15.66 10.64 -31.02
C ARG A 459 15.64 9.28 -30.34
N VAL A 460 16.31 9.24 -29.20
CA VAL A 460 16.38 8.05 -28.39
C VAL A 460 15.17 8.08 -27.47
N LEU A 461 14.35 7.04 -27.54
CA LEU A 461 13.14 6.97 -26.73
C LEU A 461 13.41 6.33 -25.38
N GLU A 462 14.21 5.28 -25.36
CA GLU A 462 14.57 4.60 -24.12
C GLU A 462 15.91 3.92 -24.32
N ASP A 463 16.86 4.16 -23.43
CA ASP A 463 18.19 3.58 -23.61
C ASP A 463 18.58 2.67 -22.48
N ASN A 464 17.66 2.49 -21.52
CA ASN A 464 17.94 1.66 -20.36
C ASN A 464 19.19 2.06 -19.57
N SER A 465 19.43 3.37 -19.47
CA SER A 465 20.60 3.85 -18.72
C SER A 465 20.50 3.47 -17.24
N ALA A 466 19.29 3.55 -16.68
CA ALA A 466 19.07 3.16 -15.28
C ALA A 466 19.47 1.72 -15.05
N LEU A 467 18.98 0.80 -15.88
CA LEU A 467 19.35 -0.61 -15.70
C LEU A 467 20.84 -0.76 -15.87
N ASP A 468 21.40 -0.06 -16.85
CA ASP A 468 22.84 -0.13 -17.07
C ASP A 468 23.63 0.26 -15.83
N LYS A 469 23.19 1.28 -15.10
CA LYS A 469 23.92 1.67 -13.88
C LYS A 469 23.79 0.60 -12.79
N MET A 470 22.57 0.12 -12.54
CA MET A 470 22.42 -0.95 -11.53
C MET A 470 23.34 -2.13 -11.84
N LEU A 471 23.33 -2.56 -13.10
CA LEU A 471 24.12 -3.71 -13.56
C LEU A 471 25.63 -3.57 -13.39
N GLN A 472 26.12 -2.34 -13.24
CA GLN A 472 27.56 -2.11 -13.03
C GLN A 472 28.04 -2.81 -11.76
N ASN A 473 27.15 -2.88 -10.79
CA ASN A 473 27.41 -3.52 -9.51
C ASN A 473 27.50 -5.04 -9.54
N VAL A 474 26.71 -5.68 -10.41
CA VAL A 474 26.62 -7.13 -10.35
C VAL A 474 27.51 -7.88 -11.33
N GLN A 475 28.09 -8.98 -10.85
CA GLN A 475 28.90 -9.83 -11.70
C GLN A 475 27.98 -10.51 -12.69
N MET A 476 27.85 -9.89 -13.87
CA MET A 476 26.97 -10.43 -14.90
C MET A 476 27.70 -11.42 -15.79
N PRO A 477 26.98 -12.45 -16.21
CA PRO A 477 27.53 -13.46 -17.09
C PRO A 477 27.65 -12.85 -18.46
N SER A 478 28.34 -13.52 -19.38
CA SER A 478 28.40 -13.00 -20.74
C SER A 478 27.72 -13.99 -21.68
N LYS A 479 27.62 -13.58 -22.93
CA LYS A 479 26.92 -14.34 -23.94
C LYS A 479 27.82 -14.57 -25.15
N LYS A 480 28.12 -15.82 -25.44
CA LYS A 480 28.86 -16.16 -26.63
C LYS A 480 27.95 -16.82 -27.68
N LEU A 481 27.96 -16.28 -28.89
CA LEU A 481 27.14 -16.77 -30.00
C LEU A 481 28.08 -17.18 -31.12
N ASP A 482 28.07 -18.46 -31.46
CA ASP A 482 28.99 -18.94 -32.47
C ASP A 482 28.39 -20.14 -33.20
N PHE A 483 29.20 -20.81 -34.01
CA PHE A 483 28.70 -21.98 -34.71
C PHE A 483 29.70 -23.10 -34.74
N ILE A 484 29.21 -24.32 -34.88
CA ILE A 484 30.08 -25.45 -35.07
C ILE A 484 29.72 -26.02 -36.43
N ILE A 485 30.62 -26.84 -36.98
CA ILE A 485 30.36 -27.43 -38.28
C ILE A 485 29.98 -28.89 -38.11
N LEU A 486 28.85 -29.26 -38.69
CA LEU A 486 28.42 -30.65 -38.73
C LEU A 486 28.09 -30.94 -40.17
N ASN A 487 28.80 -31.89 -40.77
CA ASN A 487 28.56 -32.27 -42.16
C ASN A 487 28.61 -31.11 -43.14
N GLU A 488 29.65 -30.30 -43.01
CA GLU A 488 29.87 -29.17 -43.90
C GLU A 488 28.71 -28.17 -43.84
N THR A 489 27.99 -28.16 -42.73
CA THR A 489 26.91 -27.21 -42.53
C THR A 489 27.09 -26.49 -41.21
N LYS A 490 26.77 -25.21 -41.16
CA LYS A 490 26.86 -24.47 -39.92
C LYS A 490 25.63 -24.66 -39.03
N PHE A 491 25.87 -24.83 -37.75
CA PHE A 491 24.80 -24.89 -36.75
C PHE A 491 25.19 -23.99 -35.58
N TRP A 492 24.32 -23.04 -35.32
CA TRP A 492 24.58 -22.02 -34.33
C TRP A 492 24.22 -22.44 -32.91
N TYR A 493 24.99 -21.92 -31.97
CA TYR A 493 24.73 -22.16 -30.57
C TYR A 493 25.03 -20.90 -29.79
N GLN A 494 24.48 -20.80 -28.60
CA GLN A 494 24.83 -19.70 -27.72
C GLN A 494 25.20 -20.31 -26.36
N MET A 495 26.05 -19.58 -25.64
CA MET A 495 26.45 -19.96 -24.31
C MET A 495 26.34 -18.74 -23.43
N ILE A 496 25.68 -18.93 -22.28
CA ILE A 496 25.63 -17.91 -21.27
C ILE A 496 26.76 -18.33 -20.37
N LEU A 497 27.80 -17.51 -20.32
CA LEU A 497 29.02 -17.84 -19.57
C LEU A 497 29.10 -17.06 -18.27
N PRO A 498 29.49 -17.75 -17.21
CA PRO A 498 29.68 -17.13 -15.89
C PRO A 498 30.70 -15.99 -15.91
N PRO A 499 30.56 -15.08 -14.96
CA PRO A 499 31.45 -13.92 -14.86
C PRO A 499 32.89 -14.37 -14.65
N HIS A 500 33.87 -13.63 -15.17
CA HIS A 500 35.28 -14.02 -15.00
C HIS A 500 35.49 -15.42 -15.55
N PHE A 501 34.80 -15.74 -16.64
CA PHE A 501 34.94 -17.05 -17.26
C PHE A 501 36.38 -17.40 -17.58
N ASP A 502 36.79 -18.59 -17.20
CA ASP A 502 38.17 -19.02 -17.36
C ASP A 502 38.21 -20.36 -18.08
N LYS A 503 38.61 -20.34 -19.34
CA LYS A 503 38.60 -21.56 -20.15
C LYS A 503 39.56 -22.66 -19.70
N SER A 504 40.41 -22.36 -18.72
CA SER A 504 41.27 -23.39 -18.18
C SER A 504 40.53 -24.14 -17.07
N LYS A 505 39.33 -23.67 -16.75
CA LYS A 505 38.50 -24.30 -15.71
C LYS A 505 37.42 -25.18 -16.33
N LYS A 506 36.98 -26.18 -15.58
CA LYS A 506 35.93 -27.09 -16.04
C LYS A 506 34.59 -26.74 -15.41
N TYR A 507 33.66 -26.23 -16.22
CA TYR A 507 32.36 -25.84 -15.69
C TYR A 507 31.26 -26.86 -15.97
N PRO A 508 30.31 -26.92 -15.07
CA PRO A 508 29.09 -27.72 -15.30
C PRO A 508 28.37 -27.07 -16.48
N LEU A 509 27.67 -27.85 -17.27
CA LEU A 509 26.93 -27.27 -18.38
C LEU A 509 25.48 -27.72 -18.40
N LEU A 510 24.58 -26.76 -18.59
CA LEU A 510 23.17 -27.05 -18.73
C LEU A 510 22.77 -26.69 -20.17
N LEU A 511 22.30 -27.69 -20.91
CA LEU A 511 21.82 -27.48 -22.27
C LEU A 511 20.36 -27.08 -22.17
N ASP A 512 20.06 -25.86 -22.59
CA ASP A 512 18.69 -25.34 -22.57
C ASP A 512 18.13 -25.61 -23.97
N VAL A 513 17.14 -26.49 -24.08
CA VAL A 513 16.63 -26.87 -25.40
C VAL A 513 15.17 -26.56 -25.65
N TYR A 514 14.87 -26.16 -26.89
CA TYR A 514 13.48 -26.11 -27.33
C TYR A 514 13.45 -27.08 -28.51
N ALA A 515 14.04 -26.65 -29.62
CA ALA A 515 14.30 -27.48 -30.79
C ALA A 515 13.10 -27.93 -31.61
N GLY A 516 11.96 -27.27 -31.45
CA GLY A 516 10.81 -27.57 -32.29
C GLY A 516 11.06 -27.09 -33.70
N PRO A 517 10.21 -27.49 -34.65
CA PRO A 517 10.41 -27.09 -36.05
C PRO A 517 10.36 -25.59 -36.22
N CYS A 518 11.34 -25.06 -36.95
CA CYS A 518 11.50 -23.62 -37.14
C CYS A 518 11.88 -22.86 -35.85
N SER A 519 12.31 -23.58 -34.82
CA SER A 519 12.73 -22.90 -33.60
C SER A 519 14.08 -22.19 -33.78
N GLN A 520 14.37 -21.25 -32.88
CA GLN A 520 15.68 -20.60 -32.84
C GLN A 520 15.97 -20.26 -31.40
N LYS A 521 17.00 -20.89 -30.85
CA LYS A 521 17.37 -20.68 -29.46
C LYS A 521 18.72 -20.02 -29.32
N ALA A 522 19.41 -19.84 -30.44
CA ALA A 522 20.72 -19.18 -30.44
C ALA A 522 20.53 -17.87 -31.18
N ASP A 523 20.61 -16.76 -30.45
CA ASP A 523 20.37 -15.46 -31.07
C ASP A 523 21.10 -14.34 -30.36
N THR A 524 20.89 -13.11 -30.80
CA THR A 524 21.64 -11.99 -30.24
C THR A 524 20.81 -11.18 -29.26
N VAL A 525 19.70 -11.75 -28.80
CA VAL A 525 18.82 -11.07 -27.88
C VAL A 525 19.42 -11.06 -26.47
N PHE A 526 19.28 -9.93 -25.77
CA PHE A 526 19.73 -9.84 -24.39
C PHE A 526 18.58 -10.27 -23.50
N ARG A 527 18.85 -11.15 -22.56
CA ARG A 527 17.79 -11.60 -21.67
C ARG A 527 18.23 -11.61 -20.20
N LEU A 528 17.28 -11.37 -19.31
CA LEU A 528 17.49 -11.56 -17.88
C LEU A 528 16.53 -12.68 -17.50
N ASN A 529 17.04 -13.87 -17.32
CA ASN A 529 16.19 -15.02 -17.06
C ASN A 529 16.85 -16.01 -16.12
N TRP A 530 16.30 -17.21 -16.05
CA TRP A 530 16.82 -18.23 -15.15
C TRP A 530 18.28 -18.56 -15.47
N ALA A 531 18.60 -18.69 -16.75
CA ALA A 531 19.97 -18.92 -17.18
C ALA A 531 20.95 -17.86 -16.60
N THR A 532 20.54 -16.60 -16.62
CA THR A 532 21.37 -15.52 -16.08
C THR A 532 21.85 -15.86 -14.67
N TYR A 533 20.90 -16.21 -13.82
CA TYR A 533 21.17 -16.62 -12.44
C TYR A 533 22.11 -17.81 -12.34
N LEU A 534 21.84 -18.86 -13.11
CA LEU A 534 22.65 -20.07 -13.08
C LEU A 534 24.12 -19.79 -13.44
N ALA A 535 24.32 -18.99 -14.48
CA ALA A 535 25.67 -18.60 -14.90
C ALA A 535 26.29 -17.65 -13.88
N SER A 536 25.54 -16.64 -13.48
CA SER A 536 26.07 -15.63 -12.58
C SER A 536 26.33 -16.09 -11.14
N THR A 537 25.35 -16.76 -10.54
CA THR A 537 25.48 -17.22 -9.16
C THR A 537 26.04 -18.63 -9.01
N GLU A 538 25.57 -19.56 -9.84
CA GLU A 538 25.96 -20.95 -9.67
C GLU A 538 27.13 -21.34 -10.53
N ASN A 539 27.66 -20.39 -11.29
CA ASN A 539 28.76 -20.67 -12.21
C ASN A 539 28.46 -21.84 -13.17
N ILE A 540 27.25 -21.88 -13.71
CA ILE A 540 26.90 -22.91 -14.69
C ILE A 540 26.85 -22.32 -16.09
N ILE A 541 27.47 -23.00 -17.04
CA ILE A 541 27.31 -22.58 -18.43
C ILE A 541 25.96 -23.06 -18.92
N VAL A 542 25.13 -22.17 -19.44
CA VAL A 542 23.92 -22.67 -20.06
C VAL A 542 23.95 -22.41 -21.56
N ALA A 543 23.93 -23.51 -22.30
CA ALA A 543 24.04 -23.48 -23.74
C ALA A 543 22.72 -23.84 -24.39
N SER A 544 22.55 -23.37 -25.63
CA SER A 544 21.41 -23.75 -26.49
C SER A 544 21.95 -23.91 -27.90
N PHE A 545 21.36 -24.84 -28.64
CA PHE A 545 21.86 -25.19 -29.94
C PHE A 545 20.72 -25.33 -30.95
N ASP A 546 20.91 -24.79 -32.14
CA ASP A 546 19.91 -24.88 -33.19
C ASP A 546 20.40 -25.89 -34.22
N GLY A 547 19.92 -27.13 -34.14
CA GLY A 547 20.31 -28.17 -35.08
C GLY A 547 19.32 -28.38 -36.20
N ARG A 548 19.29 -29.58 -36.76
CA ARG A 548 18.32 -29.84 -37.81
C ARG A 548 16.90 -29.59 -37.34
N GLY A 549 16.09 -28.98 -38.20
CA GLY A 549 14.74 -28.63 -37.86
C GLY A 549 14.59 -27.18 -37.46
N SER A 550 15.70 -26.55 -37.05
CA SER A 550 15.68 -25.15 -36.65
C SER A 550 15.36 -24.23 -37.82
N GLY A 551 14.91 -23.02 -37.52
CA GLY A 551 14.42 -22.13 -38.56
C GLY A 551 15.36 -21.05 -39.03
N TYR A 552 14.86 -20.27 -39.98
CA TYR A 552 15.55 -19.08 -40.47
C TYR A 552 16.85 -19.32 -41.21
N GLN A 553 17.15 -20.60 -41.48
CA GLN A 553 18.38 -20.96 -42.19
C GLN A 553 18.11 -21.77 -43.44
N GLY A 554 16.89 -21.73 -43.96
CA GLY A 554 16.55 -22.47 -45.16
C GLY A 554 15.87 -23.80 -44.92
N ASP A 555 15.12 -24.26 -45.92
CA ASP A 555 14.36 -25.50 -45.84
C ASP A 555 15.19 -26.76 -45.65
N LYS A 556 16.39 -26.80 -46.22
CA LYS A 556 17.19 -28.02 -46.10
C LYS A 556 17.42 -28.32 -44.60
N ILE A 557 17.59 -27.28 -43.81
CA ILE A 557 17.74 -27.45 -42.36
C ILE A 557 16.37 -27.58 -41.69
N MET A 558 15.45 -26.70 -42.03
CA MET A 558 14.13 -26.77 -41.39
C MET A 558 13.35 -28.05 -41.68
N HIS A 559 13.31 -28.48 -42.94
CA HIS A 559 12.52 -29.64 -43.33
C HIS A 559 13.19 -30.97 -43.05
N ALA A 560 14.41 -30.95 -42.49
CA ALA A 560 15.11 -32.22 -42.27
C ALA A 560 14.36 -33.15 -41.33
N ILE A 561 13.47 -32.61 -40.51
CA ILE A 561 12.72 -33.46 -39.58
C ILE A 561 11.31 -33.79 -40.05
N ASN A 562 11.00 -33.39 -41.28
CA ASN A 562 9.67 -33.68 -41.83
C ASN A 562 9.29 -35.15 -41.65
N ARG A 563 8.12 -35.39 -41.06
CA ARG A 563 7.59 -36.73 -40.82
C ARG A 563 8.41 -37.56 -39.83
N ARG A 564 9.48 -36.97 -39.29
CA ARG A 564 10.40 -37.71 -38.43
C ARG A 564 10.70 -36.92 -37.14
N LEU A 565 9.66 -36.39 -36.51
CA LEU A 565 9.87 -35.69 -35.24
C LEU A 565 10.49 -36.63 -34.24
N GLY A 566 11.34 -36.09 -33.37
CA GLY A 566 11.97 -36.92 -32.35
C GLY A 566 13.15 -37.73 -32.88
N THR A 567 13.78 -37.26 -33.95
CA THR A 567 14.94 -37.95 -34.51
C THR A 567 16.15 -37.03 -34.60
N PHE A 568 16.32 -36.37 -35.74
CA PHE A 568 17.50 -35.53 -35.98
C PHE A 568 17.63 -34.38 -35.00
N GLU A 569 16.53 -33.75 -34.63
CA GLU A 569 16.63 -32.62 -33.70
C GLU A 569 17.10 -33.11 -32.33
N VAL A 570 16.76 -34.35 -31.97
CA VAL A 570 17.18 -34.97 -30.70
C VAL A 570 18.65 -35.35 -30.75
N GLU A 571 19.03 -36.02 -31.83
CA GLU A 571 20.41 -36.44 -32.05
C GLU A 571 21.34 -35.24 -32.07
N ASP A 572 20.90 -34.13 -32.68
CA ASP A 572 21.75 -32.95 -32.77
C ASP A 572 22.01 -32.24 -31.44
N GLN A 573 21.09 -32.36 -30.50
CA GLN A 573 21.30 -31.78 -29.17
C GLN A 573 22.38 -32.60 -28.48
N ILE A 574 22.30 -33.92 -28.62
CA ILE A 574 23.30 -34.80 -28.04
C ILE A 574 24.69 -34.52 -28.66
N GLU A 575 24.77 -34.51 -29.99
CA GLU A 575 26.04 -34.24 -30.67
C GLU A 575 26.60 -32.87 -30.28
N ALA A 576 25.73 -31.87 -30.17
CA ALA A 576 26.15 -30.55 -29.75
C ALA A 576 26.76 -30.60 -28.37
N ALA A 577 26.14 -31.35 -27.46
CA ALA A 577 26.72 -31.49 -26.13
C ALA A 577 28.08 -32.14 -26.21
N ARG A 578 28.22 -33.11 -27.10
CA ARG A 578 29.50 -33.80 -27.27
C ARG A 578 30.56 -32.82 -27.76
N GLN A 579 30.18 -31.91 -28.64
CA GLN A 579 31.11 -30.91 -29.15
C GLN A 579 31.50 -29.97 -28.03
N PHE A 580 30.52 -29.52 -27.27
CA PHE A 580 30.79 -28.59 -26.18
C PHE A 580 31.78 -29.21 -25.23
N SER A 581 31.64 -30.50 -24.92
CA SER A 581 32.61 -31.10 -24.00
C SER A 581 34.03 -31.12 -24.59
N LYS A 582 34.14 -31.06 -25.92
CA LYS A 582 35.46 -31.05 -26.55
C LYS A 582 36.01 -29.64 -26.67
N MET A 583 35.31 -28.67 -26.11
CA MET A 583 35.82 -27.31 -26.14
C MET A 583 36.78 -27.08 -24.97
N GLY A 584 36.88 -28.06 -24.08
CA GLY A 584 37.85 -27.99 -22.99
C GLY A 584 37.43 -27.38 -21.66
N PHE A 585 36.40 -26.52 -21.65
CA PHE A 585 36.00 -25.87 -20.41
C PHE A 585 34.73 -26.44 -19.79
N VAL A 586 34.36 -27.63 -20.20
CA VAL A 586 33.14 -28.25 -19.69
C VAL A 586 33.46 -29.46 -18.84
N ASP A 587 32.83 -29.56 -17.68
CA ASP A 587 33.01 -30.75 -16.88
C ASP A 587 32.11 -31.83 -17.45
N ASN A 588 32.66 -32.83 -18.11
CA ASN A 588 31.79 -33.79 -18.77
C ASN A 588 31.03 -34.76 -17.87
N LYS A 589 31.27 -34.68 -16.56
CA LYS A 589 30.53 -35.47 -15.61
C LYS A 589 29.34 -34.68 -15.10
N ARG A 590 29.26 -33.42 -15.49
CA ARG A 590 28.17 -32.55 -15.08
C ARG A 590 27.50 -31.82 -16.25
N ILE A 591 26.90 -32.58 -17.14
CA ILE A 591 26.17 -31.99 -18.24
C ILE A 591 24.71 -32.35 -18.03
N ALA A 592 23.87 -31.33 -18.05
CA ALA A 592 22.45 -31.55 -17.86
C ALA A 592 21.72 -30.97 -19.05
N ILE A 593 20.41 -31.19 -19.08
CA ILE A 593 19.61 -30.71 -20.18
C ILE A 593 18.23 -30.43 -19.64
N TRP A 594 17.60 -29.37 -20.14
CA TRP A 594 16.24 -29.08 -19.73
C TRP A 594 15.50 -28.33 -20.83
N GLY A 595 14.17 -28.43 -20.79
CA GLY A 595 13.33 -27.78 -21.76
C GLY A 595 11.87 -27.85 -21.38
N TRP A 596 11.08 -27.00 -22.03
CA TRP A 596 9.67 -26.85 -21.73
C TRP A 596 8.91 -27.15 -23.01
N SER A 597 7.83 -27.93 -22.91
CA SER A 597 6.97 -28.18 -24.07
C SER A 597 7.68 -29.07 -25.11
N TYR A 598 7.88 -28.57 -26.34
CA TYR A 598 8.67 -29.33 -27.31
C TYR A 598 10.04 -29.59 -26.68
N GLY A 599 10.51 -28.63 -25.87
CA GLY A 599 11.78 -28.77 -25.18
C GLY A 599 11.76 -29.86 -24.11
N GLY A 600 10.63 -30.04 -23.45
CA GLY A 600 10.47 -31.15 -22.53
C GLY A 600 10.51 -32.49 -23.23
N TYR A 601 9.90 -32.55 -24.41
CA TYR A 601 9.92 -33.73 -25.24
C TYR A 601 11.34 -34.08 -25.63
N VAL A 602 12.05 -33.12 -26.18
CA VAL A 602 13.42 -33.35 -26.63
C VAL A 602 14.30 -33.68 -25.43
N THR A 603 14.11 -32.97 -24.33
CA THR A 603 14.90 -33.28 -23.14
C THR A 603 14.70 -34.75 -22.77
N SER A 604 13.44 -35.19 -22.81
CA SER A 604 13.10 -36.55 -22.41
C SER A 604 13.63 -37.60 -23.39
N MET A 605 13.51 -37.31 -24.69
CA MET A 605 14.04 -38.20 -25.71
C MET A 605 15.57 -38.29 -25.59
N VAL A 606 16.21 -37.16 -25.24
CA VAL A 606 17.65 -37.15 -25.08
C VAL A 606 18.02 -38.01 -23.88
N LEU A 607 17.36 -37.77 -22.75
CA LEU A 607 17.62 -38.55 -21.53
C LEU A 607 17.29 -40.03 -21.71
N GLY A 608 16.28 -40.35 -22.53
CA GLY A 608 15.96 -41.74 -22.80
C GLY A 608 16.80 -42.34 -23.93
N SER A 609 17.80 -41.60 -24.42
CA SER A 609 18.57 -42.07 -25.58
C SER A 609 19.68 -43.07 -25.25
N GLY A 610 20.12 -43.12 -24.00
CA GLY A 610 21.19 -44.02 -23.62
C GLY A 610 22.54 -43.48 -24.09
N SER A 611 22.58 -42.20 -24.48
CA SER A 611 23.81 -41.60 -25.00
C SER A 611 24.90 -41.60 -23.95
N GLY A 612 24.49 -41.56 -22.69
CA GLY A 612 25.43 -41.53 -21.58
C GLY A 612 26.08 -40.17 -21.41
N VAL A 613 25.59 -39.17 -22.16
CA VAL A 613 26.22 -37.87 -22.15
C VAL A 613 25.72 -36.99 -21.01
N PHE A 614 24.46 -37.17 -20.65
CA PHE A 614 23.82 -36.32 -19.68
C PHE A 614 23.66 -36.99 -18.33
N LYS A 615 23.97 -36.25 -17.28
CA LYS A 615 23.82 -36.74 -15.94
C LYS A 615 22.34 -36.66 -15.52
N CYS A 616 21.70 -35.56 -15.87
CA CYS A 616 20.34 -35.33 -15.42
C CYS A 616 19.59 -34.39 -16.32
N GLY A 617 18.29 -34.30 -16.11
CA GLY A 617 17.49 -33.38 -16.89
C GLY A 617 16.13 -33.06 -16.31
N ILE A 618 15.57 -31.96 -16.79
CA ILE A 618 14.26 -31.52 -16.35
C ILE A 618 13.39 -31.32 -17.56
N ALA A 619 12.23 -31.96 -17.55
CA ALA A 619 11.27 -31.76 -18.61
C ALA A 619 10.04 -31.10 -18.00
N VAL A 620 9.65 -29.97 -18.58
CA VAL A 620 8.47 -29.25 -18.14
C VAL A 620 7.39 -29.32 -19.21
N ALA A 621 6.19 -29.72 -18.81
CA ALA A 621 5.07 -29.91 -19.71
C ALA A 621 5.45 -30.51 -21.08
N PRO A 622 6.14 -31.65 -21.08
CA PRO A 622 6.61 -32.24 -22.33
C PRO A 622 5.50 -32.93 -23.11
N VAL A 623 5.63 -32.92 -24.43
CA VAL A 623 4.83 -33.81 -25.22
C VAL A 623 5.54 -35.16 -25.00
N SER A 624 4.78 -36.24 -24.87
CA SER A 624 5.40 -37.56 -24.68
C SER A 624 5.11 -38.48 -25.86
N ARG A 625 4.02 -38.19 -26.56
CA ARG A 625 3.71 -38.92 -27.76
C ARG A 625 2.75 -38.13 -28.65
N TRP A 626 3.09 -38.06 -29.92
CA TRP A 626 2.44 -37.14 -30.85
C TRP A 626 0.94 -37.33 -31.07
N GLU A 627 0.46 -38.54 -30.85
CA GLU A 627 -0.98 -38.77 -30.92
C GLU A 627 -1.74 -37.97 -29.85
N TYR A 628 -1.06 -37.54 -28.80
CA TYR A 628 -1.72 -36.79 -27.73
C TYR A 628 -1.79 -35.30 -28.01
N TYR A 629 -0.98 -34.86 -28.96
CA TYR A 629 -0.95 -33.43 -29.26
C TYR A 629 -1.97 -33.02 -30.32
N ASP A 630 -2.23 -31.72 -30.42
CA ASP A 630 -3.24 -31.23 -31.36
C ASP A 630 -2.94 -31.53 -32.83
N SER A 631 -4.00 -31.69 -33.61
CA SER A 631 -3.87 -32.12 -35.01
C SER A 631 -3.13 -31.15 -35.92
N VAL A 632 -3.42 -29.87 -35.79
CA VAL A 632 -2.86 -28.89 -36.70
C VAL A 632 -1.34 -28.79 -36.60
N TYR A 633 -0.86 -28.66 -35.38
CA TYR A 633 0.57 -28.59 -35.21
C TYR A 633 1.19 -29.95 -35.53
N THR A 634 0.63 -31.01 -34.99
CA THR A 634 1.25 -32.33 -35.09
C THR A 634 1.33 -32.85 -36.51
N GLU A 635 0.19 -32.84 -37.20
CA GLU A 635 0.13 -33.40 -38.55
C GLU A 635 0.92 -32.59 -39.55
N ARG A 636 1.10 -31.32 -39.24
CA ARG A 636 1.91 -30.44 -40.07
C ARG A 636 3.29 -31.04 -40.31
N TYR A 637 3.85 -31.66 -39.26
CA TYR A 637 5.19 -32.24 -39.33
C TYR A 637 5.15 -33.74 -39.36
N MET A 638 4.05 -34.34 -38.94
CA MET A 638 4.03 -35.79 -38.78
C MET A 638 3.08 -36.54 -39.69
N GLY A 639 2.27 -35.81 -40.45
CA GLY A 639 1.25 -36.45 -41.27
C GLY A 639 0.24 -37.06 -40.33
N LEU A 640 -0.45 -38.08 -40.81
CA LEU A 640 -1.48 -38.74 -40.02
C LEU A 640 -0.98 -40.01 -39.37
N PRO A 641 -1.48 -40.30 -38.18
CA PRO A 641 -1.13 -41.55 -37.50
C PRO A 641 -1.97 -42.73 -38.02
N THR A 642 -1.78 -43.10 -39.28
CA THR A 642 -2.52 -44.24 -39.84
C THR A 642 -1.55 -45.14 -40.56
N PRO A 643 -1.88 -46.43 -40.67
CA PRO A 643 -1.04 -47.41 -41.36
C PRO A 643 -0.62 -46.93 -42.75
N GLU A 644 -1.48 -46.23 -43.46
CA GLU A 644 -1.12 -45.77 -44.80
C GLU A 644 -0.27 -44.52 -44.80
N ASP A 645 -0.12 -43.87 -43.65
CA ASP A 645 0.68 -42.67 -43.66
C ASP A 645 1.91 -42.78 -42.78
N ASN A 646 1.80 -42.40 -41.51
CA ASN A 646 3.00 -42.28 -40.69
C ASN A 646 2.90 -42.90 -39.32
N LEU A 647 1.94 -43.81 -39.15
CA LEU A 647 1.70 -44.43 -37.85
C LEU A 647 2.97 -44.99 -37.24
N ASP A 648 3.73 -45.71 -38.05
CA ASP A 648 4.94 -46.36 -37.55
C ASP A 648 5.82 -45.36 -36.81
N HIS A 649 6.10 -44.21 -37.42
CA HIS A 649 6.93 -43.25 -36.73
C HIS A 649 6.25 -42.61 -35.50
N TYR A 650 4.93 -42.45 -35.53
CA TYR A 650 4.24 -41.91 -34.36
C TYR A 650 4.50 -42.85 -33.20
N ARG A 651 4.51 -44.13 -33.50
CA ARG A 651 4.67 -45.12 -32.44
C ARG A 651 6.11 -45.29 -32.03
N ASN A 652 7.01 -44.90 -32.93
CA ASN A 652 8.43 -45.06 -32.69
C ASN A 652 9.05 -43.87 -31.97
N SER A 653 8.33 -42.76 -31.95
CA SER A 653 8.89 -41.52 -31.42
C SER A 653 8.36 -41.11 -30.05
N THR A 654 7.90 -42.06 -29.24
CA THR A 654 7.38 -41.70 -27.93
C THR A 654 8.47 -41.70 -26.88
N VAL A 655 8.34 -40.85 -25.87
CA VAL A 655 9.28 -40.96 -24.75
C VAL A 655 9.05 -42.24 -23.96
N MET A 656 7.79 -42.68 -23.85
CA MET A 656 7.48 -43.90 -23.09
C MET A 656 8.33 -45.08 -23.55
N SER A 657 8.58 -45.17 -24.86
CA SER A 657 9.35 -46.28 -25.40
C SER A 657 10.81 -46.26 -24.95
N ARG A 658 11.25 -45.17 -24.32
CA ARG A 658 12.66 -45.10 -23.98
C ARG A 658 12.85 -45.19 -22.47
N ALA A 659 11.77 -45.56 -21.80
CA ALA A 659 11.72 -45.67 -20.33
C ALA A 659 12.91 -46.35 -19.67
N GLU A 660 13.26 -47.53 -20.17
CA GLU A 660 14.33 -48.29 -19.57
C GLU A 660 15.64 -47.49 -19.49
N ASN A 661 15.93 -46.70 -20.52
CA ASN A 661 17.16 -45.93 -20.54
C ASN A 661 17.24 -44.85 -19.47
N PHE A 662 16.10 -44.45 -18.93
CA PHE A 662 16.11 -43.45 -17.88
C PHE A 662 16.80 -43.98 -16.65
N LYS A 663 17.15 -45.26 -16.64
CA LYS A 663 17.83 -45.81 -15.47
C LYS A 663 19.21 -45.17 -15.32
N GLN A 664 19.71 -44.58 -16.41
CA GLN A 664 21.03 -43.98 -16.40
C GLN A 664 21.06 -42.51 -16.02
N VAL A 665 19.89 -41.91 -15.77
CA VAL A 665 19.91 -40.48 -15.50
C VAL A 665 19.04 -40.06 -14.32
N GLU A 666 19.19 -38.81 -13.92
CA GLU A 666 18.34 -38.24 -12.91
C GLU A 666 17.34 -37.33 -13.64
N TYR A 667 16.06 -37.62 -13.46
CA TYR A 667 14.99 -36.96 -14.20
C TYR A 667 14.02 -36.25 -13.29
N LEU A 668 13.67 -35.02 -13.64
CA LEU A 668 12.64 -34.27 -12.95
C LEU A 668 11.56 -33.96 -13.99
N LEU A 669 10.34 -34.35 -13.67
CA LEU A 669 9.21 -34.20 -14.58
C LEU A 669 8.17 -33.30 -13.93
N ILE A 670 7.83 -32.25 -14.63
CA ILE A 670 6.94 -31.25 -14.06
C ILE A 670 5.85 -30.95 -15.05
N HIS A 671 4.64 -30.75 -14.54
CA HIS A 671 3.52 -30.50 -15.42
C HIS A 671 2.37 -29.87 -14.66
N GLY A 672 1.74 -28.86 -15.24
CA GLY A 672 0.57 -28.25 -14.62
C GLY A 672 -0.65 -29.10 -14.90
N THR A 673 -1.54 -29.27 -13.93
CA THR A 673 -2.69 -30.15 -14.10
C THR A 673 -3.81 -29.60 -14.96
N ALA A 674 -3.83 -28.28 -15.17
CA ALA A 674 -4.86 -27.67 -16.00
C ALA A 674 -4.27 -27.22 -17.31
N ASP A 675 -3.25 -27.94 -17.77
CA ASP A 675 -2.62 -27.63 -19.05
C ASP A 675 -3.59 -28.05 -20.16
N ASP A 676 -4.12 -27.06 -20.87
CA ASP A 676 -5.10 -27.27 -21.94
C ASP A 676 -4.43 -27.48 -23.30
N ASN A 677 -3.12 -27.21 -23.33
CA ASN A 677 -2.33 -27.26 -24.54
C ASN A 677 -1.64 -28.63 -24.61
N VAL A 678 -0.62 -28.84 -23.79
CA VAL A 678 0.03 -30.14 -23.66
C VAL A 678 -0.62 -30.77 -22.42
N HIS A 679 -1.54 -31.69 -22.66
CA HIS A 679 -2.31 -32.23 -21.55
C HIS A 679 -1.46 -32.93 -20.51
N PHE A 680 -1.84 -32.78 -19.25
CA PHE A 680 -1.18 -33.44 -18.13
C PHE A 680 -1.03 -34.93 -18.47
N GLN A 681 -2.02 -35.45 -19.19
CA GLN A 681 -2.03 -36.80 -19.71
C GLN A 681 -0.64 -37.20 -20.22
N GLN A 682 -0.01 -36.31 -20.96
CA GLN A 682 1.30 -36.57 -21.55
C GLN A 682 2.37 -36.93 -20.53
N SER A 683 2.43 -36.22 -19.41
CA SER A 683 3.37 -36.56 -18.35
C SER A 683 2.85 -37.73 -17.52
N ALA A 684 1.54 -37.85 -17.41
CA ALA A 684 1.00 -38.99 -16.70
C ALA A 684 1.43 -40.31 -17.39
N GLN A 685 1.56 -40.30 -18.71
CA GLN A 685 1.96 -41.54 -19.40
C GLN A 685 3.45 -41.78 -19.27
N ILE A 686 4.23 -40.70 -19.23
CA ILE A 686 5.66 -40.81 -18.99
C ILE A 686 5.91 -41.40 -17.61
N SER A 687 5.24 -40.84 -16.61
CA SER A 687 5.46 -41.30 -15.23
C SER A 687 5.08 -42.77 -15.06
N LYS A 688 4.00 -43.16 -15.68
CA LYS A 688 3.53 -44.55 -15.59
C LYS A 688 4.52 -45.50 -16.25
N ALA A 689 5.07 -45.09 -17.39
CA ALA A 689 6.04 -45.91 -18.09
C ALA A 689 7.32 -46.08 -17.27
N LEU A 690 7.76 -45.02 -16.61
CA LEU A 690 8.95 -45.07 -15.77
C LEU A 690 8.69 -45.97 -14.58
N VAL A 691 7.50 -45.86 -14.01
CA VAL A 691 7.13 -46.72 -12.88
C VAL A 691 7.16 -48.19 -13.32
N ASP A 692 6.59 -48.47 -14.49
CA ASP A 692 6.54 -49.84 -15.01
C ASP A 692 7.91 -50.49 -15.23
N VAL A 693 8.95 -49.71 -15.52
CA VAL A 693 10.28 -50.29 -15.68
C VAL A 693 11.15 -50.12 -14.43
N GLY A 694 10.55 -49.59 -13.37
CA GLY A 694 11.26 -49.43 -12.11
C GLY A 694 12.34 -48.37 -12.14
N VAL A 695 12.05 -47.24 -12.77
CA VAL A 695 12.98 -46.13 -12.82
C VAL A 695 12.58 -45.09 -11.75
N ASP A 696 13.49 -44.76 -10.87
CA ASP A 696 13.16 -43.72 -9.90
C ASP A 696 13.41 -42.36 -10.53
N PHE A 697 12.61 -41.37 -10.16
CA PHE A 697 12.76 -40.05 -10.77
C PHE A 697 12.02 -39.06 -9.90
N GLN A 698 12.20 -37.76 -10.17
CA GLN A 698 11.60 -36.69 -9.38
C GLN A 698 10.41 -36.13 -10.12
N ALA A 699 9.43 -35.64 -9.38
CA ALA A 699 8.24 -35.16 -10.03
C ALA A 699 7.59 -34.00 -9.32
N MET A 700 6.83 -33.25 -10.07
CA MET A 700 6.07 -32.16 -9.48
C MET A 700 4.92 -31.79 -10.38
N TRP A 701 3.72 -31.88 -9.84
CA TRP A 701 2.54 -31.41 -10.55
C TRP A 701 2.26 -30.00 -10.03
N TYR A 702 1.67 -29.15 -10.85
CA TYR A 702 1.24 -27.82 -10.38
C TYR A 702 -0.27 -27.70 -10.52
N THR A 703 -0.95 -27.77 -9.39
CA THR A 703 -2.40 -27.76 -9.35
C THR A 703 -2.94 -26.52 -10.00
N ASP A 704 -3.83 -26.73 -10.98
CA ASP A 704 -4.55 -25.67 -11.67
C ASP A 704 -3.71 -24.77 -12.56
N GLU A 705 -2.43 -25.07 -12.67
CA GLU A 705 -1.58 -24.30 -13.57
C GLU A 705 -1.72 -24.81 -15.00
N ASP A 706 -1.59 -23.88 -15.95
CA ASP A 706 -1.67 -24.26 -17.33
C ASP A 706 -0.28 -24.43 -17.94
N HIS A 707 -0.19 -24.37 -19.26
CA HIS A 707 1.07 -24.59 -19.95
C HIS A 707 2.18 -23.59 -19.62
N GLY A 708 1.81 -22.38 -19.25
CA GLY A 708 2.81 -21.40 -18.88
C GLY A 708 3.28 -21.52 -17.44
N ILE A 709 2.57 -22.30 -16.62
CA ILE A 709 2.88 -22.39 -15.19
C ILE A 709 3.32 -21.01 -14.76
N ALA A 710 2.45 -20.05 -15.07
CA ALA A 710 2.82 -18.64 -14.98
C ALA A 710 2.18 -17.82 -13.87
N SER A 711 1.39 -18.44 -13.00
CA SER A 711 0.92 -17.72 -11.83
C SER A 711 2.16 -17.26 -11.10
N SER A 712 2.05 -16.14 -10.40
CA SER A 712 3.20 -15.61 -9.70
C SER A 712 3.80 -16.61 -8.73
N THR A 713 3.00 -17.25 -7.89
CA THR A 713 3.59 -18.19 -6.93
C THR A 713 4.09 -19.48 -7.58
N ALA A 714 3.40 -19.95 -8.61
CA ALA A 714 3.82 -21.20 -9.25
C ALA A 714 5.11 -20.96 -10.03
N HIS A 715 5.20 -19.79 -10.65
CA HIS A 715 6.38 -19.43 -11.40
C HIS A 715 7.57 -19.42 -10.46
N GLN A 716 7.41 -18.78 -9.31
CA GLN A 716 8.52 -18.74 -8.36
C GLN A 716 8.83 -20.12 -7.85
N HIS A 717 7.79 -20.90 -7.59
CA HIS A 717 7.99 -22.21 -7.00
C HIS A 717 8.70 -23.18 -7.97
N ILE A 718 8.29 -23.17 -9.23
CA ILE A 718 8.93 -24.09 -10.18
C ILE A 718 10.39 -23.76 -10.38
N TYR A 719 10.71 -22.49 -10.58
CA TYR A 719 12.13 -22.17 -10.80
C TYR A 719 13.00 -22.48 -9.59
N THR A 720 12.43 -22.30 -8.40
CA THR A 720 13.12 -22.64 -7.16
C THR A 720 13.32 -24.13 -7.05
N HIS A 721 12.28 -24.89 -7.38
CA HIS A 721 12.40 -26.35 -7.31
C HIS A 721 13.44 -26.83 -8.31
N MET A 722 13.41 -26.27 -9.51
CA MET A 722 14.36 -26.68 -10.56
C MET A 722 15.81 -26.31 -10.19
N SER A 723 15.96 -25.17 -9.54
CA SER A 723 17.30 -24.74 -9.11
C SER A 723 17.90 -25.72 -8.13
N HIS A 724 17.09 -26.18 -7.17
CA HIS A 724 17.57 -27.12 -6.17
C HIS A 724 17.99 -28.41 -6.89
N PHE A 725 17.16 -28.86 -7.81
CA PHE A 725 17.46 -30.12 -8.52
C PHE A 725 18.80 -30.03 -9.28
N ILE A 726 18.98 -28.97 -10.07
CA ILE A 726 20.22 -28.80 -10.83
C ILE A 726 21.44 -28.70 -9.89
N LYS A 727 21.29 -27.94 -8.81
CA LYS A 727 22.38 -27.78 -7.84
C LYS A 727 22.73 -29.11 -7.20
N GLN A 728 21.71 -29.86 -6.81
CA GLN A 728 21.93 -31.18 -6.23
C GLN A 728 22.68 -32.03 -7.26
N CYS A 729 22.17 -32.04 -8.49
CA CYS A 729 22.78 -32.80 -9.59
C CYS A 729 24.24 -32.42 -9.83
N PHE A 730 24.55 -31.12 -9.74
CA PHE A 730 25.90 -30.62 -9.99
C PHE A 730 26.75 -30.49 -8.71
N SER A 731 26.30 -31.10 -7.62
CA SER A 731 27.03 -31.05 -6.35
C SER A 731 27.39 -29.63 -5.91
N LEU A 732 26.43 -28.72 -6.06
CA LEU A 732 26.59 -27.33 -5.67
C LEU A 732 25.81 -27.08 -4.40
N PRO A 733 26.51 -26.74 -3.34
CA PRO A 733 25.88 -26.37 -2.07
C PRO A 733 25.83 -24.86 -1.94
N HIS B 1 36.28 -65.20 6.88
CA HIS B 1 36.39 -65.80 8.25
C HIS B 1 35.34 -65.21 9.18
N HIS B 2 34.09 -65.58 8.89
CA HIS B 2 32.91 -65.02 9.52
C HIS B 2 32.35 -65.82 10.70
N HIS B 3 32.80 -67.06 10.87
CA HIS B 3 32.37 -67.84 12.02
C HIS B 3 30.84 -67.93 12.18
N HIS B 4 30.13 -67.90 11.05
CA HIS B 4 28.69 -68.09 11.05
C HIS B 4 27.85 -67.06 11.78
N HIS B 5 28.42 -65.89 12.03
CA HIS B 5 27.64 -64.81 12.63
C HIS B 5 26.72 -64.28 11.55
N SER B 6 25.53 -63.88 11.96
CA SER B 6 24.57 -63.31 11.04
C SER B 6 25.10 -61.99 10.50
N ARG B 7 25.31 -61.92 9.19
CA ARG B 7 25.82 -60.70 8.58
C ARG B 7 24.85 -60.09 7.55
N LYS B 8 23.83 -60.86 7.19
CA LYS B 8 22.78 -60.37 6.31
C LYS B 8 21.80 -59.48 7.07
N THR B 9 21.17 -58.56 6.35
CA THR B 9 20.10 -57.76 6.93
C THR B 9 18.88 -57.95 6.06
N TYR B 10 17.76 -57.40 6.50
CA TYR B 10 16.55 -57.45 5.72
C TYR B 10 16.54 -56.18 4.85
N THR B 11 16.84 -56.35 3.57
CA THR B 11 17.02 -55.21 2.66
C THR B 11 15.73 -54.77 1.95
N LEU B 12 15.83 -53.65 1.24
CA LEU B 12 14.71 -53.11 0.48
C LEU B 12 14.25 -54.13 -0.58
N THR B 13 15.21 -54.71 -1.31
CA THR B 13 14.86 -55.71 -2.30
C THR B 13 14.23 -56.96 -1.67
N ASP B 14 14.72 -57.35 -0.49
CA ASP B 14 14.06 -58.45 0.21
C ASP B 14 12.58 -58.15 0.36
N TYR B 15 12.24 -56.95 0.81
CA TYR B 15 10.83 -56.59 0.99
C TYR B 15 10.09 -56.46 -0.34
N LEU B 16 10.72 -55.79 -1.30
CA LEU B 16 10.06 -55.54 -2.59
C LEU B 16 9.88 -56.78 -3.43
N LYS B 17 10.83 -57.70 -3.34
CA LYS B 17 10.74 -58.94 -4.10
C LYS B 17 10.20 -60.09 -3.25
N ASN B 18 9.87 -59.83 -2.00
CA ASN B 18 9.28 -60.85 -1.13
C ASN B 18 10.17 -62.08 -1.00
N THR B 19 11.41 -61.85 -0.63
CA THR B 19 12.39 -62.90 -0.44
C THR B 19 12.04 -63.80 0.74
N TYR B 20 11.49 -63.20 1.78
CA TYR B 20 11.10 -63.92 2.98
C TYR B 20 9.59 -63.93 3.04
N ARG B 21 9.03 -65.09 2.76
CA ARG B 21 7.60 -65.20 2.67
C ARG B 21 6.97 -65.79 3.91
N LEU B 22 5.92 -65.13 4.38
CA LEU B 22 5.09 -65.64 5.45
C LEU B 22 4.17 -66.68 4.83
N LYS B 23 4.23 -67.92 5.28
CA LYS B 23 3.31 -68.92 4.75
C LYS B 23 1.97 -68.79 5.46
N LEU B 24 0.90 -68.94 4.71
CA LEU B 24 -0.42 -68.88 5.30
C LEU B 24 -1.01 -70.28 5.31
N TYR B 25 -2.16 -70.44 5.93
CA TYR B 25 -2.92 -71.67 5.84
C TYR B 25 -4.38 -71.24 5.76
N SER B 26 -4.86 -71.01 4.54
CA SER B 26 -6.19 -70.51 4.32
C SER B 26 -7.14 -71.65 4.02
N LEU B 27 -8.15 -71.83 4.86
CA LEU B 27 -9.05 -72.93 4.64
C LEU B 27 -10.47 -72.43 4.57
N ARG B 28 -11.32 -73.23 3.95
CA ARG B 28 -12.73 -72.94 3.89
C ARG B 28 -13.48 -74.12 4.46
N TRP B 29 -14.15 -73.90 5.59
CA TRP B 29 -14.94 -74.94 6.22
C TRP B 29 -16.17 -75.23 5.36
N ILE B 30 -16.33 -76.46 4.91
CA ILE B 30 -17.53 -76.80 4.12
C ILE B 30 -18.59 -77.46 4.97
N SER B 31 -18.18 -78.03 6.10
CA SER B 31 -19.12 -78.70 6.97
C SER B 31 -18.61 -78.55 8.39
N ASP B 32 -19.12 -79.36 9.29
CA ASP B 32 -18.67 -79.29 10.65
C ASP B 32 -17.45 -80.19 10.85
N HIS B 33 -17.04 -80.87 9.78
CA HIS B 33 -15.98 -81.86 9.86
C HIS B 33 -14.84 -81.64 8.87
N GLU B 34 -15.14 -81.04 7.73
CA GLU B 34 -14.11 -80.95 6.69
C GLU B 34 -13.86 -79.53 6.21
N TYR B 35 -12.71 -79.33 5.57
CA TYR B 35 -12.39 -78.03 5.03
C TYR B 35 -11.57 -78.17 3.75
N LEU B 36 -11.66 -77.16 2.88
CA LEU B 36 -10.94 -77.16 1.62
C LEU B 36 -9.63 -76.40 1.74
N TYR B 37 -8.60 -76.85 1.04
CA TYR B 37 -7.30 -76.19 1.08
C TYR B 37 -6.57 -76.33 -0.25
N LYS B 38 -5.58 -75.46 -0.47
CA LYS B 38 -4.81 -75.44 -1.72
C LYS B 38 -3.38 -75.88 -1.50
N GLN B 39 -2.95 -76.95 -2.17
CA GLN B 39 -1.61 -77.47 -1.96
C GLN B 39 -0.62 -76.99 -3.02
N GLU B 40 -0.63 -77.64 -4.17
CA GLU B 40 0.19 -77.19 -5.27
C GLU B 40 -0.76 -76.89 -6.43
N ASN B 41 -1.80 -76.13 -6.08
CA ASN B 41 -2.88 -75.67 -6.95
C ASN B 41 -4.11 -76.58 -7.10
N ASN B 42 -4.06 -77.76 -6.50
CA ASN B 42 -5.23 -78.63 -6.49
C ASN B 42 -6.08 -78.28 -5.27
N ILE B 43 -7.37 -78.55 -5.35
CA ILE B 43 -8.25 -78.31 -4.23
C ILE B 43 -8.39 -79.59 -3.42
N LEU B 44 -7.71 -79.63 -2.28
CA LEU B 44 -7.76 -80.77 -1.39
C LEU B 44 -8.91 -80.62 -0.41
N VAL B 45 -9.38 -81.75 0.11
CA VAL B 45 -10.35 -81.72 1.18
C VAL B 45 -9.68 -82.42 2.36
N PHE B 46 -9.66 -81.76 3.51
CA PHE B 46 -9.08 -82.34 4.70
C PHE B 46 -10.16 -82.75 5.67
N ASN B 47 -9.88 -83.79 6.43
CA ASN B 47 -10.76 -84.22 7.47
C ASN B 47 -10.16 -83.69 8.77
N ALA B 48 -10.83 -82.75 9.40
CA ALA B 48 -10.28 -82.11 10.60
C ALA B 48 -9.81 -83.09 11.66
N GLU B 49 -10.62 -84.12 11.90
CA GLU B 49 -10.35 -85.12 12.92
C GLU B 49 -9.02 -85.84 12.77
N TYR B 50 -8.88 -86.54 11.66
CA TYR B 50 -7.67 -87.33 11.40
C TYR B 50 -6.63 -86.51 10.67
N GLY B 51 -7.07 -85.69 9.72
CA GLY B 51 -6.15 -84.89 8.94
C GLY B 51 -5.89 -85.53 7.59
N ASN B 52 -6.49 -86.69 7.36
CA ASN B 52 -6.37 -87.36 6.07
C ASN B 52 -7.01 -86.48 5.02
N SER B 53 -6.39 -86.42 3.85
CA SER B 53 -6.91 -85.62 2.78
C SER B 53 -6.99 -86.43 1.50
N SER B 54 -7.73 -85.90 0.54
CA SER B 54 -7.82 -86.47 -0.79
C SER B 54 -8.05 -85.29 -1.73
N VAL B 55 -8.00 -85.53 -3.02
CA VAL B 55 -8.20 -84.44 -3.97
C VAL B 55 -9.69 -84.30 -4.18
N PHE B 56 -10.16 -83.06 -4.16
CA PHE B 56 -11.56 -82.76 -4.35
C PHE B 56 -11.75 -82.33 -5.78
N LEU B 57 -10.72 -81.69 -6.29
CA LEU B 57 -10.74 -81.10 -7.60
C LEU B 57 -9.31 -80.98 -8.03
N GLU B 58 -8.92 -81.80 -9.00
CA GLU B 58 -7.55 -81.80 -9.50
C GLU B 58 -7.26 -80.51 -10.24
N ASN B 59 -6.00 -80.09 -10.19
CA ASN B 59 -5.55 -78.87 -10.83
C ASN B 59 -5.54 -78.92 -12.35
N SER B 60 -6.11 -79.99 -12.92
CA SER B 60 -6.16 -80.12 -14.38
C SER B 60 -7.60 -80.14 -14.88
N THR B 61 -8.55 -80.18 -13.97
CA THR B 61 -9.96 -80.23 -14.33
C THR B 61 -10.39 -79.18 -15.36
N PHE B 62 -9.91 -77.95 -15.21
CA PHE B 62 -10.33 -76.88 -16.10
C PHE B 62 -9.24 -76.35 -17.05
N ASP B 63 -8.20 -77.12 -17.32
CA ASP B 63 -7.16 -76.57 -18.20
C ASP B 63 -7.56 -76.41 -19.68
N GLU B 64 -8.81 -76.72 -19.98
CA GLU B 64 -9.36 -76.48 -21.31
C GLU B 64 -10.44 -75.40 -21.20
N PHE B 65 -10.58 -74.85 -20.00
CA PHE B 65 -11.60 -73.82 -19.78
C PHE B 65 -11.44 -72.66 -20.75
N GLY B 66 -10.22 -72.23 -21.00
CA GLY B 66 -10.00 -71.16 -21.97
C GLY B 66 -9.76 -69.81 -21.33
N HIS B 67 -9.94 -69.73 -20.03
CA HIS B 67 -9.66 -68.50 -19.32
C HIS B 67 -9.01 -68.83 -18.00
N SER B 68 -8.37 -67.83 -17.41
CA SER B 68 -7.73 -67.98 -16.11
C SER B 68 -8.78 -67.86 -15.00
N ILE B 69 -8.84 -68.83 -14.11
CA ILE B 69 -9.85 -68.80 -13.05
C ILE B 69 -9.36 -68.03 -11.83
N ASN B 70 -10.08 -66.95 -11.53
CA ASN B 70 -9.69 -66.10 -10.41
C ASN B 70 -10.04 -66.70 -9.07
N ASP B 71 -11.18 -67.36 -8.99
CA ASP B 71 -11.62 -67.88 -7.72
C ASP B 71 -12.70 -68.91 -7.96
N TYR B 72 -13.08 -69.60 -6.90
CA TYR B 72 -14.15 -70.56 -7.06
C TYR B 72 -14.99 -70.53 -5.82
N SER B 73 -16.20 -71.05 -5.96
CA SER B 73 -17.08 -71.17 -4.82
C SER B 73 -17.88 -72.45 -4.95
N ILE B 74 -17.86 -73.23 -3.90
CA ILE B 74 -18.57 -74.48 -3.91
C ILE B 74 -19.91 -74.31 -3.20
N SER B 75 -20.97 -74.80 -3.86
CA SER B 75 -22.30 -74.77 -3.27
C SER B 75 -22.22 -75.50 -1.95
N PRO B 76 -23.02 -75.03 -0.99
CA PRO B 76 -23.07 -75.62 0.36
C PRO B 76 -23.39 -77.10 0.37
N ASP B 77 -24.11 -77.57 -0.64
CA ASP B 77 -24.46 -78.99 -0.70
C ASP B 77 -23.40 -79.76 -1.48
N GLY B 78 -22.38 -79.03 -1.94
CA GLY B 78 -21.26 -79.62 -2.65
C GLY B 78 -21.59 -80.30 -3.96
N GLN B 79 -22.68 -79.89 -4.61
CA GLN B 79 -23.10 -80.48 -5.88
C GLN B 79 -22.59 -79.66 -7.07
N PHE B 80 -22.33 -78.38 -6.85
CA PHE B 80 -21.86 -77.52 -7.93
C PHE B 80 -20.71 -76.63 -7.47
N ILE B 81 -19.94 -76.13 -8.42
CA ILE B 81 -18.88 -75.19 -8.09
C ILE B 81 -18.94 -74.01 -9.02
N LEU B 82 -18.88 -72.81 -8.44
CA LEU B 82 -18.92 -71.60 -9.24
C LEU B 82 -17.50 -71.23 -9.61
N LEU B 83 -17.25 -71.01 -10.90
CA LEU B 83 -15.92 -70.62 -11.34
C LEU B 83 -15.95 -69.14 -11.71
N GLU B 84 -15.02 -68.39 -11.14
CA GLU B 84 -14.97 -66.95 -11.38
C GLU B 84 -13.82 -66.62 -12.33
N TYR B 85 -14.11 -65.88 -13.39
CA TYR B 85 -13.05 -65.48 -14.32
C TYR B 85 -13.37 -64.11 -14.91
N ASN B 86 -12.45 -63.58 -15.70
CA ASN B 86 -12.58 -62.23 -16.24
C ASN B 86 -12.79 -61.22 -15.12
N TYR B 87 -12.17 -61.50 -13.98
CA TYR B 87 -12.24 -60.63 -12.81
C TYR B 87 -11.74 -59.23 -13.14
N VAL B 88 -12.60 -58.23 -12.94
CA VAL B 88 -12.19 -56.83 -13.10
C VAL B 88 -12.55 -56.06 -11.82
N LYS B 89 -11.51 -55.69 -11.07
CA LYS B 89 -11.68 -54.99 -9.80
C LYS B 89 -12.37 -53.64 -9.93
N GLN B 90 -13.22 -53.32 -8.96
CA GLN B 90 -13.81 -51.96 -8.91
C GLN B 90 -13.21 -51.25 -7.69
N TRP B 91 -13.97 -51.13 -6.61
CA TRP B 91 -13.44 -50.45 -5.44
C TRP B 91 -12.73 -51.44 -4.53
N ARG B 92 -12.81 -51.23 -3.23
CA ARG B 92 -12.08 -52.10 -2.31
C ARG B 92 -12.61 -53.53 -2.25
N HIS B 93 -13.92 -53.71 -2.44
CA HIS B 93 -14.53 -55.04 -2.36
C HIS B 93 -15.22 -55.40 -3.66
N SER B 94 -15.77 -54.42 -4.34
CA SER B 94 -16.51 -54.67 -5.56
C SER B 94 -15.63 -55.02 -6.77
N TYR B 95 -16.24 -55.74 -7.69
CA TYR B 95 -15.62 -56.12 -8.96
C TYR B 95 -16.65 -56.82 -9.79
N THR B 96 -16.43 -56.84 -11.11
CA THR B 96 -17.29 -57.61 -12.00
C THR B 96 -16.51 -58.83 -12.51
N ALA B 97 -17.24 -59.84 -12.99
CA ALA B 97 -16.63 -61.05 -13.48
C ALA B 97 -17.63 -61.89 -14.24
N SER B 98 -17.10 -62.92 -14.91
CA SER B 98 -17.91 -63.90 -15.62
C SER B 98 -17.95 -65.08 -14.68
N TYR B 99 -18.91 -65.96 -14.89
CA TYR B 99 -19.07 -67.13 -14.05
C TYR B 99 -19.61 -68.28 -14.86
N ASP B 100 -19.18 -69.47 -14.51
CA ASP B 100 -19.72 -70.65 -15.15
C ASP B 100 -19.89 -71.59 -14.00
N ILE B 101 -20.88 -72.45 -14.09
CA ILE B 101 -21.15 -73.39 -13.04
C ILE B 101 -20.78 -74.77 -13.54
N TYR B 102 -20.03 -75.49 -12.72
CA TYR B 102 -19.60 -76.82 -13.06
C TYR B 102 -20.37 -77.75 -12.14
N ASP B 103 -21.07 -78.71 -12.74
CA ASP B 103 -21.81 -79.71 -11.97
C ASP B 103 -20.80 -80.76 -11.55
N LEU B 104 -20.70 -81.03 -10.25
CA LEU B 104 -19.68 -81.95 -9.74
C LEU B 104 -20.01 -83.43 -9.89
N ASN B 105 -21.29 -83.78 -10.03
CA ASN B 105 -21.65 -85.19 -10.14
C ASN B 105 -21.77 -85.66 -11.59
N LYS B 106 -21.74 -84.72 -12.53
CA LYS B 106 -21.74 -85.06 -13.95
C LYS B 106 -20.39 -84.67 -14.55
N ARG B 107 -19.53 -84.09 -13.71
CA ARG B 107 -18.23 -83.60 -14.16
C ARG B 107 -18.39 -82.88 -15.51
N GLN B 108 -19.38 -81.99 -15.57
CA GLN B 108 -19.66 -81.21 -16.77
C GLN B 108 -20.02 -79.75 -16.50
N LEU B 109 -19.57 -78.86 -17.39
CA LEU B 109 -19.96 -77.47 -17.32
C LEU B 109 -21.44 -77.37 -17.65
N ILE B 110 -22.10 -76.33 -17.14
CA ILE B 110 -23.49 -76.09 -17.50
C ILE B 110 -23.49 -75.05 -18.61
N THR B 111 -24.03 -75.40 -19.78
CA THR B 111 -24.02 -74.49 -20.93
C THR B 111 -25.34 -73.78 -21.13
N GLU B 112 -26.32 -74.15 -20.34
CA GLU B 112 -27.64 -73.58 -20.47
C GLU B 112 -27.89 -72.47 -19.45
N GLU B 113 -28.53 -71.39 -19.90
CA GLU B 113 -28.96 -70.33 -19.00
C GLU B 113 -27.83 -69.86 -18.09
N ARG B 114 -26.69 -69.60 -18.70
CA ARG B 114 -25.51 -69.19 -17.98
C ARG B 114 -25.64 -67.83 -17.32
N ILE B 115 -24.89 -67.66 -16.24
CA ILE B 115 -24.80 -66.39 -15.55
C ILE B 115 -24.17 -65.44 -16.55
N PRO B 116 -24.72 -64.24 -16.71
CA PRO B 116 -24.23 -63.28 -17.68
C PRO B 116 -22.83 -62.76 -17.39
N ASN B 117 -22.20 -62.22 -18.42
CA ASN B 117 -20.91 -61.57 -18.29
C ASN B 117 -21.20 -60.29 -17.52
N ASN B 118 -20.16 -59.66 -16.99
CA ASN B 118 -20.33 -58.40 -16.30
C ASN B 118 -21.26 -58.50 -15.11
N THR B 119 -21.28 -59.67 -14.48
CA THR B 119 -22.07 -59.89 -13.28
C THR B 119 -21.36 -59.20 -12.11
N GLN B 120 -22.14 -58.49 -11.31
CA GLN B 120 -21.59 -57.66 -10.24
C GLN B 120 -21.38 -58.41 -8.94
N TRP B 121 -22.21 -59.42 -8.70
CA TRP B 121 -22.08 -60.21 -7.51
C TRP B 121 -22.88 -61.50 -7.64
N VAL B 122 -22.38 -62.57 -7.04
CA VAL B 122 -23.07 -63.86 -7.04
C VAL B 122 -22.94 -64.46 -5.66
N THR B 123 -24.00 -65.08 -5.18
CA THR B 123 -23.94 -65.78 -3.90
C THR B 123 -24.85 -67.01 -3.88
N TRP B 124 -24.33 -68.13 -3.37
CA TRP B 124 -25.14 -69.32 -3.20
C TRP B 124 -26.05 -69.08 -2.00
N SER B 125 -27.15 -69.82 -1.93
CA SER B 125 -27.96 -69.84 -0.74
C SER B 125 -27.10 -70.54 0.30
N PRO B 126 -27.36 -70.33 1.58
CA PRO B 126 -26.56 -70.93 2.65
C PRO B 126 -26.72 -72.43 2.74
N VAL B 127 -27.78 -72.98 2.16
CA VAL B 127 -27.96 -74.43 2.10
C VAL B 127 -28.46 -74.74 0.70
N GLY B 128 -28.13 -75.92 0.19
CA GLY B 128 -28.57 -76.27 -1.14
C GLY B 128 -27.70 -75.63 -2.21
N HIS B 129 -28.33 -75.17 -3.29
CA HIS B 129 -27.56 -74.60 -4.38
C HIS B 129 -28.34 -73.59 -5.19
N LYS B 130 -29.16 -72.79 -4.52
CA LYS B 130 -29.82 -71.71 -5.24
C LYS B 130 -28.77 -70.65 -5.44
N LEU B 131 -28.98 -69.85 -6.47
CA LEU B 131 -28.06 -68.80 -6.82
C LEU B 131 -28.78 -67.45 -6.85
N ALA B 132 -28.17 -66.43 -6.26
CA ALA B 132 -28.66 -65.08 -6.45
C ALA B 132 -27.52 -64.28 -7.07
N TYR B 133 -27.81 -63.51 -8.10
CA TYR B 133 -26.78 -62.69 -8.70
C TYR B 133 -27.30 -61.33 -9.08
N VAL B 134 -26.38 -60.37 -9.16
CA VAL B 134 -26.75 -59.02 -9.55
C VAL B 134 -26.09 -58.73 -10.88
N TRP B 135 -26.88 -58.21 -11.80
CA TRP B 135 -26.41 -57.90 -13.12
C TRP B 135 -27.15 -56.66 -13.56
N ASN B 136 -26.41 -55.68 -14.06
CA ASN B 136 -26.97 -54.40 -14.45
C ASN B 136 -27.76 -53.75 -13.31
N ASN B 137 -27.27 -53.93 -12.09
CA ASN B 137 -27.86 -53.38 -10.88
C ASN B 137 -29.20 -54.02 -10.49
N ASP B 138 -29.52 -55.17 -11.08
CA ASP B 138 -30.76 -55.85 -10.77
C ASP B 138 -30.51 -57.25 -10.21
N ILE B 139 -31.44 -57.73 -9.40
CA ILE B 139 -31.29 -59.03 -8.76
C ILE B 139 -31.97 -60.14 -9.53
N TYR B 140 -31.28 -61.28 -9.62
CA TYR B 140 -31.79 -62.45 -10.30
C TYR B 140 -31.60 -63.67 -9.44
N VAL B 141 -32.50 -64.63 -9.54
CA VAL B 141 -32.35 -65.86 -8.78
C VAL B 141 -32.46 -67.09 -9.66
N LYS B 142 -31.59 -68.07 -9.43
CA LYS B 142 -31.65 -69.35 -10.13
C LYS B 142 -31.91 -70.38 -9.06
N ILE B 143 -33.00 -71.14 -9.22
CA ILE B 143 -33.30 -72.21 -8.28
C ILE B 143 -32.43 -73.42 -8.58
N GLU B 144 -32.16 -73.64 -9.86
CA GLU B 144 -31.23 -74.69 -10.26
C GLU B 144 -30.29 -74.07 -11.30
N PRO B 145 -29.00 -74.38 -11.20
CA PRO B 145 -28.00 -73.78 -12.08
C PRO B 145 -28.28 -73.89 -13.58
N ASN B 146 -29.04 -74.88 -14.02
CA ASN B 146 -29.29 -75.03 -15.45
C ASN B 146 -30.60 -74.44 -15.96
N LEU B 147 -31.35 -73.80 -15.07
CA LEU B 147 -32.67 -73.28 -15.40
C LEU B 147 -32.67 -71.75 -15.56
N PRO B 148 -33.63 -71.21 -16.32
CA PRO B 148 -33.73 -69.75 -16.51
C PRO B 148 -33.75 -69.03 -15.18
N SER B 149 -33.25 -67.79 -15.16
CA SER B 149 -33.25 -67.00 -13.93
C SER B 149 -34.57 -66.28 -13.76
N TYR B 150 -34.93 -66.02 -12.51
CA TYR B 150 -36.08 -65.20 -12.20
C TYR B 150 -35.57 -63.79 -11.93
N ARG B 151 -36.08 -62.80 -12.65
CA ARG B 151 -35.68 -61.42 -12.35
C ARG B 151 -36.46 -60.90 -11.16
N ILE B 152 -35.75 -60.52 -10.10
CA ILE B 152 -36.38 -60.00 -8.90
C ILE B 152 -36.69 -58.51 -8.99
N THR B 153 -35.75 -57.72 -9.50
CA THR B 153 -35.95 -56.27 -9.56
C THR B 153 -35.82 -55.78 -10.98
N TRP B 154 -36.52 -54.69 -11.30
CA TRP B 154 -36.54 -54.17 -12.66
C TRP B 154 -36.13 -52.70 -12.70
N THR B 155 -35.77 -52.16 -11.54
CA THR B 155 -35.45 -50.74 -11.43
C THR B 155 -33.97 -50.40 -11.50
N GLY B 156 -33.12 -51.42 -11.57
CA GLY B 156 -31.69 -51.20 -11.59
C GLY B 156 -31.30 -50.14 -12.60
N LYS B 157 -30.47 -49.19 -12.20
CA LYS B 157 -30.01 -48.14 -13.10
C LYS B 157 -28.60 -47.66 -12.74
N GLU B 158 -27.68 -47.84 -13.68
CA GLU B 158 -26.27 -47.51 -13.50
C GLU B 158 -26.10 -46.16 -12.81
N ASP B 159 -25.40 -46.12 -11.69
CA ASP B 159 -25.05 -44.92 -10.95
C ASP B 159 -26.27 -44.32 -10.26
N ILE B 160 -27.44 -44.89 -10.33
CA ILE B 160 -28.62 -44.31 -9.71
C ILE B 160 -29.34 -45.24 -8.73
N ILE B 161 -29.83 -46.37 -9.23
CA ILE B 161 -30.53 -47.36 -8.42
C ILE B 161 -29.73 -48.66 -8.34
N TYR B 162 -29.36 -49.06 -7.13
CA TYR B 162 -28.62 -50.29 -6.91
C TYR B 162 -29.47 -51.32 -6.14
N ASN B 163 -29.72 -52.48 -6.74
CA ASN B 163 -30.48 -53.53 -6.05
C ASN B 163 -29.56 -54.70 -5.75
N GLY B 164 -29.35 -55.00 -4.48
CA GLY B 164 -28.55 -56.15 -4.13
C GLY B 164 -27.06 -55.87 -4.02
N ILE B 165 -26.66 -54.66 -4.42
CA ILE B 165 -25.27 -54.21 -4.29
C ILE B 165 -25.25 -52.80 -3.72
N THR B 166 -24.15 -52.42 -3.10
CA THR B 166 -24.03 -51.09 -2.54
C THR B 166 -23.54 -50.04 -3.55
N ASP B 167 -23.66 -48.76 -3.15
CA ASP B 167 -23.05 -47.70 -3.93
C ASP B 167 -21.70 -47.49 -3.28
N TRP B 168 -20.94 -46.50 -3.71
CA TRP B 168 -19.59 -46.32 -3.14
C TRP B 168 -19.49 -46.20 -1.60
N VAL B 169 -20.30 -45.34 -0.97
CA VAL B 169 -20.17 -45.11 0.47
C VAL B 169 -20.58 -46.30 1.31
N TYR B 170 -21.65 -46.94 0.92
CA TYR B 170 -22.12 -48.09 1.68
C TYR B 170 -21.07 -49.16 1.61
N GLU B 171 -20.55 -49.39 0.40
CA GLU B 171 -19.51 -50.40 0.26
C GLU B 171 -18.34 -50.13 1.19
N GLU B 172 -17.78 -48.94 1.06
CA GLU B 172 -16.57 -48.62 1.78
C GLU B 172 -16.76 -48.33 3.27
N GLU B 173 -17.81 -47.60 3.61
CA GLU B 173 -17.94 -47.11 4.98
C GLU B 173 -19.04 -47.75 5.81
N VAL B 174 -20.08 -48.25 5.17
CA VAL B 174 -21.18 -48.82 5.95
C VAL B 174 -21.06 -50.33 6.06
N PHE B 175 -21.10 -51.05 4.94
CA PHE B 175 -21.03 -52.52 4.98
C PHE B 175 -19.62 -53.15 4.94
N SER B 176 -18.67 -52.52 4.25
CA SER B 176 -17.36 -53.10 4.05
C SER B 176 -17.53 -54.28 3.11
N ALA B 177 -18.51 -54.16 2.24
CA ALA B 177 -18.79 -55.22 1.31
C ALA B 177 -19.57 -54.61 0.19
N TYR B 178 -19.52 -55.26 -0.97
CA TYR B 178 -20.25 -54.83 -2.13
C TYR B 178 -21.65 -55.41 -2.05
N SER B 179 -21.74 -56.60 -1.48
CA SER B 179 -23.01 -57.30 -1.41
C SER B 179 -24.05 -56.66 -0.51
N ALA B 180 -25.26 -56.53 -1.03
CA ALA B 180 -26.38 -56.07 -0.23
C ALA B 180 -27.51 -57.08 -0.39
N LEU B 181 -27.14 -58.36 -0.30
CA LEU B 181 -28.07 -59.48 -0.42
C LEU B 181 -27.86 -60.34 0.79
N TRP B 182 -28.93 -60.77 1.44
CA TRP B 182 -28.82 -61.61 2.64
C TRP B 182 -29.85 -62.76 2.65
N TRP B 183 -29.38 -63.98 2.40
CA TRP B 183 -30.25 -65.14 2.40
C TRP B 183 -30.68 -65.49 3.81
N SER B 184 -31.88 -66.02 3.96
CA SER B 184 -32.31 -66.54 5.26
C SER B 184 -31.50 -67.82 5.47
N PRO B 185 -31.30 -68.25 6.70
CA PRO B 185 -30.43 -69.40 6.98
C PRO B 185 -30.71 -70.63 6.08
N ASN B 186 -31.96 -70.95 5.80
CA ASN B 186 -32.22 -72.12 4.95
C ASN B 186 -32.53 -71.83 3.48
N GLY B 187 -32.38 -70.57 3.08
CA GLY B 187 -32.56 -70.18 1.70
C GLY B 187 -33.96 -69.81 1.23
N THR B 188 -34.95 -69.89 2.11
CA THR B 188 -36.30 -69.56 1.66
C THR B 188 -36.41 -68.10 1.23
N PHE B 189 -35.90 -67.20 2.07
CA PHE B 189 -36.04 -65.78 1.80
C PHE B 189 -34.74 -65.14 1.31
N LEU B 190 -34.87 -64.21 0.38
CA LEU B 190 -33.74 -63.42 -0.06
C LEU B 190 -34.00 -61.96 0.36
N ALA B 191 -33.25 -61.49 1.34
CA ALA B 191 -33.40 -60.10 1.76
C ALA B 191 -32.42 -59.28 0.95
N TYR B 192 -32.79 -58.05 0.62
CA TYR B 192 -31.87 -57.15 -0.05
C TYR B 192 -32.13 -55.69 0.29
N ALA B 193 -31.14 -54.87 -0.02
CA ALA B 193 -31.26 -53.44 0.15
C ALA B 193 -31.24 -52.81 -1.23
N GLN B 194 -31.89 -51.67 -1.36
CA GLN B 194 -31.88 -50.91 -2.60
C GLN B 194 -31.37 -49.52 -2.27
N PHE B 195 -30.44 -49.02 -3.07
CA PHE B 195 -29.89 -47.71 -2.80
C PHE B 195 -30.23 -46.79 -3.95
N ASN B 196 -30.58 -45.57 -3.61
CA ASN B 196 -30.96 -44.57 -4.58
C ASN B 196 -29.95 -43.42 -4.45
N ASP B 197 -29.20 -43.18 -5.51
CA ASP B 197 -28.14 -42.16 -5.49
C ASP B 197 -28.44 -41.00 -6.43
N THR B 198 -29.72 -40.86 -6.77
CA THR B 198 -30.18 -39.83 -7.69
C THR B 198 -29.57 -38.45 -7.53
N GLU B 199 -29.58 -37.90 -6.33
CA GLU B 199 -29.05 -36.55 -6.17
C GLU B 199 -27.68 -36.49 -5.52
N VAL B 200 -27.01 -37.64 -5.42
CA VAL B 200 -25.66 -37.69 -4.86
C VAL B 200 -24.70 -37.13 -5.92
N PRO B 201 -23.91 -36.12 -5.56
CA PRO B 201 -22.99 -35.51 -6.51
C PRO B 201 -21.94 -36.51 -6.92
N LEU B 202 -21.37 -36.30 -8.09
CA LEU B 202 -20.38 -37.22 -8.62
C LEU B 202 -18.97 -36.69 -8.49
N ILE B 203 -18.08 -37.47 -7.88
CA ILE B 203 -16.69 -37.09 -7.94
C ILE B 203 -16.26 -37.45 -9.36
N GLU B 204 -15.46 -36.58 -9.97
CA GLU B 204 -14.98 -36.81 -11.33
C GLU B 204 -13.46 -36.68 -11.34
N TYR B 205 -12.80 -37.64 -11.98
CA TYR B 205 -11.37 -37.60 -12.13
C TYR B 205 -10.96 -38.26 -13.44
N SER B 206 -9.76 -37.94 -13.88
CA SER B 206 -9.22 -38.49 -15.10
C SER B 206 -8.64 -39.88 -14.91
N PHE B 207 -8.84 -40.72 -15.91
CA PHE B 207 -8.21 -42.02 -15.93
C PHE B 207 -7.51 -42.09 -17.27
N TYR B 208 -6.19 -42.21 -17.22
CA TYR B 208 -5.35 -42.12 -18.41
C TYR B 208 -5.27 -43.43 -19.21
N SER B 209 -5.35 -44.54 -18.48
CA SER B 209 -5.32 -45.88 -19.06
C SER B 209 -4.05 -46.17 -19.83
N ASP B 210 -4.09 -47.24 -20.63
CA ASP B 210 -2.96 -47.60 -21.45
C ASP B 210 -2.58 -46.43 -22.33
N GLU B 211 -1.31 -46.35 -22.68
CA GLU B 211 -0.86 -45.25 -23.51
C GLU B 211 -1.58 -45.21 -24.87
N SER B 212 -2.24 -46.32 -25.22
CA SER B 212 -3.10 -46.41 -26.42
C SER B 212 -4.30 -45.46 -26.44
N LEU B 213 -4.87 -45.22 -25.28
CA LEU B 213 -6.01 -44.31 -25.20
C LEU B 213 -5.58 -42.89 -25.58
N GLN B 214 -6.14 -42.38 -26.68
CA GLN B 214 -5.79 -41.07 -27.18
C GLN B 214 -6.32 -39.94 -26.28
N TYR B 215 -7.54 -40.09 -25.80
CA TYR B 215 -8.17 -39.12 -24.92
C TYR B 215 -8.46 -39.78 -23.58
N PRO B 216 -8.05 -39.15 -22.49
CA PRO B 216 -8.26 -39.71 -21.15
C PRO B 216 -9.73 -39.85 -20.89
N LYS B 217 -10.07 -40.82 -20.05
CA LYS B 217 -11.44 -41.04 -19.67
C LYS B 217 -11.74 -40.23 -18.42
N THR B 218 -12.95 -39.70 -18.31
CA THR B 218 -13.33 -39.10 -17.06
C THR B 218 -14.14 -40.11 -16.26
N VAL B 219 -13.65 -40.51 -15.10
CA VAL B 219 -14.40 -41.40 -14.24
C VAL B 219 -15.35 -40.55 -13.40
N ARG B 220 -16.59 -41.01 -13.26
CA ARG B 220 -17.58 -40.28 -12.50
C ARG B 220 -18.26 -41.23 -11.53
N VAL B 221 -18.14 -40.97 -10.24
CA VAL B 221 -18.71 -41.85 -9.23
C VAL B 221 -19.60 -41.06 -8.26
N PRO B 222 -20.80 -41.56 -7.99
CA PRO B 222 -21.66 -40.96 -6.97
C PRO B 222 -20.95 -41.10 -5.63
N TYR B 223 -20.65 -39.97 -4.99
CA TYR B 223 -19.83 -39.98 -3.81
C TYR B 223 -20.20 -38.76 -2.99
N PRO B 224 -20.86 -38.99 -1.88
CA PRO B 224 -21.29 -37.90 -1.00
C PRO B 224 -20.13 -37.37 -0.19
N LYS B 225 -19.65 -36.17 -0.47
CA LYS B 225 -18.65 -35.63 0.43
C LYS B 225 -19.42 -35.11 1.66
N ALA B 226 -18.71 -34.84 2.76
CA ALA B 226 -19.32 -34.35 3.99
C ALA B 226 -20.39 -33.29 3.79
N GLY B 227 -21.58 -33.55 4.33
CA GLY B 227 -22.68 -32.61 4.26
C GLY B 227 -23.46 -32.63 2.97
N ALA B 228 -23.04 -33.45 2.01
CA ALA B 228 -23.74 -33.50 0.72
C ALA B 228 -24.94 -34.41 0.84
N VAL B 229 -25.81 -34.45 -0.15
CA VAL B 229 -26.94 -35.36 -0.05
C VAL B 229 -26.48 -36.80 -0.20
N ASN B 230 -26.96 -37.65 0.72
CA ASN B 230 -26.60 -39.05 0.81
C ASN B 230 -27.54 -39.91 0.00
N PRO B 231 -27.13 -41.13 -0.33
CA PRO B 231 -28.03 -42.02 -1.04
C PRO B 231 -29.16 -42.39 -0.09
N THR B 232 -30.31 -42.77 -0.61
CA THR B 232 -31.34 -43.29 0.27
C THR B 232 -31.35 -44.81 0.15
N VAL B 233 -32.01 -45.47 1.10
CA VAL B 233 -32.01 -46.92 1.14
C VAL B 233 -33.41 -47.45 1.48
N LYS B 234 -33.74 -48.57 0.85
CA LYS B 234 -34.98 -49.30 1.12
C LYS B 234 -34.60 -50.74 1.34
N PHE B 235 -35.40 -51.45 2.13
CA PHE B 235 -35.08 -52.83 2.44
C PHE B 235 -36.24 -53.73 2.05
N PHE B 236 -35.93 -54.87 1.44
CA PHE B 236 -36.96 -55.79 0.94
C PHE B 236 -36.64 -57.26 1.18
N VAL B 237 -37.68 -58.06 1.38
CA VAL B 237 -37.53 -59.50 1.50
C VAL B 237 -38.44 -60.19 0.46
N VAL B 238 -37.86 -61.14 -0.27
CA VAL B 238 -38.61 -61.88 -1.28
C VAL B 238 -38.55 -63.37 -0.97
N ASN B 239 -39.69 -64.03 -1.08
CA ASN B 239 -39.74 -65.48 -0.87
C ASN B 239 -39.29 -66.18 -2.13
N THR B 240 -38.13 -66.82 -2.10
CA THR B 240 -37.63 -67.48 -3.30
C THR B 240 -38.36 -68.77 -3.63
N ASP B 241 -38.96 -69.38 -2.61
CA ASP B 241 -39.75 -70.62 -2.81
C ASP B 241 -41.04 -70.36 -3.60
N SER B 242 -41.51 -69.12 -3.62
CA SER B 242 -42.76 -68.85 -4.35
C SER B 242 -42.58 -68.06 -5.63
N LEU B 243 -41.36 -68.12 -6.17
CA LEU B 243 -41.04 -67.48 -7.44
C LEU B 243 -41.88 -68.14 -8.53
N SER B 244 -42.24 -67.37 -9.56
CA SER B 244 -43.07 -67.88 -10.64
C SER B 244 -42.59 -67.41 -12.00
N SER B 245 -42.76 -68.26 -13.00
CA SER B 245 -42.32 -67.92 -14.36
C SER B 245 -43.36 -67.11 -15.09
N VAL B 246 -44.54 -66.99 -14.49
CA VAL B 246 -45.64 -66.32 -15.17
C VAL B 246 -46.00 -65.01 -14.47
N THR B 247 -45.51 -64.83 -13.25
CA THR B 247 -45.71 -63.56 -12.58
C THR B 247 -44.40 -63.00 -12.00
N ASN B 248 -44.30 -61.68 -11.96
CA ASN B 248 -43.14 -61.03 -11.40
C ASN B 248 -43.06 -61.30 -9.91
N ALA B 249 -41.85 -61.22 -9.37
CA ALA B 249 -41.66 -61.52 -7.96
C ALA B 249 -42.17 -60.40 -7.08
N THR B 250 -42.66 -60.79 -5.92
CA THR B 250 -43.18 -59.84 -4.96
C THR B 250 -42.14 -59.60 -3.89
N SER B 251 -41.60 -58.39 -3.85
CA SER B 251 -40.65 -58.08 -2.80
C SER B 251 -41.46 -57.38 -1.73
N ILE B 252 -41.29 -57.83 -0.51
CA ILE B 252 -41.97 -57.25 0.63
C ILE B 252 -41.06 -56.22 1.25
N GLN B 253 -41.52 -54.98 1.34
CA GLN B 253 -40.71 -53.96 1.94
C GLN B 253 -40.85 -53.92 3.46
N ILE B 254 -39.72 -53.68 4.12
CA ILE B 254 -39.66 -53.45 5.55
C ILE B 254 -39.18 -52.01 5.66
N THR B 255 -39.96 -51.15 6.33
CA THR B 255 -39.59 -49.76 6.45
C THR B 255 -38.76 -49.52 7.70
N ALA B 256 -37.89 -48.53 7.66
CA ALA B 256 -37.10 -48.15 8.84
C ALA B 256 -38.05 -47.54 9.87
N PRO B 257 -37.68 -47.62 11.14
CA PRO B 257 -38.51 -47.06 12.21
C PRO B 257 -38.78 -45.56 11.99
N ALA B 258 -39.91 -45.10 12.54
CA ALA B 258 -40.31 -43.71 12.45
C ALA B 258 -39.21 -42.80 12.96
N SER B 259 -38.54 -43.20 14.03
CA SER B 259 -37.48 -42.39 14.57
C SER B 259 -36.26 -42.25 13.62
N MET B 260 -36.28 -42.97 12.50
CA MET B 260 -35.23 -42.83 11.51
C MET B 260 -35.77 -42.07 10.33
N LEU B 261 -37.03 -42.38 9.98
CA LEU B 261 -37.67 -41.74 8.84
C LEU B 261 -37.79 -40.23 8.96
N ILE B 262 -37.64 -39.71 10.16
CA ILE B 262 -37.78 -38.27 10.39
C ILE B 262 -36.66 -37.50 9.68
N GLY B 263 -35.54 -38.19 9.43
CA GLY B 263 -34.43 -37.59 8.74
C GLY B 263 -33.59 -38.54 7.88
N ASP B 264 -32.39 -38.08 7.54
CA ASP B 264 -31.43 -38.88 6.82
C ASP B 264 -31.00 -39.98 7.76
N HIS B 265 -30.83 -41.17 7.23
CA HIS B 265 -30.41 -42.28 8.07
C HIS B 265 -29.72 -43.28 7.16
N TYR B 266 -29.21 -44.36 7.75
CA TYR B 266 -28.57 -45.45 7.03
C TYR B 266 -29.05 -46.79 7.52
N LEU B 267 -29.04 -47.77 6.62
CA LEU B 267 -29.23 -49.16 7.02
C LEU B 267 -27.81 -49.60 7.37
N CYS B 268 -27.57 -50.06 8.58
CA CYS B 268 -26.20 -50.34 8.97
C CYS B 268 -25.88 -51.80 9.31
N ASP B 269 -26.89 -52.64 9.46
CA ASP B 269 -26.65 -54.06 9.73
C ASP B 269 -27.91 -54.88 9.48
N VAL B 270 -27.72 -56.05 8.86
CA VAL B 270 -28.75 -57.01 8.59
C VAL B 270 -28.25 -58.34 9.12
N THR B 271 -29.00 -58.94 10.05
CA THR B 271 -28.60 -60.23 10.60
C THR B 271 -29.83 -61.12 10.74
N TRP B 272 -29.85 -62.24 10.04
CA TRP B 272 -30.96 -63.18 10.17
C TRP B 272 -30.90 -63.84 11.53
N ALA B 273 -32.06 -63.97 12.19
CA ALA B 273 -32.08 -64.58 13.52
C ALA B 273 -32.54 -66.04 13.46
N THR B 274 -33.57 -66.27 12.66
CA THR B 274 -34.12 -67.60 12.46
C THR B 274 -34.59 -67.63 11.04
N GLN B 275 -35.21 -68.74 10.65
CA GLN B 275 -35.76 -68.90 9.31
C GLN B 275 -36.83 -67.86 9.01
N GLU B 276 -37.43 -67.29 10.05
CA GLU B 276 -38.55 -66.37 9.83
C GLU B 276 -38.41 -65.07 10.61
N ARG B 277 -37.21 -64.80 11.10
CA ARG B 277 -36.98 -63.60 11.87
C ARG B 277 -35.68 -62.95 11.43
N ILE B 278 -35.76 -61.68 11.08
CA ILE B 278 -34.61 -60.94 10.60
C ILE B 278 -34.44 -59.65 11.41
N SER B 279 -33.23 -59.37 11.84
CA SER B 279 -32.98 -58.13 12.56
C SER B 279 -32.24 -57.13 11.67
N LEU B 280 -32.64 -55.86 11.80
CA LEU B 280 -32.10 -54.76 11.02
C LEU B 280 -31.65 -53.67 11.97
N GLN B 281 -30.46 -53.15 11.73
CA GLN B 281 -29.97 -52.03 12.51
C GLN B 281 -29.88 -50.79 11.64
N TRP B 282 -30.51 -49.72 12.12
CA TRP B 282 -30.56 -48.45 11.44
C TRP B 282 -29.79 -47.41 12.24
N LEU B 283 -29.22 -46.44 11.53
CA LEU B 283 -28.35 -45.44 12.09
C LEU B 283 -28.76 -44.10 11.53
N ARG B 284 -28.91 -43.10 12.40
CA ARG B 284 -29.25 -41.74 11.95
C ARG B 284 -28.04 -41.07 11.31
N ARG B 285 -28.25 -40.11 10.42
CA ARG B 285 -27.13 -39.43 9.78
C ARG B 285 -26.18 -38.86 10.82
N ILE B 286 -26.72 -38.37 11.94
CA ILE B 286 -25.85 -38.01 13.06
C ILE B 286 -25.72 -39.33 13.80
N GLN B 287 -24.54 -39.91 13.72
CA GLN B 287 -24.30 -41.27 14.14
C GLN B 287 -24.18 -41.61 15.62
N ASN B 288 -24.96 -40.94 16.46
CA ASN B 288 -24.97 -41.30 17.87
C ASN B 288 -26.28 -41.99 18.27
N TYR B 289 -27.09 -42.36 17.29
CA TYR B 289 -28.39 -42.99 17.57
C TYR B 289 -28.71 -44.11 16.60
N SER B 290 -28.77 -45.34 17.09
CA SER B 290 -29.15 -46.45 16.22
C SER B 290 -30.31 -47.23 16.80
N VAL B 291 -31.12 -47.80 15.93
CA VAL B 291 -32.25 -48.60 16.36
C VAL B 291 -32.17 -49.97 15.72
N MET B 292 -32.32 -51.01 16.53
CA MET B 292 -32.40 -52.35 15.99
C MET B 292 -33.83 -52.78 15.96
N ASP B 293 -34.34 -53.08 14.78
CA ASP B 293 -35.67 -53.67 14.64
C ASP B 293 -35.50 -55.18 14.50
N ILE B 294 -36.50 -55.91 15.00
CA ILE B 294 -36.52 -57.35 14.88
C ILE B 294 -37.87 -57.68 14.24
N CYS B 295 -37.82 -58.26 13.04
CA CYS B 295 -39.03 -58.45 12.26
C CYS B 295 -39.35 -59.91 11.94
N ASP B 296 -40.60 -60.29 12.20
CA ASP B 296 -41.07 -61.65 11.98
C ASP B 296 -41.94 -61.78 10.74
N TYR B 297 -41.79 -62.92 10.06
CA TYR B 297 -42.62 -63.24 8.92
C TYR B 297 -44.00 -63.65 9.42
N ASP B 298 -45.04 -63.29 8.68
CA ASP B 298 -46.41 -63.66 9.02
C ASP B 298 -46.94 -64.63 7.97
N GLU B 299 -47.11 -65.89 8.36
CA GLU B 299 -47.57 -66.94 7.44
C GLU B 299 -48.79 -66.55 6.62
N SER B 300 -49.79 -65.98 7.28
CA SER B 300 -51.00 -65.61 6.55
C SER B 300 -50.72 -64.45 5.59
N SER B 301 -50.42 -63.28 6.13
CA SER B 301 -50.10 -62.09 5.31
C SER B 301 -49.16 -62.32 4.14
N GLY B 302 -48.04 -62.98 4.41
CA GLY B 302 -46.98 -63.09 3.44
C GLY B 302 -46.15 -61.82 3.58
N ARG B 303 -46.37 -61.14 4.70
CA ARG B 303 -45.69 -59.89 5.00
C ARG B 303 -44.71 -60.05 6.14
N TRP B 304 -43.95 -58.99 6.41
CA TRP B 304 -43.01 -59.00 7.50
C TRP B 304 -43.40 -57.87 8.44
N ASN B 305 -43.31 -58.11 9.75
CA ASN B 305 -43.72 -57.10 10.71
C ASN B 305 -42.71 -56.95 11.84
N CYS B 306 -42.44 -55.71 12.22
CA CYS B 306 -41.51 -55.41 13.30
C CYS B 306 -42.24 -54.82 14.51
N LEU B 307 -42.18 -55.52 15.64
CA LEU B 307 -42.88 -55.08 16.86
C LEU B 307 -42.10 -54.04 17.65
N VAL B 308 -42.73 -52.91 17.88
CA VAL B 308 -42.11 -51.82 18.63
C VAL B 308 -41.50 -52.30 19.94
N ALA B 309 -42.18 -53.20 20.64
CA ALA B 309 -41.66 -53.71 21.91
C ALA B 309 -40.42 -54.56 21.71
N ARG B 310 -40.03 -54.77 20.46
CA ARG B 310 -38.81 -55.52 20.18
C ARG B 310 -37.69 -54.63 19.65
N GLN B 311 -37.95 -53.34 19.58
CA GLN B 311 -36.93 -52.39 19.15
C GLN B 311 -35.93 -52.18 20.25
N HIS B 312 -34.66 -52.18 19.89
CA HIS B 312 -33.60 -51.90 20.84
C HIS B 312 -32.85 -50.66 20.36
N ILE B 313 -32.61 -49.73 21.28
CA ILE B 313 -31.95 -48.50 20.93
C ILE B 313 -30.54 -48.53 21.46
N GLU B 314 -29.59 -48.04 20.66
CA GLU B 314 -28.22 -47.96 21.09
C GLU B 314 -27.76 -46.54 20.78
N MET B 315 -27.40 -45.81 21.82
CA MET B 315 -26.97 -44.43 21.63
C MET B 315 -25.68 -44.15 22.36
N SER B 316 -25.09 -42.99 22.09
CA SER B 316 -23.86 -42.59 22.76
C SER B 316 -23.96 -41.11 23.06
N THR B 317 -23.58 -40.72 24.27
CA THR B 317 -23.57 -39.30 24.67
C THR B 317 -22.17 -38.73 24.54
N THR B 318 -21.20 -39.59 24.28
CA THR B 318 -19.82 -39.12 24.17
C THR B 318 -19.31 -39.12 22.73
N GLY B 319 -19.92 -39.94 21.87
CA GLY B 319 -19.47 -40.01 20.51
C GLY B 319 -20.44 -40.67 19.56
N TRP B 320 -19.92 -41.56 18.73
CA TRP B 320 -20.73 -42.24 17.75
C TRP B 320 -21.09 -43.60 18.32
N VAL B 321 -21.84 -44.40 17.59
CA VAL B 321 -22.15 -45.74 18.09
C VAL B 321 -21.31 -46.82 17.41
N GLY B 322 -20.66 -47.63 18.24
CA GLY B 322 -19.85 -48.72 17.75
C GLY B 322 -18.43 -48.28 17.45
N ARG B 323 -17.57 -49.23 17.13
CA ARG B 323 -16.22 -48.85 16.77
C ARG B 323 -16.28 -48.05 15.48
N PHE B 324 -16.88 -48.63 14.44
CA PHE B 324 -17.12 -47.90 13.20
C PHE B 324 -18.60 -47.91 12.84
N ARG B 325 -19.31 -48.89 13.40
CA ARG B 325 -20.73 -49.05 13.17
C ARG B 325 -21.24 -49.87 14.34
N PRO B 326 -22.54 -49.81 14.61
CA PRO B 326 -23.12 -50.61 15.69
C PRO B 326 -22.77 -52.08 15.52
N SER B 327 -22.42 -52.77 16.59
CA SER B 327 -22.07 -54.17 16.49
C SER B 327 -23.20 -55.08 15.97
N GLU B 328 -22.81 -56.24 15.44
CA GLU B 328 -23.78 -57.22 14.95
C GLU B 328 -24.21 -58.13 16.10
N PRO B 329 -25.48 -58.52 16.11
CA PRO B 329 -26.00 -59.42 17.14
C PRO B 329 -25.78 -60.90 16.80
N HIS B 330 -25.60 -61.72 17.83
CA HIS B 330 -25.49 -63.17 17.66
C HIS B 330 -26.64 -63.84 18.41
N PHE B 331 -27.62 -64.28 17.64
CA PHE B 331 -28.85 -64.85 18.19
C PHE B 331 -28.69 -66.28 18.66
N THR B 332 -29.33 -66.59 19.78
CA THR B 332 -29.35 -67.97 20.24
C THR B 332 -30.19 -68.72 19.22
N LEU B 333 -30.10 -70.03 19.23
CA LEU B 333 -30.82 -70.85 18.28
C LEU B 333 -32.32 -70.50 18.12
N ASP B 334 -33.04 -70.39 19.23
CA ASP B 334 -34.48 -70.11 19.15
C ASP B 334 -34.83 -68.69 18.68
N GLY B 335 -33.81 -67.84 18.60
CA GLY B 335 -34.01 -66.48 18.11
C GLY B 335 -34.78 -65.55 19.03
N ASN B 336 -34.88 -65.93 20.30
CA ASN B 336 -35.59 -65.10 21.27
C ASN B 336 -34.62 -64.31 22.11
N SER B 337 -33.33 -64.55 21.87
CA SER B 337 -32.29 -63.92 22.63
C SER B 337 -31.06 -63.66 21.75
N PHE B 338 -30.21 -62.73 22.16
CA PHE B 338 -28.99 -62.46 21.41
C PHE B 338 -27.89 -61.83 22.25
N TYR B 339 -26.66 -62.03 21.79
CA TYR B 339 -25.50 -61.45 22.44
C TYR B 339 -24.92 -60.39 21.53
N LYS B 340 -24.38 -59.32 22.11
CA LYS B 340 -23.71 -58.32 21.28
C LYS B 340 -22.84 -57.39 22.09
N ILE B 341 -21.81 -56.87 21.44
CA ILE B 341 -20.85 -56.02 22.08
C ILE B 341 -21.36 -54.59 22.12
N ILE B 342 -21.35 -53.98 23.30
CA ILE B 342 -21.76 -52.60 23.44
C ILE B 342 -20.92 -51.95 24.53
N SER B 343 -20.85 -50.62 24.54
CA SER B 343 -20.07 -49.96 25.56
C SER B 343 -20.84 -50.06 26.85
N ASN B 344 -20.15 -50.44 27.91
CA ASN B 344 -20.80 -50.51 29.21
C ASN B 344 -20.79 -49.13 29.85
N GLU B 345 -21.21 -49.07 31.11
CA GLU B 345 -21.34 -47.79 31.80
C GLU B 345 -19.99 -47.08 31.95
N GLU B 346 -18.90 -47.85 31.91
CA GLU B 346 -17.58 -47.24 32.05
C GLU B 346 -16.95 -46.94 30.70
N GLY B 347 -17.65 -47.26 29.62
CA GLY B 347 -17.13 -46.99 28.29
C GLY B 347 -16.30 -48.11 27.69
N TYR B 348 -16.26 -49.26 28.37
CA TYR B 348 -15.54 -50.40 27.83
C TYR B 348 -16.51 -51.30 27.10
N ARG B 349 -16.09 -51.78 25.93
CA ARG B 349 -16.92 -52.62 25.09
C ARG B 349 -16.94 -54.06 25.57
N HIS B 350 -18.13 -54.53 25.92
CA HIS B 350 -18.29 -55.86 26.46
C HIS B 350 -19.54 -56.51 25.89
N ILE B 351 -19.66 -57.82 26.11
CA ILE B 351 -20.78 -58.55 25.56
C ILE B 351 -22.02 -58.41 26.40
N CYS B 352 -23.11 -57.98 25.78
CA CYS B 352 -24.36 -57.84 26.49
C CYS B 352 -25.31 -58.91 26.00
N TYR B 353 -26.11 -59.44 26.91
CA TYR B 353 -27.09 -60.48 26.63
C TYR B 353 -28.47 -59.84 26.65
N PHE B 354 -29.16 -59.88 25.51
CA PHE B 354 -30.47 -59.30 25.39
C PHE B 354 -31.52 -60.39 25.25
N GLN B 355 -32.68 -60.15 25.85
CA GLN B 355 -33.85 -60.96 25.57
C GLN B 355 -34.55 -60.14 24.53
N ILE B 356 -35.17 -60.79 23.56
CA ILE B 356 -35.77 -60.06 22.46
C ILE B 356 -36.82 -59.05 22.88
N ASP B 357 -37.64 -59.43 23.88
CA ASP B 357 -38.75 -58.62 24.38
C ASP B 357 -38.32 -57.55 25.40
N LYS B 358 -37.06 -57.55 25.82
CA LYS B 358 -36.64 -56.64 26.90
C LYS B 358 -35.61 -55.54 26.57
N LYS B 359 -35.80 -54.41 27.24
CA LYS B 359 -34.92 -53.26 27.07
C LYS B 359 -33.58 -53.46 27.79
N ASP B 360 -33.63 -53.94 29.02
CA ASP B 360 -32.43 -54.15 29.81
C ASP B 360 -31.66 -55.39 29.37
N CYS B 361 -30.43 -55.22 28.93
CA CYS B 361 -29.60 -56.36 28.62
C CYS B 361 -28.70 -56.52 29.83
N THR B 362 -28.06 -57.68 29.96
CA THR B 362 -27.11 -57.88 31.05
C THR B 362 -25.73 -58.24 30.51
N PHE B 363 -24.68 -57.74 31.19
CA PHE B 363 -23.31 -57.93 30.75
C PHE B 363 -22.71 -59.23 31.22
N ILE B 364 -22.19 -60.01 30.29
CA ILE B 364 -21.60 -61.28 30.66
C ILE B 364 -20.09 -61.16 30.81
N THR B 365 -19.55 -60.03 30.37
CA THR B 365 -18.14 -59.73 30.53
C THR B 365 -18.01 -58.31 31.05
N LYS B 366 -16.88 -58.01 31.69
CA LYS B 366 -16.66 -56.68 32.21
C LYS B 366 -15.20 -56.54 32.52
N GLY B 367 -14.75 -55.31 32.75
CA GLY B 367 -13.37 -55.06 33.11
C GLY B 367 -12.77 -53.98 32.23
N THR B 368 -11.59 -53.52 32.62
CA THR B 368 -10.93 -52.47 31.87
C THR B 368 -10.08 -53.07 30.74
N TRP B 369 -10.79 -53.70 29.81
CA TRP B 369 -10.23 -54.27 28.57
C TRP B 369 -11.45 -54.37 27.67
N GLU B 370 -11.28 -54.84 26.45
CA GLU B 370 -12.43 -54.88 25.56
C GLU B 370 -12.57 -56.18 24.80
N VAL B 371 -13.81 -56.47 24.42
CA VAL B 371 -14.13 -57.60 23.60
C VAL B 371 -14.02 -57.15 22.17
N ILE B 372 -13.15 -57.80 21.42
CA ILE B 372 -12.93 -57.46 20.01
C ILE B 372 -14.07 -57.95 19.16
N GLY B 373 -14.39 -59.24 19.29
CA GLY B 373 -15.50 -59.79 18.52
C GLY B 373 -16.08 -61.08 19.06
N ILE B 374 -17.34 -61.33 18.77
CA ILE B 374 -17.95 -62.61 19.14
C ILE B 374 -17.72 -63.55 17.97
N GLU B 375 -17.02 -64.65 18.22
CA GLU B 375 -16.63 -65.56 17.14
C GLU B 375 -17.57 -66.72 16.85
N ALA B 376 -18.18 -67.27 17.90
CA ALA B 376 -19.12 -68.37 17.74
C ALA B 376 -20.00 -68.49 18.97
N LEU B 377 -21.17 -69.07 18.78
CA LEU B 377 -22.14 -69.23 19.85
C LEU B 377 -22.70 -70.64 19.78
N THR B 378 -22.60 -71.41 20.87
CA THR B 378 -23.28 -72.71 20.93
C THR B 378 -24.37 -72.63 21.97
N SER B 379 -25.00 -73.77 22.25
CA SER B 379 -26.05 -73.80 23.26
C SER B 379 -25.47 -73.61 24.66
N ASP B 380 -24.19 -73.93 24.83
CA ASP B 380 -23.57 -73.86 26.14
C ASP B 380 -22.45 -72.83 26.29
N TYR B 381 -21.84 -72.46 25.18
CA TYR B 381 -20.68 -71.57 25.22
C TYR B 381 -20.73 -70.47 24.18
N LEU B 382 -20.19 -69.32 24.55
CA LEU B 382 -20.00 -68.25 23.59
C LEU B 382 -18.51 -68.03 23.48
N TYR B 383 -17.99 -67.97 22.26
CA TYR B 383 -16.56 -67.78 22.06
C TYR B 383 -16.30 -66.36 21.57
N TYR B 384 -15.27 -65.73 22.10
CA TYR B 384 -14.98 -64.36 21.71
C TYR B 384 -13.50 -64.10 21.75
N ILE B 385 -13.07 -63.03 21.07
CA ILE B 385 -11.68 -62.57 21.13
C ILE B 385 -11.64 -61.31 21.98
N SER B 386 -10.65 -61.19 22.85
CA SER B 386 -10.56 -59.98 23.66
C SER B 386 -9.10 -59.61 23.84
N ASN B 387 -8.86 -58.42 24.37
CA ASN B 387 -7.50 -58.04 24.68
C ASN B 387 -7.28 -58.02 26.19
N GLU B 388 -7.97 -58.90 26.90
CA GLU B 388 -7.82 -58.96 28.35
C GLU B 388 -6.45 -59.46 28.81
N TYR B 389 -5.91 -60.46 28.13
CA TYR B 389 -4.67 -61.06 28.59
C TYR B 389 -3.57 -60.06 28.94
N LYS B 390 -3.11 -60.13 30.18
CA LYS B 390 -2.03 -59.28 30.69
C LYS B 390 -2.31 -57.81 30.50
N GLY B 391 -3.58 -57.45 30.38
CA GLY B 391 -3.94 -56.05 30.20
C GLY B 391 -3.24 -55.37 29.02
N MET B 392 -2.91 -56.13 27.99
CA MET B 392 -2.27 -55.56 26.81
C MET B 392 -3.30 -55.31 25.72
N PRO B 393 -3.65 -54.05 25.52
CA PRO B 393 -4.68 -53.68 24.55
C PRO B 393 -4.38 -54.17 23.14
N GLY B 394 -3.10 -54.36 22.83
CA GLY B 394 -2.70 -54.75 21.50
C GLY B 394 -2.50 -56.24 21.36
N GLY B 395 -2.99 -57.00 22.34
CA GLY B 395 -2.91 -58.46 22.32
C GLY B 395 -4.27 -59.05 21.98
N ARG B 396 -4.29 -60.28 21.51
CA ARG B 396 -5.56 -60.88 21.10
C ARG B 396 -5.58 -62.35 21.45
N ASN B 397 -6.57 -62.76 22.24
CA ASN B 397 -6.71 -64.17 22.58
C ASN B 397 -8.15 -64.61 22.49
N LEU B 398 -8.33 -65.91 22.32
CA LEU B 398 -9.65 -66.51 22.20
C LEU B 398 -10.11 -66.99 23.57
N TYR B 399 -11.34 -66.65 23.95
CA TYR B 399 -11.88 -67.05 25.24
C TYR B 399 -13.21 -67.74 25.06
N LYS B 400 -13.59 -68.48 26.08
CA LYS B 400 -14.84 -69.20 26.05
C LYS B 400 -15.54 -69.08 27.39
N ILE B 401 -16.77 -68.59 27.34
CA ILE B 401 -17.54 -68.34 28.53
C ILE B 401 -18.80 -69.22 28.58
N GLN B 402 -18.99 -69.87 29.73
CA GLN B 402 -20.16 -70.71 29.94
C GLN B 402 -21.43 -69.87 30.02
N LEU B 403 -22.36 -70.13 29.13
CA LEU B 403 -23.60 -69.36 29.09
C LEU B 403 -24.41 -69.48 30.38
N SER B 404 -24.22 -70.57 31.13
CA SER B 404 -24.98 -70.80 32.35
C SER B 404 -24.30 -70.20 33.58
N ASP B 405 -23.03 -69.84 33.45
CA ASP B 405 -22.28 -69.23 34.55
C ASP B 405 -21.13 -68.35 34.06
N TYR B 406 -21.38 -67.04 34.07
CA TYR B 406 -20.45 -66.04 33.57
C TYR B 406 -19.12 -65.99 34.30
N THR B 407 -19.05 -66.60 35.49
CA THR B 407 -17.78 -66.61 36.22
C THR B 407 -16.88 -67.70 35.68
N LYS B 408 -17.41 -68.56 34.82
CA LYS B 408 -16.58 -69.61 34.25
C LYS B 408 -16.16 -69.19 32.85
N VAL B 409 -14.98 -68.57 32.79
CA VAL B 409 -14.40 -68.11 31.54
C VAL B 409 -13.05 -68.76 31.40
N THR B 410 -12.84 -69.43 30.27
CA THR B 410 -11.58 -70.10 30.00
C THR B 410 -10.85 -69.42 28.83
N CYS B 411 -9.55 -69.19 28.96
CA CYS B 411 -8.81 -68.67 27.82
C CYS B 411 -8.23 -69.84 27.07
N LEU B 412 -8.59 -69.98 25.80
CA LEU B 412 -8.13 -71.10 25.00
C LEU B 412 -6.76 -70.93 24.37
N SER B 413 -6.34 -69.69 24.10
CA SER B 413 -5.08 -69.48 23.39
C SER B 413 -3.97 -68.88 24.20
N CYS B 414 -4.31 -68.20 25.29
CA CYS B 414 -3.31 -67.49 26.09
C CYS B 414 -2.02 -68.26 26.31
N GLU B 415 -2.14 -69.54 26.62
CA GLU B 415 -0.97 -70.32 27.05
C GLU B 415 -0.46 -71.34 26.05
N LEU B 416 -1.00 -71.37 24.85
CA LEU B 416 -0.55 -72.35 23.88
C LEU B 416 0.94 -72.20 23.61
N ASN B 417 1.37 -70.96 23.37
CA ASN B 417 2.74 -70.64 23.06
C ASN B 417 2.96 -69.18 23.45
N PRO B 418 3.06 -68.91 24.75
CA PRO B 418 3.13 -67.55 25.29
C PRO B 418 4.23 -66.63 24.74
N GLU B 419 5.44 -67.13 24.54
CA GLU B 419 6.51 -66.27 24.02
C GLU B 419 6.32 -65.96 22.53
N ARG B 420 5.84 -66.95 21.78
CA ARG B 420 5.66 -66.78 20.35
C ARG B 420 4.30 -66.19 19.97
N CYS B 421 3.27 -66.46 20.79
CA CYS B 421 1.92 -66.12 20.37
C CYS B 421 1.09 -65.26 21.32
N GLN B 422 0.70 -64.08 20.85
CA GLN B 422 -0.11 -63.16 21.62
C GLN B 422 -1.18 -62.45 20.76
N TYR B 423 -1.28 -62.79 19.48
CA TYR B 423 -2.28 -62.15 18.64
C TYR B 423 -3.04 -63.20 17.84
N TYR B 424 -4.21 -63.57 18.35
CA TYR B 424 -4.97 -64.64 17.73
C TYR B 424 -6.21 -64.24 16.99
N SER B 425 -6.52 -64.99 15.95
CA SER B 425 -7.81 -64.90 15.31
C SER B 425 -8.25 -66.37 15.16
N VAL B 426 -9.52 -66.61 14.85
CA VAL B 426 -10.02 -67.97 14.81
C VAL B 426 -11.03 -68.18 13.70
N SER B 427 -11.08 -69.42 13.20
CA SER B 427 -12.02 -69.82 12.18
C SER B 427 -12.70 -71.11 12.64
N PHE B 428 -13.98 -71.02 12.99
CA PHE B 428 -14.73 -72.17 13.48
C PHE B 428 -15.35 -72.99 12.39
N SER B 429 -15.46 -74.29 12.64
CA SER B 429 -16.12 -75.21 11.73
C SER B 429 -17.60 -74.85 11.71
N LYS B 430 -18.33 -75.42 10.77
CA LYS B 430 -19.74 -75.09 10.56
C LYS B 430 -20.66 -75.12 11.78
N GLU B 431 -20.36 -75.96 12.76
CA GLU B 431 -21.15 -75.95 14.00
C GLU B 431 -20.21 -75.90 15.21
N ALA B 432 -19.05 -75.29 14.98
CA ALA B 432 -18.03 -75.06 16.00
C ALA B 432 -17.42 -76.32 16.60
N LYS B 433 -17.51 -77.44 15.91
CA LYS B 433 -16.93 -78.67 16.43
C LYS B 433 -15.44 -78.51 16.45
N TYR B 434 -14.92 -77.78 15.47
CA TYR B 434 -13.49 -77.52 15.37
C TYR B 434 -13.24 -76.04 15.14
N TYR B 435 -11.99 -75.64 15.33
CA TYR B 435 -11.59 -74.29 15.03
C TYR B 435 -10.12 -74.23 14.70
N GLN B 436 -9.79 -73.33 13.79
CA GLN B 436 -8.41 -73.10 13.44
C GLN B 436 -7.98 -71.83 14.14
N LEU B 437 -6.85 -71.89 14.83
CA LEU B 437 -6.30 -70.71 15.45
C LEU B 437 -5.15 -70.18 14.60
N ARG B 438 -5.13 -68.88 14.40
CA ARG B 438 -4.09 -68.21 13.67
C ARG B 438 -3.45 -67.17 14.58
N CYS B 439 -2.18 -67.37 14.92
CA CYS B 439 -1.47 -66.36 15.71
C CYS B 439 -0.55 -65.59 14.76
N SER B 440 -0.67 -64.26 14.78
CA SER B 440 0.10 -63.40 13.89
C SER B 440 1.34 -62.81 14.52
N GLY B 441 1.67 -63.23 15.74
CA GLY B 441 2.83 -62.64 16.38
C GLY B 441 2.77 -62.75 17.90
N PRO B 442 3.83 -62.30 18.58
CA PRO B 442 4.95 -61.59 17.95
C PRO B 442 5.98 -62.46 17.24
N GLY B 443 5.95 -63.77 17.48
CA GLY B 443 6.85 -64.67 16.77
C GLY B 443 6.29 -64.94 15.38
N LEU B 444 6.90 -65.88 14.66
CA LEU B 444 6.44 -66.23 13.33
C LEU B 444 5.02 -66.79 13.39
N PRO B 445 4.17 -66.34 12.47
CA PRO B 445 2.79 -66.82 12.41
C PRO B 445 2.71 -68.34 12.57
N LEU B 446 1.69 -68.79 13.29
CA LEU B 446 1.50 -70.21 13.56
C LEU B 446 0.02 -70.55 13.43
N TYR B 447 -0.28 -71.57 12.61
CA TYR B 447 -1.67 -72.00 12.39
C TYR B 447 -1.90 -73.40 12.97
N THR B 448 -2.91 -73.54 13.83
CA THR B 448 -3.18 -74.81 14.50
C THR B 448 -4.64 -75.22 14.39
N LEU B 449 -4.91 -76.52 14.47
CA LEU B 449 -6.28 -77.01 14.40
C LEU B 449 -6.69 -77.51 15.78
N HIS B 450 -7.94 -77.32 16.14
CA HIS B 450 -8.41 -77.74 17.46
C HIS B 450 -9.83 -78.24 17.43
N SER B 451 -10.12 -79.20 18.30
CA SER B 451 -11.49 -79.67 18.50
C SER B 451 -11.97 -78.95 19.74
N SER B 452 -13.18 -78.43 19.70
CA SER B 452 -13.69 -77.65 20.82
C SER B 452 -14.27 -78.46 21.98
N VAL B 453 -14.64 -79.71 21.72
CA VAL B 453 -15.23 -80.54 22.77
C VAL B 453 -14.40 -80.46 24.05
N ASN B 454 -13.11 -80.76 23.96
CA ASN B 454 -12.23 -80.54 25.11
C ASN B 454 -10.96 -79.79 24.78
N ASP B 455 -11.08 -78.92 23.78
CA ASP B 455 -10.05 -77.96 23.39
C ASP B 455 -8.62 -78.45 23.40
N LYS B 456 -8.38 -79.67 22.94
CA LYS B 456 -7.02 -80.10 22.83
C LYS B 456 -6.57 -79.74 21.42
N GLY B 457 -5.27 -79.67 21.20
CA GLY B 457 -4.76 -79.37 19.88
C GLY B 457 -4.67 -80.65 19.07
N LEU B 458 -5.13 -80.59 17.83
CA LEU B 458 -5.09 -81.75 16.94
C LEU B 458 -3.75 -81.79 16.21
N ARG B 459 -3.34 -80.65 15.64
CA ARG B 459 -2.10 -80.62 14.89
C ARG B 459 -1.64 -79.22 14.46
N VAL B 460 -0.40 -79.17 14.01
CA VAL B 460 0.15 -77.94 13.47
C VAL B 460 -0.10 -77.88 11.97
N LEU B 461 -0.85 -76.88 11.53
CA LEU B 461 -1.18 -76.75 10.13
C LEU B 461 -0.02 -76.10 9.39
N GLU B 462 0.46 -74.97 9.92
CA GLU B 462 1.57 -74.26 9.31
C GLU B 462 2.36 -73.56 10.40
N ASP B 463 3.65 -73.84 10.48
CA ASP B 463 4.45 -73.29 11.55
C ASP B 463 5.55 -72.39 11.02
N ASN B 464 5.54 -72.15 9.71
CA ASN B 464 6.53 -71.28 9.08
C ASN B 464 7.98 -71.64 9.40
N SER B 465 8.28 -72.94 9.46
CA SER B 465 9.63 -73.38 9.78
C SER B 465 10.60 -73.02 8.66
N ALA B 466 10.12 -73.05 7.42
CA ALA B 466 10.97 -72.67 6.29
C ALA B 466 11.44 -71.22 6.47
N LEU B 467 10.52 -70.32 6.78
CA LEU B 467 10.89 -68.92 6.99
C LEU B 467 11.84 -68.85 8.18
N ASP B 468 11.53 -69.58 9.24
CA ASP B 468 12.42 -69.61 10.39
C ASP B 468 13.82 -70.04 9.98
N LYS B 469 13.91 -71.03 9.10
CA LYS B 469 15.20 -71.48 8.62
C LYS B 469 15.95 -70.35 7.88
N MET B 470 15.26 -69.66 6.99
CA MET B 470 15.87 -68.57 6.22
C MET B 470 16.38 -67.42 7.10
N LEU B 471 15.67 -67.13 8.17
CA LEU B 471 15.97 -66.00 9.03
C LEU B 471 17.11 -66.17 10.03
N GLN B 472 17.59 -67.40 10.18
CA GLN B 472 18.59 -67.70 11.20
C GLN B 472 19.85 -66.84 11.20
N ASN B 473 20.37 -66.54 10.02
CA ASN B 473 21.54 -65.69 9.97
C ASN B 473 21.23 -64.33 9.32
N VAL B 474 20.02 -63.84 9.56
CA VAL B 474 19.68 -62.50 9.12
C VAL B 474 19.54 -61.63 10.34
N GLN B 475 20.17 -60.47 10.34
CA GLN B 475 20.03 -59.55 11.46
C GLN B 475 18.68 -58.85 11.41
N MET B 476 17.69 -59.46 12.04
CA MET B 476 16.35 -58.90 12.08
C MET B 476 16.21 -57.92 13.22
N PRO B 477 15.24 -57.02 13.09
CA PRO B 477 14.99 -56.03 14.13
C PRO B 477 14.21 -56.70 15.24
N SER B 478 14.03 -56.02 16.36
CA SER B 478 13.17 -56.57 17.39
C SER B 478 12.04 -55.57 17.54
N LYS B 479 11.00 -55.98 18.27
CA LYS B 479 9.92 -55.08 18.57
C LYS B 479 9.81 -54.85 20.08
N LYS B 480 9.63 -53.60 20.47
CA LYS B 480 9.37 -53.29 21.85
C LYS B 480 7.94 -52.81 21.90
N LEU B 481 7.17 -53.36 22.82
CA LEU B 481 5.79 -52.98 23.00
C LEU B 481 5.67 -52.60 24.46
N ASP B 482 5.30 -51.35 24.72
CA ASP B 482 5.24 -50.85 26.07
C ASP B 482 4.33 -49.65 26.06
N PHE B 483 4.30 -48.91 27.16
CA PHE B 483 3.45 -47.75 27.27
C PHE B 483 4.14 -46.60 27.99
N ILE B 484 3.59 -45.40 27.79
CA ILE B 484 4.00 -44.23 28.55
C ILE B 484 2.74 -43.69 29.21
N ILE B 485 2.92 -42.83 30.19
CA ILE B 485 1.79 -42.30 30.93
C ILE B 485 1.66 -40.81 30.74
N LEU B 486 0.49 -40.40 30.26
CA LEU B 486 0.19 -39.00 30.08
C LEU B 486 -1.10 -38.74 30.85
N ASN B 487 -1.09 -37.76 31.75
CA ASN B 487 -2.27 -37.44 32.54
C ASN B 487 -2.87 -38.67 33.23
N GLU B 488 -2.02 -39.49 33.81
CA GLU B 488 -2.46 -40.68 34.54
C GLU B 488 -3.09 -41.78 33.69
N THR B 489 -2.83 -41.74 32.39
CA THR B 489 -3.34 -42.75 31.47
C THR B 489 -2.21 -43.43 30.71
N LYS B 490 -2.30 -44.75 30.60
CA LYS B 490 -1.34 -45.51 29.82
C LYS B 490 -1.61 -45.28 28.34
N PHE B 491 -0.55 -45.04 27.57
CA PHE B 491 -0.67 -44.96 26.13
C PHE B 491 0.40 -45.85 25.58
N TRP B 492 0.00 -46.77 24.72
CA TRP B 492 0.92 -47.76 24.20
C TRP B 492 1.64 -47.31 22.95
N TYR B 493 2.85 -47.83 22.77
CA TYR B 493 3.60 -47.57 21.58
C TYR B 493 4.40 -48.82 21.27
N GLN B 494 4.88 -48.91 20.04
CA GLN B 494 5.79 -49.98 19.65
C GLN B 494 6.96 -49.34 18.93
N MET B 495 8.10 -49.99 19.01
CA MET B 495 9.29 -49.55 18.32
C MET B 495 9.91 -50.75 17.65
N ILE B 496 10.15 -50.61 16.35
CA ILE B 496 10.88 -51.61 15.61
C ILE B 496 12.33 -51.17 15.82
N LEU B 497 13.10 -51.98 16.53
CA LEU B 497 14.46 -51.61 16.89
C LEU B 497 15.46 -52.35 16.07
N PRO B 498 16.46 -51.61 15.57
CA PRO B 498 17.56 -52.19 14.81
C PRO B 498 18.22 -53.32 15.59
N PRO B 499 18.75 -54.28 14.87
CA PRO B 499 19.48 -55.40 15.46
C PRO B 499 20.62 -54.85 16.30
N HIS B 500 21.04 -55.59 17.32
CA HIS B 500 22.10 -55.14 18.23
C HIS B 500 21.78 -53.77 18.79
N PHE B 501 20.52 -53.56 19.14
CA PHE B 501 20.13 -52.27 19.66
C PHE B 501 21.00 -51.92 20.86
N ASP B 502 21.48 -50.68 20.86
CA ASP B 502 22.38 -50.21 21.91
C ASP B 502 21.90 -48.88 22.45
N LYS B 503 21.37 -48.89 23.66
CA LYS B 503 20.86 -47.70 24.32
C LYS B 503 21.87 -46.54 24.34
N SER B 504 23.15 -46.86 24.21
CA SER B 504 24.16 -45.81 24.24
C SER B 504 24.15 -44.97 22.96
N LYS B 505 23.60 -45.50 21.87
CA LYS B 505 23.59 -44.74 20.63
C LYS B 505 22.40 -43.79 20.49
N LYS B 506 22.47 -42.90 19.51
CA LYS B 506 21.37 -41.99 19.20
C LYS B 506 20.85 -42.34 17.79
N TYR B 507 19.74 -43.07 17.72
CA TYR B 507 19.22 -43.50 16.42
C TYR B 507 18.26 -42.50 15.80
N PRO B 508 18.26 -42.49 14.47
CA PRO B 508 17.31 -41.65 13.76
C PRO B 508 15.99 -42.34 14.05
N LEU B 509 14.90 -41.60 14.12
CA LEU B 509 13.64 -42.22 14.45
C LEU B 509 12.58 -41.80 13.46
N LEU B 510 11.82 -42.76 12.98
CA LEU B 510 10.71 -42.52 12.09
C LEU B 510 9.42 -42.84 12.86
N LEU B 511 8.51 -41.89 12.93
CA LEU B 511 7.21 -42.11 13.53
C LEU B 511 6.26 -42.57 12.43
N ASP B 512 5.81 -43.81 12.52
CA ASP B 512 4.90 -44.39 11.54
C ASP B 512 3.51 -44.22 12.15
N VAL B 513 2.71 -43.34 11.56
CA VAL B 513 1.44 -43.00 12.15
C VAL B 513 0.21 -43.31 11.29
N TYR B 514 -0.87 -43.65 11.96
CA TYR B 514 -2.18 -43.72 11.31
C TYR B 514 -3.06 -42.85 12.18
N ALA B 515 -3.40 -43.35 13.36
CA ALA B 515 -4.07 -42.58 14.41
C ALA B 515 -5.50 -42.11 14.20
N GLY B 516 -6.20 -42.69 13.24
CA GLY B 516 -7.59 -42.34 13.09
C GLY B 516 -8.39 -42.89 14.27
N PRO B 517 -9.66 -42.53 14.36
CA PRO B 517 -10.53 -42.99 15.44
C PRO B 517 -10.62 -44.52 15.48
N CYS B 518 -10.28 -45.09 16.64
CA CYS B 518 -10.36 -46.51 16.93
C CYS B 518 -9.22 -47.29 16.27
N SER B 519 -8.15 -46.58 15.96
CA SER B 519 -7.00 -47.21 15.34
C SER B 519 -6.10 -47.85 16.38
N GLN B 520 -5.31 -48.80 15.94
CA GLN B 520 -4.33 -49.39 16.82
C GLN B 520 -3.09 -49.69 15.99
N LYS B 521 -2.01 -49.03 16.37
CA LYS B 521 -0.76 -49.20 15.66
C LYS B 521 0.32 -49.80 16.54
N ALA B 522 0.01 -50.04 17.81
CA ALA B 522 0.97 -50.69 18.70
C ALA B 522 0.39 -52.04 19.07
N ASP B 523 1.00 -53.11 18.58
CA ASP B 523 0.42 -54.43 18.82
C ASP B 523 1.46 -55.52 18.83
N THR B 524 1.00 -56.75 18.98
CA THR B 524 1.92 -57.87 19.08
C THR B 524 2.09 -58.58 17.74
N VAL B 525 1.60 -57.99 16.67
CA VAL B 525 1.70 -58.61 15.35
C VAL B 525 3.11 -58.60 14.75
N PHE B 526 3.52 -59.75 14.21
CA PHE B 526 4.79 -59.88 13.51
C PHE B 526 4.64 -59.49 12.04
N ARG B 527 5.44 -58.54 11.59
CA ARG B 527 5.34 -58.04 10.22
C ARG B 527 6.66 -58.00 9.49
N LEU B 528 6.63 -58.31 8.19
CA LEU B 528 7.79 -58.12 7.36
C LEU B 528 7.39 -57.01 6.41
N ASN B 529 7.82 -55.79 6.73
CA ASN B 529 7.42 -54.64 5.93
C ASN B 529 8.55 -53.65 5.71
N TRP B 530 8.19 -52.45 5.25
CA TRP B 530 9.17 -51.38 5.04
C TRP B 530 9.90 -51.04 6.34
N ALA B 531 9.17 -50.98 7.45
CA ALA B 531 9.77 -50.70 8.75
C ALA B 531 10.83 -51.76 9.05
N THR B 532 10.53 -53.01 8.69
CA THR B 532 11.48 -54.10 8.94
C THR B 532 12.81 -53.74 8.28
N TYR B 533 12.76 -53.33 7.02
CA TYR B 533 13.96 -52.93 6.28
C TYR B 533 14.65 -51.69 6.87
N LEU B 534 13.86 -50.68 7.20
CA LEU B 534 14.42 -49.45 7.76
C LEU B 534 15.22 -49.74 9.05
N ALA B 535 14.67 -50.56 9.93
CA ALA B 535 15.36 -50.90 11.18
C ALA B 535 16.56 -51.80 10.96
N SER B 536 16.35 -52.84 10.14
CA SER B 536 17.36 -53.86 9.90
C SER B 536 18.54 -53.39 9.06
N THR B 537 18.27 -52.66 7.99
CA THR B 537 19.34 -52.26 7.07
C THR B 537 19.83 -50.85 7.31
N GLU B 538 18.92 -49.95 7.63
CA GLU B 538 19.28 -48.54 7.75
C GLU B 538 19.46 -48.06 9.18
N ASN B 539 19.27 -48.96 10.15
CA ASN B 539 19.40 -48.63 11.58
C ASN B 539 18.50 -47.50 12.03
N ILE B 540 17.29 -47.48 11.50
CA ILE B 540 16.32 -46.46 11.88
C ILE B 540 15.30 -47.06 12.82
N ILE B 541 15.02 -46.40 13.93
CA ILE B 541 13.98 -46.90 14.80
C ILE B 541 12.65 -46.45 14.22
N VAL B 542 11.72 -47.39 14.06
CA VAL B 542 10.40 -47.07 13.58
C VAL B 542 9.40 -47.29 14.69
N ALA B 543 8.78 -46.21 15.13
CA ALA B 543 7.83 -46.28 16.22
C ALA B 543 6.44 -45.88 15.81
N SER B 544 5.46 -46.44 16.48
CA SER B 544 4.09 -46.04 16.31
C SER B 544 3.54 -45.80 17.69
N PHE B 545 2.50 -44.96 17.77
CA PHE B 545 1.93 -44.56 19.04
C PHE B 545 0.43 -44.43 18.91
N ASP B 546 -0.27 -45.06 19.86
CA ASP B 546 -1.71 -44.99 19.97
C ASP B 546 -2.07 -43.98 21.06
N GLY B 547 -2.47 -42.79 20.63
CA GLY B 547 -2.85 -41.75 21.56
C GLY B 547 -4.34 -41.59 21.65
N ARG B 548 -4.77 -40.43 22.14
CA ARG B 548 -6.19 -40.20 22.23
C ARG B 548 -6.82 -40.47 20.87
N GLY B 549 -8.02 -41.04 20.90
CA GLY B 549 -8.72 -41.45 19.70
C GLY B 549 -8.49 -42.91 19.33
N SER B 550 -7.45 -43.51 19.87
CA SER B 550 -7.14 -44.90 19.54
C SER B 550 -8.14 -45.89 20.15
N GLY B 551 -8.27 -47.06 19.55
CA GLY B 551 -9.27 -48.02 19.98
C GLY B 551 -8.90 -49.11 20.96
N TYR B 552 -9.91 -49.91 21.32
CA TYR B 552 -9.69 -51.10 22.14
C TYR B 552 -9.26 -50.78 23.56
N GLN B 553 -9.45 -49.53 23.98
CA GLN B 553 -9.04 -49.13 25.33
C GLN B 553 -10.14 -48.41 26.08
N GLY B 554 -11.35 -48.40 25.53
CA GLY B 554 -12.46 -47.72 26.17
C GLY B 554 -12.84 -46.43 25.50
N ASP B 555 -14.08 -46.03 25.68
CA ASP B 555 -14.59 -44.83 25.04
C ASP B 555 -13.94 -43.55 25.53
N LYS B 556 -13.33 -43.60 26.70
CA LYS B 556 -12.75 -42.39 27.23
C LYS B 556 -11.59 -41.95 26.33
N ILE B 557 -10.79 -42.93 25.90
CA ILE B 557 -9.70 -42.63 24.98
C ILE B 557 -10.22 -42.47 23.55
N MET B 558 -11.02 -43.42 23.09
CA MET B 558 -11.52 -43.37 21.72
C MET B 558 -12.40 -42.16 21.38
N HIS B 559 -13.26 -41.76 22.32
CA HIS B 559 -14.16 -40.66 22.06
C HIS B 559 -13.54 -39.29 22.32
N ALA B 560 -12.29 -39.25 22.76
CA ALA B 560 -11.65 -37.97 23.05
C ALA B 560 -11.56 -37.01 21.85
N ILE B 561 -11.56 -37.53 20.62
CA ILE B 561 -11.45 -36.62 19.47
C ILE B 561 -12.76 -36.39 18.76
N ASN B 562 -13.85 -36.66 19.48
CA ASN B 562 -15.17 -36.50 18.92
C ASN B 562 -15.42 -35.06 18.51
N ARG B 563 -15.90 -34.90 17.27
CA ARG B 563 -16.17 -33.59 16.69
C ARG B 563 -14.92 -32.71 16.60
N ARG B 564 -13.77 -33.28 16.95
CA ARG B 564 -12.53 -32.52 16.94
C ARG B 564 -11.34 -33.27 16.32
N LEU B 565 -11.52 -33.77 15.10
CA LEU B 565 -10.44 -34.45 14.40
C LEU B 565 -9.33 -33.44 14.12
N GLY B 566 -8.11 -33.94 14.11
CA GLY B 566 -6.96 -33.10 13.88
C GLY B 566 -6.52 -32.31 15.09
N THR B 567 -6.88 -32.77 16.29
CA THR B 567 -6.44 -32.10 17.51
C THR B 567 -5.59 -33.01 18.38
N PHE B 568 -6.22 -33.61 19.40
CA PHE B 568 -5.47 -34.40 20.38
C PHE B 568 -4.61 -35.47 19.73
N GLU B 569 -5.21 -36.18 18.77
CA GLU B 569 -4.57 -37.25 18.03
C GLU B 569 -3.28 -36.76 17.38
N VAL B 570 -3.34 -35.57 16.82
CA VAL B 570 -2.16 -34.94 16.25
C VAL B 570 -1.21 -34.53 17.38
N GLU B 571 -1.75 -33.83 18.37
CA GLU B 571 -0.94 -33.39 19.52
C GLU B 571 -0.21 -34.57 20.17
N ASP B 572 -0.88 -35.71 20.22
CA ASP B 572 -0.32 -36.89 20.90
C ASP B 572 0.89 -37.52 20.18
N GLN B 573 0.89 -37.51 18.85
CA GLN B 573 2.02 -38.05 18.11
C GLN B 573 3.24 -37.17 18.39
N ILE B 574 3.00 -35.88 18.44
CA ILE B 574 4.08 -34.94 18.75
C ILE B 574 4.62 -35.23 20.14
N GLU B 575 3.72 -35.33 21.11
CA GLU B 575 4.13 -35.60 22.47
C GLU B 575 4.85 -36.94 22.58
N ALA B 576 4.46 -37.91 21.75
CA ALA B 576 5.12 -39.22 21.78
C ALA B 576 6.57 -39.10 21.34
N ALA B 577 6.78 -38.34 20.26
CA ALA B 577 8.12 -38.10 19.75
C ALA B 577 8.96 -37.44 20.82
N ARG B 578 8.43 -36.43 21.48
CA ARG B 578 9.14 -35.77 22.57
C ARG B 578 9.54 -36.81 23.61
N GLN B 579 8.59 -37.67 23.97
CA GLN B 579 8.84 -38.71 24.95
C GLN B 579 9.92 -39.65 24.45
N PHE B 580 9.82 -40.02 23.18
CA PHE B 580 10.80 -40.94 22.61
C PHE B 580 12.20 -40.37 22.69
N SER B 581 12.36 -39.08 22.42
CA SER B 581 13.70 -38.51 22.53
C SER B 581 14.22 -38.50 23.97
N LYS B 582 13.33 -38.25 24.93
CA LYS B 582 13.78 -38.21 26.33
C LYS B 582 14.23 -39.58 26.84
N MET B 583 13.93 -40.63 26.08
CA MET B 583 14.34 -41.98 26.47
C MET B 583 15.86 -42.18 26.39
N GLY B 584 16.55 -41.29 25.68
CA GLY B 584 18.00 -41.35 25.62
C GLY B 584 18.67 -42.07 24.47
N PHE B 585 17.91 -42.70 23.57
CA PHE B 585 18.54 -43.39 22.45
C PHE B 585 18.06 -42.88 21.08
N VAL B 586 17.52 -41.68 21.06
CA VAL B 586 17.02 -41.07 19.85
C VAL B 586 17.80 -39.82 19.49
N ASP B 587 18.22 -39.70 18.23
CA ASP B 587 18.89 -38.50 17.76
C ASP B 587 17.83 -37.47 17.46
N ASN B 588 17.85 -36.41 18.25
CA ASN B 588 16.90 -35.30 18.18
C ASN B 588 16.82 -34.58 16.85
N LYS B 589 17.94 -34.58 16.13
CA LYS B 589 18.01 -33.90 14.85
C LYS B 589 17.47 -34.76 13.67
N ARG B 590 17.23 -36.04 13.91
CA ARG B 590 16.74 -36.95 12.87
C ARG B 590 15.50 -37.71 13.31
N ILE B 591 14.40 -36.98 13.41
CA ILE B 591 13.11 -37.56 13.72
C ILE B 591 12.18 -37.20 12.58
N ALA B 592 11.51 -38.20 12.04
CA ALA B 592 10.62 -37.97 10.92
C ALA B 592 9.26 -38.61 11.19
N ILE B 593 8.31 -38.36 10.29
CA ILE B 593 6.99 -38.93 10.47
C ILE B 593 6.41 -39.30 9.13
N TRP B 594 5.67 -40.40 9.07
CA TRP B 594 4.99 -40.72 7.83
C TRP B 594 3.72 -41.48 8.09
N GLY B 595 2.82 -41.42 7.12
CA GLY B 595 1.56 -42.11 7.21
C GLY B 595 0.82 -42.06 5.90
N TRP B 596 -0.19 -42.93 5.83
CA TRP B 596 -1.01 -43.14 4.66
C TRP B 596 -2.47 -42.83 5.02
N SER B 597 -3.18 -42.11 4.16
CA SER B 597 -4.61 -41.86 4.40
C SER B 597 -4.86 -40.96 5.65
N TYR B 598 -5.56 -41.46 6.68
CA TYR B 598 -5.69 -40.67 7.92
C TYR B 598 -4.30 -40.36 8.41
N GLY B 599 -3.42 -41.34 8.27
CA GLY B 599 -2.03 -41.18 8.63
C GLY B 599 -1.30 -40.08 7.84
N GLY B 600 -1.68 -39.87 6.59
CA GLY B 600 -1.05 -38.80 5.82
C GLY B 600 -1.55 -37.46 6.34
N TYR B 601 -2.81 -37.44 6.75
CA TYR B 601 -3.43 -36.27 7.32
C TYR B 601 -2.68 -35.85 8.59
N VAL B 602 -2.56 -36.76 9.53
CA VAL B 602 -1.84 -36.51 10.78
C VAL B 602 -0.38 -36.12 10.53
N THR B 603 0.27 -36.83 9.61
CA THR B 603 1.63 -36.49 9.24
C THR B 603 1.68 -35.03 8.80
N SER B 604 0.77 -34.65 7.91
CA SER B 604 0.74 -33.28 7.40
C SER B 604 0.38 -32.26 8.49
N MET B 605 -0.57 -32.60 9.35
CA MET B 605 -0.95 -31.72 10.45
C MET B 605 0.21 -31.57 11.41
N VAL B 606 0.91 -32.66 11.67
CA VAL B 606 2.05 -32.64 12.55
C VAL B 606 3.16 -31.79 11.94
N LEU B 607 3.45 -32.00 10.66
CA LEU B 607 4.52 -31.23 10.02
C LEU B 607 4.20 -29.74 9.94
N GLY B 608 2.91 -29.39 9.88
CA GLY B 608 2.51 -28.01 9.79
C GLY B 608 2.17 -27.38 11.14
N SER B 609 2.63 -28.00 12.22
CA SER B 609 2.28 -27.53 13.56
C SER B 609 3.26 -26.50 14.13
N GLY B 610 4.46 -26.41 13.58
CA GLY B 610 5.46 -25.49 14.09
C GLY B 610 6.13 -26.03 15.34
N SER B 611 5.96 -27.32 15.60
CA SER B 611 6.51 -27.94 16.81
C SER B 611 8.05 -28.00 16.85
N GLY B 612 8.68 -27.99 15.68
CA GLY B 612 10.12 -28.06 15.60
C GLY B 612 10.68 -29.44 15.88
N VAL B 613 9.82 -30.38 16.22
CA VAL B 613 10.31 -31.71 16.59
C VAL B 613 10.72 -32.57 15.40
N PHE B 614 10.07 -32.41 14.27
CA PHE B 614 10.29 -33.27 13.12
C PHE B 614 11.08 -32.59 12.00
N LYS B 615 12.13 -33.26 11.53
CA LYS B 615 12.92 -32.76 10.42
C LYS B 615 12.18 -32.94 9.09
N CYS B 616 11.46 -34.05 8.94
CA CYS B 616 10.80 -34.30 7.66
C CYS B 616 9.66 -35.30 7.78
N GLY B 617 8.96 -35.49 6.69
CA GLY B 617 7.88 -36.45 6.72
C GLY B 617 7.30 -36.73 5.37
N ILE B 618 6.53 -37.81 5.32
CA ILE B 618 5.93 -38.26 4.09
C ILE B 618 4.47 -38.50 4.33
N ALA B 619 3.66 -37.84 3.53
CA ALA B 619 2.22 -38.07 3.57
C ALA B 619 1.84 -38.79 2.27
N VAL B 620 1.22 -39.95 2.40
CA VAL B 620 0.73 -40.70 1.23
C VAL B 620 -0.79 -40.69 1.20
N ALA B 621 -1.36 -40.21 0.09
CA ALA B 621 -2.81 -40.10 -0.08
C ALA B 621 -3.53 -39.50 1.13
N PRO B 622 -3.03 -38.37 1.61
CA PRO B 622 -3.58 -37.74 2.82
C PRO B 622 -4.94 -37.10 2.65
N VAL B 623 -5.77 -37.15 3.70
CA VAL B 623 -6.94 -36.29 3.73
C VAL B 623 -6.34 -34.91 4.01
N SER B 624 -6.91 -33.85 3.46
CA SER B 624 -6.36 -32.53 3.71
C SER B 624 -7.39 -31.61 4.35
N ARG B 625 -8.65 -31.84 4.04
CA ARG B 625 -9.73 -31.10 4.68
C ARG B 625 -10.95 -31.99 4.69
N TRP B 626 -11.59 -32.05 5.85
CA TRP B 626 -12.68 -32.99 6.06
C TRP B 626 -13.89 -32.87 5.13
N GLU B 627 -14.13 -31.68 4.58
CA GLU B 627 -15.23 -31.52 3.65
C GLU B 627 -15.01 -32.22 2.32
N TYR B 628 -13.76 -32.62 2.03
CA TYR B 628 -13.45 -33.34 0.79
C TYR B 628 -13.67 -34.84 0.97
N TYR B 629 -13.74 -35.30 2.21
CA TYR B 629 -13.88 -36.72 2.46
C TYR B 629 -15.34 -37.19 2.52
N ASP B 630 -15.57 -38.50 2.55
CA ASP B 630 -16.93 -38.99 2.44
C ASP B 630 -17.80 -38.75 3.67
N SER B 631 -19.07 -38.50 3.41
CA SER B 631 -20.04 -38.20 4.46
C SER B 631 -20.13 -39.19 5.63
N VAL B 632 -20.16 -40.50 5.37
CA VAL B 632 -20.40 -41.40 6.51
C VAL B 632 -19.23 -41.54 7.46
N TYR B 633 -18.03 -41.54 6.92
CA TYR B 633 -16.88 -41.61 7.80
C TYR B 633 -16.67 -40.26 8.50
N THR B 634 -16.56 -39.20 7.72
CA THR B 634 -16.30 -37.86 8.26
C THR B 634 -17.32 -37.43 9.32
N GLU B 635 -18.59 -37.44 8.92
CA GLU B 635 -19.69 -36.98 9.80
C GLU B 635 -19.82 -37.82 11.05
N ARG B 636 -19.28 -39.04 11.03
CA ARG B 636 -19.30 -39.92 12.19
C ARG B 636 -18.50 -39.27 13.30
N TYR B 637 -17.44 -38.55 12.93
CA TYR B 637 -16.57 -37.96 13.93
C TYR B 637 -16.64 -36.46 13.96
N MET B 638 -17.21 -35.86 12.93
CA MET B 638 -17.17 -34.41 12.79
C MET B 638 -18.54 -33.74 12.69
N GLY B 639 -19.61 -34.51 12.78
CA GLY B 639 -20.93 -33.95 12.60
C GLY B 639 -21.02 -33.28 11.23
N LEU B 640 -21.96 -32.37 11.08
CA LEU B 640 -22.17 -31.69 9.81
C LEU B 640 -21.35 -30.41 9.68
N PRO B 641 -20.92 -30.11 8.46
CA PRO B 641 -20.17 -28.87 8.20
C PRO B 641 -21.10 -27.66 8.00
N THR B 642 -21.94 -27.40 8.98
CA THR B 642 -22.83 -26.24 8.93
C THR B 642 -22.57 -25.34 10.13
N PRO B 643 -22.85 -24.05 9.97
CA PRO B 643 -22.64 -23.09 11.07
C PRO B 643 -23.36 -23.51 12.35
N GLU B 644 -24.49 -24.17 12.20
CA GLU B 644 -25.26 -24.62 13.36
C GLU B 644 -24.75 -25.93 13.96
N ASP B 645 -23.78 -26.57 13.31
CA ASP B 645 -23.22 -27.79 13.87
C ASP B 645 -21.74 -27.66 14.16
N ASN B 646 -20.88 -28.02 13.20
CA ASN B 646 -19.45 -28.05 13.48
C ASN B 646 -18.57 -27.41 12.41
N LEU B 647 -19.12 -26.50 11.63
CA LEU B 647 -18.37 -25.88 10.54
C LEU B 647 -17.06 -25.24 11.00
N ASP B 648 -17.08 -24.56 12.14
CA ASP B 648 -15.87 -23.90 12.60
C ASP B 648 -14.71 -24.88 12.67
N HIS B 649 -14.93 -26.04 13.28
CA HIS B 649 -13.83 -26.98 13.41
C HIS B 649 -13.40 -27.61 12.08
N TYR B 650 -14.36 -27.85 11.19
CA TYR B 650 -14.05 -28.32 9.84
C TYR B 650 -13.03 -27.38 9.23
N ARG B 651 -13.29 -26.09 9.35
CA ARG B 651 -12.42 -25.09 8.75
C ARG B 651 -11.14 -24.89 9.52
N ASN B 652 -11.12 -25.31 10.77
CA ASN B 652 -9.93 -25.13 11.61
C ASN B 652 -8.98 -26.31 11.55
N SER B 653 -9.40 -27.39 10.88
CA SER B 653 -8.60 -28.61 10.88
C SER B 653 -8.08 -29.02 9.51
N THR B 654 -7.87 -28.06 8.63
CA THR B 654 -7.37 -28.38 7.30
C THR B 654 -5.85 -28.30 7.30
N VAL B 655 -5.21 -29.06 6.44
CA VAL B 655 -3.77 -28.95 6.39
C VAL B 655 -3.34 -27.68 5.67
N MET B 656 -4.17 -27.22 4.75
CA MET B 656 -3.87 -26.03 3.97
C MET B 656 -3.62 -24.80 4.84
N SER B 657 -4.34 -24.69 5.96
CA SER B 657 -4.18 -23.54 6.84
C SER B 657 -2.81 -23.52 7.52
N ARG B 658 -2.13 -24.67 7.56
CA ARG B 658 -0.82 -24.72 8.22
C ARG B 658 0.32 -24.56 7.24
N ALA B 659 0.00 -24.27 5.99
CA ALA B 659 1.02 -24.20 4.94
C ALA B 659 2.31 -23.50 5.32
N GLU B 660 2.17 -22.32 5.94
CA GLU B 660 3.32 -21.52 6.32
C GLU B 660 4.32 -22.24 7.21
N ASN B 661 3.83 -23.04 8.16
CA ASN B 661 4.74 -23.77 9.03
C ASN B 661 5.58 -24.83 8.31
N PHE B 662 5.22 -25.18 7.07
CA PHE B 662 5.96 -26.20 6.34
C PHE B 662 7.34 -25.71 5.94
N LYS B 663 7.57 -24.41 6.11
CA LYS B 663 8.89 -23.83 5.82
C LYS B 663 9.97 -24.42 6.73
N GLN B 664 9.56 -25.03 7.84
CA GLN B 664 10.51 -25.58 8.79
C GLN B 664 10.91 -27.03 8.54
N VAL B 665 10.23 -27.71 7.63
CA VAL B 665 10.50 -29.14 7.44
C VAL B 665 10.65 -29.51 5.98
N GLU B 666 11.10 -30.73 5.75
CA GLU B 666 11.20 -31.33 4.43
C GLU B 666 10.01 -32.28 4.26
N TYR B 667 9.20 -32.04 3.23
CA TYR B 667 7.95 -32.75 3.02
C TYR B 667 7.87 -33.43 1.66
N LEU B 668 7.38 -34.67 1.68
CA LEU B 668 7.18 -35.47 0.47
C LEU B 668 5.71 -35.86 0.45
N LEU B 669 5.02 -35.39 -0.58
CA LEU B 669 3.61 -35.56 -0.76
C LEU B 669 3.35 -36.54 -1.91
N ILE B 670 2.63 -37.61 -1.63
CA ILE B 670 2.39 -38.64 -2.63
C ILE B 670 0.92 -39.00 -2.74
N HIS B 671 0.45 -39.17 -3.97
CA HIS B 671 -0.95 -39.48 -4.16
C HIS B 671 -1.22 -40.14 -5.53
N GLY B 672 -2.08 -41.15 -5.57
CA GLY B 672 -2.45 -41.76 -6.84
C GLY B 672 -3.55 -40.96 -7.50
N THR B 673 -3.46 -40.76 -8.81
CA THR B 673 -4.42 -39.92 -9.52
C THR B 673 -5.80 -40.53 -9.68
N ALA B 674 -5.91 -41.83 -9.55
CA ALA B 674 -7.21 -42.46 -9.67
C ALA B 674 -7.71 -42.88 -8.30
N ASP B 675 -7.36 -42.13 -7.26
CA ASP B 675 -7.82 -42.47 -5.91
C ASP B 675 -9.31 -42.15 -5.82
N ASP B 676 -10.15 -43.17 -5.68
CA ASP B 676 -11.59 -42.96 -5.62
C ASP B 676 -12.04 -42.72 -4.18
N ASN B 677 -11.14 -42.98 -3.24
CA ASN B 677 -11.41 -42.94 -1.81
C ASN B 677 -11.02 -41.57 -1.22
N VAL B 678 -9.72 -41.34 -1.03
CA VAL B 678 -9.35 -39.96 -0.76
C VAL B 678 -8.87 -39.36 -2.07
N HIS B 679 -9.68 -38.46 -2.60
CA HIS B 679 -9.44 -37.92 -3.92
C HIS B 679 -8.14 -37.16 -4.07
N PHE B 680 -7.53 -37.33 -5.24
CA PHE B 680 -6.26 -36.66 -5.55
C PHE B 680 -6.44 -35.16 -5.22
N GLN B 681 -7.66 -34.68 -5.37
CA GLN B 681 -8.09 -33.33 -5.02
C GLN B 681 -7.47 -32.89 -3.71
N GLN B 682 -7.56 -33.77 -2.71
CA GLN B 682 -7.03 -33.49 -1.38
C GLN B 682 -5.55 -33.10 -1.42
N SER B 683 -4.73 -33.88 -2.10
CA SER B 683 -3.33 -33.51 -2.26
C SER B 683 -3.15 -32.32 -3.21
N ALA B 684 -3.97 -32.25 -4.24
CA ALA B 684 -3.87 -31.11 -5.15
C ALA B 684 -4.04 -29.77 -4.41
N GLN B 685 -4.85 -29.77 -3.35
CA GLN B 685 -5.10 -28.55 -2.59
C GLN B 685 -3.97 -28.31 -1.60
N ILE B 686 -3.38 -29.37 -1.06
CA ILE B 686 -2.21 -29.19 -0.19
C ILE B 686 -1.08 -28.55 -1.00
N SER B 687 -0.83 -29.08 -2.19
CA SER B 687 0.29 -28.59 -3.01
C SER B 687 0.08 -27.12 -3.40
N LYS B 688 -1.13 -26.77 -3.79
CA LYS B 688 -1.42 -25.39 -4.20
C LYS B 688 -1.19 -24.44 -3.02
N ALA B 689 -1.50 -24.89 -1.81
CA ALA B 689 -1.33 -24.08 -0.60
C ALA B 689 0.15 -23.89 -0.30
N LEU B 690 0.92 -24.96 -0.47
CA LEU B 690 2.34 -24.88 -0.23
C LEU B 690 2.95 -23.94 -1.29
N VAL B 691 2.54 -24.12 -2.53
CA VAL B 691 3.03 -23.23 -3.58
C VAL B 691 2.67 -21.77 -3.30
N ASP B 692 1.46 -21.53 -2.81
CA ASP B 692 1.00 -20.18 -2.53
C ASP B 692 1.76 -19.43 -1.42
N VAL B 693 2.40 -20.14 -0.49
CA VAL B 693 3.22 -19.47 0.53
C VAL B 693 4.71 -19.67 0.32
N GLY B 694 5.07 -20.20 -0.84
CA GLY B 694 6.48 -20.35 -1.18
C GLY B 694 7.25 -21.40 -0.43
N VAL B 695 6.61 -22.51 -0.07
CA VAL B 695 7.37 -23.57 0.54
C VAL B 695 7.73 -24.65 -0.47
N ASP B 696 8.99 -25.06 -0.44
CA ASP B 696 9.45 -26.08 -1.35
C ASP B 696 9.27 -27.46 -0.69
N PHE B 697 8.88 -28.43 -1.50
CA PHE B 697 8.59 -29.76 -1.00
C PHE B 697 8.74 -30.74 -2.15
N GLN B 698 8.73 -32.03 -1.83
CA GLN B 698 8.83 -33.08 -2.83
C GLN B 698 7.49 -33.74 -3.12
N ALA B 699 7.27 -34.12 -4.37
CA ALA B 699 5.99 -34.71 -4.76
C ALA B 699 6.13 -35.88 -5.73
N MET B 700 5.09 -36.70 -5.77
CA MET B 700 5.01 -37.80 -6.71
C MET B 700 3.55 -38.16 -6.87
N TRP B 701 3.03 -38.02 -8.08
CA TRP B 701 1.70 -38.51 -8.36
C TRP B 701 1.92 -39.92 -8.91
N TYR B 702 0.91 -40.80 -8.79
CA TYR B 702 0.96 -42.16 -9.35
C TYR B 702 -0.21 -42.35 -10.33
N THR B 703 0.13 -42.22 -11.60
CA THR B 703 -0.84 -42.32 -12.68
C THR B 703 -1.71 -43.57 -12.54
N ASP B 704 -3.02 -43.35 -12.47
CA ASP B 704 -4.02 -44.42 -12.45
C ASP B 704 -3.98 -45.31 -11.25
N GLU B 705 -3.15 -44.98 -10.27
CA GLU B 705 -3.12 -45.78 -9.07
C GLU B 705 -4.25 -45.29 -8.15
N ASP B 706 -4.83 -46.19 -7.38
CA ASP B 706 -5.86 -45.79 -6.43
C ASP B 706 -5.31 -45.63 -5.02
N HIS B 707 -6.20 -45.66 -4.04
CA HIS B 707 -5.83 -45.50 -2.64
C HIS B 707 -4.77 -46.45 -2.11
N GLY B 708 -4.69 -47.66 -2.66
CA GLY B 708 -3.70 -48.60 -2.15
C GLY B 708 -2.36 -48.50 -2.82
N ILE B 709 -2.27 -47.78 -3.95
CA ILE B 709 -1.05 -47.70 -4.76
C ILE B 709 -0.43 -49.09 -4.71
N ALA B 710 -1.25 -50.06 -5.06
CA ALA B 710 -0.90 -51.44 -4.85
C ALA B 710 -0.56 -52.24 -6.10
N SER B 711 -0.50 -51.60 -7.27
CA SER B 711 -0.01 -52.32 -8.43
C SER B 711 1.39 -52.77 -8.07
N SER B 712 1.81 -53.93 -8.56
CA SER B 712 3.14 -54.44 -8.26
C SER B 712 4.22 -53.38 -8.53
N THR B 713 4.18 -52.75 -9.69
CA THR B 713 5.24 -51.82 -10.03
C THR B 713 5.16 -50.53 -9.26
N ALA B 714 3.96 -50.06 -8.96
CA ALA B 714 3.80 -48.83 -8.23
C ALA B 714 4.21 -49.01 -6.79
N HIS B 715 3.82 -50.15 -6.23
CA HIS B 715 4.17 -50.46 -4.85
C HIS B 715 5.68 -50.45 -4.68
N GLN B 716 6.40 -51.07 -5.60
CA GLN B 716 7.86 -51.09 -5.52
C GLN B 716 8.44 -49.69 -5.72
N HIS B 717 7.84 -48.95 -6.65
CA HIS B 717 8.32 -47.58 -6.91
C HIS B 717 8.12 -46.62 -5.72
N ILE B 718 6.96 -46.67 -5.09
CA ILE B 718 6.73 -45.76 -3.98
C ILE B 718 7.66 -46.04 -2.79
N TYR B 719 7.79 -47.30 -2.40
CA TYR B 719 8.70 -47.60 -1.30
C TYR B 719 10.17 -47.30 -1.61
N THR B 720 10.57 -47.42 -2.87
CA THR B 720 11.92 -47.08 -3.30
C THR B 720 12.14 -45.57 -3.14
N HIS B 721 11.16 -44.82 -3.64
CA HIS B 721 11.20 -43.38 -3.64
C HIS B 721 11.16 -42.85 -2.20
N MET B 722 10.31 -43.43 -1.37
CA MET B 722 10.25 -43.01 0.03
C MET B 722 11.54 -43.35 0.76
N SER B 723 12.13 -44.50 0.44
CA SER B 723 13.40 -44.89 1.05
C SER B 723 14.52 -43.89 0.76
N HIS B 724 14.63 -43.44 -0.49
CA HIS B 724 15.65 -42.43 -0.82
C HIS B 724 15.40 -41.14 -0.03
N PHE B 725 14.14 -40.74 0.04
CA PHE B 725 13.74 -39.52 0.73
C PHE B 725 14.15 -39.58 2.21
N ILE B 726 13.86 -40.69 2.88
CA ILE B 726 14.22 -40.86 4.28
C ILE B 726 15.73 -40.89 4.48
N LYS B 727 16.41 -41.65 3.62
CA LYS B 727 17.87 -41.75 3.70
C LYS B 727 18.49 -40.38 3.48
N GLN B 728 18.02 -39.66 2.47
CA GLN B 728 18.49 -38.31 2.23
C GLN B 728 18.28 -37.47 3.50
N CYS B 729 17.05 -37.44 4.01
CA CYS B 729 16.71 -36.65 5.19
C CYS B 729 17.61 -36.96 6.39
N PHE B 730 17.96 -38.23 6.57
CA PHE B 730 18.77 -38.68 7.72
C PHE B 730 20.26 -38.77 7.43
N SER B 731 20.71 -38.32 6.27
CA SER B 731 22.12 -38.41 5.91
C SER B 731 22.65 -39.84 5.95
N LEU B 732 21.88 -40.77 5.40
CA LEU B 732 22.34 -42.15 5.31
C LEU B 732 22.81 -42.38 3.88
N PRO B 733 23.98 -43.01 3.72
CA PRO B 733 24.59 -43.21 2.41
C PRO B 733 23.71 -44.03 1.48
N ARG C 7 37.42 41.35 -17.22
CA ARG C 7 36.00 41.10 -17.63
C ARG C 7 35.05 41.03 -16.43
N LYS C 8 34.68 42.17 -15.87
CA LYS C 8 33.75 42.11 -14.75
C LYS C 8 32.33 42.57 -15.07
N THR C 9 31.38 42.03 -14.33
CA THR C 9 29.99 42.34 -14.51
C THR C 9 29.54 43.04 -13.26
N TYR C 10 28.31 43.53 -13.29
CA TYR C 10 27.71 44.15 -12.13
C TYR C 10 27.17 43.01 -11.25
N THR C 11 27.83 42.72 -10.14
CA THR C 11 27.44 41.58 -9.29
C THR C 11 26.30 41.82 -8.29
N LEU C 12 25.85 40.74 -7.65
CA LEU C 12 24.85 40.87 -6.61
C LEU C 12 25.47 41.69 -5.49
N THR C 13 26.71 41.36 -5.16
CA THR C 13 27.43 42.08 -4.12
C THR C 13 27.56 43.56 -4.46
N ASP C 14 27.76 43.88 -5.73
CA ASP C 14 27.84 45.28 -6.15
C ASP C 14 26.57 46.04 -5.82
N TYR C 15 25.44 45.43 -6.19
CA TYR C 15 24.14 46.02 -5.90
C TYR C 15 23.85 46.13 -4.40
N LEU C 16 24.26 45.14 -3.63
CA LEU C 16 23.95 45.15 -2.20
C LEU C 16 24.87 46.05 -1.39
N LYS C 17 26.05 46.33 -1.92
CA LYS C 17 27.04 47.14 -1.23
C LYS C 17 27.25 48.50 -1.89
N ASN C 18 26.44 48.81 -2.88
CA ASN C 18 26.56 50.10 -3.54
C ASN C 18 27.97 50.39 -4.07
N THR C 19 28.62 49.38 -4.66
CA THR C 19 29.93 49.55 -5.26
C THR C 19 29.91 50.74 -6.23
N TYR C 20 28.89 50.76 -7.09
CA TYR C 20 28.72 51.78 -8.10
C TYR C 20 27.59 52.70 -7.70
N ARG C 21 27.95 53.85 -7.18
CA ARG C 21 27.01 54.79 -6.59
C ARG C 21 26.64 55.93 -7.51
N LEU C 22 25.35 56.16 -7.67
CA LEU C 22 24.90 57.28 -8.45
C LEU C 22 25.11 58.54 -7.62
N LYS C 23 25.78 59.53 -8.17
CA LYS C 23 25.97 60.76 -7.44
C LYS C 23 24.71 61.59 -7.59
N LEU C 24 24.36 62.30 -6.54
CA LEU C 24 23.19 63.15 -6.56
C LEU C 24 23.67 64.56 -6.32
N TYR C 25 22.78 65.52 -6.51
CA TYR C 25 23.09 66.90 -6.18
C TYR C 25 21.82 67.44 -5.58
N SER C 26 21.50 66.96 -4.39
CA SER C 26 20.31 67.39 -3.70
C SER C 26 20.62 68.70 -3.01
N LEU C 27 19.98 69.75 -3.49
CA LEU C 27 20.20 71.04 -2.89
C LEU C 27 18.87 71.48 -2.32
N ARG C 28 18.92 72.40 -1.37
CA ARG C 28 17.70 72.97 -0.85
C ARG C 28 17.85 74.47 -0.91
N TRP C 29 16.88 75.13 -1.52
CA TRP C 29 16.90 76.56 -1.66
C TRP C 29 16.57 77.21 -0.33
N ILE C 30 17.34 78.22 0.05
CA ILE C 30 17.03 78.96 1.27
C ILE C 30 16.47 80.31 0.86
N SER C 31 16.64 80.62 -0.42
CA SER C 31 16.16 81.87 -0.99
C SER C 31 16.04 81.77 -2.49
N ASP C 32 16.00 82.94 -3.11
CA ASP C 32 15.88 83.07 -4.55
C ASP C 32 17.26 83.10 -5.16
N HIS C 33 18.29 83.18 -4.33
CA HIS C 33 19.65 83.32 -4.85
C HIS C 33 20.61 82.22 -4.44
N GLU C 34 20.42 81.70 -3.23
CA GLU C 34 21.35 80.71 -2.69
C GLU C 34 20.71 79.36 -2.37
N TYR C 35 21.53 78.32 -2.32
CA TYR C 35 21.05 77.00 -1.98
C TYR C 35 22.14 76.30 -1.17
N LEU C 36 21.75 75.31 -0.38
CA LEU C 36 22.71 74.54 0.40
C LEU C 36 22.93 73.17 -0.24
N TYR C 37 24.12 72.62 -0.08
CA TYR C 37 24.47 71.34 -0.67
C TYR C 37 25.53 70.67 0.20
N LYS C 38 25.35 69.41 0.52
CA LYS C 38 26.28 68.57 1.22
C LYS C 38 27.42 68.09 0.34
N GLN C 39 28.58 68.65 0.66
CA GLN C 39 29.83 68.33 -0.05
C GLN C 39 30.78 67.63 0.89
N GLU C 40 30.39 66.46 1.24
CA GLU C 40 31.04 65.48 2.16
C GLU C 40 30.79 65.94 3.53
N ASN C 41 31.74 65.94 4.50
CA ASN C 41 31.15 66.23 5.84
C ASN C 41 30.57 67.55 6.05
N ASN C 42 30.41 68.43 5.06
CA ASN C 42 29.96 69.79 5.50
C ASN C 42 29.00 70.40 4.55
N ILE C 43 28.17 71.31 5.00
CA ILE C 43 27.19 71.91 4.14
C ILE C 43 27.68 73.28 3.69
N LEU C 44 27.76 73.47 2.38
CA LEU C 44 28.16 74.75 1.85
C LEU C 44 26.94 75.50 1.41
N VAL C 45 27.02 76.83 1.46
CA VAL C 45 25.99 77.67 0.92
C VAL C 45 26.44 77.98 -0.50
N PHE C 46 25.51 78.16 -1.43
CA PHE C 46 25.92 78.43 -2.80
C PHE C 46 25.19 79.63 -3.37
N ASN C 47 25.92 80.46 -4.10
CA ASN C 47 25.32 81.56 -4.83
C ASN C 47 24.93 80.90 -6.15
N ALA C 48 23.69 81.09 -6.59
CA ALA C 48 23.27 80.44 -7.82
C ALA C 48 23.82 81.16 -9.05
N GLU C 49 23.79 82.49 -9.03
CA GLU C 49 24.24 83.29 -10.16
C GLU C 49 25.71 83.08 -10.49
N TYR C 50 26.54 82.97 -9.46
CA TYR C 50 27.97 82.89 -9.68
C TYR C 50 28.59 81.53 -9.36
N GLY C 51 27.91 80.75 -8.54
CA GLY C 51 28.42 79.44 -8.19
C GLY C 51 29.57 79.47 -7.21
N ASN C 52 29.73 80.59 -6.51
CA ASN C 52 30.73 80.66 -5.46
C ASN C 52 30.09 80.12 -4.20
N SER C 53 30.89 79.70 -3.24
CA SER C 53 30.33 79.12 -2.03
C SER C 53 31.19 79.36 -0.80
N SER C 54 30.59 79.13 0.37
CA SER C 54 31.30 79.22 1.64
C SER C 54 30.72 78.16 2.57
N VAL C 55 31.55 77.68 3.49
CA VAL C 55 31.11 76.65 4.41
C VAL C 55 30.09 77.23 5.38
N PHE C 56 28.88 76.70 5.34
CA PHE C 56 27.81 77.16 6.21
C PHE C 56 27.83 76.38 7.51
N LEU C 57 28.08 75.08 7.38
CA LEU C 57 28.13 74.22 8.54
C LEU C 57 29.36 73.33 8.41
N GLU C 58 30.41 73.66 9.13
CA GLU C 58 31.60 72.84 9.09
C GLU C 58 31.17 71.50 9.66
N ASN C 59 32.09 70.56 9.78
CA ASN C 59 31.72 69.27 10.34
C ASN C 59 31.16 69.46 11.75
N SER C 60 31.77 70.38 12.49
CA SER C 60 31.46 70.54 13.90
C SER C 60 31.08 71.93 14.43
N THR C 61 29.81 72.28 14.31
CA THR C 61 29.30 73.45 15.03
C THR C 61 28.54 72.80 16.18
N PHE C 62 28.69 71.48 16.28
CA PHE C 62 28.01 70.68 17.29
C PHE C 62 28.77 69.44 17.81
N ASP C 63 30.10 69.45 17.80
CA ASP C 63 30.82 68.25 18.26
C ASP C 63 30.60 67.93 19.74
N GLU C 64 30.61 68.95 20.60
CA GLU C 64 30.38 68.77 22.03
C GLU C 64 28.89 68.66 22.31
N PHE C 65 28.10 68.88 21.27
CA PHE C 65 26.66 68.76 21.29
C PHE C 65 26.19 67.50 22.01
N GLY C 66 26.85 66.38 21.71
CA GLY C 66 26.52 65.09 22.30
C GLY C 66 25.78 64.11 21.38
N HIS C 67 24.94 64.65 20.50
CA HIS C 67 24.09 63.80 19.65
C HIS C 67 24.45 63.78 18.16
N SER C 68 23.99 62.75 17.45
CA SER C 68 24.16 62.69 16.01
C SER C 68 22.91 63.28 15.36
N ILE C 69 23.11 64.16 14.38
CA ILE C 69 22.03 64.92 13.76
C ILE C 69 21.44 64.28 12.52
N ASN C 70 20.13 64.04 12.56
CA ASN C 70 19.43 63.38 11.47
C ASN C 70 19.11 64.34 10.34
N ASP C 71 18.81 65.58 10.71
CA ASP C 71 18.44 66.58 9.74
C ASP C 71 18.43 67.93 10.41
N TYR C 72 18.25 68.97 9.61
CA TYR C 72 18.23 70.31 10.13
C TYR C 72 17.22 71.11 9.33
N SER C 73 16.85 72.25 9.88
CA SER C 73 15.87 73.11 9.24
C SER C 73 16.19 74.55 9.62
N ILE C 74 16.33 75.39 8.59
CA ILE C 74 16.62 76.81 8.74
C ILE C 74 15.32 77.58 8.65
N SER C 75 15.00 78.40 9.65
CA SER C 75 13.80 79.22 9.52
C SER C 75 13.92 80.01 8.23
N PRO C 76 12.80 80.32 7.60
CA PRO C 76 12.81 81.13 6.37
C PRO C 76 13.49 82.50 6.50
N ASP C 77 13.49 83.14 7.67
CA ASP C 77 14.12 84.45 7.78
C ASP C 77 15.63 84.33 7.92
N GLY C 78 16.09 83.16 8.39
CA GLY C 78 17.49 82.88 8.51
C GLY C 78 18.09 83.04 9.90
N GLN C 79 17.26 83.37 10.88
CA GLN C 79 17.74 83.63 12.23
C GLN C 79 17.94 82.41 13.13
N PHE C 80 17.17 81.35 12.88
CA PHE C 80 17.30 80.17 13.72
C PHE C 80 17.40 78.89 12.91
N ILE C 81 18.11 77.91 13.43
CA ILE C 81 18.25 76.64 12.74
C ILE C 81 17.73 75.57 13.67
N LEU C 82 17.00 74.62 13.11
CA LEU C 82 16.40 73.57 13.91
C LEU C 82 17.20 72.30 13.70
N LEU C 83 17.64 71.67 14.79
CA LEU C 83 18.40 70.43 14.69
C LEU C 83 17.55 69.24 15.10
N GLU C 84 17.46 68.25 14.21
CA GLU C 84 16.63 67.06 14.47
C GLU C 84 17.50 65.86 14.86
N TYR C 85 17.17 65.23 15.98
CA TYR C 85 17.90 64.06 16.44
C TYR C 85 16.98 63.11 17.21
N ASN C 86 17.56 62.04 17.76
CA ASN C 86 16.76 61.01 18.43
C ASN C 86 15.64 60.54 17.50
N TYR C 87 15.92 60.53 16.21
CA TYR C 87 14.96 60.10 15.21
C TYR C 87 14.58 58.64 15.42
N VAL C 88 13.28 58.38 15.34
CA VAL C 88 12.70 57.04 15.49
C VAL C 88 11.57 56.91 14.47
N LYS C 89 11.76 56.06 13.47
CA LYS C 89 10.76 55.89 12.40
C LYS C 89 9.46 55.26 12.84
N GLN C 90 8.36 55.75 12.29
CA GLN C 90 7.05 55.14 12.48
C GLN C 90 6.62 54.49 11.16
N TRP C 91 5.79 55.15 10.37
CA TRP C 91 5.34 54.51 9.13
C TRP C 91 6.14 54.98 7.92
N ARG C 92 5.49 55.17 6.78
CA ARG C 92 6.24 55.59 5.60
C ARG C 92 6.81 57.01 5.72
N HIS C 93 6.06 57.91 6.34
CA HIS C 93 6.50 59.30 6.47
C HIS C 93 6.66 59.70 7.92
N SER C 94 5.82 59.16 8.78
CA SER C 94 5.82 59.54 10.18
C SER C 94 7.07 59.10 10.94
N TYR C 95 7.41 59.90 11.93
CA TYR C 95 8.51 59.61 12.80
C TYR C 95 8.43 60.53 13.97
N THR C 96 9.19 60.20 15.00
CA THR C 96 9.25 60.93 16.22
C THR C 96 10.68 61.41 16.38
N ALA C 97 10.88 62.55 17.05
CA ALA C 97 12.23 63.07 17.23
C ALA C 97 12.37 64.12 18.33
N SER C 98 13.63 64.39 18.69
CA SER C 98 14.02 65.44 19.62
C SER C 98 14.49 66.63 18.80
N TYR C 99 14.29 67.84 19.32
CA TYR C 99 14.64 69.04 18.57
C TYR C 99 15.31 70.11 19.43
N ASP C 100 16.32 70.73 18.84
CA ASP C 100 17.05 71.83 19.46
C ASP C 100 17.03 72.98 18.47
N ILE C 101 16.79 74.19 18.96
CA ILE C 101 16.79 75.37 18.11
C ILE C 101 18.06 76.16 18.38
N TYR C 102 18.67 76.66 17.31
CA TYR C 102 19.89 77.43 17.43
C TYR C 102 19.73 78.80 16.83
N ASP C 103 20.25 79.81 17.52
CA ASP C 103 20.32 81.15 16.97
C ASP C 103 21.38 81.05 15.90
N LEU C 104 21.03 81.33 14.65
CA LEU C 104 21.98 81.13 13.55
C LEU C 104 23.17 82.08 13.54
N ASN C 105 22.93 83.34 13.86
CA ASN C 105 24.01 84.32 13.79
C ASN C 105 24.96 84.28 14.99
N LYS C 106 24.45 83.98 16.17
CA LYS C 106 25.28 83.86 17.35
C LYS C 106 25.70 82.41 17.46
N ARG C 107 25.01 81.58 16.70
CA ARG C 107 25.17 80.14 16.70
C ARG C 107 25.37 79.51 18.09
N GLN C 108 24.44 79.84 18.98
CA GLN C 108 24.43 79.28 20.33
C GLN C 108 23.06 78.65 20.57
N LEU C 109 23.04 77.60 21.35
CA LEU C 109 21.82 76.86 21.64
C LEU C 109 20.84 77.69 22.46
N ILE C 110 19.58 77.67 22.08
CA ILE C 110 18.52 78.28 22.87
C ILE C 110 18.13 77.23 23.90
N THR C 111 18.42 77.52 25.17
CA THR C 111 18.26 76.56 26.26
C THR C 111 16.89 76.52 26.93
N GLU C 112 16.11 77.59 26.76
CA GLU C 112 14.85 77.68 27.46
C GLU C 112 13.62 77.30 26.65
N GLU C 113 12.59 76.86 27.37
CA GLU C 113 11.33 76.44 26.76
C GLU C 113 11.60 75.55 25.54
N ARG C 114 12.31 74.46 25.75
CA ARG C 114 12.69 73.58 24.66
C ARG C 114 11.56 72.75 24.11
N ILE C 115 11.65 72.47 22.82
CA ILE C 115 10.73 71.57 22.15
C ILE C 115 10.88 70.23 22.86
N PRO C 116 9.77 69.54 23.08
CA PRO C 116 9.79 68.28 23.83
C PRO C 116 10.41 67.12 23.06
N ASN C 117 10.86 66.12 23.79
CA ASN C 117 11.29 64.88 23.18
C ASN C 117 10.03 64.21 22.68
N ASN C 118 10.19 63.27 21.76
CA ASN C 118 9.05 62.54 21.20
C ASN C 118 8.08 63.45 20.45
N THR C 119 8.62 64.50 19.85
CA THR C 119 7.83 65.43 19.05
C THR C 119 7.53 64.72 17.75
N GLN C 120 6.27 64.80 17.31
CA GLN C 120 5.82 64.07 16.15
C GLN C 120 5.99 64.81 14.84
N TRP C 121 6.21 66.12 14.93
CA TRP C 121 6.34 66.94 13.75
C TRP C 121 6.58 68.38 14.17
N VAL C 122 7.33 69.10 13.36
CA VAL C 122 7.59 70.50 13.63
C VAL C 122 7.74 71.20 12.28
N THR C 123 7.29 72.45 12.21
CA THR C 123 7.40 73.20 10.97
C THR C 123 7.45 74.71 11.23
N TRP C 124 8.38 75.37 10.54
CA TRP C 124 8.52 76.80 10.62
C TRP C 124 7.35 77.42 9.86
N SER C 125 6.93 78.60 10.30
CA SER C 125 5.99 79.37 9.52
C SER C 125 6.72 79.68 8.21
N PRO C 126 5.99 79.93 7.13
CA PRO C 126 6.62 80.19 5.83
C PRO C 126 7.49 81.46 5.81
N VAL C 127 7.32 82.32 6.80
CA VAL C 127 8.15 83.51 6.92
C VAL C 127 8.41 83.77 8.39
N GLY C 128 9.49 84.49 8.69
CA GLY C 128 9.84 84.77 10.06
C GLY C 128 10.42 83.54 10.71
N HIS C 129 10.04 83.27 11.95
CA HIS C 129 10.58 82.14 12.68
C HIS C 129 9.61 81.58 13.70
N LYS C 130 8.33 81.58 13.39
CA LYS C 130 7.37 80.95 14.28
C LYS C 130 7.56 79.45 14.13
N LEU C 131 7.16 78.71 15.15
CA LEU C 131 7.26 77.26 15.15
C LEU C 131 5.91 76.64 15.46
N ALA C 132 5.54 75.63 14.70
CA ALA C 132 4.36 74.82 15.00
C ALA C 132 4.86 73.39 15.19
N TYR C 133 4.53 72.76 16.30
CA TYR C 133 4.94 71.38 16.50
C TYR C 133 3.83 70.57 17.14
N VAL C 134 3.85 69.27 16.88
CA VAL C 134 2.87 68.35 17.42
C VAL C 134 3.54 67.43 18.43
N TRP C 135 2.95 67.34 19.61
CA TRP C 135 3.51 66.52 20.65
C TRP C 135 2.33 65.91 21.37
N ASN C 136 2.40 64.60 21.62
CA ASN C 136 1.28 63.86 22.21
C ASN C 136 -0.02 64.09 21.46
N ASN C 137 0.10 64.26 20.16
CA ASN C 137 -1.07 64.41 19.31
C ASN C 137 -1.73 65.80 19.42
N ASP C 138 -1.08 66.74 20.10
CA ASP C 138 -1.58 68.12 20.14
C ASP C 138 -0.64 69.12 19.47
N ILE C 139 -1.22 70.23 19.04
CA ILE C 139 -0.46 71.29 18.38
C ILE C 139 -0.03 72.36 19.36
N TYR C 140 1.20 72.82 19.19
CA TYR C 140 1.74 73.88 20.02
C TYR C 140 2.39 74.86 19.07
N VAL C 141 2.36 76.13 19.44
CA VAL C 141 3.01 77.15 18.62
C VAL C 141 3.98 77.97 19.46
N LYS C 142 5.18 78.14 18.92
CA LYS C 142 6.18 78.99 19.53
C LYS C 142 6.31 80.20 18.60
N ILE C 143 5.93 81.38 19.09
CA ILE C 143 6.10 82.59 18.30
C ILE C 143 7.58 82.94 18.28
N GLU C 144 8.22 82.76 19.44
CA GLU C 144 9.66 82.95 19.53
C GLU C 144 10.27 81.66 20.08
N PRO C 145 11.44 81.30 19.58
CA PRO C 145 12.11 80.05 19.99
C PRO C 145 12.41 79.98 21.48
N ASN C 146 12.67 81.12 22.12
CA ASN C 146 12.99 81.07 23.54
C ASN C 146 11.78 81.26 24.45
N LEU C 147 10.60 81.44 23.84
CA LEU C 147 9.39 81.68 24.61
C LEU C 147 8.46 80.47 24.71
N PRO C 148 7.71 80.42 25.82
CA PRO C 148 6.75 79.35 26.08
C PRO C 148 5.81 79.11 24.90
N SER C 149 5.46 77.85 24.68
CA SER C 149 4.55 77.50 23.60
C SER C 149 3.11 77.75 24.02
N TYR C 150 2.27 78.09 23.05
CA TYR C 150 0.85 78.22 23.30
C TYR C 150 0.25 76.88 22.90
N ARG C 151 -0.54 76.28 23.77
CA ARG C 151 -1.16 75.02 23.41
C ARG C 151 -2.44 75.27 22.63
N ILE C 152 -2.44 74.83 21.37
CA ILE C 152 -3.59 75.04 20.49
C ILE C 152 -4.71 74.05 20.76
N THR C 153 -4.40 72.75 20.82
CA THR C 153 -5.44 71.76 21.07
C THR C 153 -5.24 71.01 22.39
N TRP C 154 -6.33 70.47 22.92
CA TRP C 154 -6.30 69.77 24.19
C TRP C 154 -7.00 68.42 24.11
N THR C 155 -7.35 68.00 22.90
CA THR C 155 -8.08 66.75 22.72
C THR C 155 -7.22 65.58 22.21
N GLY C 156 -5.93 65.83 21.98
CA GLY C 156 -5.03 64.80 21.50
C GLY C 156 -5.02 63.55 22.37
N LYS C 157 -5.17 62.38 21.74
CA LYS C 157 -5.17 61.11 22.46
C LYS C 157 -4.64 59.99 21.57
N GLU C 158 -3.56 59.34 22.03
CA GLU C 158 -2.90 58.27 21.28
C GLU C 158 -3.87 57.30 20.60
N ASP C 159 -3.73 57.10 19.29
CA ASP C 159 -4.49 56.12 18.52
C ASP C 159 -5.96 56.50 18.45
N ILE C 160 -6.37 57.62 18.97
CA ILE C 160 -7.77 58.02 18.94
C ILE C 160 -7.98 59.38 18.26
N ILE C 161 -7.33 60.43 18.78
CA ILE C 161 -7.44 61.74 18.17
C ILE C 161 -6.09 62.29 17.75
N TYR C 162 -6.02 62.69 16.48
CA TYR C 162 -4.81 63.25 15.92
C TYR C 162 -5.03 64.73 15.55
N ASN C 163 -4.31 65.63 16.22
CA ASN C 163 -4.36 67.05 15.88
C ASN C 163 -3.07 67.46 15.17
N GLY C 164 -3.18 67.92 13.93
CA GLY C 164 -2.01 68.36 13.20
C GLY C 164 -1.16 67.26 12.56
N ILE C 165 -1.53 66.00 12.78
CA ILE C 165 -0.86 64.87 12.15
C ILE C 165 -1.91 63.88 11.67
N THR C 166 -1.56 63.04 10.70
CA THR C 166 -2.50 62.07 10.12
C THR C 166 -2.43 60.75 10.84
N ASP C 167 -3.50 59.96 10.72
CA ASP C 167 -3.51 58.62 11.25
C ASP C 167 -2.89 57.74 10.17
N TRP C 168 -2.97 56.42 10.32
CA TRP C 168 -2.26 55.53 9.40
C TRP C 168 -2.70 55.69 7.95
N VAL C 169 -4.00 55.63 7.72
CA VAL C 169 -4.48 55.63 6.35
C VAL C 169 -4.38 56.98 5.65
N TYR C 170 -4.46 58.07 6.42
CA TYR C 170 -4.30 59.39 5.83
C TYR C 170 -2.85 59.66 5.47
N GLU C 171 -1.94 59.19 6.32
CA GLU C 171 -0.52 59.32 6.05
C GLU C 171 -0.17 58.59 4.77
N GLU C 172 -0.62 57.34 4.70
CA GLU C 172 -0.21 56.47 3.60
C GLU C 172 -0.90 56.71 2.28
N GLU C 173 -2.22 56.88 2.30
CA GLU C 173 -3.00 56.90 1.08
C GLU C 173 -3.63 58.23 0.65
N VAL C 174 -3.87 59.13 1.60
CA VAL C 174 -4.49 60.40 1.25
C VAL C 174 -3.47 61.52 1.08
N PHE C 175 -2.75 61.84 2.15
CA PHE C 175 -1.78 62.92 2.10
C PHE C 175 -0.37 62.52 1.66
N SER C 176 -0.01 61.24 1.83
CA SER C 176 1.35 60.82 1.52
C SER C 176 2.27 61.67 2.35
N ALA C 177 1.84 61.94 3.58
CA ALA C 177 2.60 62.78 4.49
C ALA C 177 2.03 62.60 5.86
N TYR C 178 2.85 62.87 6.88
CA TYR C 178 2.40 62.75 8.24
C TYR C 178 1.73 64.03 8.71
N SER C 179 2.24 65.16 8.25
CA SER C 179 1.72 66.44 8.75
C SER C 179 0.32 66.76 8.28
N ALA C 180 -0.45 67.36 9.18
CA ALA C 180 -1.80 67.80 8.86
C ALA C 180 -1.90 69.19 9.41
N LEU C 181 -0.88 69.99 9.12
CA LEU C 181 -0.75 71.37 9.56
C LEU C 181 -0.37 72.20 8.35
N TRP C 182 -1.03 73.34 8.15
CA TRP C 182 -0.73 74.20 6.99
C TRP C 182 -0.72 75.69 7.35
N TRP C 183 0.47 76.26 7.51
CA TRP C 183 0.61 77.69 7.80
C TRP C 183 0.15 78.51 6.61
N SER C 184 -0.39 79.71 6.87
CA SER C 184 -0.74 80.64 5.80
C SER C 184 0.54 81.28 5.27
N PRO C 185 0.50 81.82 4.04
CA PRO C 185 1.69 82.37 3.39
C PRO C 185 2.60 83.26 4.24
N ASN C 186 2.05 84.09 5.13
CA ASN C 186 2.93 84.93 5.95
C ASN C 186 2.91 84.58 7.43
N GLY C 187 2.40 83.40 7.74
CA GLY C 187 2.43 82.89 9.09
C GLY C 187 1.34 83.37 10.00
N THR C 188 0.45 84.22 9.49
CA THR C 188 -0.62 84.68 10.35
C THR C 188 -1.47 83.50 10.81
N PHE C 189 -2.05 82.78 9.86
CA PHE C 189 -2.92 81.68 10.24
C PHE C 189 -2.26 80.30 10.25
N LEU C 190 -2.66 79.48 11.21
CA LEU C 190 -2.26 78.07 11.22
C LEU C 190 -3.50 77.19 11.04
N ALA C 191 -3.59 76.53 9.90
CA ALA C 191 -4.70 75.61 9.64
C ALA C 191 -4.23 74.20 9.95
N TYR C 192 -5.15 73.36 10.42
CA TYR C 192 -4.81 71.97 10.73
C TYR C 192 -6.02 71.10 10.63
N ALA C 193 -5.78 69.79 10.59
CA ALA C 193 -6.89 68.85 10.51
C ALA C 193 -6.87 68.01 11.76
N GLN C 194 -8.03 67.49 12.11
CA GLN C 194 -8.16 66.64 13.27
C GLN C 194 -8.78 65.33 12.85
N PHE C 195 -8.11 64.22 13.17
CA PHE C 195 -8.63 62.92 12.78
C PHE C 195 -9.13 62.20 14.00
N ASN C 196 -10.26 61.52 13.82
CA ASN C 196 -10.84 60.79 14.91
C ASN C 196 -11.00 59.34 14.51
N ASP C 197 -10.22 58.47 15.13
CA ASP C 197 -10.22 57.05 14.80
C ASP C 197 -10.90 56.20 15.85
N THR C 198 -11.81 56.80 16.60
CA THR C 198 -12.44 56.10 17.71
C THR C 198 -12.97 54.71 17.40
N GLU C 199 -13.72 54.56 16.31
CA GLU C 199 -14.32 53.29 16.00
C GLU C 199 -13.61 52.53 14.88
N VAL C 200 -12.41 53.01 14.52
CA VAL C 200 -11.62 52.34 13.49
C VAL C 200 -10.99 51.09 14.08
N PRO C 201 -11.25 49.94 13.47
CA PRO C 201 -10.69 48.68 13.96
C PRO C 201 -9.17 48.70 13.89
N LEU C 202 -8.54 47.89 14.73
CA LEU C 202 -7.10 47.88 14.79
C LEU C 202 -6.56 46.61 14.18
N ILE C 203 -5.54 46.75 13.35
CA ILE C 203 -4.82 45.59 12.88
C ILE C 203 -3.89 45.22 14.03
N GLU C 204 -3.74 43.94 14.32
CA GLU C 204 -2.88 43.51 15.43
C GLU C 204 -1.90 42.47 14.91
N TYR C 205 -0.61 42.66 15.18
CA TYR C 205 0.39 41.68 14.82
C TYR C 205 1.46 41.67 15.89
N SER C 206 2.22 40.59 15.94
CA SER C 206 3.30 40.43 16.89
C SER C 206 4.53 41.23 16.48
N PHE C 207 5.21 41.77 17.46
CA PHE C 207 6.51 42.35 17.24
C PHE C 207 7.42 41.60 18.20
N TYR C 208 8.45 40.95 17.66
CA TYR C 208 9.31 40.09 18.45
C TYR C 208 10.43 40.85 19.15
N SER C 209 10.89 41.93 18.52
CA SER C 209 11.90 42.81 19.10
C SER C 209 13.23 42.07 19.25
N ASP C 210 14.17 42.69 19.96
CA ASP C 210 15.46 42.06 20.21
C ASP C 210 15.19 40.72 20.93
N GLU C 211 16.11 39.77 20.83
CA GLU C 211 15.88 38.47 21.44
C GLU C 211 15.80 38.55 22.99
N SER C 212 16.21 39.69 23.53
CA SER C 212 16.08 39.97 24.97
C SER C 212 14.65 40.03 25.47
N LEU C 213 13.73 40.35 24.57
CA LEU C 213 12.33 40.50 24.97
C LEU C 213 11.70 39.13 25.17
N GLN C 214 11.26 38.87 26.38
CA GLN C 214 10.77 37.55 26.73
C GLN C 214 9.44 37.19 26.10
N TYR C 215 8.52 38.14 26.13
CA TYR C 215 7.21 37.93 25.54
C TYR C 215 7.07 38.91 24.39
N PRO C 216 6.61 38.41 23.26
CA PRO C 216 6.41 39.26 22.09
C PRO C 216 5.39 40.34 22.40
N LYS C 217 5.58 41.51 21.80
CA LYS C 217 4.63 42.59 22.00
C LYS C 217 3.60 42.53 20.88
N THR C 218 2.36 42.91 21.19
CA THR C 218 1.35 43.01 20.16
C THR C 218 1.19 44.46 19.69
N VAL C 219 1.52 44.73 18.44
CA VAL C 219 1.35 46.05 17.85
C VAL C 219 -0.12 46.23 17.45
N ARG C 220 -0.71 47.37 17.83
CA ARG C 220 -2.12 47.63 17.53
C ARG C 220 -2.25 48.96 16.82
N VAL C 221 -2.78 48.94 15.60
CA VAL C 221 -2.85 50.14 14.79
C VAL C 221 -4.23 50.30 14.20
N PRO C 222 -4.82 51.49 14.38
CA PRO C 222 -6.11 51.83 13.75
C PRO C 222 -5.87 51.81 12.27
N TYR C 223 -6.56 50.92 11.57
CA TYR C 223 -6.32 50.71 10.16
C TYR C 223 -7.63 50.19 9.59
N PRO C 224 -8.26 50.96 8.73
CA PRO C 224 -9.54 50.53 8.15
C PRO C 224 -9.33 49.69 6.91
N LYS C 225 -9.80 48.45 6.96
CA LYS C 225 -9.72 47.57 5.82
C LYS C 225 -10.90 47.92 4.92
N ALA C 226 -10.96 47.34 3.73
CA ALA C 226 -12.02 47.69 2.79
C ALA C 226 -13.39 47.52 3.43
N GLY C 227 -14.17 48.61 3.46
CA GLY C 227 -15.52 48.56 3.96
C GLY C 227 -15.69 48.85 5.44
N ALA C 228 -14.58 48.95 6.14
CA ALA C 228 -14.63 49.18 7.58
C ALA C 228 -14.92 50.63 7.89
N VAL C 229 -15.22 50.89 9.15
CA VAL C 229 -15.44 52.25 9.57
C VAL C 229 -14.11 53.01 9.44
N ASN C 230 -14.20 54.17 8.80
CA ASN C 230 -13.06 55.02 8.54
C ASN C 230 -12.91 56.10 9.60
N PRO C 231 -11.74 56.71 9.67
CA PRO C 231 -11.54 57.84 10.57
C PRO C 231 -12.42 58.97 10.05
N THR C 232 -12.78 59.90 10.92
CA THR C 232 -13.53 61.07 10.51
C THR C 232 -12.56 62.23 10.63
N VAL C 233 -12.87 63.32 9.95
CA VAL C 233 -11.97 64.47 9.90
C VAL C 233 -12.72 65.77 10.16
N LYS C 234 -12.02 66.74 10.71
CA LYS C 234 -12.53 68.09 10.93
C LYS C 234 -11.38 69.04 10.58
N PHE C 235 -11.71 70.21 10.04
CA PHE C 235 -10.68 71.19 9.67
C PHE C 235 -10.81 72.49 10.46
N PHE C 236 -9.67 73.04 10.90
CA PHE C 236 -9.66 74.22 11.72
C PHE C 236 -8.59 75.23 11.33
N VAL C 237 -8.86 76.51 11.62
CA VAL C 237 -7.89 77.58 11.41
C VAL C 237 -7.74 78.40 12.67
N VAL C 238 -6.52 78.78 12.98
CA VAL C 238 -6.28 79.53 14.18
C VAL C 238 -5.37 80.71 13.87
N ASN C 239 -5.75 81.87 14.38
CA ASN C 239 -4.94 83.07 14.21
C ASN C 239 -3.82 83.01 15.23
N THR C 240 -2.58 82.90 14.75
CA THR C 240 -1.45 82.80 15.65
C THR C 240 -0.87 84.15 16.08
N ASP C 241 -1.53 85.23 15.66
CA ASP C 241 -1.09 86.58 16.02
C ASP C 241 -1.87 87.17 17.20
N SER C 242 -3.04 86.58 17.46
CA SER C 242 -3.86 86.99 18.60
C SER C 242 -3.75 85.87 19.61
N LEU C 243 -2.65 85.18 19.57
CA LEU C 243 -2.43 84.22 20.60
C LEU C 243 -2.31 84.80 21.96
N SER C 244 -3.21 84.42 22.87
CA SER C 244 -3.00 85.07 24.20
C SER C 244 -2.16 84.11 25.06
N SER C 245 -1.67 84.58 26.16
CA SER C 245 -0.94 83.74 27.12
C SER C 245 -2.01 83.04 27.95
N VAL C 246 -3.04 83.81 28.15
CA VAL C 246 -3.83 83.97 29.43
C VAL C 246 -5.08 83.19 29.26
N THR C 247 -5.46 82.98 28.02
CA THR C 247 -6.65 82.21 27.76
C THR C 247 -6.45 81.25 26.60
N ASN C 248 -7.21 80.15 26.59
CA ASN C 248 -7.06 79.15 25.55
C ASN C 248 -7.36 79.70 24.16
N ALA C 249 -6.56 79.28 23.19
CA ALA C 249 -6.70 79.75 21.82
C ALA C 249 -7.98 79.16 21.23
N THR C 250 -8.61 79.92 20.33
CA THR C 250 -9.85 79.48 19.73
C THR C 250 -9.64 79.13 18.28
N SER C 251 -9.89 77.88 17.94
CA SER C 251 -9.74 77.45 16.57
C SER C 251 -11.08 77.56 15.85
N ILE C 252 -11.04 78.13 14.66
CA ILE C 252 -12.26 78.29 13.87
C ILE C 252 -12.41 77.12 12.94
N GLN C 253 -13.53 76.40 13.07
CA GLN C 253 -13.81 75.28 12.19
C GLN C 253 -14.31 75.72 10.83
N ILE C 254 -13.94 74.94 9.81
CA ILE C 254 -14.43 75.09 8.46
C ILE C 254 -14.99 73.73 8.08
N THR C 255 -16.30 73.67 7.94
CA THR C 255 -16.95 72.41 7.66
C THR C 255 -16.96 72.06 6.19
N ALA C 256 -16.94 70.77 5.91
CA ALA C 256 -17.06 70.26 4.55
C ALA C 256 -18.43 70.66 4.02
N PRO C 257 -18.57 70.73 2.70
CA PRO C 257 -19.84 71.08 2.06
C PRO C 257 -20.88 69.98 2.23
N ALA C 258 -22.15 70.34 2.03
CA ALA C 258 -23.28 69.42 2.21
C ALA C 258 -23.15 68.14 1.41
N SER C 259 -22.72 68.24 0.15
CA SER C 259 -22.55 67.06 -0.70
C SER C 259 -21.57 66.05 -0.10
N MET C 260 -20.70 66.52 0.80
CA MET C 260 -19.75 65.65 1.46
C MET C 260 -20.33 65.14 2.77
N LEU C 261 -20.95 66.03 3.53
CA LEU C 261 -21.44 65.68 4.86
C LEU C 261 -22.52 64.61 4.83
N ILE C 262 -23.11 64.38 3.66
CA ILE C 262 -24.16 63.38 3.56
C ILE C 262 -23.65 61.96 3.79
N GLY C 263 -22.35 61.75 3.58
CA GLY C 263 -21.78 60.43 3.77
C GLY C 263 -20.35 60.43 4.26
N ASP C 264 -19.70 59.28 4.14
CA ASP C 264 -18.31 59.16 4.53
C ASP C 264 -17.52 59.96 3.52
N HIS C 265 -16.49 60.65 3.99
CA HIS C 265 -15.73 61.51 3.10
C HIS C 265 -14.31 61.70 3.61
N TYR C 266 -13.46 62.29 2.78
CA TYR C 266 -12.09 62.58 3.18
C TYR C 266 -11.70 64.02 2.88
N LEU C 267 -10.77 64.55 3.67
CA LEU C 267 -10.16 65.83 3.32
C LEU C 267 -8.97 65.42 2.46
N CYS C 268 -8.93 65.81 1.19
CA CYS C 268 -7.84 65.35 0.34
C CYS C 268 -6.79 66.40 -0.04
N ASP C 269 -7.14 67.68 0.00
CA ASP C 269 -6.17 68.71 -0.30
C ASP C 269 -6.44 70.03 0.41
N VAL C 270 -5.34 70.63 0.87
CA VAL C 270 -5.37 71.92 1.53
C VAL C 270 -4.32 72.80 0.86
N THR C 271 -4.74 73.95 0.35
CA THR C 271 -3.86 74.87 -0.34
C THR C 271 -4.26 76.31 -0.05
N TRP C 272 -3.35 77.04 0.59
CA TRP C 272 -3.57 78.44 0.85
C TRP C 272 -3.48 79.21 -0.46
N ALA C 273 -4.36 80.19 -0.65
CA ALA C 273 -4.40 80.95 -1.89
C ALA C 273 -3.80 82.34 -1.65
N THR C 274 -4.18 82.95 -0.53
CA THR C 274 -3.60 84.23 -0.15
C THR C 274 -3.55 84.26 1.36
N GLN C 275 -3.15 85.39 1.91
CA GLN C 275 -3.05 85.51 3.36
C GLN C 275 -4.39 85.28 4.06
N GLU C 276 -5.50 85.39 3.33
CA GLU C 276 -6.82 85.29 3.96
C GLU C 276 -7.79 84.45 3.17
N ARG C 277 -7.26 83.53 2.38
CA ARG C 277 -8.10 82.67 1.57
C ARG C 277 -7.45 81.30 1.46
N ILE C 278 -8.22 80.26 1.79
CA ILE C 278 -7.73 78.88 1.76
C ILE C 278 -8.65 77.98 0.95
N SER C 279 -8.07 77.08 0.15
CA SER C 279 -8.85 76.16 -0.66
C SER C 279 -8.80 74.76 -0.07
N LEU C 280 -9.96 74.12 -0.01
CA LEU C 280 -10.09 72.81 0.57
C LEU C 280 -10.76 71.91 -0.43
N GLN C 281 -10.19 70.73 -0.65
CA GLN C 281 -10.80 69.76 -1.52
C GLN C 281 -11.24 68.61 -0.65
N TRP C 282 -12.44 68.12 -0.92
CA TRP C 282 -13.02 67.05 -0.15
C TRP C 282 -13.33 65.96 -1.13
N LEU C 283 -13.14 64.73 -0.71
CA LEU C 283 -13.36 63.59 -1.58
C LEU C 283 -14.35 62.66 -0.90
N ARG C 284 -15.36 62.23 -1.63
CA ARG C 284 -16.31 61.26 -1.08
C ARG C 284 -15.64 59.90 -0.87
N ARG C 285 -16.24 59.04 -0.06
CA ARG C 285 -15.68 57.72 0.15
C ARG C 285 -15.74 56.96 -1.15
N ILE C 286 -16.78 57.22 -1.93
CA ILE C 286 -16.79 56.67 -3.28
C ILE C 286 -16.05 57.74 -4.05
N GLN C 287 -14.81 57.42 -4.40
CA GLN C 287 -13.87 58.41 -4.90
C GLN C 287 -14.03 58.83 -6.37
N ASN C 288 -15.27 59.01 -6.82
CA ASN C 288 -15.51 59.50 -8.17
C ASN C 288 -16.08 60.92 -8.14
N TYR C 289 -16.03 61.55 -6.96
CA TYR C 289 -16.65 62.86 -6.78
C TYR C 289 -15.92 63.70 -5.73
N SER C 290 -15.46 64.88 -6.12
CA SER C 290 -14.74 65.74 -5.19
C SER C 290 -15.25 67.17 -5.24
N VAL C 291 -15.14 67.89 -4.13
CA VAL C 291 -15.51 69.29 -4.12
C VAL C 291 -14.41 70.17 -3.54
N MET C 292 -14.13 71.26 -4.24
CA MET C 292 -13.18 72.24 -3.79
C MET C 292 -13.95 73.43 -3.19
N ASP C 293 -13.67 73.77 -1.94
CA ASP C 293 -14.23 74.96 -1.32
C ASP C 293 -13.16 76.04 -1.26
N ILE C 294 -13.55 77.29 -1.49
CA ILE C 294 -12.63 78.41 -1.36
C ILE C 294 -13.19 79.28 -0.25
N CYS C 295 -12.41 79.45 0.81
CA CYS C 295 -12.91 80.11 2.00
C CYS C 295 -12.14 81.39 2.32
N ASP C 296 -12.88 82.46 2.62
CA ASP C 296 -12.26 83.73 2.98
C ASP C 296 -12.39 84.03 4.46
N TYR C 297 -11.43 84.78 4.97
CA TYR C 297 -11.45 85.22 6.34
C TYR C 297 -12.29 86.48 6.39
N ASP C 298 -13.14 86.59 7.40
CA ASP C 298 -14.01 87.75 7.56
C ASP C 298 -13.49 88.58 8.72
N GLU C 299 -12.81 89.69 8.39
CA GLU C 299 -12.19 90.57 9.39
C GLU C 299 -13.09 90.94 10.57
N SER C 300 -14.41 90.96 10.36
CA SER C 300 -15.33 91.37 11.42
C SER C 300 -15.94 90.19 12.18
N SER C 301 -16.13 89.07 11.51
CA SER C 301 -16.69 87.88 12.16
C SER C 301 -15.65 87.18 13.02
N GLY C 302 -14.40 87.23 12.57
CA GLY C 302 -13.33 86.49 13.22
C GLY C 302 -13.41 85.07 12.69
N ARG C 303 -14.31 84.88 11.73
CA ARG C 303 -14.56 83.56 11.16
C ARG C 303 -14.20 83.41 9.68
N TRP C 304 -14.39 82.20 9.18
CA TRP C 304 -14.06 81.85 7.80
C TRP C 304 -15.31 81.46 7.05
N ASN C 305 -15.47 82.01 5.86
CA ASN C 305 -16.66 81.69 5.07
C ASN C 305 -16.32 81.25 3.66
N CYS C 306 -16.99 80.19 3.24
CA CYS C 306 -16.81 79.67 1.91
C CYS C 306 -18.15 79.85 1.20
N LEU C 307 -18.12 80.53 0.05
CA LEU C 307 -19.33 80.81 -0.72
C LEU C 307 -19.62 79.63 -1.64
N VAL C 308 -20.88 79.18 -1.63
CA VAL C 308 -21.30 78.07 -2.47
C VAL C 308 -20.93 78.29 -3.93
N ALA C 309 -21.02 79.54 -4.38
CA ALA C 309 -20.74 79.85 -5.76
C ALA C 309 -19.29 79.55 -6.12
N ARG C 310 -18.41 79.60 -5.12
CA ARG C 310 -17.00 79.39 -5.38
C ARG C 310 -16.59 77.91 -5.32
N GLN C 311 -17.57 77.03 -5.19
CA GLN C 311 -17.33 75.59 -5.20
C GLN C 311 -17.04 75.12 -6.61
N HIS C 312 -16.11 74.16 -6.72
CA HIS C 312 -15.83 73.53 -8.00
C HIS C 312 -15.93 72.05 -7.80
N ILE C 313 -16.64 71.39 -8.68
CA ILE C 313 -16.79 69.95 -8.60
C ILE C 313 -15.81 69.31 -9.58
N GLU C 314 -15.13 68.26 -9.14
CA GLU C 314 -14.30 67.46 -10.02
C GLU C 314 -14.79 66.03 -9.86
N MET C 315 -15.27 65.42 -10.95
CA MET C 315 -15.80 64.06 -10.86
C MET C 315 -15.40 63.19 -12.03
N SER C 316 -15.83 61.92 -11.98
CA SER C 316 -15.47 60.96 -13.00
C SER C 316 -16.59 59.96 -13.14
N THR C 317 -16.89 59.60 -14.38
CA THR C 317 -17.95 58.65 -14.69
C THR C 317 -17.42 57.33 -15.25
N THR C 318 -16.11 57.27 -15.45
CA THR C 318 -15.44 56.07 -15.96
C THR C 318 -14.57 55.49 -14.84
N GLY C 319 -14.35 56.25 -13.78
CA GLY C 319 -13.52 55.77 -12.69
C GLY C 319 -13.44 56.70 -11.51
N TRP C 320 -12.23 56.88 -11.00
CA TRP C 320 -12.01 57.69 -9.81
C TRP C 320 -11.47 59.03 -10.21
N VAL C 321 -11.23 59.89 -9.23
CA VAL C 321 -10.77 61.21 -9.58
C VAL C 321 -9.32 61.46 -9.22
N GLY C 322 -8.54 61.81 -10.23
CA GLY C 322 -7.14 62.08 -10.04
C GLY C 322 -6.33 60.82 -10.26
N ARG C 323 -5.03 60.97 -10.30
CA ARG C 323 -4.18 59.82 -10.47
C ARG C 323 -4.36 58.96 -9.22
N PHE C 324 -4.10 59.53 -8.06
CA PHE C 324 -4.35 58.83 -6.80
C PHE C 324 -5.30 59.67 -5.94
N ARG C 325 -5.36 60.96 -6.26
CA ARG C 325 -6.27 61.89 -5.60
C ARG C 325 -6.37 63.15 -6.45
N PRO C 326 -7.39 63.95 -6.19
CA PRO C 326 -7.59 65.21 -6.92
C PRO C 326 -6.32 66.01 -6.88
N SER C 327 -5.95 66.61 -8.01
CA SER C 327 -4.69 67.33 -8.07
C SER C 327 -4.76 68.65 -7.29
N GLU C 328 -3.60 69.17 -6.90
CA GLU C 328 -3.56 70.41 -6.14
C GLU C 328 -3.60 71.61 -7.09
N PRO C 329 -4.19 72.72 -6.65
CA PRO C 329 -4.29 73.92 -7.49
C PRO C 329 -3.14 74.89 -7.26
N HIS C 330 -2.83 75.67 -8.28
CA HIS C 330 -1.79 76.68 -8.16
C HIS C 330 -2.40 78.05 -8.42
N PHE C 331 -2.57 78.82 -7.36
CA PHE C 331 -3.21 80.12 -7.44
C PHE C 331 -2.31 81.25 -7.90
N THR C 332 -2.86 82.14 -8.73
CA THR C 332 -2.14 83.33 -9.13
C THR C 332 -1.99 84.18 -7.88
N LEU C 333 -1.17 85.21 -7.94
CA LEU C 333 -0.89 86.03 -6.78
C LEU C 333 -2.13 86.65 -6.14
N ASP C 334 -3.00 87.25 -6.95
CA ASP C 334 -4.19 87.92 -6.41
C ASP C 334 -5.18 86.93 -5.82
N GLY C 335 -5.02 85.66 -6.17
CA GLY C 335 -5.83 84.59 -5.62
C GLY C 335 -7.24 84.47 -6.16
N ASN C 336 -7.52 85.20 -7.24
CA ASN C 336 -8.84 85.14 -7.85
C ASN C 336 -8.88 84.13 -8.96
N SER C 337 -7.76 83.45 -9.16
CA SER C 337 -7.64 82.46 -10.23
C SER C 337 -6.75 81.30 -9.80
N PHE C 338 -6.75 80.21 -10.56
CA PHE C 338 -5.86 79.10 -10.27
C PHE C 338 -5.77 78.11 -11.43
N TYR C 339 -4.69 77.34 -11.44
CA TYR C 339 -4.51 76.33 -12.47
C TYR C 339 -4.46 74.97 -11.81
N LYS C 340 -4.93 73.95 -12.49
CA LYS C 340 -4.80 72.60 -11.98
C LYS C 340 -5.03 71.52 -13.04
N ILE C 341 -4.33 70.42 -12.88
CA ILE C 341 -4.37 69.32 -13.81
C ILE C 341 -5.63 68.47 -13.64
N ILE C 342 -6.43 68.39 -14.69
CA ILE C 342 -7.61 67.56 -14.67
C ILE C 342 -7.74 66.81 -15.97
N SER C 343 -8.61 65.81 -15.95
CA SER C 343 -8.87 64.98 -17.12
C SER C 343 -9.88 65.68 -18.01
N ASN C 344 -9.63 65.67 -19.32
CA ASN C 344 -10.52 66.35 -20.26
C ASN C 344 -11.52 65.41 -20.91
N GLU C 345 -12.21 65.91 -21.93
CA GLU C 345 -13.27 65.15 -22.56
C GLU C 345 -12.76 63.93 -23.31
N GLU C 346 -11.46 63.88 -23.62
CA GLU C 346 -10.93 62.66 -24.25
C GLU C 346 -10.12 61.84 -23.26
N GLY C 347 -10.13 62.28 -22.00
CA GLY C 347 -9.52 61.54 -20.92
C GLY C 347 -8.08 61.88 -20.61
N TYR C 348 -7.52 62.85 -21.30
CA TYR C 348 -6.13 63.19 -21.07
C TYR C 348 -5.99 64.30 -20.03
N ARG C 349 -5.09 64.10 -19.09
CA ARG C 349 -4.88 65.04 -18.00
C ARG C 349 -4.10 66.28 -18.43
N HIS C 350 -4.82 67.38 -18.55
CA HIS C 350 -4.21 68.64 -18.95
C HIS C 350 -4.48 69.75 -17.96
N ILE C 351 -3.68 70.81 -18.05
CA ILE C 351 -3.81 71.95 -17.16
C ILE C 351 -5.04 72.79 -17.49
N CYS C 352 -5.86 73.04 -16.48
CA CYS C 352 -7.05 73.86 -16.69
C CYS C 352 -6.91 75.17 -15.93
N TYR C 353 -7.42 76.23 -16.56
CA TYR C 353 -7.41 77.56 -15.98
C TYR C 353 -8.79 77.84 -15.41
N PHE C 354 -8.84 78.10 -14.11
CA PHE C 354 -10.09 78.34 -13.43
C PHE C 354 -10.13 79.76 -12.87
N GLN C 355 -11.26 80.44 -13.02
CA GLN C 355 -11.45 81.71 -12.32
C GLN C 355 -12.24 81.34 -11.07
N ILE C 356 -11.91 81.97 -9.95
CA ILE C 356 -12.53 81.59 -8.68
C ILE C 356 -14.06 81.47 -8.71
N ASP C 357 -14.70 82.34 -9.48
CA ASP C 357 -16.16 82.48 -9.46
C ASP C 357 -17.03 81.71 -10.46
N LYS C 358 -16.52 80.69 -11.15
CA LYS C 358 -17.37 80.03 -12.14
C LYS C 358 -17.09 78.57 -12.48
N LYS C 359 -18.14 77.90 -12.97
CA LYS C 359 -18.12 76.48 -13.28
C LYS C 359 -17.12 76.05 -14.35
N ASP C 360 -17.26 76.59 -15.56
CA ASP C 360 -16.42 76.18 -16.67
C ASP C 360 -14.99 76.67 -16.52
N CYS C 361 -14.05 75.87 -17.00
CA CYS C 361 -12.63 76.20 -16.97
C CYS C 361 -12.13 76.07 -18.40
N THR C 362 -10.96 76.64 -18.67
CA THR C 362 -10.40 76.55 -20.02
C THR C 362 -9.03 75.88 -20.05
N PHE C 363 -8.95 74.81 -20.84
CA PHE C 363 -7.74 74.00 -20.96
C PHE C 363 -6.61 74.71 -21.70
N ILE C 364 -5.48 74.91 -21.03
CA ILE C 364 -4.35 75.59 -21.68
C ILE C 364 -3.37 74.64 -22.37
N THR C 365 -3.52 73.33 -22.14
CA THR C 365 -2.73 72.32 -22.84
C THR C 365 -3.70 71.20 -23.22
N LYS C 366 -3.41 70.51 -24.32
CA LYS C 366 -4.25 69.39 -24.77
C LYS C 366 -3.42 68.46 -25.64
N GLY C 367 -3.98 67.32 -26.05
CA GLY C 367 -3.25 66.35 -26.85
C GLY C 367 -3.14 64.95 -26.25
N THR C 368 -2.73 63.97 -27.06
CA THR C 368 -2.66 62.57 -26.62
C THR C 368 -1.41 62.27 -25.78
N TRP C 369 -1.24 63.09 -24.75
CA TRP C 369 -0.18 62.92 -23.78
C TRP C 369 -0.70 63.55 -22.49
N GLU C 370 0.13 63.65 -21.46
CA GLU C 370 -0.37 64.20 -20.20
C GLU C 370 0.60 65.12 -19.49
N VAL C 371 0.05 66.06 -18.74
CA VAL C 371 0.84 66.90 -17.88
C VAL C 371 1.02 66.12 -16.59
N ILE C 372 2.25 65.92 -16.15
CA ILE C 372 2.47 65.17 -14.93
C ILE C 372 2.24 66.04 -13.72
N GLY C 373 2.66 67.29 -13.82
CA GLY C 373 2.48 68.21 -12.72
C GLY C 373 2.84 69.64 -13.05
N ILE C 374 2.26 70.55 -12.28
CA ILE C 374 2.58 71.95 -12.40
C ILE C 374 3.71 72.21 -11.40
N GLU C 375 4.82 72.74 -11.89
CA GLU C 375 6.00 72.96 -11.06
C GLU C 375 6.13 74.36 -10.51
N ALA C 376 5.64 75.35 -11.25
CA ALA C 376 5.72 76.73 -10.78
C ALA C 376 4.94 77.66 -11.68
N LEU C 377 4.56 78.80 -11.11
CA LEU C 377 3.78 79.78 -11.82
C LEU C 377 4.13 81.20 -11.39
N THR C 378 4.71 81.97 -12.31
CA THR C 378 4.99 83.38 -12.05
C THR C 378 3.82 84.14 -12.64
N SER C 379 3.86 85.46 -12.56
CA SER C 379 2.80 86.27 -13.15
C SER C 379 2.79 86.08 -14.67
N ASP C 380 3.97 85.86 -15.23
CA ASP C 380 4.14 85.76 -16.68
C ASP C 380 4.01 84.34 -17.23
N TYR C 381 4.54 83.36 -16.50
CA TYR C 381 4.55 81.99 -17.00
C TYR C 381 4.04 80.92 -16.03
N LEU C 382 3.78 79.75 -16.60
CA LEU C 382 3.39 78.55 -15.87
C LEU C 382 4.40 77.51 -16.32
N TYR C 383 5.10 76.90 -15.37
CA TYR C 383 6.06 75.86 -15.73
C TYR C 383 5.48 74.52 -15.33
N TYR C 384 5.62 73.53 -16.20
CA TYR C 384 5.08 72.21 -15.92
C TYR C 384 5.89 71.12 -16.60
N ILE C 385 5.69 69.88 -16.15
CA ILE C 385 6.36 68.73 -16.73
C ILE C 385 5.33 67.82 -17.36
N SER C 386 5.64 67.24 -18.51
CA SER C 386 4.68 66.38 -19.20
C SER C 386 5.43 65.31 -19.96
N ASN C 387 4.70 64.35 -20.51
CA ASN C 387 5.35 63.34 -21.34
C ASN C 387 5.00 63.54 -22.80
N GLU C 388 4.98 64.79 -23.24
CA GLU C 388 4.63 65.10 -24.63
C GLU C 388 5.74 64.68 -25.58
N TYR C 389 6.97 65.06 -25.26
CA TYR C 389 8.09 64.84 -26.17
C TYR C 389 8.14 63.46 -26.80
N LYS C 390 8.23 63.43 -28.12
CA LYS C 390 8.29 62.19 -28.91
C LYS C 390 7.19 61.19 -28.58
N GLY C 391 6.16 61.65 -27.89
CA GLY C 391 5.03 60.80 -27.59
C GLY C 391 5.36 59.56 -26.77
N MET C 392 6.39 59.66 -25.93
CA MET C 392 6.79 58.57 -25.07
C MET C 392 6.24 58.85 -23.67
N PRO C 393 5.26 58.07 -23.25
CA PRO C 393 4.62 58.30 -21.96
C PRO C 393 5.59 58.10 -20.81
N GLY C 394 6.67 57.37 -21.07
CA GLY C 394 7.67 57.10 -20.05
C GLY C 394 8.79 58.11 -20.01
N GLY C 395 8.68 59.15 -20.83
CA GLY C 395 9.65 60.21 -20.81
C GLY C 395 9.07 61.39 -20.05
N ARG C 396 9.93 62.27 -19.57
CA ARG C 396 9.49 63.45 -18.81
C ARG C 396 10.29 64.67 -19.25
N ASN C 397 9.60 65.79 -19.48
CA ASN C 397 10.27 67.04 -19.85
C ASN C 397 9.58 68.27 -19.28
N LEU C 398 10.39 69.29 -19.02
CA LEU C 398 9.90 70.56 -18.50
C LEU C 398 9.46 71.47 -19.64
N TYR C 399 8.31 72.11 -19.47
CA TYR C 399 7.80 73.05 -20.47
C TYR C 399 7.45 74.35 -19.80
N LYS C 400 7.35 75.40 -20.61
CA LYS C 400 7.03 76.73 -20.12
C LYS C 400 5.91 77.30 -21.00
N ILE C 401 4.79 77.66 -20.40
CA ILE C 401 3.68 78.21 -21.18
C ILE C 401 3.37 79.67 -20.83
N GLN C 402 3.33 80.51 -21.85
CA GLN C 402 3.03 81.92 -21.65
C GLN C 402 1.58 82.11 -21.25
N LEU C 403 1.36 82.74 -20.11
CA LEU C 403 0.01 83.00 -19.66
C LEU C 403 -0.70 83.97 -20.61
N SER C 404 0.09 84.72 -21.39
CA SER C 404 -0.48 85.67 -22.33
C SER C 404 -0.83 85.05 -23.68
N ASP C 405 -0.21 83.93 -24.03
CA ASP C 405 -0.50 83.28 -25.32
C ASP C 405 -0.33 81.77 -25.25
N TYR C 406 -1.45 81.06 -25.14
CA TYR C 406 -1.44 79.63 -24.88
C TYR C 406 -0.81 78.75 -25.96
N THR C 407 -0.39 79.37 -27.06
CA THR C 407 0.24 78.61 -28.13
C THR C 407 1.75 78.81 -28.11
N LYS C 408 2.22 79.69 -27.24
CA LYS C 408 3.66 79.92 -27.10
C LYS C 408 4.28 79.06 -25.99
N VAL C 409 4.43 77.78 -26.31
CA VAL C 409 4.98 76.81 -25.37
C VAL C 409 6.43 76.48 -25.70
N THR C 410 7.34 76.74 -24.77
CA THR C 410 8.74 76.40 -24.97
C THR C 410 9.11 75.16 -24.16
N CYS C 411 9.81 74.21 -24.80
CA CYS C 411 10.32 73.05 -24.07
C CYS C 411 11.71 73.42 -23.58
N LEU C 412 11.90 73.40 -22.27
CA LEU C 412 13.16 73.82 -21.72
C LEU C 412 14.19 72.73 -21.63
N SER C 413 13.77 71.49 -21.80
CA SER C 413 14.67 70.36 -21.58
C SER C 413 14.80 69.35 -22.70
N CYS C 414 13.77 69.23 -23.54
CA CYS C 414 13.76 68.22 -24.61
C CYS C 414 15.08 68.12 -25.39
N GLU C 415 15.60 69.25 -25.86
CA GLU C 415 16.77 69.20 -26.73
C GLU C 415 18.08 69.60 -26.06
N LEU C 416 18.13 69.53 -24.73
CA LEU C 416 19.35 69.86 -23.99
C LEU C 416 20.41 68.77 -24.16
N ASN C 417 19.94 67.53 -24.12
CA ASN C 417 20.78 66.36 -24.36
C ASN C 417 19.85 65.19 -24.60
N PRO C 418 19.32 65.14 -25.82
CA PRO C 418 18.26 64.18 -26.20
C PRO C 418 18.72 62.72 -26.22
N GLU C 419 20.02 62.46 -26.21
CA GLU C 419 20.54 61.10 -26.15
C GLU C 419 20.64 60.63 -24.70
N ARG C 420 21.27 61.48 -23.89
CA ARG C 420 21.50 61.17 -22.49
C ARG C 420 20.26 61.40 -21.61
N CYS C 421 19.43 62.35 -22.00
CA CYS C 421 18.35 62.80 -21.11
C CYS C 421 16.93 62.88 -21.62
N GLN C 422 16.06 62.01 -21.09
CA GLN C 422 14.66 62.01 -21.48
C GLN C 422 13.68 61.96 -20.28
N TYR C 423 14.23 62.03 -19.07
CA TYR C 423 13.41 62.00 -17.86
C TYR C 423 13.85 63.07 -16.89
N TYR C 424 13.13 64.20 -16.90
CA TYR C 424 13.50 65.36 -16.11
C TYR C 424 12.54 65.69 -14.96
N SER C 425 13.12 66.17 -13.87
CA SER C 425 12.37 66.75 -12.77
C SER C 425 13.04 68.12 -12.53
N VAL C 426 12.44 68.97 -11.71
CA VAL C 426 13.00 70.31 -11.54
C VAL C 426 12.81 70.83 -10.14
N SER C 427 13.69 71.74 -9.76
CA SER C 427 13.63 72.40 -8.47
C SER C 427 13.86 73.89 -8.69
N PHE C 428 12.84 74.69 -8.38
CA PHE C 428 12.93 76.13 -8.55
C PHE C 428 13.33 76.83 -7.26
N SER C 429 14.03 77.94 -7.40
CA SER C 429 14.39 78.77 -6.25
C SER C 429 13.11 79.38 -5.67
N LYS C 430 13.24 80.03 -4.54
CA LYS C 430 12.09 80.59 -3.83
C LYS C 430 11.14 81.40 -4.70
N GLU C 431 11.68 82.29 -5.53
CA GLU C 431 10.81 83.10 -6.39
C GLU C 431 10.97 82.71 -7.85
N ALA C 432 11.68 81.61 -8.09
CA ALA C 432 11.84 81.03 -9.42
C ALA C 432 12.87 81.69 -10.34
N LYS C 433 13.76 82.52 -9.79
CA LYS C 433 14.77 83.17 -10.61
C LYS C 433 15.73 82.18 -11.24
N TYR C 434 15.88 81.03 -10.61
CA TYR C 434 16.76 79.97 -11.08
C TYR C 434 16.05 78.64 -10.99
N TYR C 435 16.63 77.62 -11.62
CA TYR C 435 16.09 76.27 -11.52
C TYR C 435 17.13 75.19 -11.83
N GLN C 436 17.04 74.10 -11.07
CA GLN C 436 17.91 72.94 -11.22
C GLN C 436 17.19 71.89 -12.02
N LEU C 437 17.79 71.42 -13.10
CA LEU C 437 17.16 70.36 -13.84
C LEU C 437 17.74 69.05 -13.37
N ARG C 438 16.88 68.07 -13.13
CA ARG C 438 17.36 66.76 -12.71
C ARG C 438 16.96 65.74 -13.75
N CYS C 439 17.95 65.30 -14.52
CA CYS C 439 17.78 64.32 -15.57
C CYS C 439 18.01 62.93 -14.98
N SER C 440 17.07 62.01 -15.14
CA SER C 440 17.20 60.68 -14.52
C SER C 440 17.61 59.55 -15.45
N GLY C 441 17.67 59.81 -16.75
CA GLY C 441 18.04 58.78 -17.71
C GLY C 441 17.68 59.24 -19.10
N PRO C 442 17.91 58.40 -20.11
CA PRO C 442 18.44 57.04 -19.94
C PRO C 442 19.93 56.93 -19.69
N GLY C 443 20.68 58.01 -19.86
CA GLY C 443 22.09 57.97 -19.57
C GLY C 443 22.27 58.26 -18.11
N LEU C 444 23.51 58.40 -17.65
CA LEU C 444 23.76 58.72 -16.25
C LEU C 444 23.04 60.02 -15.90
N PRO C 445 22.44 60.07 -14.73
CA PRO C 445 21.75 61.28 -14.28
C PRO C 445 22.65 62.49 -14.41
N LEU C 446 22.07 63.62 -14.82
CA LEU C 446 22.82 64.84 -15.01
C LEU C 446 22.08 65.98 -14.32
N TYR C 447 22.79 66.75 -13.49
CA TYR C 447 22.18 67.84 -12.74
C TYR C 447 22.75 69.19 -13.18
N THR C 448 21.89 70.11 -13.64
CA THR C 448 22.31 71.42 -14.14
C THR C 448 21.51 72.59 -13.55
N LEU C 449 22.13 73.77 -13.47
CA LEU C 449 21.47 74.97 -12.93
C LEU C 449 21.16 75.96 -14.03
N HIS C 450 19.94 76.49 -14.03
CA HIS C 450 19.48 77.39 -15.07
C HIS C 450 18.88 78.68 -14.52
N SER C 451 18.97 79.76 -15.29
CA SER C 451 18.37 81.04 -14.92
C SER C 451 17.08 81.21 -15.73
N SER C 452 15.95 81.38 -15.05
CA SER C 452 14.67 81.44 -15.75
C SER C 452 14.44 82.68 -16.61
N VAL C 453 15.09 83.79 -16.27
CA VAL C 453 14.87 85.03 -17.02
C VAL C 453 15.06 84.88 -18.53
N ASN C 454 16.00 84.03 -18.96
CA ASN C 454 16.19 83.78 -20.38
C ASN C 454 16.36 82.30 -20.71
N ASP C 455 16.46 81.47 -19.67
CA ASP C 455 16.62 80.02 -19.83
C ASP C 455 18.00 79.60 -20.31
N LYS C 456 19.02 80.36 -19.92
CA LYS C 456 20.38 80.02 -20.28
C LYS C 456 20.93 79.09 -19.22
N GLY C 457 21.76 78.14 -19.64
CA GLY C 457 22.37 77.21 -18.71
C GLY C 457 23.53 77.88 -18.02
N LEU C 458 23.63 77.69 -16.71
CA LEU C 458 24.68 78.31 -15.91
C LEU C 458 25.87 77.41 -15.73
N ARG C 459 25.62 76.22 -15.18
CA ARG C 459 26.70 75.27 -15.00
C ARG C 459 26.20 73.85 -14.79
N VAL C 460 27.11 72.90 -14.99
CA VAL C 460 26.84 71.50 -14.78
C VAL C 460 27.15 71.24 -13.31
N LEU C 461 26.14 70.83 -12.54
CA LEU C 461 26.29 70.59 -11.12
C LEU C 461 26.92 69.23 -10.82
N GLU C 462 26.41 68.21 -11.51
CA GLU C 462 26.91 66.87 -11.36
C GLU C 462 26.68 66.13 -12.66
N ASP C 463 27.73 65.55 -13.23
CA ASP C 463 27.58 64.84 -14.49
C ASP C 463 27.86 63.37 -14.31
N ASN C 464 28.13 62.98 -13.07
CA ASN C 464 28.40 61.59 -12.72
C ASN C 464 29.55 61.01 -13.51
N SER C 465 30.51 61.86 -13.87
CA SER C 465 31.68 61.43 -14.60
C SER C 465 32.46 60.43 -13.75
N ALA C 466 32.38 60.58 -12.43
CA ALA C 466 33.04 59.65 -11.52
C ALA C 466 32.50 58.22 -11.69
N LEU C 467 31.19 58.09 -11.72
CA LEU C 467 30.56 56.79 -11.90
C LEU C 467 30.82 56.31 -13.32
N ASP C 468 30.65 57.20 -14.28
CA ASP C 468 30.91 56.90 -15.68
C ASP C 468 32.25 56.21 -15.83
N LYS C 469 33.25 56.72 -15.12
CA LYS C 469 34.60 56.18 -15.22
C LYS C 469 34.73 54.74 -14.73
N MET C 470 34.14 54.41 -13.58
CA MET C 470 34.24 53.01 -13.15
C MET C 470 33.33 52.08 -13.94
N LEU C 471 32.32 52.63 -14.62
CA LEU C 471 31.41 51.82 -15.40
C LEU C 471 31.98 51.38 -16.75
N GLN C 472 33.16 51.92 -17.08
CA GLN C 472 33.82 51.58 -18.33
C GLN C 472 34.53 50.25 -18.14
N ASN C 473 34.80 49.93 -16.88
CA ASN C 473 35.44 48.67 -16.52
C ASN C 473 34.40 47.56 -16.32
N VAL C 474 33.17 47.76 -16.80
CA VAL C 474 32.11 46.78 -16.54
C VAL C 474 31.16 46.48 -17.69
N GLN C 475 30.86 45.20 -17.88
CA GLN C 475 29.91 44.78 -18.88
C GLN C 475 28.49 45.09 -18.40
N MET C 476 28.09 46.34 -18.61
CA MET C 476 26.80 46.81 -18.17
C MET C 476 25.71 46.39 -19.14
N PRO C 477 24.51 46.22 -18.61
CA PRO C 477 23.37 45.85 -19.43
C PRO C 477 22.88 47.06 -20.19
N SER C 478 22.04 46.81 -21.17
CA SER C 478 21.48 47.89 -21.94
C SER C 478 20.00 47.92 -21.68
N LYS C 479 19.35 48.99 -22.14
CA LYS C 479 17.92 49.11 -21.95
C LYS C 479 17.21 49.40 -23.26
N LYS C 480 16.18 48.62 -23.53
CA LYS C 480 15.35 48.85 -24.69
C LYS C 480 13.97 49.30 -24.19
N LEU C 481 13.51 50.45 -24.68
CA LEU C 481 12.18 50.94 -24.37
C LEU C 481 11.46 50.97 -25.71
N ASP C 482 10.27 50.40 -25.76
CA ASP C 482 9.53 50.35 -27.02
C ASP C 482 8.09 49.95 -26.75
N PHE C 483 7.30 49.78 -27.81
CA PHE C 483 5.89 49.44 -27.66
C PHE C 483 5.45 48.32 -28.60
N ILE C 484 4.43 47.58 -28.15
CA ILE C 484 3.76 46.56 -28.95
C ILE C 484 2.32 47.04 -29.12
N ILE C 485 1.66 46.60 -30.19
CA ILE C 485 0.29 47.01 -30.47
C ILE C 485 -0.69 45.90 -30.12
N LEU C 486 -1.65 46.22 -29.25
CA LEU C 486 -2.68 45.29 -28.85
C LEU C 486 -4.02 45.93 -29.12
N ASN C 487 -4.87 45.25 -29.87
CA ASN C 487 -6.20 45.77 -30.19
C ASN C 487 -6.14 47.26 -30.55
N GLU C 488 -5.27 47.58 -31.51
CA GLU C 488 -5.07 48.95 -32.00
C GLU C 488 -4.57 49.93 -30.96
N THR C 489 -3.77 49.47 -29.99
CA THR C 489 -3.29 50.39 -28.96
C THR C 489 -1.84 50.16 -28.61
N LYS C 490 -1.10 51.25 -28.40
CA LYS C 490 0.29 51.16 -28.01
C LYS C 490 0.36 50.83 -26.52
N PHE C 491 1.08 49.78 -26.17
CA PHE C 491 1.36 49.49 -24.78
C PHE C 491 2.87 49.39 -24.70
N TRP C 492 3.46 50.11 -23.76
CA TRP C 492 4.89 50.17 -23.67
C TRP C 492 5.51 49.06 -22.84
N TYR C 493 6.80 48.84 -23.08
CA TYR C 493 7.54 47.85 -22.33
C TYR C 493 8.97 48.29 -22.30
N GLN C 494 9.73 47.70 -21.38
CA GLN C 494 11.16 47.93 -21.34
C GLN C 494 11.78 46.59 -21.08
N MET C 495 13.03 46.44 -21.47
CA MET C 495 13.79 45.24 -21.25
C MET C 495 15.15 45.66 -20.80
N ILE C 496 15.68 44.98 -19.79
CA ILE C 496 17.05 45.19 -19.40
C ILE C 496 17.79 44.05 -20.11
N LEU C 497 18.65 44.38 -21.06
CA LEU C 497 19.29 43.37 -21.87
C LEU C 497 20.70 43.10 -21.41
N PRO C 498 21.05 41.82 -21.30
CA PRO C 498 22.40 41.44 -20.91
C PRO C 498 23.37 42.09 -21.87
N PRO C 499 24.59 42.31 -21.42
CA PRO C 499 25.63 42.89 -22.27
C PRO C 499 25.82 41.97 -23.47
N HIS C 500 26.38 42.48 -24.56
CA HIS C 500 26.64 41.66 -25.74
C HIS C 500 25.39 40.91 -26.19
N PHE C 501 24.25 41.59 -26.08
CA PHE C 501 22.98 41.00 -26.44
C PHE C 501 23.05 40.45 -27.86
N ASP C 502 22.70 39.18 -28.01
CA ASP C 502 22.78 38.49 -29.29
C ASP C 502 21.40 37.94 -29.55
N LYS C 503 20.65 38.55 -30.48
CA LYS C 503 19.29 38.09 -30.66
C LYS C 503 19.17 36.76 -31.44
N SER C 504 20.30 36.11 -31.66
CA SER C 504 20.30 34.79 -32.28
C SER C 504 20.25 33.75 -31.16
N LYS C 505 20.49 34.21 -29.93
CA LYS C 505 20.47 33.33 -28.75
C LYS C 505 19.11 33.32 -28.06
N LYS C 506 18.89 32.35 -27.20
CA LYS C 506 17.63 32.28 -26.46
C LYS C 506 17.91 32.55 -24.99
N TYR C 507 17.41 33.68 -24.50
CA TYR C 507 17.68 34.09 -23.13
C TYR C 507 16.51 33.81 -22.19
N PRO C 508 16.82 33.46 -20.94
CA PRO C 508 15.77 33.31 -19.94
C PRO C 508 15.24 34.70 -19.69
N LEU C 509 13.96 34.81 -19.36
CA LEU C 509 13.38 36.10 -19.15
C LEU C 509 12.64 36.21 -17.81
N LEU C 510 12.84 37.34 -17.13
CA LEU C 510 12.15 37.62 -15.88
C LEU C 510 11.25 38.83 -16.05
N LEU C 511 9.96 38.63 -15.83
CA LEU C 511 8.99 39.71 -15.92
C LEU C 511 8.85 40.43 -14.56
N ASP C 512 9.35 41.66 -14.52
CA ASP C 512 9.31 42.52 -13.34
C ASP C 512 8.02 43.32 -13.37
N VAL C 513 7.08 42.95 -12.52
CA VAL C 513 5.76 43.57 -12.55
C VAL C 513 5.38 44.36 -11.31
N TYR C 514 4.62 45.44 -11.53
CA TYR C 514 3.94 46.13 -10.46
C TYR C 514 2.49 46.09 -10.91
N ALA C 515 2.21 46.87 -11.95
CA ALA C 515 0.92 46.91 -12.62
C ALA C 515 -0.30 47.42 -11.83
N GLY C 516 -0.06 48.15 -10.74
CA GLY C 516 -1.14 48.76 -9.98
C GLY C 516 -1.70 49.96 -10.74
N PRO C 517 -2.90 50.42 -10.40
CA PRO C 517 -3.53 51.54 -11.10
C PRO C 517 -2.65 52.76 -11.22
N CYS C 518 -2.54 53.28 -12.43
CA CYS C 518 -1.72 54.44 -12.76
C CYS C 518 -0.25 54.13 -12.57
N SER C 519 0.12 52.88 -12.75
CA SER C 519 1.52 52.51 -12.64
C SER C 519 2.29 52.76 -13.92
N GLN C 520 3.61 52.86 -13.78
CA GLN C 520 4.48 52.97 -14.92
C GLN C 520 5.78 52.29 -14.60
N LYS C 521 6.03 51.20 -15.31
CA LYS C 521 7.23 50.42 -15.10
C LYS C 521 8.14 50.41 -16.32
N ALA C 522 7.68 51.06 -17.40
CA ALA C 522 8.44 51.20 -18.63
C ALA C 522 8.71 52.68 -18.82
N ASP C 523 9.94 53.09 -18.65
CA ASP C 523 10.25 54.50 -18.76
C ASP C 523 11.71 54.69 -19.10
N THR C 524 12.16 55.94 -19.07
CA THR C 524 13.50 56.28 -19.47
C THR C 524 14.47 56.51 -18.32
N VAL C 525 14.11 56.06 -17.11
CA VAL C 525 15.00 56.25 -15.98
C VAL C 525 16.14 55.25 -15.97
N PHE C 526 17.34 55.74 -15.71
CA PHE C 526 18.50 54.86 -15.58
C PHE C 526 18.51 54.36 -14.15
N ARG C 527 18.72 53.07 -13.97
CA ARG C 527 18.72 52.50 -12.62
C ARG C 527 19.83 51.49 -12.45
N LEU C 528 20.33 51.43 -11.22
CA LEU C 528 21.28 50.41 -10.83
C LEU C 528 20.52 49.61 -9.78
N ASN C 529 20.05 48.44 -10.17
CA ASN C 529 19.24 47.63 -9.25
C ASN C 529 19.47 46.13 -9.40
N TRP C 530 18.57 45.33 -8.84
CA TRP C 530 18.68 43.88 -8.93
C TRP C 530 18.60 43.43 -10.39
N ALA C 531 17.71 44.04 -11.16
CA ALA C 531 17.59 43.75 -12.57
C ALA C 531 18.90 44.00 -13.33
N THR C 532 19.70 44.97 -12.88
CA THR C 532 20.98 45.26 -13.50
C THR C 532 21.90 44.06 -13.31
N TYR C 533 21.89 43.52 -12.09
CA TYR C 533 22.71 42.35 -11.76
C TYR C 533 22.25 41.11 -12.50
N LEU C 534 20.93 40.92 -12.62
CA LEU C 534 20.42 39.73 -13.27
C LEU C 534 20.81 39.72 -14.75
N ALA C 535 20.78 40.89 -15.38
CA ALA C 535 21.12 40.96 -16.79
C ALA C 535 22.62 40.93 -17.01
N SER C 536 23.35 41.71 -16.22
CA SER C 536 24.80 41.83 -16.39
C SER C 536 25.59 40.57 -16.03
N THR C 537 25.20 39.93 -14.94
CA THR C 537 25.92 38.77 -14.45
C THR C 537 25.30 37.44 -14.85
N GLU C 538 23.97 37.36 -14.81
CA GLU C 538 23.29 36.08 -15.05
C GLU C 538 22.72 35.95 -16.46
N ASN C 539 22.87 36.99 -17.27
CA ASN C 539 22.41 36.97 -18.66
C ASN C 539 20.91 36.73 -18.79
N ILE C 540 20.16 37.27 -17.83
CA ILE C 540 18.73 37.16 -17.84
C ILE C 540 18.16 38.47 -18.35
N ILE C 541 17.16 38.39 -19.21
CA ILE C 541 16.48 39.58 -19.65
C ILE C 541 15.42 39.92 -18.60
N VAL C 542 15.45 41.17 -18.12
CA VAL C 542 14.42 41.60 -17.17
C VAL C 542 13.47 42.57 -17.84
N ALA C 543 12.25 42.13 -18.02
CA ALA C 543 11.28 42.91 -18.76
C ALA C 543 10.16 43.40 -17.85
N SER C 544 9.60 44.54 -18.22
CA SER C 544 8.43 45.10 -17.56
C SER C 544 7.45 45.55 -18.63
N PHE C 545 6.17 45.61 -18.28
CA PHE C 545 5.14 45.94 -19.25
C PHE C 545 4.03 46.78 -18.64
N ASP C 546 3.69 47.86 -19.33
CA ASP C 546 2.61 48.74 -18.91
C ASP C 546 1.39 48.41 -19.75
N GLY C 547 0.46 47.68 -19.14
CA GLY C 547 -0.74 47.29 -19.82
C GLY C 547 -1.92 48.07 -19.32
N ARG C 548 -3.11 47.55 -19.57
CA ARG C 548 -4.32 48.20 -19.09
C ARG C 548 -4.23 48.47 -17.60
N GLY C 549 -4.56 49.69 -17.20
CA GLY C 549 -4.50 50.10 -15.81
C GLY C 549 -3.36 51.06 -15.60
N SER C 550 -2.38 50.98 -16.50
CA SER C 550 -1.19 51.82 -16.36
C SER C 550 -1.55 53.28 -16.53
N GLY C 551 -0.69 54.15 -16.02
CA GLY C 551 -0.97 55.56 -16.07
C GLY C 551 -0.18 56.36 -17.09
N TYR C 552 -0.44 57.66 -17.08
CA TYR C 552 0.22 58.64 -17.94
C TYR C 552 -0.11 58.46 -19.43
N GLN C 553 -1.17 57.73 -19.72
CA GLN C 553 -1.58 57.43 -21.08
C GLN C 553 -3.06 57.70 -21.37
N GLY C 554 -3.75 58.36 -20.45
CA GLY C 554 -5.15 58.67 -20.62
C GLY C 554 -6.08 57.73 -19.88
N ASP C 555 -7.28 58.22 -19.56
CA ASP C 555 -8.27 57.45 -18.78
C ASP C 555 -8.74 56.16 -19.43
N LYS C 556 -8.67 56.07 -20.75
CA LYS C 556 -9.11 54.87 -21.43
C LYS C 556 -8.33 53.67 -20.92
N ILE C 557 -7.01 53.82 -20.88
CA ILE C 557 -6.15 52.74 -20.43
C ILE C 557 -6.13 52.64 -18.90
N MET C 558 -6.08 53.78 -18.23
CA MET C 558 -5.97 53.77 -16.76
C MET C 558 -7.24 53.29 -16.07
N HIS C 559 -8.40 53.66 -16.61
CA HIS C 559 -9.66 53.33 -15.98
C HIS C 559 -10.22 52.03 -16.51
N ALA C 560 -9.38 51.28 -17.21
CA ALA C 560 -9.83 50.03 -17.79
C ALA C 560 -10.13 48.99 -16.71
N ILE C 561 -9.43 49.10 -15.58
CA ILE C 561 -9.62 48.15 -14.48
C ILE C 561 -10.54 48.67 -13.38
N ASN C 562 -11.24 49.76 -13.66
CA ASN C 562 -12.15 50.31 -12.65
C ASN C 562 -13.05 49.19 -12.16
N ARG C 563 -13.15 49.08 -10.83
CA ARG C 563 -13.94 48.06 -10.18
C ARG C 563 -13.57 46.64 -10.61
N ARG C 564 -12.42 46.49 -11.25
CA ARG C 564 -12.05 45.19 -11.77
C ARG C 564 -10.57 44.87 -11.58
N LEU C 565 -10.05 45.12 -10.39
CA LEU C 565 -8.67 44.79 -10.09
C LEU C 565 -8.50 43.30 -10.25
N GLY C 566 -7.34 42.87 -10.74
CA GLY C 566 -7.07 41.46 -10.90
C GLY C 566 -7.63 40.82 -12.16
N THR C 567 -7.89 41.63 -13.19
CA THR C 567 -8.31 41.08 -14.47
C THR C 567 -7.35 41.50 -15.56
N PHE C 568 -7.71 42.60 -16.24
CA PHE C 568 -6.94 43.09 -17.38
C PHE C 568 -5.44 43.30 -17.13
N GLU C 569 -5.09 43.83 -15.95
CA GLU C 569 -3.68 44.07 -15.66
C GLU C 569 -2.94 42.74 -15.52
N VAL C 570 -3.64 41.74 -14.99
CA VAL C 570 -3.07 40.41 -14.87
C VAL C 570 -2.92 39.76 -16.24
N GLU C 571 -4.01 39.78 -17.00
CA GLU C 571 -4.03 39.21 -18.36
C GLU C 571 -2.96 39.84 -19.25
N ASP C 572 -2.87 41.16 -19.22
CA ASP C 572 -1.92 41.87 -20.09
C ASP C 572 -0.48 41.49 -19.81
N GLN C 573 -0.18 41.11 -18.58
CA GLN C 573 1.17 40.71 -18.20
C GLN C 573 1.48 39.37 -18.85
N ILE C 574 0.47 38.52 -18.90
CA ILE C 574 0.62 37.22 -19.52
C ILE C 574 0.82 37.38 -21.03
N GLU C 575 -0.02 38.19 -21.65
CA GLU C 575 0.11 38.42 -23.10
C GLU C 575 1.49 39.01 -23.38
N ALA C 576 1.90 39.95 -22.51
CA ALA C 576 3.20 40.57 -22.67
C ALA C 576 4.24 39.47 -22.77
N ALA C 577 4.18 38.51 -21.84
CA ALA C 577 5.12 37.41 -21.83
C ALA C 577 5.07 36.68 -23.16
N ARG C 578 3.87 36.45 -23.67
CA ARG C 578 3.70 35.77 -24.95
C ARG C 578 4.37 36.56 -26.06
N GLN C 579 4.10 37.85 -26.11
CA GLN C 579 4.70 38.69 -27.14
C GLN C 579 6.21 38.62 -27.06
N PHE C 580 6.76 38.70 -25.86
CA PHE C 580 8.21 38.64 -25.74
C PHE C 580 8.74 37.34 -26.37
N SER C 581 8.06 36.22 -26.13
CA SER C 581 8.49 34.97 -26.76
C SER C 581 8.50 35.09 -28.30
N LYS C 582 7.45 35.69 -28.86
CA LYS C 582 7.36 35.88 -30.31
C LYS C 582 8.53 36.69 -30.86
N MET C 583 9.13 37.52 -30.02
CA MET C 583 10.26 38.34 -30.44
C MET C 583 11.47 37.50 -30.83
N GLY C 584 11.46 36.24 -30.41
CA GLY C 584 12.47 35.28 -30.85
C GLY C 584 13.79 35.09 -30.12
N PHE C 585 14.10 35.92 -29.11
CA PHE C 585 15.34 35.75 -28.36
C PHE C 585 15.10 35.30 -26.92
N VAL C 586 13.95 34.64 -26.72
CA VAL C 586 13.57 34.20 -25.39
C VAL C 586 13.40 32.70 -25.28
N ASP C 587 13.97 32.13 -24.22
CA ASP C 587 13.77 30.72 -23.96
C ASP C 587 12.37 30.58 -23.37
N ASN C 588 11.49 29.96 -24.15
CA ASN C 588 10.11 29.74 -23.76
C ASN C 588 9.97 28.92 -22.49
N LYS C 589 10.97 28.12 -22.18
CA LYS C 589 10.93 27.27 -21.00
C LYS C 589 11.47 27.98 -19.75
N ARG C 590 12.06 29.15 -19.93
CA ARG C 590 12.62 29.87 -18.78
C ARG C 590 12.10 31.29 -18.68
N ILE C 591 10.82 31.42 -18.39
CA ILE C 591 10.19 32.71 -18.23
C ILE C 591 9.68 32.76 -16.81
N ALA C 592 10.05 33.79 -16.07
CA ALA C 592 9.61 33.90 -14.68
C ALA C 592 8.97 35.25 -14.48
N ILE C 593 8.34 35.43 -13.33
CA ILE C 593 7.70 36.67 -13.00
C ILE C 593 7.86 36.99 -11.51
N TRP C 594 7.99 38.26 -11.18
CA TRP C 594 8.12 38.65 -9.79
C TRP C 594 7.63 40.07 -9.56
N GLY C 595 7.14 40.31 -8.35
CA GLY C 595 6.70 41.63 -7.97
C GLY C 595 6.57 41.76 -6.47
N TRP C 596 6.53 43.01 -6.02
CA TRP C 596 6.41 43.39 -4.62
C TRP C 596 5.09 44.14 -4.49
N SER C 597 4.33 43.89 -3.41
CA SER C 597 3.10 44.63 -3.13
C SER C 597 2.00 44.31 -4.18
N TYR C 598 1.51 45.34 -4.87
CA TYR C 598 0.58 45.09 -5.97
C TYR C 598 1.22 44.13 -6.98
N GLY C 599 2.52 44.29 -7.16
CA GLY C 599 3.26 43.40 -8.06
C GLY C 599 3.29 41.98 -7.54
N GLY C 600 3.26 41.83 -6.21
CA GLY C 600 3.21 40.51 -5.63
C GLY C 600 1.85 39.92 -5.90
N TYR C 601 0.83 40.77 -5.85
CA TYR C 601 -0.51 40.31 -6.12
C TYR C 601 -0.64 39.83 -7.56
N VAL C 602 -0.22 40.66 -8.50
CA VAL C 602 -0.33 40.32 -9.91
C VAL C 602 0.55 39.12 -10.24
N THR C 603 1.72 39.05 -9.62
CA THR C 603 2.58 37.91 -9.84
C THR C 603 1.81 36.67 -9.45
N SER C 604 1.18 36.71 -8.27
CA SER C 604 0.48 35.54 -7.76
C SER C 604 -0.70 35.17 -8.64
N MET C 605 -1.44 36.19 -9.06
CA MET C 605 -2.59 35.99 -9.93
C MET C 605 -2.15 35.36 -11.23
N VAL C 606 -1.03 35.84 -11.76
CA VAL C 606 -0.50 35.27 -13.00
C VAL C 606 -0.09 33.82 -12.80
N LEU C 607 0.60 33.54 -11.69
CA LEU C 607 1.06 32.18 -11.41
C LEU C 607 -0.10 31.23 -11.18
N GLY C 608 -1.24 31.77 -10.81
CA GLY C 608 -2.41 30.97 -10.56
C GLY C 608 -3.41 31.01 -11.70
N SER C 609 -3.02 31.62 -12.82
CA SER C 609 -3.91 31.70 -13.98
C SER C 609 -4.02 30.39 -14.76
N GLY C 610 -2.95 29.60 -14.77
CA GLY C 610 -2.99 28.35 -15.50
C GLY C 610 -2.60 28.60 -16.94
N SER C 611 -1.90 29.71 -17.16
CA SER C 611 -1.49 30.09 -18.51
C SER C 611 -0.39 29.18 -19.05
N GLY C 612 0.42 28.63 -18.14
CA GLY C 612 1.53 27.76 -18.52
C GLY C 612 2.70 28.51 -19.09
N VAL C 613 2.57 29.82 -19.21
CA VAL C 613 3.64 30.65 -19.77
C VAL C 613 4.84 30.80 -18.86
N PHE C 614 4.61 30.82 -17.55
CA PHE C 614 5.70 31.08 -16.62
C PHE C 614 6.13 29.83 -15.89
N LYS C 615 7.44 29.64 -15.75
CA LYS C 615 7.95 28.47 -15.05
C LYS C 615 7.96 28.68 -13.53
N CYS C 616 8.08 29.94 -13.12
CA CYS C 616 8.18 30.24 -11.70
C CYS C 616 8.00 31.71 -11.44
N GLY C 617 7.90 32.06 -10.16
CA GLY C 617 7.75 33.45 -9.79
C GLY C 617 7.94 33.69 -8.30
N ILE C 618 8.17 34.96 -7.97
CA ILE C 618 8.35 35.38 -6.60
C ILE C 618 7.37 36.49 -6.27
N ALA C 619 6.54 36.28 -5.26
CA ALA C 619 5.68 37.35 -4.77
C ALA C 619 6.23 37.86 -3.44
N VAL C 620 6.43 39.17 -3.36
CA VAL C 620 6.93 39.78 -2.13
C VAL C 620 5.86 40.70 -1.55
N ALA C 621 5.48 40.41 -0.30
CA ALA C 621 4.45 41.16 0.40
C ALA C 621 3.23 41.44 -0.48
N PRO C 622 2.67 40.39 -1.05
CA PRO C 622 1.55 40.56 -1.98
C PRO C 622 0.23 40.86 -1.26
N VAL C 623 -0.66 41.53 -1.96
CA VAL C 623 -2.03 41.62 -1.48
C VAL C 623 -2.60 40.28 -1.95
N SER C 624 -3.43 39.62 -1.15
CA SER C 624 -4.00 38.34 -1.57
C SER C 624 -5.53 38.41 -1.80
N ARG C 625 -6.18 39.36 -1.14
CA ARG C 625 -7.59 39.65 -1.35
C ARG C 625 -7.84 41.07 -0.90
N TRP C 626 -8.63 41.79 -1.70
CA TRP C 626 -8.80 43.21 -1.47
C TRP C 626 -9.44 43.59 -0.16
N GLU C 627 -10.22 42.69 0.42
CA GLU C 627 -10.82 42.97 1.72
C GLU C 627 -9.78 43.13 2.84
N TYR C 628 -8.57 42.60 2.65
CA TYR C 628 -7.53 42.75 3.66
C TYR C 628 -6.80 44.09 3.58
N TYR C 629 -6.92 44.78 2.45
CA TYR C 629 -6.15 46.00 2.24
C TYR C 629 -6.92 47.23 2.70
N ASP C 630 -6.26 48.38 2.81
CA ASP C 630 -6.90 49.57 3.39
C ASP C 630 -8.01 50.16 2.56
N SER C 631 -8.97 50.76 3.24
CA SER C 631 -10.16 51.30 2.60
C SER C 631 -9.90 52.34 1.51
N VAL C 632 -9.15 53.39 1.86
CA VAL C 632 -8.88 54.48 0.93
C VAL C 632 -8.33 54.01 -0.41
N TYR C 633 -7.27 53.21 -0.39
CA TYR C 633 -6.67 52.73 -1.63
C TYR C 633 -7.59 51.77 -2.35
N THR C 634 -8.04 50.75 -1.63
CA THR C 634 -8.83 49.67 -2.20
C THR C 634 -10.16 50.13 -2.80
N GLU C 635 -10.91 50.91 -2.02
CA GLU C 635 -12.24 51.34 -2.43
C GLU C 635 -12.18 52.30 -3.60
N ARG C 636 -11.03 52.97 -3.74
CA ARG C 636 -10.80 53.89 -4.86
C ARG C 636 -11.01 53.15 -6.17
N TYR C 637 -10.49 51.93 -6.23
CA TYR C 637 -10.55 51.14 -7.46
C TYR C 637 -11.55 50.01 -7.41
N MET C 638 -12.09 49.69 -6.24
CA MET C 638 -12.91 48.50 -6.16
C MET C 638 -14.32 48.73 -5.64
N GLY C 639 -14.59 49.93 -5.14
CA GLY C 639 -15.86 50.18 -4.52
C GLY C 639 -15.91 49.55 -3.14
N LEU C 640 -17.11 49.25 -2.66
CA LEU C 640 -17.26 48.63 -1.35
C LEU C 640 -17.55 47.15 -1.47
N PRO C 641 -16.99 46.35 -0.57
CA PRO C 641 -17.27 44.91 -0.58
C PRO C 641 -18.59 44.57 0.10
N THR C 642 -19.68 45.11 -0.44
CA THR C 642 -21.04 44.76 -0.02
C THR C 642 -21.76 44.11 -1.21
N PRO C 643 -22.83 43.38 -0.94
CA PRO C 643 -23.62 42.77 -2.01
C PRO C 643 -24.23 43.80 -2.97
N GLU C 644 -24.55 44.98 -2.47
CA GLU C 644 -25.16 45.98 -3.34
C GLU C 644 -24.14 46.86 -4.04
N ASP C 645 -22.86 46.49 -3.94
CA ASP C 645 -21.83 47.21 -4.65
C ASP C 645 -20.96 46.25 -5.45
N ASN C 646 -19.75 46.00 -4.97
CA ASN C 646 -18.82 45.18 -5.75
C ASN C 646 -18.31 43.90 -5.08
N LEU C 647 -19.05 43.41 -4.09
CA LEU C 647 -18.66 42.20 -3.36
C LEU C 647 -18.28 41.03 -4.27
N ASP C 648 -19.11 40.78 -5.28
CA ASP C 648 -18.90 39.67 -6.20
C ASP C 648 -17.47 39.66 -6.75
N HIS C 649 -17.00 40.80 -7.21
CA HIS C 649 -15.65 40.81 -7.78
C HIS C 649 -14.54 40.76 -6.73
N TYR C 650 -14.82 41.27 -5.54
CA TYR C 650 -13.87 41.18 -4.42
C TYR C 650 -13.63 39.72 -4.15
N ARG C 651 -14.69 38.92 -4.27
CA ARG C 651 -14.57 37.50 -4.00
C ARG C 651 -13.91 36.74 -5.14
N ASN C 652 -14.06 37.23 -6.37
CA ASN C 652 -13.49 36.56 -7.53
C ASN C 652 -12.03 36.92 -7.83
N SER C 653 -11.48 37.88 -7.11
CA SER C 653 -10.14 38.34 -7.46
C SER C 653 -9.06 38.03 -6.41
N THR C 654 -9.27 37.01 -5.59
CA THR C 654 -8.29 36.64 -4.58
C THR C 654 -7.33 35.62 -5.16
N VAL C 655 -6.09 35.60 -4.68
CA VAL C 655 -5.17 34.61 -5.22
C VAL C 655 -5.49 33.23 -4.66
N MET C 656 -6.06 33.23 -3.45
CA MET C 656 -6.39 31.96 -2.81
C MET C 656 -7.25 31.07 -3.70
N SER C 657 -8.23 31.65 -4.37
CA SER C 657 -9.14 30.89 -5.21
C SER C 657 -8.43 30.21 -6.38
N ARG C 658 -7.22 30.67 -6.68
CA ARG C 658 -6.42 30.08 -7.75
C ARG C 658 -5.41 29.08 -7.22
N ALA C 659 -5.49 28.73 -5.95
CA ALA C 659 -4.52 27.83 -5.34
C ALA C 659 -4.20 26.58 -6.16
N GLU C 660 -5.23 25.92 -6.67
CA GLU C 660 -5.08 24.69 -7.45
C GLU C 660 -4.09 24.81 -8.61
N ASN C 661 -4.09 25.95 -9.28
CA ASN C 661 -3.22 26.14 -10.43
C ASN C 661 -1.73 26.31 -10.15
N PHE C 662 -1.36 26.55 -8.89
CA PHE C 662 0.06 26.71 -8.54
C PHE C 662 0.83 25.40 -8.66
N LYS C 663 0.11 24.31 -8.87
CA LYS C 663 0.74 23.00 -9.03
C LYS C 663 1.58 22.96 -10.30
N GLN C 664 1.33 23.92 -11.20
CA GLN C 664 2.03 23.99 -12.46
C GLN C 664 3.28 24.87 -12.43
N VAL C 665 3.51 25.57 -11.31
CA VAL C 665 4.63 26.49 -11.22
C VAL C 665 5.46 26.36 -9.95
N GLU C 666 6.63 27.00 -9.96
CA GLU C 666 7.48 27.11 -8.78
C GLU C 666 7.26 28.51 -8.19
N TYR C 667 6.83 28.55 -6.94
CA TYR C 667 6.45 29.79 -6.28
C TYR C 667 7.30 30.07 -5.05
N LEU C 668 7.72 31.32 -4.90
CA LEU C 668 8.42 31.75 -3.71
C LEU C 668 7.59 32.91 -3.13
N LEU C 669 7.13 32.71 -1.91
CA LEU C 669 6.29 33.67 -1.21
C LEU C 669 7.06 34.29 -0.05
N ILE C 670 7.12 35.61 -0.01
CA ILE C 670 7.93 36.32 0.97
C ILE C 670 7.14 37.45 1.60
N HIS C 671 7.28 37.61 2.91
CA HIS C 671 6.55 38.68 3.61
C HIS C 671 7.18 39.01 4.97
N GLY C 672 7.20 40.29 5.31
CA GLY C 672 7.69 40.76 6.60
C GLY C 672 6.58 40.60 7.63
N THR C 673 6.91 40.13 8.83
CA THR C 673 5.88 39.86 9.83
C THR C 673 5.34 41.12 10.50
N ALA C 674 6.08 42.21 10.42
CA ALA C 674 5.63 43.47 11.01
C ALA C 674 5.17 44.42 9.89
N ASP C 675 4.70 43.86 8.79
CA ASP C 675 4.23 44.69 7.69
C ASP C 675 2.89 45.34 8.09
N ASP C 676 2.95 46.64 8.39
CA ASP C 676 1.78 47.41 8.81
C ASP C 676 0.90 47.85 7.65
N ASN C 677 1.36 47.60 6.43
CA ASN C 677 0.70 48.11 5.23
C ASN C 677 -0.04 46.99 4.52
N VAL C 678 0.73 46.07 3.94
CA VAL C 678 0.16 44.84 3.44
C VAL C 678 0.43 43.85 4.55
N HIS C 679 -0.58 43.58 5.36
CA HIS C 679 -0.41 42.74 6.54
C HIS C 679 0.07 41.31 6.23
N PHE C 680 0.89 40.76 7.11
CA PHE C 680 1.42 39.41 6.95
C PHE C 680 0.28 38.43 6.69
N GLN C 681 -0.86 38.73 7.30
CA GLN C 681 -2.12 38.03 7.11
C GLN C 681 -2.36 37.64 5.64
N GLN C 682 -2.09 38.56 4.73
CA GLN C 682 -2.37 38.31 3.32
C GLN C 682 -1.55 37.13 2.79
N SER C 683 -0.28 37.04 3.17
CA SER C 683 0.50 35.89 2.73
C SER C 683 0.17 34.66 3.54
N ALA C 684 -0.23 34.88 4.79
CA ALA C 684 -0.61 33.77 5.66
C ALA C 684 -1.79 33.03 5.05
N GLN C 685 -2.68 33.79 4.42
CA GLN C 685 -3.84 33.17 3.82
C GLN C 685 -3.45 32.49 2.50
N ILE C 686 -2.46 33.01 1.81
CA ILE C 686 -2.03 32.37 0.57
C ILE C 686 -1.43 31.01 0.87
N SER C 687 -0.48 30.98 1.80
CA SER C 687 0.19 29.72 2.16
C SER C 687 -0.82 28.71 2.67
N LYS C 688 -1.80 29.16 3.44
CA LYS C 688 -2.78 28.22 3.95
C LYS C 688 -3.60 27.62 2.79
N ALA C 689 -3.93 28.43 1.80
CA ALA C 689 -4.69 27.93 0.66
C ALA C 689 -3.87 26.92 -0.14
N LEU C 690 -2.57 27.15 -0.28
CA LEU C 690 -1.73 26.25 -1.06
C LEU C 690 -1.56 24.91 -0.34
N VAL C 691 -1.43 25.01 0.99
CA VAL C 691 -1.29 23.84 1.82
C VAL C 691 -2.54 22.97 1.70
N ASP C 692 -3.69 23.60 1.73
CA ASP C 692 -4.97 22.90 1.67
C ASP C 692 -5.18 22.16 0.36
N VAL C 693 -4.64 22.68 -0.74
CA VAL C 693 -4.76 21.98 -2.01
C VAL C 693 -3.51 21.15 -2.31
N GLY C 694 -2.60 21.08 -1.35
CA GLY C 694 -1.39 20.28 -1.51
C GLY C 694 -0.37 20.75 -2.55
N VAL C 695 -0.18 22.06 -2.71
CA VAL C 695 0.87 22.49 -3.63
C VAL C 695 2.11 22.85 -2.85
N ASP C 696 3.24 22.29 -3.26
CA ASP C 696 4.51 22.66 -2.63
C ASP C 696 4.97 23.99 -3.21
N PHE C 697 5.66 24.76 -2.39
CA PHE C 697 6.14 26.08 -2.80
C PHE C 697 7.18 26.50 -1.78
N GLN C 698 7.89 27.58 -2.06
CA GLN C 698 8.93 28.05 -1.16
C GLN C 698 8.42 29.28 -0.43
N ALA C 699 8.88 29.44 0.80
CA ALA C 699 8.45 30.58 1.63
C ALA C 699 9.61 31.18 2.41
N MET C 700 9.42 32.42 2.83
CA MET C 700 10.37 33.10 3.70
C MET C 700 9.64 34.23 4.41
N TRP C 701 9.60 34.20 5.73
CA TRP C 701 9.05 35.33 6.47
C TRP C 701 10.25 36.14 6.88
N TYR C 702 10.07 37.44 7.09
CA TYR C 702 11.16 38.27 7.64
C TYR C 702 10.74 38.90 8.97
N THR C 703 11.30 38.34 10.03
CA THR C 703 10.93 38.75 11.38
C THR C 703 11.07 40.26 11.56
N ASP C 704 10.00 40.90 12.01
CA ASP C 704 9.97 42.32 12.34
C ASP C 704 10.21 43.29 11.19
N GLU C 705 10.27 42.77 9.97
CA GLU C 705 10.44 43.67 8.82
C GLU C 705 9.06 44.15 8.40
N ASP C 706 9.00 45.38 7.87
CA ASP C 706 7.77 45.94 7.36
C ASP C 706 7.67 45.80 5.85
N HIS C 707 6.83 46.63 5.23
CA HIS C 707 6.57 46.52 3.81
C HIS C 707 7.78 46.75 2.94
N GLY C 708 8.73 47.51 3.47
CA GLY C 708 9.95 47.78 2.75
C GLY C 708 11.01 46.69 2.86
N ILE C 709 10.90 45.82 3.87
CA ILE C 709 11.93 44.80 4.12
C ILE C 709 13.24 45.47 3.80
N ALA C 710 13.47 46.60 4.46
CA ALA C 710 14.56 47.51 4.12
C ALA C 710 15.66 47.63 5.16
N SER C 711 15.54 46.99 6.30
CA SER C 711 16.71 46.92 7.17
C SER C 711 17.85 46.45 6.26
N SER C 712 19.05 46.88 6.58
CA SER C 712 20.23 46.53 5.80
C SER C 712 20.40 45.01 5.66
N THR C 713 20.32 44.29 6.76
CA THR C 713 20.54 42.86 6.68
C THR C 713 19.41 42.15 5.96
N ALA C 714 18.18 42.61 6.12
CA ALA C 714 17.05 41.95 5.46
C ALA C 714 17.03 42.22 3.96
N HIS C 715 17.40 43.42 3.56
CA HIS C 715 17.46 43.79 2.15
C HIS C 715 18.49 42.88 1.47
N GLN C 716 19.66 42.77 2.08
CA GLN C 716 20.68 41.89 1.54
C GLN C 716 20.15 40.46 1.46
N HIS C 717 19.55 39.98 2.53
CA HIS C 717 19.05 38.62 2.59
C HIS C 717 17.96 38.29 1.60
N ILE C 718 16.97 39.17 1.48
CA ILE C 718 15.87 38.89 0.56
C ILE C 718 16.37 38.83 -0.86
N TYR C 719 17.27 39.75 -1.23
CA TYR C 719 17.77 39.73 -2.60
C TYR C 719 18.66 38.52 -2.88
N THR C 720 19.38 38.07 -1.86
CA THR C 720 20.22 36.90 -2.01
C THR C 720 19.34 35.68 -2.22
N HIS C 721 18.35 35.54 -1.36
CA HIS C 721 17.43 34.44 -1.42
C HIS C 721 16.74 34.36 -2.78
N MET C 722 16.26 35.50 -3.26
CA MET C 722 15.55 35.55 -4.55
C MET C 722 16.48 35.25 -5.72
N SER C 723 17.74 35.66 -5.61
CA SER C 723 18.74 35.36 -6.62
C SER C 723 18.97 33.86 -6.69
N HIS C 724 19.12 33.23 -5.55
CA HIS C 724 19.28 31.78 -5.51
C HIS C 724 18.08 31.09 -6.15
N PHE C 725 16.88 31.56 -5.80
CA PHE C 725 15.66 30.98 -6.34
C PHE C 725 15.55 31.09 -7.88
N ILE C 726 15.87 32.27 -8.43
CA ILE C 726 15.77 32.48 -9.88
C ILE C 726 16.80 31.62 -10.61
N LYS C 727 18.00 31.53 -10.06
CA LYS C 727 19.05 30.77 -10.71
C LYS C 727 18.74 29.28 -10.77
N GLN C 728 18.27 28.72 -9.66
CA GLN C 728 17.86 27.33 -9.65
C GLN C 728 16.71 27.08 -10.64
N CYS C 729 15.79 28.05 -10.75
CA CYS C 729 14.64 27.92 -11.64
C CYS C 729 15.02 28.03 -13.13
N PHE C 730 16.14 28.67 -13.40
CA PHE C 730 16.62 28.90 -14.75
C PHE C 730 17.82 28.01 -15.03
N SER C 731 18.09 27.11 -14.10
CA SER C 731 19.21 26.18 -14.23
C SER C 731 20.53 26.91 -14.42
N LEU C 732 20.72 28.02 -13.70
CA LEU C 732 21.96 28.76 -13.77
C LEU C 732 22.87 28.44 -12.59
N PRO C 733 24.09 27.98 -12.87
CA PRO C 733 25.06 27.65 -11.82
C PRO C 733 25.96 28.85 -11.54
N ARG D 7 9.26 -5.62 -6.22
CA ARG D 7 9.63 -4.42 -6.88
C ARG D 7 9.26 -3.12 -6.19
N LYS D 8 8.14 -3.02 -5.55
CA LYS D 8 7.56 -1.91 -4.90
C LYS D 8 8.13 -1.45 -3.60
N THR D 9 8.23 -0.18 -3.21
CA THR D 9 8.72 0.18 -1.89
C THR D 9 7.67 0.92 -1.10
N TYR D 10 7.98 1.18 0.17
CA TYR D 10 7.11 2.01 1.01
C TYR D 10 7.34 3.46 0.56
N THR D 11 6.30 4.10 0.04
CA THR D 11 6.50 5.45 -0.51
C THR D 11 6.06 6.57 0.40
N LEU D 12 6.23 7.80 -0.09
CA LEU D 12 5.85 8.97 0.70
C LEU D 12 4.34 8.99 0.73
N THR D 13 3.74 8.68 -0.40
CA THR D 13 2.29 8.65 -0.46
C THR D 13 1.75 7.56 0.46
N ASP D 14 2.45 6.43 0.57
CA ASP D 14 1.99 5.36 1.46
C ASP D 14 1.92 5.86 2.90
N TYR D 15 2.90 6.69 3.27
CA TYR D 15 2.93 7.24 4.63
C TYR D 15 1.86 8.29 4.78
N LEU D 16 1.82 9.23 3.84
CA LEU D 16 0.86 10.33 3.92
C LEU D 16 -0.59 9.92 3.73
N LYS D 17 -0.81 8.83 3.00
CA LYS D 17 -2.18 8.38 2.77
C LYS D 17 -2.50 7.12 3.56
N ASN D 18 -1.59 6.69 4.41
CA ASN D 18 -1.88 5.56 5.29
C ASN D 18 -2.35 4.35 4.49
N THR D 19 -1.54 3.96 3.52
CA THR D 19 -1.85 2.84 2.64
C THR D 19 -1.76 1.52 3.40
N TYR D 20 -0.68 1.37 4.15
CA TYR D 20 -0.48 0.19 4.96
C TYR D 20 -0.90 0.56 6.38
N ARG D 21 -2.05 0.06 6.80
CA ARG D 21 -2.63 0.48 8.06
C ARG D 21 -2.27 -0.46 9.21
N LEU D 22 -2.08 0.13 10.38
CA LEU D 22 -1.72 -0.61 11.57
C LEU D 22 -3.00 -0.80 12.35
N LYS D 23 -3.33 -2.05 12.67
CA LYS D 23 -4.54 -2.31 13.42
C LYS D 23 -4.29 -2.33 14.91
N LEU D 24 -5.23 -1.75 15.65
CA LEU D 24 -5.16 -1.67 17.09
C LEU D 24 -6.26 -2.53 17.69
N TYR D 25 -6.24 -2.69 19.01
CA TYR D 25 -7.34 -3.34 19.68
C TYR D 25 -7.60 -2.59 20.96
N SER D 26 -8.34 -1.50 20.83
CA SER D 26 -8.65 -0.66 21.98
C SER D 26 -9.89 -1.18 22.69
N LEU D 27 -9.74 -1.45 23.97
CA LEU D 27 -10.86 -1.94 24.75
C LEU D 27 -11.00 -1.14 26.02
N ARG D 28 -12.12 -1.33 26.69
CA ARG D 28 -12.39 -0.63 27.93
C ARG D 28 -12.96 -1.62 28.91
N TRP D 29 -12.30 -1.76 30.04
CA TRP D 29 -12.78 -2.67 31.07
C TRP D 29 -13.90 -1.98 31.85
N ILE D 30 -15.04 -2.64 31.96
CA ILE D 30 -16.15 -2.05 32.71
C ILE D 30 -16.40 -2.85 33.97
N SER D 31 -15.73 -3.99 34.07
CA SER D 31 -15.82 -4.83 35.24
C SER D 31 -14.55 -5.66 35.27
N ASP D 32 -14.53 -6.70 36.10
CA ASP D 32 -13.37 -7.56 36.22
C ASP D 32 -13.39 -8.69 35.21
N HIS D 33 -14.46 -8.77 34.40
CA HIS D 33 -14.60 -9.87 33.48
C HIS D 33 -15.02 -9.47 32.09
N GLU D 34 -15.50 -8.23 31.93
CA GLU D 34 -15.99 -7.80 30.63
C GLU D 34 -15.39 -6.47 30.19
N TYR D 35 -15.37 -6.26 28.88
CA TYR D 35 -14.87 -5.01 28.31
C TYR D 35 -15.67 -4.62 27.07
N LEU D 36 -15.49 -3.38 26.62
CA LEU D 36 -16.17 -2.91 25.41
C LEU D 36 -15.22 -2.80 24.24
N TYR D 37 -15.70 -3.14 23.05
CA TYR D 37 -14.89 -3.03 21.84
C TYR D 37 -15.77 -2.59 20.67
N LYS D 38 -15.14 -2.13 19.60
CA LYS D 38 -15.86 -1.56 18.48
C LYS D 38 -15.52 -2.20 17.14
N GLN D 39 -16.52 -2.77 16.47
CA GLN D 39 -16.32 -3.34 15.14
C GLN D 39 -16.79 -2.36 14.05
N GLU D 40 -17.86 -2.69 13.34
CA GLU D 40 -18.35 -1.81 12.27
C GLU D 40 -19.21 -0.65 12.78
N ASN D 41 -18.58 0.28 13.50
CA ASN D 41 -19.30 1.41 14.09
C ASN D 41 -20.29 0.89 15.12
N ASN D 42 -20.14 -0.39 15.43
CA ASN D 42 -20.95 -1.05 16.43
C ASN D 42 -20.17 -1.02 17.73
N ILE D 43 -20.83 -1.38 18.83
CA ILE D 43 -20.14 -1.46 20.10
C ILE D 43 -20.60 -2.67 20.90
N LEU D 44 -19.64 -3.55 21.18
CA LEU D 44 -19.94 -4.83 21.82
C LEU D 44 -19.42 -4.94 23.25
N VAL D 45 -20.02 -5.84 24.01
CA VAL D 45 -19.48 -6.16 25.32
C VAL D 45 -18.92 -7.56 25.15
N PHE D 46 -17.74 -7.79 25.70
CA PHE D 46 -17.11 -9.09 25.54
C PHE D 46 -16.95 -9.76 26.88
N ASN D 47 -16.99 -11.08 26.86
CA ASN D 47 -16.71 -11.86 28.04
C ASN D 47 -15.24 -12.21 27.89
N ALA D 48 -14.45 -11.93 28.91
CA ALA D 48 -13.01 -12.19 28.79
C ALA D 48 -12.72 -13.67 28.86
N GLU D 49 -13.41 -14.35 29.78
CA GLU D 49 -13.22 -15.78 29.98
C GLU D 49 -13.48 -16.56 28.70
N TYR D 50 -14.52 -16.18 27.98
CA TYR D 50 -14.97 -16.99 26.85
C TYR D 50 -14.80 -16.39 25.46
N GLY D 51 -14.91 -15.08 25.36
CA GLY D 51 -14.84 -14.44 24.06
C GLY D 51 -16.24 -14.28 23.49
N ASN D 52 -17.21 -14.91 24.14
CA ASN D 52 -18.61 -14.76 23.69
C ASN D 52 -19.04 -13.34 24.00
N SER D 53 -19.98 -12.82 23.21
CA SER D 53 -20.37 -11.44 23.39
C SER D 53 -21.78 -11.15 22.90
N SER D 54 -22.25 -9.93 23.19
CA SER D 54 -23.55 -9.47 22.74
C SER D 54 -23.35 -8.04 22.24
N VAL D 55 -24.43 -7.39 21.84
CA VAL D 55 -24.32 -6.02 21.36
C VAL D 55 -24.80 -5.05 22.44
N PHE D 56 -23.88 -4.27 22.98
CA PHE D 56 -24.22 -3.32 24.01
C PHE D 56 -24.98 -2.18 23.38
N LEU D 57 -24.62 -1.88 22.13
CA LEU D 57 -25.14 -0.71 21.47
C LEU D 57 -24.79 -0.76 20.00
N GLU D 58 -25.74 -1.14 19.15
CA GLU D 58 -25.49 -1.15 17.72
C GLU D 58 -25.70 0.27 17.27
N ASN D 59 -24.96 0.72 16.26
CA ASN D 59 -25.13 2.10 15.85
C ASN D 59 -26.18 2.32 14.79
N SER D 60 -27.43 2.12 15.20
CA SER D 60 -28.61 2.47 14.43
C SER D 60 -29.44 3.12 15.53
N THR D 61 -28.84 3.17 16.72
CA THR D 61 -29.44 3.74 17.91
C THR D 61 -29.50 5.25 17.79
N PHE D 62 -28.42 5.85 17.28
CA PHE D 62 -28.35 7.30 17.20
C PHE D 62 -28.26 7.85 15.78
N ASP D 63 -29.00 7.26 14.84
CA ASP D 63 -28.98 7.79 13.48
C ASP D 63 -29.98 8.94 13.31
N GLU D 64 -30.63 9.33 14.40
CA GLU D 64 -31.55 10.47 14.40
C GLU D 64 -31.09 11.51 15.41
N PHE D 65 -29.94 11.27 16.02
CA PHE D 65 -29.42 12.18 17.03
C PHE D 65 -29.47 13.65 16.62
N GLY D 66 -29.00 13.96 15.41
CA GLY D 66 -28.95 15.32 14.94
C GLY D 66 -27.56 15.92 14.98
N HIS D 67 -26.67 15.29 15.75
CA HIS D 67 -25.29 15.74 15.86
C HIS D 67 -24.35 14.53 15.73
N SER D 68 -23.13 14.79 15.27
CA SER D 68 -22.11 13.74 15.14
C SER D 68 -21.53 13.43 16.52
N ILE D 69 -21.21 12.16 16.77
CA ILE D 69 -20.75 11.74 18.09
C ILE D 69 -19.27 11.36 18.14
N ASN D 70 -18.50 12.16 18.88
CA ASN D 70 -17.06 11.98 18.94
C ASN D 70 -16.66 10.84 19.86
N ASP D 71 -17.10 10.92 21.11
CA ASP D 71 -16.76 9.91 22.09
C ASP D 71 -17.98 9.63 22.96
N TYR D 72 -17.80 8.80 23.98
CA TYR D 72 -18.88 8.46 24.88
C TYR D 72 -18.27 7.93 26.16
N SER D 73 -19.10 7.74 27.17
CA SER D 73 -18.61 7.25 28.44
C SER D 73 -19.76 6.64 29.23
N ILE D 74 -19.71 5.33 29.43
CA ILE D 74 -20.72 4.64 30.20
C ILE D 74 -20.43 4.82 31.69
N SER D 75 -21.47 5.05 32.48
CA SER D 75 -21.29 5.17 33.92
C SER D 75 -20.77 3.84 34.46
N PRO D 76 -20.13 3.88 35.63
CA PRO D 76 -19.57 2.68 36.26
C PRO D 76 -20.59 1.55 36.48
N ASP D 77 -21.79 1.91 36.93
CA ASP D 77 -22.84 0.91 37.23
C ASP D 77 -23.62 0.43 36.01
N GLY D 78 -23.29 0.97 34.84
CA GLY D 78 -23.89 0.52 33.59
C GLY D 78 -25.28 1.06 33.29
N GLN D 79 -25.75 2.00 34.09
CA GLN D 79 -27.09 2.53 33.93
C GLN D 79 -27.23 3.70 32.96
N PHE D 80 -26.15 4.45 32.74
CA PHE D 80 -26.20 5.64 31.89
C PHE D 80 -25.00 5.77 30.96
N ILE D 81 -25.20 6.47 29.84
CA ILE D 81 -24.10 6.78 28.93
C ILE D 81 -24.02 8.26 28.62
N LEU D 82 -22.81 8.79 28.70
CA LEU D 82 -22.54 10.18 28.40
C LEU D 82 -22.27 10.26 26.93
N LEU D 83 -22.91 11.21 26.26
CA LEU D 83 -22.69 11.39 24.83
C LEU D 83 -22.04 12.74 24.57
N GLU D 84 -20.86 12.69 23.98
CA GLU D 84 -20.04 13.86 23.72
C GLU D 84 -20.12 14.30 22.27
N TYR D 85 -20.53 15.55 22.05
CA TYR D 85 -20.60 16.10 20.69
C TYR D 85 -20.22 17.59 20.70
N ASN D 86 -20.12 18.17 19.50
CA ASN D 86 -19.61 19.53 19.33
C ASN D 86 -18.22 19.67 19.99
N TYR D 87 -17.36 18.70 19.70
CA TYR D 87 -16.00 18.70 20.23
C TYR D 87 -15.18 19.84 19.63
N VAL D 88 -14.66 20.71 20.48
CA VAL D 88 -13.76 21.78 20.03
C VAL D 88 -12.43 21.72 20.80
N LYS D 89 -11.38 21.28 20.12
CA LYS D 89 -10.05 21.15 20.74
C LYS D 89 -9.45 22.44 21.26
N GLN D 90 -8.84 22.38 22.43
CA GLN D 90 -8.13 23.53 22.95
C GLN D 90 -6.63 23.21 22.84
N TRP D 91 -6.02 22.80 23.94
CA TRP D 91 -4.60 22.46 23.92
C TRP D 91 -4.36 20.97 23.64
N ARG D 92 -3.35 20.38 24.24
CA ARG D 92 -3.03 18.97 24.00
C ARG D 92 -4.07 17.99 24.54
N HIS D 93 -4.65 18.31 25.70
CA HIS D 93 -5.64 17.43 26.30
C HIS D 93 -6.99 18.13 26.44
N SER D 94 -6.94 19.45 26.60
CA SER D 94 -8.11 20.24 26.86
C SER D 94 -8.98 20.45 25.65
N TYR D 95 -10.29 20.47 25.90
CA TYR D 95 -11.24 20.75 24.86
C TYR D 95 -12.55 21.14 25.52
N THR D 96 -13.50 21.54 24.71
CA THR D 96 -14.78 21.94 25.20
C THR D 96 -15.77 21.16 24.34
N ALA D 97 -16.92 20.79 24.91
CA ALA D 97 -17.92 20.02 24.15
C ALA D 97 -19.32 20.09 24.75
N SER D 98 -20.28 19.51 24.03
CA SER D 98 -21.66 19.43 24.47
C SER D 98 -21.90 18.03 24.98
N TYR D 99 -22.80 17.91 25.97
CA TYR D 99 -23.04 16.61 26.59
C TYR D 99 -24.51 16.25 26.80
N ASP D 100 -24.90 15.10 26.26
CA ASP D 100 -26.23 14.56 26.49
C ASP D 100 -26.05 13.20 27.17
N ILE D 101 -27.07 12.79 27.93
CA ILE D 101 -27.03 11.54 28.66
C ILE D 101 -28.18 10.64 28.26
N TYR D 102 -27.88 9.44 27.80
CA TYR D 102 -28.88 8.45 27.42
C TYR D 102 -29.12 7.47 28.56
N ASP D 103 -30.38 7.29 28.98
CA ASP D 103 -30.70 6.31 30.02
C ASP D 103 -30.74 4.96 29.34
N LEU D 104 -29.87 4.04 29.78
CA LEU D 104 -29.78 2.72 29.14
C LEU D 104 -31.03 1.86 29.33
N ASN D 105 -31.27 1.36 30.54
CA ASN D 105 -32.45 0.53 30.81
C ASN D 105 -33.73 1.03 30.14
N LYS D 106 -33.95 2.36 30.12
CA LYS D 106 -35.20 2.96 29.64
C LYS D 106 -35.17 3.16 28.14
N ARG D 107 -34.04 3.51 27.56
CA ARG D 107 -33.92 3.85 26.15
C ARG D 107 -34.55 5.21 25.86
N GLN D 108 -33.87 6.27 26.32
CA GLN D 108 -34.34 7.64 26.19
C GLN D 108 -33.29 8.65 26.67
N LEU D 109 -33.16 9.78 25.97
CA LEU D 109 -32.25 10.82 26.46
C LEU D 109 -32.97 11.65 27.52
N ILE D 110 -32.24 12.07 28.56
CA ILE D 110 -32.84 12.90 29.60
C ILE D 110 -32.86 14.35 29.11
N THR D 111 -34.03 14.97 29.08
CA THR D 111 -34.13 16.32 28.56
C THR D 111 -34.26 17.41 29.62
N GLU D 112 -33.81 17.11 30.84
CA GLU D 112 -33.88 18.09 31.90
C GLU D 112 -32.53 18.34 32.57
N GLU D 113 -32.35 19.57 33.03
CA GLU D 113 -31.13 19.99 33.68
C GLU D 113 -29.92 19.42 32.93
N ARG D 114 -29.90 19.59 31.62
CA ARG D 114 -28.84 19.03 30.79
C ARG D 114 -27.47 19.60 31.13
N ILE D 115 -26.43 18.93 30.66
CA ILE D 115 -25.09 19.45 30.84
C ILE D 115 -24.98 20.59 29.84
N PRO D 116 -24.38 21.70 30.24
CA PRO D 116 -24.35 22.90 29.41
C PRO D 116 -23.40 22.76 28.24
N ASN D 117 -23.68 23.51 27.18
CA ASN D 117 -22.78 23.54 26.03
C ASN D 117 -21.47 24.13 26.49
N ASN D 118 -20.42 23.89 25.72
CA ASN D 118 -19.13 24.45 26.04
C ASN D 118 -18.66 23.95 27.41
N THR D 119 -19.04 22.71 27.75
CA THR D 119 -18.59 22.15 29.00
C THR D 119 -17.11 21.82 28.84
N GLN D 120 -16.33 22.21 29.84
CA GLN D 120 -14.88 22.08 29.77
C GLN D 120 -14.37 20.69 30.16
N TRP D 121 -15.14 20.00 30.99
CA TRP D 121 -14.76 18.65 31.42
C TRP D 121 -15.88 17.99 32.20
N VAL D 122 -16.06 16.69 31.96
CA VAL D 122 -17.09 15.92 32.62
C VAL D 122 -16.52 14.60 33.12
N THR D 123 -16.87 14.22 34.34
CA THR D 123 -16.44 12.91 34.83
C THR D 123 -17.46 12.23 35.74
N TRP D 124 -17.67 10.95 35.49
CA TRP D 124 -18.52 10.14 36.34
C TRP D 124 -17.81 9.89 37.66
N SER D 125 -18.58 9.54 38.68
CA SER D 125 -18.03 9.10 39.94
C SER D 125 -17.48 7.71 39.61
N PRO D 126 -16.51 7.23 40.38
CA PRO D 126 -15.85 5.95 40.10
C PRO D 126 -16.81 4.77 40.20
N VAL D 127 -17.78 4.85 41.11
CA VAL D 127 -18.84 3.87 41.23
C VAL D 127 -20.17 4.62 41.11
N GLY D 128 -21.21 3.95 40.63
CA GLY D 128 -22.52 4.58 40.54
C GLY D 128 -22.73 5.47 39.32
N HIS D 129 -23.44 6.59 39.49
CA HIS D 129 -23.72 7.47 38.37
C HIS D 129 -23.78 8.96 38.70
N LYS D 130 -22.98 9.39 39.66
CA LYS D 130 -22.87 10.82 39.91
C LYS D 130 -22.01 11.38 38.79
N LEU D 131 -22.10 12.70 38.60
CA LEU D 131 -21.30 13.42 37.61
C LEU D 131 -20.69 14.63 38.27
N ALA D 132 -19.55 15.05 37.76
CA ALA D 132 -18.98 16.32 38.14
C ALA D 132 -18.57 16.90 36.81
N TYR D 133 -18.88 18.16 36.58
CA TYR D 133 -18.49 18.79 35.34
C TYR D 133 -18.00 20.18 35.63
N VAL D 134 -17.19 20.71 34.72
CA VAL D 134 -16.67 22.05 34.84
C VAL D 134 -17.21 22.89 33.71
N TRP D 135 -17.58 24.13 34.02
CA TRP D 135 -18.19 25.01 33.04
C TRP D 135 -17.96 26.43 33.47
N ASN D 136 -17.45 27.24 32.54
CA ASN D 136 -17.05 28.61 32.85
C ASN D 136 -16.09 28.63 34.03
N ASN D 137 -15.18 27.65 34.05
CA ASN D 137 -14.17 27.55 35.09
C ASN D 137 -14.69 27.26 36.50
N ASP D 138 -15.90 26.72 36.60
CA ASP D 138 -16.47 26.33 37.89
C ASP D 138 -16.93 24.90 37.90
N ILE D 139 -16.94 24.28 39.08
CA ILE D 139 -17.33 22.88 39.23
C ILE D 139 -18.81 22.69 39.59
N TYR D 140 -19.47 21.75 38.92
CA TYR D 140 -20.87 21.40 39.19
C TYR D 140 -20.99 19.90 39.44
N VAL D 141 -21.91 19.50 40.32
CA VAL D 141 -22.12 18.08 40.58
C VAL D 141 -23.60 17.69 40.46
N LYS D 142 -23.88 16.63 39.70
CA LYS D 142 -25.23 16.06 39.56
C LYS D 142 -25.29 14.71 40.27
N ILE D 143 -26.30 14.51 41.12
CA ILE D 143 -26.43 13.25 41.86
C ILE D 143 -27.17 12.20 41.05
N GLU D 144 -28.27 12.63 40.44
CA GLU D 144 -29.03 11.78 39.54
C GLU D 144 -29.22 12.61 38.29
N PRO D 145 -28.83 12.02 37.16
CA PRO D 145 -28.72 12.71 35.87
C PRO D 145 -29.85 13.65 35.51
N ASN D 146 -31.02 13.46 36.11
CA ASN D 146 -32.17 14.26 35.75
C ASN D 146 -32.37 15.41 36.71
N LEU D 147 -31.51 15.49 37.71
CA LEU D 147 -31.66 16.47 38.77
C LEU D 147 -30.66 17.62 38.68
N PRO D 148 -31.04 18.78 39.23
CA PRO D 148 -30.23 19.99 39.16
C PRO D 148 -28.80 19.79 39.62
N SER D 149 -27.89 20.65 39.13
CA SER D 149 -26.48 20.59 39.47
C SER D 149 -26.18 21.45 40.66
N TYR D 150 -25.37 20.93 41.55
CA TYR D 150 -24.97 21.70 42.72
C TYR D 150 -23.71 22.47 42.41
N ARG D 151 -23.77 23.77 42.67
CA ARG D 151 -22.66 24.68 42.44
C ARG D 151 -21.63 24.56 43.55
N ILE D 152 -20.45 24.05 43.19
CA ILE D 152 -19.37 23.87 44.13
C ILE D 152 -18.53 25.12 44.26
N THR D 153 -18.17 25.72 43.13
CA THR D 153 -17.32 26.92 43.17
C THR D 153 -17.98 28.09 42.47
N TRP D 154 -17.76 29.28 43.02
CA TRP D 154 -18.32 30.48 42.45
C TRP D 154 -17.21 31.42 42.00
N THR D 155 -15.97 30.93 42.00
CA THR D 155 -14.83 31.80 41.71
C THR D 155 -14.23 31.75 40.30
N GLY D 156 -14.70 30.84 39.46
CA GLY D 156 -14.16 30.74 38.12
C GLY D 156 -14.14 32.07 37.37
N LYS D 157 -13.06 32.31 36.63
CA LYS D 157 -12.93 33.51 35.82
C LYS D 157 -11.98 33.23 34.66
N GLU D 158 -12.50 33.32 33.43
CA GLU D 158 -11.72 33.07 32.22
C GLU D 158 -10.29 33.60 32.32
N ASP D 159 -9.30 32.74 32.12
CA ASP D 159 -7.88 33.07 32.11
C ASP D 159 -7.42 33.52 33.50
N ILE D 160 -8.19 33.41 34.54
CA ILE D 160 -7.71 33.88 35.85
C ILE D 160 -7.87 32.87 36.99
N ILE D 161 -9.07 32.37 37.19
CA ILE D 161 -9.28 31.35 38.21
C ILE D 161 -9.87 30.13 37.54
N TYR D 162 -9.23 28.97 37.72
CA TYR D 162 -9.70 27.72 37.16
C TYR D 162 -10.00 26.76 38.31
N ASN D 163 -11.25 26.33 38.44
CA ASN D 163 -11.59 25.31 39.45
C ASN D 163 -11.89 24.01 38.73
N GLY D 164 -11.28 22.92 39.17
CA GLY D 164 -11.54 21.64 38.54
C GLY D 164 -10.83 21.41 37.22
N ILE D 165 -10.20 22.45 36.68
CA ILE D 165 -9.41 22.28 35.46
C ILE D 165 -8.07 23.00 35.58
N THR D 166 -7.14 22.64 34.72
CA THR D 166 -5.80 23.21 34.78
C THR D 166 -5.67 24.38 33.84
N ASP D 167 -4.69 25.23 34.09
CA ASP D 167 -4.35 26.27 33.13
C ASP D 167 -3.39 25.65 32.11
N TRP D 168 -2.85 26.46 31.21
CA TRP D 168 -1.97 25.92 30.16
C TRP D 168 -0.79 25.09 30.69
N VAL D 169 -0.04 25.64 31.63
CA VAL D 169 1.18 24.98 32.06
C VAL D 169 0.97 23.75 32.94
N TYR D 170 -0.14 23.72 33.67
CA TYR D 170 -0.44 22.57 34.52
C TYR D 170 -0.98 21.44 33.65
N GLU D 171 -1.69 21.81 32.60
CA GLU D 171 -2.19 20.82 31.67
C GLU D 171 -1.06 20.14 30.90
N GLU D 172 -0.18 20.95 30.32
CA GLU D 172 0.89 20.46 29.46
C GLU D 172 2.05 19.79 30.21
N GLU D 173 2.51 20.41 31.31
CA GLU D 173 3.74 20.03 31.98
C GLU D 173 3.61 19.33 33.33
N VAL D 174 2.47 19.46 33.98
CA VAL D 174 2.35 18.89 35.33
C VAL D 174 1.43 17.68 35.36
N PHE D 175 0.20 17.85 34.91
CA PHE D 175 -0.76 16.77 35.00
C PHE D 175 -0.93 15.99 33.71
N SER D 176 -0.50 16.55 32.58
CA SER D 176 -0.72 15.91 31.29
C SER D 176 -2.21 15.62 31.12
N ALA D 177 -3.03 16.51 31.66
CA ALA D 177 -4.48 16.39 31.57
C ALA D 177 -5.08 17.73 31.90
N TYR D 178 -6.27 17.99 31.36
CA TYR D 178 -7.03 19.21 31.58
C TYR D 178 -7.70 19.11 32.93
N SER D 179 -8.11 17.88 33.25
CA SER D 179 -8.88 17.60 34.47
C SER D 179 -8.10 17.84 35.73
N ALA D 180 -8.73 18.56 36.66
CA ALA D 180 -8.14 18.77 37.97
C ALA D 180 -9.17 18.42 39.04
N LEU D 181 -9.85 17.30 38.84
CA LEU D 181 -10.88 16.82 39.75
C LEU D 181 -10.64 15.36 40.08
N TRP D 182 -10.72 14.99 41.36
CA TRP D 182 -10.46 13.61 41.75
C TRP D 182 -11.53 13.10 42.72
N TRP D 183 -12.35 12.19 42.24
CA TRP D 183 -13.40 11.59 43.06
C TRP D 183 -12.77 10.61 44.05
N SER D 184 -13.32 10.54 45.25
CA SER D 184 -12.89 9.51 46.18
C SER D 184 -13.35 8.17 45.57
N PRO D 185 -12.82 7.06 46.04
CA PRO D 185 -13.12 5.75 45.47
C PRO D 185 -14.61 5.37 45.42
N ASN D 186 -15.41 5.77 46.40
CA ASN D 186 -16.82 5.43 46.34
C ASN D 186 -17.73 6.56 45.86
N GLY D 187 -17.13 7.70 45.56
CA GLY D 187 -17.89 8.82 45.02
C GLY D 187 -18.40 9.75 46.09
N THR D 188 -17.96 9.53 47.32
CA THR D 188 -18.39 10.33 48.44
C THR D 188 -17.79 11.73 48.41
N PHE D 189 -16.48 11.81 48.22
CA PHE D 189 -15.81 13.10 48.19
C PHE D 189 -15.41 13.48 46.78
N LEU D 190 -15.23 14.77 46.57
CA LEU D 190 -14.78 15.29 45.28
C LEU D 190 -13.64 16.22 45.59
N ALA D 191 -12.44 15.80 45.27
CA ALA D 191 -11.29 16.62 45.53
C ALA D 191 -11.07 17.43 44.26
N TYR D 192 -10.54 18.64 44.39
CA TYR D 192 -10.24 19.46 43.22
C TYR D 192 -9.17 20.50 43.51
N ALA D 193 -8.49 20.91 42.44
CA ALA D 193 -7.49 21.96 42.56
C ALA D 193 -8.06 23.23 41.95
N GLN D 194 -7.64 24.36 42.50
CA GLN D 194 -8.04 25.65 41.97
C GLN D 194 -6.77 26.37 41.56
N PHE D 195 -6.71 26.82 40.31
CA PHE D 195 -5.52 27.53 39.86
C PHE D 195 -5.80 29.01 39.70
N ASN D 196 -4.85 29.83 40.16
CA ASN D 196 -4.96 31.28 40.08
C ASN D 196 -3.86 31.86 39.18
N ASP D 197 -4.22 32.33 37.99
CA ASP D 197 -3.25 32.88 37.05
C ASP D 197 -3.20 34.39 36.98
N THR D 198 -3.59 35.05 38.06
CA THR D 198 -3.72 36.51 38.04
C THR D 198 -2.54 37.30 37.45
N GLU D 199 -1.33 37.05 37.94
CA GLU D 199 -0.19 37.81 37.43
C GLU D 199 0.67 37.05 36.42
N VAL D 200 0.17 35.94 35.91
CA VAL D 200 0.90 35.19 34.90
C VAL D 200 0.83 35.96 33.59
N PRO D 201 1.97 36.33 33.02
CA PRO D 201 1.96 37.08 31.76
C PRO D 201 1.30 36.27 30.65
N LEU D 202 0.80 36.97 29.63
CA LEU D 202 0.13 36.32 28.53
C LEU D 202 1.00 36.25 27.29
N ILE D 203 1.02 35.08 26.63
CA ILE D 203 1.67 34.98 25.33
C ILE D 203 0.59 35.42 24.36
N GLU D 204 0.93 36.24 23.38
CA GLU D 204 -0.02 36.69 22.39
C GLU D 204 0.51 36.35 21.00
N TYR D 205 -0.38 35.86 20.14
CA TYR D 205 -0.03 35.60 18.74
C TYR D 205 -1.28 35.70 17.90
N SER D 206 -1.05 35.91 16.62
CA SER D 206 -2.12 36.05 15.65
C SER D 206 -2.69 34.72 15.25
N PHE D 207 -4.01 34.71 15.08
CA PHE D 207 -4.68 33.57 14.50
C PHE D 207 -5.44 34.15 13.32
N TYR D 208 -5.15 33.64 12.13
CA TYR D 208 -5.66 34.19 10.89
C TYR D 208 -7.04 33.67 10.54
N SER D 209 -7.26 32.39 10.83
CA SER D 209 -8.55 31.77 10.63
C SER D 209 -8.89 31.64 9.16
N ASP D 210 -10.18 31.45 8.92
CA ASP D 210 -10.70 31.32 7.59
C ASP D 210 -10.43 32.61 6.85
N GLU D 211 -10.31 32.52 5.53
CA GLU D 211 -10.02 33.70 4.72
C GLU D 211 -11.14 34.73 4.82
N SER D 212 -12.26 34.33 5.43
CA SER D 212 -13.40 35.26 5.61
C SER D 212 -13.19 36.24 6.78
N LEU D 213 -12.26 35.91 7.68
CA LEU D 213 -11.98 36.80 8.80
C LEU D 213 -11.17 37.98 8.27
N GLN D 214 -11.73 39.17 8.38
CA GLN D 214 -11.11 40.36 7.82
C GLN D 214 -9.92 40.84 8.64
N TYR D 215 -10.07 40.80 9.95
CA TYR D 215 -8.99 41.19 10.83
C TYR D 215 -8.55 39.98 11.64
N PRO D 216 -7.26 39.71 11.68
CA PRO D 216 -6.76 38.59 12.47
C PRO D 216 -7.13 38.78 13.92
N LYS D 217 -7.29 37.65 14.61
CA LYS D 217 -7.59 37.66 16.02
C LYS D 217 -6.28 37.49 16.81
N THR D 218 -6.18 38.14 17.96
CA THR D 218 -5.02 37.97 18.81
C THR D 218 -5.36 36.97 19.92
N VAL D 219 -4.71 35.82 19.90
CA VAL D 219 -4.94 34.82 20.94
C VAL D 219 -4.09 35.24 22.13
N ARG D 220 -4.66 35.15 23.33
CA ARG D 220 -3.97 35.55 24.54
C ARG D 220 -4.10 34.43 25.56
N VAL D 221 -2.97 33.89 26.00
CA VAL D 221 -2.97 32.74 26.90
C VAL D 221 -1.99 33.00 28.04
N PRO D 222 -2.44 32.79 29.27
CA PRO D 222 -1.57 32.97 30.42
C PRO D 222 -0.56 31.84 30.30
N TYR D 223 0.71 32.20 30.21
CA TYR D 223 1.75 31.22 29.96
C TYR D 223 3.00 31.74 30.64
N PRO D 224 3.45 31.07 31.69
CA PRO D 224 4.65 31.51 32.39
C PRO D 224 5.89 31.02 31.64
N LYS D 225 6.63 31.97 31.09
CA LYS D 225 7.90 31.65 30.49
C LYS D 225 8.92 31.48 31.63
N ALA D 226 10.04 30.84 31.35
CA ALA D 226 11.02 30.57 32.40
C ALA D 226 11.33 31.81 33.25
N GLY D 227 11.14 31.66 34.55
CA GLY D 227 11.48 32.74 35.47
C GLY D 227 10.38 33.76 35.74
N ALA D 228 9.24 33.64 35.07
CA ALA D 228 8.14 34.59 35.23
C ALA D 228 7.23 34.17 36.35
N VAL D 229 6.20 34.98 36.60
CA VAL D 229 5.24 34.65 37.64
C VAL D 229 4.41 33.44 37.26
N ASN D 230 4.38 32.49 38.17
CA ASN D 230 3.65 31.24 38.00
C ASN D 230 2.26 31.30 38.58
N PRO D 231 1.38 30.46 38.07
CA PRO D 231 0.05 30.29 38.66
C PRO D 231 0.23 29.77 40.10
N THR D 232 -0.76 30.04 40.94
CA THR D 232 -0.71 29.53 42.31
C THR D 232 -1.79 28.49 42.41
N VAL D 233 -1.68 27.59 43.37
CA VAL D 233 -2.64 26.52 43.49
C VAL D 233 -3.16 26.33 44.91
N LYS D 234 -4.44 26.02 45.01
CA LYS D 234 -5.05 25.69 46.28
C LYS D 234 -5.75 24.38 46.07
N PHE D 235 -5.90 23.61 47.14
CA PHE D 235 -6.55 22.31 47.04
C PHE D 235 -7.78 22.26 47.93
N PHE D 236 -8.79 21.52 47.52
CA PHE D 236 -10.05 21.50 48.24
C PHE D 236 -10.69 20.14 48.16
N VAL D 237 -11.40 19.75 49.22
CA VAL D 237 -12.23 18.54 49.19
C VAL D 237 -13.66 18.84 49.60
N VAL D 238 -14.63 18.30 48.85
CA VAL D 238 -16.01 18.54 49.19
C VAL D 238 -16.82 17.26 49.31
N ASN D 239 -17.63 17.20 50.35
CA ASN D 239 -18.52 16.08 50.59
C ASN D 239 -19.75 16.19 49.70
N THR D 240 -19.89 15.28 48.75
CA THR D 240 -21.02 15.32 47.84
C THR D 240 -22.29 14.62 48.33
N ASP D 241 -22.22 13.97 49.50
CA ASP D 241 -23.43 13.31 50.02
C ASP D 241 -24.23 14.28 50.88
N SER D 242 -23.63 15.42 51.20
CA SER D 242 -24.28 16.43 52.02
C SER D 242 -24.55 17.73 51.27
N LEU D 243 -24.71 17.64 49.95
CA LEU D 243 -25.02 18.81 49.16
C LEU D 243 -26.46 19.22 49.43
N SER D 244 -26.70 20.54 49.46
CA SER D 244 -28.04 21.06 49.74
C SER D 244 -28.52 22.02 48.66
N SER D 245 -29.78 21.91 48.28
CA SER D 245 -30.35 22.82 47.29
C SER D 245 -30.42 24.21 47.93
N VAL D 246 -30.35 24.24 49.25
CA VAL D 246 -30.53 25.47 50.01
C VAL D 246 -29.27 26.23 50.35
N THR D 247 -28.23 25.53 50.82
CA THR D 247 -27.01 26.26 51.14
C THR D 247 -25.88 25.92 50.18
N ASN D 248 -24.87 26.80 50.14
CA ASN D 248 -23.72 26.61 49.28
C ASN D 248 -22.78 25.57 49.86
N ALA D 249 -22.42 24.59 49.04
CA ALA D 249 -21.47 23.55 49.42
C ALA D 249 -20.26 24.14 50.12
N THR D 250 -19.87 23.58 51.25
CA THR D 250 -18.66 24.06 51.89
C THR D 250 -17.52 23.14 51.47
N SER D 251 -16.49 23.71 50.88
CA SER D 251 -15.32 22.97 50.46
C SER D 251 -14.27 23.12 51.54
N ILE D 252 -13.58 22.04 51.85
CA ILE D 252 -12.53 22.11 52.86
C ILE D 252 -11.17 22.19 52.20
N GLN D 253 -10.37 23.17 52.59
CA GLN D 253 -9.06 23.33 51.99
C GLN D 253 -7.98 22.54 52.70
N ILE D 254 -7.15 21.86 51.91
CA ILE D 254 -5.96 21.21 52.42
C ILE D 254 -4.82 22.07 51.93
N THR D 255 -4.07 22.64 52.86
CA THR D 255 -2.97 23.51 52.51
C THR D 255 -1.65 22.76 52.41
N ALA D 256 -0.76 23.29 51.58
CA ALA D 256 0.54 22.70 51.39
C ALA D 256 1.30 22.78 52.69
N PRO D 257 2.21 21.83 52.92
CA PRO D 257 3.03 21.84 54.13
C PRO D 257 3.89 23.09 54.12
N ALA D 258 4.31 23.52 55.29
CA ALA D 258 5.10 24.74 55.45
C ALA D 258 6.35 24.76 54.59
N SER D 259 6.94 23.60 54.33
CA SER D 259 8.17 23.53 53.55
C SER D 259 7.94 23.95 52.10
N MET D 260 6.69 23.88 51.67
CA MET D 260 6.30 24.30 50.33
C MET D 260 5.89 25.76 50.31
N LEU D 261 5.12 26.16 51.32
CA LEU D 261 4.56 27.51 51.39
C LEU D 261 5.59 28.59 51.50
N ILE D 262 6.80 28.21 51.89
CA ILE D 262 7.88 29.17 52.05
C ILE D 262 8.29 29.84 50.72
N GLY D 263 7.84 29.29 49.60
CA GLY D 263 8.13 29.89 48.30
C GLY D 263 7.20 29.35 47.21
N ASP D 264 7.50 29.65 45.95
CA ASP D 264 6.70 29.12 44.84
C ASP D 264 6.76 27.60 44.86
N HIS D 265 5.65 26.95 44.54
CA HIS D 265 5.58 25.50 44.54
C HIS D 265 4.47 25.05 43.61
N TYR D 266 4.37 23.74 43.40
CA TYR D 266 3.31 23.17 42.56
C TYR D 266 2.60 22.03 43.28
N LEU D 267 1.42 21.69 42.79
CA LEU D 267 0.74 20.48 43.21
C LEU D 267 1.09 19.55 42.07
N CYS D 268 1.65 18.38 42.37
CA CYS D 268 2.11 17.54 41.28
C CYS D 268 1.45 16.18 41.19
N ASP D 269 0.77 15.75 42.25
CA ASP D 269 0.07 14.48 42.21
C ASP D 269 -1.03 14.35 43.25
N VAL D 270 -2.13 13.75 42.85
CA VAL D 270 -3.22 13.49 43.77
C VAL D 270 -3.65 12.05 43.63
N THR D 271 -3.61 11.33 44.74
CA THR D 271 -4.02 9.94 44.74
C THR D 271 -4.85 9.64 45.97
N TRP D 272 -6.06 9.12 45.78
CA TRP D 272 -6.86 8.66 46.91
C TRP D 272 -6.29 7.34 47.41
N ALA D 273 -6.19 7.18 48.73
CA ALA D 273 -5.69 5.93 49.29
C ALA D 273 -6.85 5.04 49.73
N THR D 274 -7.87 5.65 50.33
CA THR D 274 -9.08 4.95 50.77
C THR D 274 -10.25 5.92 50.68
N GLN D 275 -11.40 5.52 51.22
CA GLN D 275 -12.57 6.38 51.23
C GLN D 275 -12.32 7.66 52.01
N GLU D 276 -11.41 7.61 52.98
CA GLU D 276 -11.22 8.77 53.85
C GLU D 276 -9.79 9.25 53.93
N ARG D 277 -8.99 8.89 52.93
CA ARG D 277 -7.58 9.22 52.96
C ARG D 277 -7.08 9.64 51.60
N ILE D 278 -6.57 10.86 51.50
CA ILE D 278 -6.02 11.31 50.23
C ILE D 278 -4.57 11.66 50.42
N SER D 279 -3.75 11.35 49.44
CA SER D 279 -2.36 11.77 49.52
C SER D 279 -2.07 12.77 48.42
N LEU D 280 -1.38 13.84 48.79
CA LEU D 280 -1.04 14.87 47.84
C LEU D 280 0.47 14.99 47.78
N GLN D 281 1.01 15.23 46.58
CA GLN D 281 2.44 15.49 46.44
C GLN D 281 2.68 16.92 45.97
N TRP D 282 3.60 17.59 46.64
CA TRP D 282 3.94 18.96 46.34
C TRP D 282 5.38 19.07 45.91
N LEU D 283 5.66 20.01 45.02
CA LEU D 283 6.99 20.18 44.48
C LEU D 283 7.36 21.64 44.57
N ARG D 284 8.55 21.95 45.07
CA ARG D 284 9.02 23.33 45.07
C ARG D 284 9.26 23.76 43.63
N ARG D 285 9.37 25.08 43.43
CA ARG D 285 9.62 25.62 42.11
C ARG D 285 11.00 25.19 41.65
N ILE D 286 11.94 25.12 42.58
CA ILE D 286 13.20 24.47 42.28
C ILE D 286 12.84 23.00 42.49
N GLN D 287 12.66 22.29 41.39
CA GLN D 287 12.08 20.95 41.43
C GLN D 287 12.96 19.78 41.88
N ASN D 288 13.83 20.00 42.87
CA ASN D 288 14.63 18.90 43.37
C ASN D 288 14.19 18.50 44.79
N TYR D 289 12.98 18.91 45.15
CA TYR D 289 12.47 18.66 46.50
C TYR D 289 10.96 18.60 46.48
N SER D 290 10.41 17.46 46.85
CA SER D 290 8.97 17.31 46.92
C SER D 290 8.56 16.62 48.22
N VAL D 291 7.30 16.78 48.58
CA VAL D 291 6.79 16.21 49.81
C VAL D 291 5.43 15.60 49.58
N MET D 292 5.21 14.41 50.12
CA MET D 292 3.91 13.79 50.06
C MET D 292 3.21 14.03 51.41
N ASP D 293 1.95 14.43 51.35
CA ASP D 293 1.13 14.63 52.53
C ASP D 293 0.06 13.56 52.51
N ILE D 294 -0.15 12.89 53.63
CA ILE D 294 -1.23 11.91 53.73
C ILE D 294 -2.30 12.58 54.58
N CYS D 295 -3.49 12.74 54.03
CA CYS D 295 -4.53 13.48 54.72
C CYS D 295 -5.76 12.65 55.04
N ASP D 296 -6.13 12.66 56.30
CA ASP D 296 -7.24 11.86 56.80
C ASP D 296 -8.47 12.68 57.14
N TYR D 297 -9.63 12.17 56.74
CA TYR D 297 -10.88 12.82 57.08
C TYR D 297 -11.16 12.69 58.56
N ASP D 298 -11.67 13.77 59.17
CA ASP D 298 -12.07 13.71 60.55
C ASP D 298 -13.60 13.77 60.57
N GLU D 299 -14.22 12.67 60.99
CA GLU D 299 -15.67 12.58 61.03
C GLU D 299 -16.28 13.69 61.86
N SER D 300 -15.66 13.96 63.00
CA SER D 300 -16.21 14.89 63.99
C SER D 300 -16.04 16.39 63.73
N SER D 301 -14.96 16.79 63.06
CA SER D 301 -14.74 18.22 62.85
C SER D 301 -15.10 18.64 61.44
N GLY D 302 -15.34 17.67 60.56
CA GLY D 302 -15.65 17.96 59.17
C GLY D 302 -14.42 18.41 58.40
N ARG D 303 -13.26 18.31 59.04
CA ARG D 303 -12.01 18.74 58.40
C ARG D 303 -11.15 17.57 57.93
N TRP D 304 -10.02 17.90 57.31
CA TRP D 304 -9.07 16.90 56.85
C TRP D 304 -7.72 17.22 57.47
N ASN D 305 -7.11 16.25 58.11
CA ASN D 305 -5.83 16.51 58.78
C ASN D 305 -4.67 15.77 58.13
N CYS D 306 -3.54 16.47 58.03
CA CYS D 306 -2.35 15.92 57.42
C CYS D 306 -1.24 15.91 58.45
N LEU D 307 -1.08 14.78 59.12
CA LEU D 307 -0.10 14.62 60.17
C LEU D 307 1.33 14.75 59.65
N VAL D 308 2.07 15.67 60.25
CA VAL D 308 3.48 15.85 59.95
C VAL D 308 4.24 14.52 59.97
N ALA D 309 3.90 13.68 60.93
CA ALA D 309 4.56 12.38 61.08
C ALA D 309 4.30 11.48 59.87
N ARG D 310 3.38 11.87 59.01
CA ARG D 310 3.08 11.08 57.82
C ARG D 310 3.52 11.75 56.54
N GLN D 311 4.42 12.73 56.64
CA GLN D 311 4.96 13.39 55.47
C GLN D 311 6.11 12.55 54.94
N HIS D 312 6.27 12.57 53.62
CA HIS D 312 7.36 11.84 52.97
C HIS D 312 8.08 12.77 51.99
N ILE D 313 9.37 12.94 52.22
CA ILE D 313 10.20 13.77 51.37
C ILE D 313 10.82 12.96 50.24
N GLU D 314 10.72 13.49 49.03
CA GLU D 314 11.43 12.92 47.89
C GLU D 314 12.27 14.04 47.31
N MET D 315 13.59 13.89 47.37
CA MET D 315 14.51 14.89 46.84
C MET D 315 15.54 14.25 45.94
N SER D 316 16.32 15.10 45.27
CA SER D 316 17.44 14.65 44.45
C SER D 316 18.54 15.67 44.59
N THR D 317 19.77 15.18 44.67
CA THR D 317 20.91 16.06 44.82
C THR D 317 21.65 16.23 43.51
N THR D 318 21.28 15.44 42.50
CA THR D 318 21.97 15.51 41.21
C THR D 318 21.07 16.05 40.11
N GLY D 319 19.80 16.25 40.43
CA GLY D 319 18.88 16.74 39.43
C GLY D 319 17.51 17.05 39.99
N TRP D 320 16.48 16.74 39.20
CA TRP D 320 15.11 17.00 39.59
C TRP D 320 14.51 15.73 40.18
N VAL D 321 13.27 15.78 40.62
CA VAL D 321 12.65 14.59 41.17
C VAL D 321 11.70 13.97 40.18
N GLY D 322 11.85 12.67 39.97
CA GLY D 322 11.01 11.93 39.05
C GLY D 322 11.54 11.99 37.64
N ARG D 323 10.95 11.22 36.74
CA ARG D 323 11.35 11.28 35.35
C ARG D 323 10.98 12.67 34.84
N PHE D 324 9.70 13.02 34.97
CA PHE D 324 9.23 14.34 34.58
C PHE D 324 8.53 15.03 35.75
N ARG D 325 8.09 14.21 36.72
CA ARG D 325 7.48 14.65 37.97
C ARG D 325 7.58 13.49 38.96
N PRO D 326 7.40 13.75 40.26
CA PRO D 326 7.39 12.67 41.25
C PRO D 326 6.41 11.57 40.86
N SER D 327 6.78 10.33 41.11
CA SER D 327 5.93 9.19 40.75
C SER D 327 4.71 9.08 41.66
N GLU D 328 3.70 8.36 41.18
CA GLU D 328 2.47 8.22 41.92
C GLU D 328 2.52 7.00 42.82
N PRO D 329 1.91 7.11 43.99
CA PRO D 329 1.89 5.99 44.94
C PRO D 329 0.82 4.99 44.59
N HIS D 330 1.07 3.72 44.88
CA HIS D 330 0.06 2.70 44.72
C HIS D 330 -0.16 2.14 46.10
N PHE D 331 -1.29 2.51 46.70
CA PHE D 331 -1.61 2.13 48.07
C PHE D 331 -2.11 0.71 48.22
N THR D 332 -1.79 0.12 49.36
CA THR D 332 -2.34 -1.18 49.68
C THR D 332 -3.81 -0.92 49.96
N LEU D 333 -4.63 -1.95 49.85
CA LEU D 333 -6.06 -1.84 50.10
C LEU D 333 -6.39 -1.00 51.34
N ASP D 334 -5.78 -1.32 52.47
CA ASP D 334 -6.07 -0.62 53.72
C ASP D 334 -5.49 0.79 53.78
N GLY D 335 -4.72 1.15 52.76
CA GLY D 335 -4.13 2.48 52.67
C GLY D 335 -3.12 2.83 53.75
N ASN D 336 -2.59 1.83 54.44
CA ASN D 336 -1.57 2.11 55.46
C ASN D 336 -0.17 1.96 54.88
N SER D 337 -0.11 1.51 53.63
CA SER D 337 1.17 1.36 52.95
C SER D 337 1.03 1.68 51.47
N PHE D 338 2.16 1.91 50.82
CA PHE D 338 2.15 2.15 49.40
C PHE D 338 3.49 1.85 48.77
N TYR D 339 3.42 1.55 47.48
CA TYR D 339 4.58 1.33 46.67
C TYR D 339 4.68 2.51 45.70
N LYS D 340 5.92 2.93 45.43
CA LYS D 340 6.18 3.91 44.38
C LYS D 340 7.60 3.76 43.87
N ILE D 341 7.79 4.15 42.62
CA ILE D 341 9.09 4.11 41.99
C ILE D 341 9.88 5.34 42.36
N ILE D 342 11.09 5.13 42.86
CA ILE D 342 11.99 6.21 43.20
C ILE D 342 13.38 5.75 42.83
N SER D 343 14.32 6.67 42.71
CA SER D 343 15.67 6.28 42.35
C SER D 343 16.36 5.73 43.58
N ASN D 344 16.98 4.57 43.43
CA ASN D 344 17.67 3.98 44.56
C ASN D 344 19.01 4.68 44.73
N GLU D 345 19.84 4.15 45.62
CA GLU D 345 21.12 4.79 45.89
C GLU D 345 22.03 4.77 44.64
N GLU D 346 21.84 3.77 43.80
CA GLU D 346 22.58 3.63 42.56
C GLU D 346 22.11 4.65 41.52
N GLY D 347 20.96 5.26 41.76
CA GLY D 347 20.38 6.18 40.80
C GLY D 347 19.48 5.46 39.79
N TYR D 348 19.15 4.21 40.07
CA TYR D 348 18.24 3.46 39.22
C TYR D 348 16.85 3.42 39.88
N ARG D 349 15.84 3.73 39.09
CA ARG D 349 14.47 3.79 39.57
C ARG D 349 13.85 2.42 39.82
N HIS D 350 13.42 2.18 41.06
CA HIS D 350 12.89 0.89 41.46
C HIS D 350 11.70 0.97 42.41
N ILE D 351 11.01 -0.14 42.59
CA ILE D 351 9.85 -0.15 43.48
C ILE D 351 10.23 -0.18 44.95
N CYS D 352 9.78 0.85 45.69
CA CYS D 352 10.02 0.96 47.11
C CYS D 352 8.72 0.87 47.88
N TYR D 353 8.75 0.18 49.02
CA TYR D 353 7.57 0.01 49.84
C TYR D 353 7.69 0.94 51.01
N PHE D 354 6.67 1.76 51.20
CA PHE D 354 6.65 2.70 52.30
C PHE D 354 5.54 2.34 53.23
N GLN D 355 5.76 2.58 54.51
CA GLN D 355 4.68 2.50 55.45
C GLN D 355 4.31 3.93 55.79
N ILE D 356 3.01 4.22 55.73
CA ILE D 356 2.51 5.56 55.99
C ILE D 356 3.17 6.24 57.18
N ASP D 357 3.36 5.50 58.27
CA ASP D 357 3.93 6.03 59.50
C ASP D 357 5.46 6.08 59.56
N LYS D 358 6.15 5.66 58.49
CA LYS D 358 7.61 5.56 58.56
C LYS D 358 8.41 6.23 57.44
N LYS D 359 9.51 6.86 57.82
CA LYS D 359 10.42 7.52 56.89
C LYS D 359 11.10 6.54 55.92
N ASP D 360 11.71 5.49 56.45
CA ASP D 360 12.47 4.58 55.58
C ASP D 360 11.60 3.63 54.77
N CYS D 361 11.99 3.44 53.52
CA CYS D 361 11.27 2.56 52.66
C CYS D 361 12.22 1.43 52.27
N THR D 362 11.66 0.30 51.86
CA THR D 362 12.51 -0.79 51.42
C THR D 362 12.23 -1.12 49.97
N PHE D 363 13.29 -1.19 49.18
CA PHE D 363 13.20 -1.54 47.77
C PHE D 363 12.92 -3.02 47.60
N ILE D 364 12.00 -3.35 46.71
CA ILE D 364 11.67 -4.74 46.44
C ILE D 364 12.06 -5.16 45.03
N THR D 365 12.69 -4.24 44.29
CA THR D 365 13.35 -4.53 43.03
C THR D 365 14.66 -3.76 43.06
N LYS D 366 15.65 -4.24 42.33
CA LYS D 366 16.93 -3.58 42.26
C LYS D 366 17.66 -4.10 41.04
N GLY D 367 18.78 -3.50 40.72
CA GLY D 367 19.53 -3.91 39.55
C GLY D 367 19.81 -2.73 38.65
N THR D 368 20.58 -2.97 37.60
CA THR D 368 20.97 -1.93 36.66
C THR D 368 20.02 -1.92 35.46
N TRP D 369 18.80 -1.47 35.74
CA TRP D 369 17.73 -1.33 34.76
C TRP D 369 16.66 -0.61 35.55
N GLU D 370 15.56 -0.24 34.90
CA GLU D 370 14.55 0.53 35.61
C GLU D 370 13.13 0.01 35.49
N VAL D 371 12.36 0.25 36.52
CA VAL D 371 10.94 -0.04 36.50
C VAL D 371 10.30 1.17 35.81
N ILE D 372 9.49 0.91 34.79
CA ILE D 372 8.87 1.98 34.03
C ILE D 372 7.61 2.46 34.72
N GLY D 373 6.80 1.51 35.17
CA GLY D 373 5.57 1.82 35.88
C GLY D 373 5.02 0.62 36.64
N ILE D 374 4.30 0.88 37.71
CA ILE D 374 3.59 -0.16 38.44
C ILE D 374 2.24 -0.22 37.79
N GLU D 375 1.86 -1.38 37.30
CA GLU D 375 0.64 -1.50 36.51
C GLU D 375 -0.59 -1.95 37.28
N ALA D 376 -0.39 -2.75 38.32
CA ALA D 376 -1.52 -3.25 39.09
C ALA D 376 -1.05 -3.85 40.41
N LEU D 377 -1.90 -3.75 41.41
CA LEU D 377 -1.58 -4.23 42.75
C LEU D 377 -2.73 -5.04 43.29
N THR D 378 -2.50 -6.33 43.55
CA THR D 378 -3.51 -7.15 44.23
C THR D 378 -3.02 -7.40 45.64
N SER D 379 -3.63 -8.34 46.35
CA SER D 379 -3.20 -8.64 47.70
C SER D 379 -2.05 -9.63 47.66
N ASP D 380 -1.96 -10.35 46.56
CA ASP D 380 -0.92 -11.35 46.39
C ASP D 380 0.19 -10.92 45.43
N TYR D 381 -0.10 -10.02 44.50
CA TYR D 381 0.87 -9.67 43.46
C TYR D 381 0.93 -8.18 43.06
N LEU D 382 2.14 -7.73 42.77
CA LEU D 382 2.39 -6.40 42.25
C LEU D 382 2.86 -6.63 40.82
N TYR D 383 2.16 -6.05 39.85
CA TYR D 383 2.52 -6.18 38.45
C TYR D 383 3.22 -4.90 37.98
N TYR D 384 4.32 -5.03 37.26
CA TYR D 384 5.05 -3.85 36.78
C TYR D 384 5.76 -4.06 35.44
N ILE D 385 6.04 -2.95 34.77
CA ILE D 385 6.75 -2.93 33.50
C ILE D 385 8.17 -2.45 33.73
N SER D 386 9.14 -3.14 33.17
CA SER D 386 10.52 -2.70 33.28
C SER D 386 11.27 -3.00 31.99
N ASN D 387 12.50 -2.52 31.91
CA ASN D 387 13.34 -2.80 30.76
C ASN D 387 14.46 -3.75 31.16
N GLU D 388 14.22 -4.58 32.17
CA GLU D 388 15.22 -5.55 32.63
C GLU D 388 15.65 -6.56 31.56
N TYR D 389 14.69 -7.12 30.83
CA TYR D 389 14.98 -8.19 29.89
C TYR D 389 16.16 -7.91 28.99
N LYS D 390 17.14 -8.81 29.03
CA LYS D 390 18.33 -8.75 28.17
C LYS D 390 19.12 -7.45 28.28
N GLY D 391 18.93 -6.75 29.39
CA GLY D 391 19.61 -5.47 29.57
C GLY D 391 19.34 -4.47 28.46
N MET D 392 18.16 -4.54 27.85
CA MET D 392 17.82 -3.60 26.78
C MET D 392 16.95 -2.47 27.32
N PRO D 393 17.51 -1.28 27.40
CA PRO D 393 16.78 -0.14 27.96
C PRO D 393 15.57 0.21 27.10
N GLY D 394 15.61 -0.17 25.83
CA GLY D 394 14.53 0.15 24.90
C GLY D 394 13.49 -0.94 24.74
N GLY D 395 13.58 -1.96 25.58
CA GLY D 395 12.58 -3.01 25.60
C GLY D 395 11.66 -2.84 26.79
N ARG D 396 10.45 -3.40 26.71
CA ARG D 396 9.49 -3.28 27.81
C ARG D 396 8.83 -4.63 28.04
N ASN D 397 8.82 -5.08 29.29
CA ASN D 397 8.12 -6.32 29.63
C ASN D 397 7.36 -6.22 30.93
N LEU D 398 6.39 -7.11 31.10
CA LEU D 398 5.54 -7.14 32.26
C LEU D 398 6.02 -8.22 33.21
N TYR D 399 6.16 -7.85 34.47
CA TYR D 399 6.61 -8.76 35.50
C TYR D 399 5.64 -8.72 36.63
N LYS D 400 5.69 -9.75 37.47
CA LYS D 400 4.86 -9.73 38.66
C LYS D 400 5.68 -10.16 39.86
N ILE D 401 5.50 -9.44 40.96
CA ILE D 401 6.23 -9.74 42.18
C ILE D 401 5.32 -10.47 43.16
N GLN D 402 5.75 -11.64 43.60
CA GLN D 402 5.03 -12.36 44.64
C GLN D 402 5.19 -11.59 45.94
N LEU D 403 4.10 -11.00 46.41
CA LEU D 403 4.13 -10.16 47.61
C LEU D 403 4.52 -10.88 48.90
N SER D 404 4.26 -12.20 48.96
CA SER D 404 4.65 -13.00 50.11
C SER D 404 6.17 -13.18 50.12
N ASP D 405 6.78 -13.15 48.94
CA ASP D 405 8.24 -13.23 48.83
C ASP D 405 8.73 -12.47 47.61
N TYR D 406 9.10 -11.21 47.79
CA TYR D 406 9.45 -10.36 46.65
C TYR D 406 10.65 -10.80 45.82
N THR D 407 11.45 -11.74 46.32
CA THR D 407 12.56 -12.25 45.53
C THR D 407 11.99 -13.15 44.43
N LYS D 408 10.73 -13.53 44.59
CA LYS D 408 10.05 -14.38 43.61
C LYS D 408 9.35 -13.50 42.56
N VAL D 409 10.02 -13.30 41.43
CA VAL D 409 9.51 -12.45 40.37
C VAL D 409 9.35 -13.23 39.08
N THR D 410 8.20 -13.08 38.42
CA THR D 410 7.97 -13.77 37.17
C THR D 410 7.73 -12.79 36.02
N CYS D 411 8.39 -13.03 34.89
CA CYS D 411 8.14 -12.21 33.71
C CYS D 411 7.03 -12.86 32.93
N LEU D 412 5.96 -12.11 32.69
CA LEU D 412 4.80 -12.64 32.00
C LEU D 412 4.82 -12.48 30.50
N SER D 413 5.72 -11.67 29.99
CA SER D 413 5.69 -11.39 28.56
C SER D 413 6.99 -11.66 27.82
N CYS D 414 8.09 -11.71 28.56
CA CYS D 414 9.42 -11.88 27.96
C CYS D 414 9.50 -13.01 26.94
N GLU D 415 8.92 -14.15 27.27
CA GLU D 415 9.07 -15.32 26.42
C GLU D 415 7.87 -15.62 25.54
N LEU D 416 6.85 -14.79 25.60
CA LEU D 416 5.67 -15.06 24.79
C LEU D 416 6.03 -15.24 23.33
N ASN D 417 6.74 -14.24 22.79
CA ASN D 417 7.07 -14.19 21.39
C ASN D 417 8.34 -13.35 21.24
N PRO D 418 9.47 -13.91 21.64
CA PRO D 418 10.73 -13.17 21.77
C PRO D 418 11.26 -12.51 20.50
N GLU D 419 11.08 -13.13 19.34
CA GLU D 419 11.60 -12.54 18.12
C GLU D 419 10.72 -11.38 17.69
N ARG D 420 9.41 -11.52 17.84
CA ARG D 420 8.50 -10.48 17.40
C ARG D 420 8.08 -9.46 18.46
N CYS D 421 8.25 -9.82 19.73
CA CYS D 421 7.72 -8.99 20.80
C CYS D 421 8.66 -8.71 21.96
N GLN D 422 9.06 -7.44 22.07
CA GLN D 422 9.96 -7.00 23.11
C GLN D 422 9.54 -5.67 23.71
N TYR D 423 8.37 -5.17 23.34
CA TYR D 423 7.87 -3.90 23.86
C TYR D 423 6.39 -4.02 24.22
N TYR D 424 6.10 -4.31 25.48
CA TYR D 424 4.73 -4.46 25.92
C TYR D 424 4.23 -3.33 26.78
N SER D 425 2.92 -3.20 26.80
CA SER D 425 2.22 -2.37 27.77
C SER D 425 1.03 -3.26 28.13
N VAL D 426 0.34 -2.94 29.20
CA VAL D 426 -0.73 -3.82 29.64
C VAL D 426 -1.94 -3.04 30.12
N SER D 427 -3.10 -3.69 30.02
CA SER D 427 -4.34 -3.12 30.55
C SER D 427 -5.04 -4.19 31.38
N PHE D 428 -5.11 -3.96 32.68
CA PHE D 428 -5.76 -4.92 33.59
C PHE D 428 -7.24 -4.65 33.78
N SER D 429 -7.99 -5.72 33.97
CA SER D 429 -9.41 -5.61 34.26
C SER D 429 -9.56 -4.99 35.64
N LYS D 430 -10.76 -4.52 35.95
CA LYS D 430 -11.02 -3.79 37.18
C LYS D 430 -10.30 -4.35 38.41
N GLU D 431 -10.37 -5.65 38.64
CA GLU D 431 -9.66 -6.20 39.80
C GLU D 431 -8.46 -7.09 39.44
N ALA D 432 -7.96 -6.92 38.21
CA ALA D 432 -6.74 -7.61 37.76
C ALA D 432 -6.89 -9.12 37.51
N LYS D 433 -8.11 -9.56 37.28
CA LYS D 433 -8.39 -10.96 37.00
C LYS D 433 -7.84 -11.32 35.63
N TYR D 434 -7.93 -10.38 34.71
CA TYR D 434 -7.42 -10.58 33.36
C TYR D 434 -6.57 -9.41 32.92
N TYR D 435 -5.84 -9.60 31.83
CA TYR D 435 -5.07 -8.50 31.26
C TYR D 435 -4.92 -8.61 29.77
N GLN D 436 -4.97 -7.46 29.10
CA GLN D 436 -4.68 -7.40 27.69
C GLN D 436 -3.23 -6.98 27.57
N LEU D 437 -2.46 -7.74 26.82
CA LEU D 437 -1.07 -7.40 26.54
C LEU D 437 -1.05 -6.67 25.20
N ARG D 438 -0.20 -5.65 25.10
CA ARG D 438 -0.02 -4.93 23.84
C ARG D 438 1.46 -4.91 23.46
N CYS D 439 1.78 -5.59 22.36
CA CYS D 439 3.14 -5.69 21.86
C CYS D 439 3.32 -4.70 20.71
N SER D 440 4.20 -3.72 20.89
CA SER D 440 4.40 -2.68 19.89
C SER D 440 5.57 -2.92 18.94
N GLY D 441 6.34 -3.98 19.17
CA GLY D 441 7.49 -4.26 18.32
C GLY D 441 8.43 -5.24 18.97
N PRO D 442 9.48 -5.65 18.28
CA PRO D 442 9.83 -5.13 16.94
C PRO D 442 9.04 -5.67 15.76
N GLY D 443 8.34 -6.79 15.90
CA GLY D 443 7.57 -7.29 14.79
C GLY D 443 6.31 -6.46 14.71
N LEU D 444 5.34 -6.89 13.93
CA LEU D 444 4.08 -6.17 13.85
C LEU D 444 3.36 -6.28 15.17
N PRO D 445 2.65 -5.23 15.54
CA PRO D 445 1.92 -5.21 16.81
C PRO D 445 1.01 -6.42 17.01
N LEU D 446 1.01 -6.95 18.24
CA LEU D 446 0.22 -8.12 18.61
C LEU D 446 -0.56 -7.87 19.89
N TYR D 447 -1.87 -7.99 19.84
CA TYR D 447 -2.70 -7.78 21.03
C TYR D 447 -3.26 -9.12 21.48
N THR D 448 -3.01 -9.48 22.74
CA THR D 448 -3.47 -10.76 23.27
C THR D 448 -4.23 -10.57 24.58
N LEU D 449 -4.98 -11.60 24.99
CA LEU D 449 -5.76 -11.59 26.24
C LEU D 449 -5.30 -12.74 27.13
N HIS D 450 -5.12 -12.47 28.42
CA HIS D 450 -4.57 -13.47 29.32
C HIS D 450 -5.33 -13.46 30.63
N SER D 451 -5.37 -14.61 31.32
CA SER D 451 -6.00 -14.67 32.64
C SER D 451 -4.92 -14.68 33.72
N SER D 452 -5.12 -13.87 34.76
CA SER D 452 -4.15 -13.76 35.85
C SER D 452 -3.98 -15.04 36.67
N VAL D 453 -5.09 -15.74 36.90
CA VAL D 453 -5.07 -16.97 37.70
C VAL D 453 -3.74 -17.70 37.58
N ASN D 454 -3.42 -18.16 36.37
CA ASN D 454 -2.17 -18.87 36.13
C ASN D 454 -1.42 -18.28 34.95
N ASP D 455 -1.82 -17.07 34.54
CA ASP D 455 -1.19 -16.39 33.42
C ASP D 455 -1.27 -17.21 32.15
N LYS D 456 -2.46 -17.70 31.89
CA LYS D 456 -2.72 -18.50 30.71
C LYS D 456 -3.14 -17.59 29.58
N GLY D 457 -2.63 -17.83 28.38
CA GLY D 457 -3.01 -17.06 27.23
C GLY D 457 -4.39 -17.51 26.80
N LEU D 458 -5.36 -16.60 26.83
CA LEU D 458 -6.73 -16.92 26.44
C LEU D 458 -6.91 -16.91 24.93
N ARG D 459 -6.54 -15.80 24.28
CA ARG D 459 -6.64 -15.72 22.83
C ARG D 459 -5.93 -14.52 22.23
N VAL D 460 -5.71 -14.61 20.93
CA VAL D 460 -5.13 -13.53 20.15
C VAL D 460 -6.25 -12.59 19.72
N LEU D 461 -6.15 -11.32 20.12
CA LEU D 461 -7.15 -10.30 19.77
C LEU D 461 -6.92 -9.64 18.42
N GLU D 462 -5.68 -9.26 18.14
CA GLU D 462 -5.33 -8.67 16.85
C GLU D 462 -3.89 -9.04 16.55
N ASP D 463 -3.64 -9.67 15.42
CA ASP D 463 -2.29 -10.08 15.11
C ASP D 463 -1.72 -9.40 13.86
N ASN D 464 -2.48 -8.47 13.29
CA ASN D 464 -2.07 -7.75 12.09
C ASN D 464 -1.69 -8.63 10.90
N SER D 465 -2.34 -9.78 10.75
CA SER D 465 -2.00 -10.65 9.63
C SER D 465 -2.32 -9.95 8.33
N ALA D 466 -3.26 -9.02 8.37
CA ALA D 466 -3.67 -8.26 7.19
C ALA D 466 -2.54 -7.34 6.71
N LEU D 467 -1.95 -6.58 7.63
CA LEU D 467 -0.85 -5.69 7.28
C LEU D 467 0.31 -6.55 6.79
N ASP D 468 0.64 -7.55 7.58
CA ASP D 468 1.75 -8.45 7.29
C ASP D 468 1.60 -8.97 5.85
N LYS D 469 0.38 -9.36 5.52
CA LYS D 469 0.07 -9.86 4.20
C LYS D 469 0.51 -8.89 3.11
N MET D 470 0.00 -7.67 3.13
CA MET D 470 0.33 -6.73 2.07
C MET D 470 1.76 -6.19 2.13
N LEU D 471 2.44 -6.42 3.26
CA LEU D 471 3.81 -5.94 3.44
C LEU D 471 4.92 -6.85 2.91
N GLN D 472 4.64 -8.11 2.61
CA GLN D 472 5.71 -8.97 2.11
C GLN D 472 6.05 -8.76 0.64
N ASN D 473 5.20 -8.05 -0.10
CA ASN D 473 5.63 -7.69 -1.46
C ASN D 473 6.14 -6.24 -1.54
N VAL D 474 6.38 -5.66 -0.37
CA VAL D 474 7.00 -4.34 -0.28
C VAL D 474 8.41 -4.53 0.24
N GLN D 475 9.39 -3.96 -0.44
CA GLN D 475 10.75 -4.01 0.05
C GLN D 475 10.83 -3.11 1.29
N MET D 476 10.79 -3.72 2.47
CA MET D 476 10.80 -2.96 3.72
C MET D 476 12.19 -2.90 4.34
N PRO D 477 12.45 -1.81 5.04
CA PRO D 477 13.75 -1.62 5.70
C PRO D 477 13.81 -2.48 6.94
N SER D 478 14.98 -2.59 7.53
CA SER D 478 15.07 -3.28 8.80
C SER D 478 15.52 -2.30 9.88
N LYS D 479 15.39 -2.70 11.13
CA LYS D 479 15.90 -1.88 12.21
C LYS D 479 17.01 -2.63 12.91
N LYS D 480 18.13 -1.96 13.12
CA LYS D 480 19.17 -2.52 13.96
C LYS D 480 19.16 -1.66 15.23
N LEU D 481 19.24 -2.34 16.36
CA LEU D 481 19.23 -1.72 17.67
C LEU D 481 20.50 -2.18 18.35
N ASP D 482 21.40 -1.25 18.63
CA ASP D 482 22.66 -1.62 19.26
C ASP D 482 23.18 -0.48 20.10
N PHE D 483 24.43 -0.58 20.50
CA PHE D 483 25.03 0.45 21.32
C PHE D 483 26.47 0.67 20.93
N ILE D 484 26.97 1.85 21.25
CA ILE D 484 28.38 2.17 21.08
C ILE D 484 28.88 2.51 22.46
N ILE D 485 30.19 2.56 22.62
CA ILE D 485 30.76 2.78 23.94
C ILE D 485 31.56 4.06 24.06
N LEU D 486 31.05 4.96 24.88
CA LEU D 486 31.69 6.24 25.18
C LEU D 486 32.04 6.25 26.66
N ASN D 487 33.31 6.50 26.97
CA ASN D 487 33.77 6.56 28.34
C ASN D 487 33.35 5.38 29.22
N GLU D 488 33.34 4.17 28.66
CA GLU D 488 33.02 2.98 29.44
C GLU D 488 31.53 2.90 29.75
N THR D 489 30.75 3.67 29.00
CA THR D 489 29.29 3.64 29.14
C THR D 489 28.63 3.23 27.84
N LYS D 490 27.69 2.28 27.93
CA LYS D 490 26.90 1.87 26.78
C LYS D 490 25.92 2.99 26.46
N PHE D 491 25.83 3.36 25.19
CA PHE D 491 24.83 4.30 24.74
C PHE D 491 24.16 3.70 23.52
N TRP D 492 22.83 3.61 23.59
CA TRP D 492 22.08 2.94 22.54
C TRP D 492 21.65 3.81 21.36
N TYR D 493 21.60 3.18 20.20
CA TYR D 493 21.18 3.79 18.96
C TYR D 493 20.32 2.82 18.18
N GLN D 494 19.57 3.35 17.23
CA GLN D 494 18.81 2.52 16.31
C GLN D 494 19.01 3.06 14.91
N MET D 495 19.08 2.15 13.94
CA MET D 495 19.21 2.52 12.55
C MET D 495 18.13 1.88 11.71
N ILE D 496 17.44 2.71 10.94
CA ILE D 496 16.49 2.21 9.99
C ILE D 496 17.29 2.02 8.72
N LEU D 497 17.57 0.77 8.40
CA LEU D 497 18.39 0.42 7.24
C LEU D 497 17.57 0.12 6.01
N PRO D 498 17.96 0.70 4.88
CA PRO D 498 17.34 0.45 3.59
C PRO D 498 17.31 -1.05 3.25
N PRO D 499 16.35 -1.48 2.43
CA PRO D 499 16.23 -2.89 2.03
C PRO D 499 17.51 -3.39 1.37
N HIS D 500 17.85 -4.65 1.58
CA HIS D 500 19.04 -5.21 0.96
C HIS D 500 20.22 -4.37 1.36
N PHE D 501 20.28 -4.03 2.65
CA PHE D 501 21.32 -3.20 3.18
C PHE D 501 22.67 -3.84 2.91
N ASP D 502 23.61 -3.04 2.41
CA ASP D 502 24.92 -3.57 2.03
C ASP D 502 26.04 -2.76 2.66
N LYS D 503 26.72 -3.34 3.64
CA LYS D 503 27.80 -2.62 4.31
C LYS D 503 28.86 -2.13 3.32
N SER D 504 28.94 -2.76 2.16
CA SER D 504 29.90 -2.38 1.13
C SER D 504 29.62 -0.98 0.60
N LYS D 505 28.35 -0.58 0.60
CA LYS D 505 27.99 0.73 0.09
C LYS D 505 28.14 1.82 1.14
N LYS D 506 28.05 3.06 0.68
CA LYS D 506 28.11 4.21 1.57
C LYS D 506 26.75 4.87 1.43
N TYR D 507 25.94 4.80 2.48
CA TYR D 507 24.62 5.39 2.40
C TYR D 507 24.59 6.80 3.01
N PRO D 508 23.75 7.66 2.46
CA PRO D 508 23.50 8.98 3.07
C PRO D 508 22.85 8.69 4.42
N LEU D 509 23.12 9.51 5.42
CA LEU D 509 22.52 9.29 6.73
C LEU D 509 21.78 10.50 7.28
N LEU D 510 20.62 10.21 7.89
CA LEU D 510 19.81 11.22 8.52
C LEU D 510 19.69 10.87 10.01
N LEU D 511 20.16 11.79 10.85
CA LEU D 511 20.11 11.59 12.28
C LEU D 511 18.78 12.16 12.80
N ASP D 512 17.94 11.28 13.32
CA ASP D 512 16.62 11.64 13.82
C ASP D 512 16.78 11.89 15.31
N VAL D 513 16.66 13.15 15.72
CA VAL D 513 16.94 13.50 17.10
C VAL D 513 15.78 14.12 17.86
N TYR D 514 15.67 13.70 19.11
CA TYR D 514 14.83 14.39 20.05
C TYR D 514 15.77 14.79 21.17
N ALA D 515 16.24 13.79 21.92
CA ALA D 515 17.25 13.96 22.96
C ALA D 515 16.96 14.91 24.12
N GLY D 516 15.69 15.16 24.42
CA GLY D 516 15.33 15.93 25.60
C GLY D 516 15.58 15.07 26.84
N PRO D 517 15.55 15.69 28.00
CA PRO D 517 15.76 14.97 29.27
C PRO D 517 14.80 13.81 29.43
N CYS D 518 15.35 12.64 29.77
CA CYS D 518 14.61 11.39 29.91
C CYS D 518 13.99 10.92 28.59
N SER D 519 14.55 11.32 27.46
CA SER D 519 14.01 10.84 26.20
C SER D 519 14.53 9.44 25.86
N GLN D 520 13.88 8.79 24.90
CA GLN D 520 14.34 7.52 24.39
C GLN D 520 13.91 7.40 22.95
N LYS D 521 14.89 7.43 22.06
CA LYS D 521 14.64 7.33 20.63
C LYS D 521 15.21 6.02 20.11
N ALA D 522 15.90 5.26 20.96
CA ALA D 522 16.36 3.93 20.53
C ALA D 522 15.54 2.91 21.27
N ASP D 523 14.65 2.22 20.58
CA ASP D 523 13.78 1.24 21.21
C ASP D 523 13.39 0.08 20.29
N THR D 524 12.57 -0.84 20.78
CA THR D 524 12.18 -2.01 19.98
C THR D 524 10.81 -1.84 19.37
N VAL D 525 10.35 -0.60 19.26
CA VAL D 525 9.01 -0.36 18.73
C VAL D 525 9.00 -0.37 17.22
N PHE D 526 7.92 -0.91 16.65
CA PHE D 526 7.75 -0.95 15.21
C PHE D 526 6.94 0.23 14.77
N ARG D 527 7.41 0.90 13.73
CA ARG D 527 6.75 2.11 13.29
C ARG D 527 6.73 2.18 11.78
N LEU D 528 5.64 2.73 11.26
CA LEU D 528 5.53 3.05 9.86
C LEU D 528 5.49 4.57 9.86
N ASN D 529 6.59 5.18 9.45
CA ASN D 529 6.67 6.62 9.50
C ASN D 529 7.50 7.18 8.35
N TRP D 530 7.76 8.47 8.40
CA TRP D 530 8.55 9.14 7.40
C TRP D 530 9.87 8.43 7.18
N ALA D 531 10.48 8.03 8.28
CA ALA D 531 11.74 7.33 8.27
C ALA D 531 11.63 6.02 7.46
N THR D 532 10.48 5.36 7.55
CA THR D 532 10.26 4.14 6.79
C THR D 532 10.42 4.43 5.31
N TYR D 533 9.78 5.52 4.88
CA TYR D 533 9.83 5.95 3.49
C TYR D 533 11.26 6.28 3.05
N LEU D 534 11.99 7.00 3.90
CA LEU D 534 13.33 7.43 3.55
C LEU D 534 14.27 6.25 3.35
N ALA D 535 14.17 5.25 4.21
CA ALA D 535 15.04 4.09 4.09
C ALA D 535 14.64 3.23 2.90
N SER D 536 13.34 3.00 2.76
CA SER D 536 12.83 2.11 1.74
C SER D 536 12.95 2.61 0.32
N THR D 537 12.43 3.81 0.08
CA THR D 537 12.41 4.41 -1.24
C THR D 537 13.70 5.17 -1.58
N GLU D 538 14.22 5.92 -0.62
CA GLU D 538 15.37 6.77 -0.87
C GLU D 538 16.71 6.22 -0.37
N ASN D 539 16.71 5.00 0.12
CA ASN D 539 17.93 4.38 0.61
C ASN D 539 18.76 5.25 1.52
N ILE D 540 18.09 5.88 2.49
CA ILE D 540 18.76 6.67 3.49
C ILE D 540 18.74 5.95 4.80
N ILE D 541 19.90 5.77 5.43
CA ILE D 541 19.90 5.24 6.77
C ILE D 541 19.36 6.33 7.70
N VAL D 542 18.34 6.02 8.49
CA VAL D 542 17.96 6.98 9.50
C VAL D 542 18.20 6.46 10.93
N ALA D 543 19.09 7.17 11.61
CA ALA D 543 19.53 6.77 12.93
C ALA D 543 19.03 7.70 14.03
N SER D 544 18.94 7.15 15.23
CA SER D 544 18.62 7.93 16.40
C SER D 544 19.54 7.42 17.47
N PHE D 545 19.90 8.30 18.39
CA PHE D 545 20.86 7.98 19.43
C PHE D 545 20.42 8.50 20.79
N ASP D 546 20.56 7.68 21.83
CA ASP D 546 20.23 8.09 23.19
C ASP D 546 21.52 8.32 23.96
N GLY D 547 21.91 9.59 24.09
CA GLY D 547 23.12 9.97 24.78
C GLY D 547 22.88 10.47 26.18
N ARG D 548 23.78 11.29 26.70
CA ARG D 548 23.60 11.82 28.05
C ARG D 548 22.31 12.63 28.14
N GLY D 549 21.57 12.45 29.23
CA GLY D 549 20.28 13.08 29.40
C GLY D 549 19.12 12.17 29.05
N SER D 550 19.40 11.10 28.30
CA SER D 550 18.33 10.19 27.87
C SER D 550 17.81 9.37 29.05
N GLY D 551 16.62 8.80 28.93
CA GLY D 551 16.02 8.13 30.08
C GLY D 551 16.14 6.63 30.21
N TYR D 552 15.63 6.14 31.34
CA TYR D 552 15.47 4.72 31.58
C TYR D 552 16.77 3.91 31.71
N GLN D 553 17.87 4.60 32.01
CA GLN D 553 19.17 3.99 32.15
C GLN D 553 19.84 4.48 33.45
N GLY D 554 19.04 5.04 34.34
CA GLY D 554 19.57 5.57 35.60
C GLY D 554 19.92 7.06 35.59
N ASP D 555 20.01 7.63 36.78
CA ASP D 555 20.29 9.07 36.94
C ASP D 555 21.67 9.52 36.50
N LYS D 556 22.64 8.62 36.52
CA LYS D 556 23.97 9.05 36.11
C LYS D 556 23.86 9.63 34.72
N ILE D 557 23.18 8.88 33.88
CA ILE D 557 22.98 9.29 32.51
C ILE D 557 21.90 10.36 32.37
N MET D 558 20.78 10.20 33.05
CA MET D 558 19.67 11.16 32.88
C MET D 558 20.01 12.54 33.39
N HIS D 559 20.64 12.59 34.57
CA HIS D 559 20.96 13.86 35.21
C HIS D 559 22.23 14.51 34.69
N ALA D 560 22.89 13.88 33.72
CA ALA D 560 24.14 14.45 33.24
C ALA D 560 23.93 15.84 32.64
N ILE D 561 22.72 16.16 32.18
CA ILE D 561 22.50 17.49 31.62
C ILE D 561 21.88 18.48 32.61
N ASN D 562 21.81 18.12 33.89
CA ASN D 562 21.25 19.01 34.89
C ASN D 562 21.85 20.40 34.82
N ARG D 563 20.98 21.41 34.64
CA ARG D 563 21.39 22.81 34.56
C ARG D 563 22.25 23.14 33.33
N ARG D 564 22.34 22.19 32.42
CA ARG D 564 23.23 22.33 31.26
C ARG D 564 22.58 21.89 29.94
N LEU D 565 21.33 22.30 29.70
CA LEU D 565 20.71 21.89 28.45
C LEU D 565 21.52 22.49 27.30
N GLY D 566 21.53 21.81 26.16
CA GLY D 566 22.26 22.32 25.02
C GLY D 566 23.75 22.04 25.10
N THR D 567 24.16 21.16 26.00
CA THR D 567 25.57 20.80 26.08
C THR D 567 25.84 19.34 25.71
N PHE D 568 25.85 18.45 26.69
CA PHE D 568 26.21 17.05 26.44
C PHE D 568 25.28 16.30 25.48
N GLU D 569 23.99 16.61 25.51
CA GLU D 569 23.03 15.94 24.63
C GLU D 569 23.28 16.38 23.19
N VAL D 570 23.74 17.61 23.02
CA VAL D 570 24.11 18.09 21.70
C VAL D 570 25.43 17.45 21.26
N GLU D 571 26.43 17.50 22.14
CA GLU D 571 27.74 16.93 21.80
C GLU D 571 27.64 15.42 21.51
N ASP D 572 26.80 14.70 22.26
CA ASP D 572 26.69 13.26 22.07
C ASP D 572 26.09 12.90 20.71
N GLN D 573 25.15 13.70 20.21
CA GLN D 573 24.59 13.47 18.89
C GLN D 573 25.67 13.65 17.82
N ILE D 574 26.59 14.60 18.04
CA ILE D 574 27.66 14.80 17.08
C ILE D 574 28.62 13.61 17.14
N GLU D 575 28.96 13.17 18.34
CA GLU D 575 29.86 12.02 18.51
C GLU D 575 29.23 10.74 17.92
N ALA D 576 27.93 10.56 18.11
CA ALA D 576 27.25 9.39 17.54
C ALA D 576 27.43 9.38 16.05
N ALA D 577 27.20 10.54 15.44
CA ALA D 577 27.35 10.70 13.98
C ALA D 577 28.78 10.39 13.56
N ARG D 578 29.74 10.88 14.33
CA ARG D 578 31.15 10.60 14.04
C ARG D 578 31.40 9.09 14.12
N GLN D 579 30.75 8.39 15.05
CA GLN D 579 30.96 6.95 15.19
C GLN D 579 30.28 6.20 14.06
N PHE D 580 29.12 6.69 13.64
CA PHE D 580 28.38 6.07 12.55
C PHE D 580 29.21 6.17 11.28
N SER D 581 29.87 7.31 11.08
CA SER D 581 30.77 7.48 9.95
C SER D 581 31.94 6.51 10.08
N LYS D 582 32.40 6.26 11.30
CA LYS D 582 33.54 5.36 11.47
C LYS D 582 33.17 3.90 11.26
N MET D 583 31.88 3.65 11.06
CA MET D 583 31.41 2.27 10.87
C MET D 583 31.66 1.75 9.45
N GLY D 584 31.74 2.65 8.47
CA GLY D 584 32.07 2.23 7.13
C GLY D 584 31.02 2.29 6.03
N PHE D 585 29.74 2.19 6.39
CA PHE D 585 28.68 2.21 5.39
C PHE D 585 27.98 3.56 5.31
N VAL D 586 28.67 4.59 5.76
CA VAL D 586 28.08 5.92 5.74
C VAL D 586 28.84 6.85 4.81
N ASP D 587 28.11 7.54 3.95
CA ASP D 587 28.73 8.52 3.10
C ASP D 587 28.90 9.86 3.85
N ASN D 588 30.09 10.06 4.40
CA ASN D 588 30.49 11.29 5.11
C ASN D 588 30.01 12.61 4.52
N LYS D 589 29.82 12.62 3.21
CA LYS D 589 29.44 13.85 2.53
C LYS D 589 27.96 14.11 2.64
N ARG D 590 27.21 13.10 3.08
CA ARG D 590 25.77 13.24 3.18
C ARG D 590 25.20 12.80 4.52
N ILE D 591 25.53 13.53 5.58
CA ILE D 591 24.96 13.28 6.89
C ILE D 591 24.10 14.49 7.26
N ALA D 592 22.84 14.23 7.53
CA ALA D 592 21.90 15.27 7.91
C ALA D 592 21.37 15.01 9.31
N ILE D 593 20.58 15.95 9.79
CA ILE D 593 19.98 15.84 11.12
C ILE D 593 18.68 16.60 11.09
N TRP D 594 17.70 16.08 11.81
CA TRP D 594 16.44 16.76 11.86
C TRP D 594 15.76 16.42 13.16
N GLY D 595 14.84 17.27 13.58
CA GLY D 595 14.13 17.07 14.82
C GLY D 595 13.02 18.07 15.03
N TRP D 596 12.15 17.73 15.97
CA TRP D 596 10.96 18.50 16.28
C TRP D 596 10.96 18.90 17.77
N SER D 597 10.66 20.16 18.07
CA SER D 597 10.57 20.63 19.46
C SER D 597 11.95 20.63 20.15
N TYR D 598 12.13 19.82 21.20
CA TYR D 598 13.47 19.68 21.78
C TYR D 598 14.42 19.24 20.67
N GLY D 599 13.89 18.39 19.78
CA GLY D 599 14.63 17.92 18.64
C GLY D 599 15.06 19.01 17.69
N GLY D 600 14.19 19.98 17.44
CA GLY D 600 14.53 21.12 16.61
C GLY D 600 15.64 21.95 17.26
N TYR D 601 15.59 22.12 18.57
CA TYR D 601 16.63 22.84 19.32
C TYR D 601 17.99 22.14 19.16
N VAL D 602 18.02 20.84 19.45
CA VAL D 602 19.26 20.08 19.29
C VAL D 602 19.77 20.10 17.86
N THR D 603 18.85 19.95 16.91
CA THR D 603 19.22 19.98 15.50
C THR D 603 19.93 21.29 15.20
N SER D 604 19.34 22.39 15.65
CA SER D 604 19.90 23.71 15.39
C SER D 604 21.21 23.90 16.12
N MET D 605 21.29 23.44 17.36
CA MET D 605 22.52 23.54 18.13
C MET D 605 23.64 22.76 17.42
N VAL D 606 23.29 21.61 16.85
CA VAL D 606 24.26 20.80 16.15
C VAL D 606 24.69 21.49 14.86
N LEU D 607 23.72 22.01 14.12
CA LEU D 607 24.00 22.71 12.87
C LEU D 607 24.82 23.97 13.05
N GLY D 608 24.76 24.58 14.24
CA GLY D 608 25.54 25.78 14.49
C GLY D 608 26.75 25.50 15.36
N SER D 609 27.12 24.22 15.46
CA SER D 609 28.23 23.81 16.34
C SER D 609 29.59 24.02 15.72
N GLY D 610 29.66 24.06 14.40
CA GLY D 610 30.94 24.13 13.74
C GLY D 610 31.64 22.77 13.60
N SER D 611 30.94 21.69 13.93
CA SER D 611 31.54 20.36 13.94
C SER D 611 32.01 19.91 12.55
N GLY D 612 31.32 20.35 11.51
CA GLY D 612 31.65 19.95 10.16
C GLY D 612 31.14 18.57 9.80
N VAL D 613 30.42 17.93 10.72
CA VAL D 613 29.95 16.58 10.45
C VAL D 613 28.70 16.54 9.61
N PHE D 614 27.83 17.51 9.83
CA PHE D 614 26.53 17.54 9.18
C PHE D 614 26.48 18.54 8.03
N LYS D 615 25.90 18.10 6.93
CA LYS D 615 25.77 18.93 5.75
C LYS D 615 24.55 19.84 5.80
N CYS D 616 23.46 19.33 6.35
CA CYS D 616 22.20 20.04 6.33
C CYS D 616 21.32 19.54 7.47
N GLY D 617 20.22 20.25 7.71
CA GLY D 617 19.32 19.86 8.78
C GLY D 617 17.98 20.57 8.71
N ILE D 618 17.00 19.99 9.39
CA ILE D 618 15.67 20.53 9.45
C ILE D 618 15.24 20.66 10.91
N ALA D 619 14.86 21.87 11.33
CA ALA D 619 14.36 22.06 12.67
C ALA D 619 12.88 22.44 12.57
N VAL D 620 12.03 21.67 13.23
CA VAL D 620 10.61 21.92 13.20
C VAL D 620 10.18 22.38 14.60
N ALA D 621 9.55 23.54 14.66
CA ALA D 621 9.09 24.13 15.91
C ALA D 621 10.14 24.03 17.02
N PRO D 622 11.35 24.51 16.76
CA PRO D 622 12.42 24.38 17.75
C PRO D 622 12.33 25.39 18.88
N VAL D 623 12.79 24.99 20.06
CA VAL D 623 13.02 25.95 21.12
C VAL D 623 14.34 26.62 20.66
N SER D 624 14.47 27.92 20.85
CA SER D 624 15.66 28.62 20.39
C SER D 624 16.46 29.15 21.57
N ARG D 625 15.76 29.51 22.64
CA ARG D 625 16.40 29.93 23.87
C ARG D 625 15.46 29.64 25.03
N TRP D 626 16.03 29.16 26.13
CA TRP D 626 15.22 28.62 27.23
C TRP D 626 14.29 29.60 27.92
N GLU D 627 14.65 30.87 27.93
CA GLU D 627 13.78 31.89 28.50
C GLU D 627 12.45 31.99 27.79
N TYR D 628 12.39 31.59 26.52
CA TYR D 628 11.10 31.63 25.79
C TYR D 628 10.22 30.46 26.13
N TYR D 629 10.79 29.39 26.65
CA TYR D 629 9.97 28.22 26.97
C TYR D 629 9.25 28.27 28.34
N ASP D 630 8.30 27.37 28.56
CA ASP D 630 7.53 27.43 29.80
C ASP D 630 8.32 27.12 31.05
N SER D 631 7.89 27.74 32.14
CA SER D 631 8.57 27.66 33.41
C SER D 631 8.70 26.24 34.01
N VAL D 632 7.65 25.44 34.03
CA VAL D 632 7.84 24.16 34.75
C VAL D 632 8.79 23.17 34.07
N TYR D 633 8.67 23.05 32.76
CA TYR D 633 9.60 22.21 32.02
C TYR D 633 11.01 22.78 32.08
N THR D 634 11.16 24.04 31.66
CA THR D 634 12.47 24.66 31.56
C THR D 634 13.25 24.68 32.87
N GLU D 635 12.60 25.15 33.93
CA GLU D 635 13.25 25.31 35.23
C GLU D 635 13.59 23.96 35.89
N ARG D 636 12.82 22.95 35.56
CA ARG D 636 13.10 21.60 36.05
C ARG D 636 14.55 21.29 35.74
N TYR D 637 15.02 21.65 34.55
CA TYR D 637 16.37 21.27 34.16
C TYR D 637 17.33 22.45 34.17
N MET D 638 16.79 23.66 34.11
CA MET D 638 17.66 24.81 33.98
C MET D 638 17.71 25.69 35.21
N GLY D 639 16.88 25.41 36.20
CA GLY D 639 16.78 26.31 37.32
C GLY D 639 16.23 27.64 36.81
N LEU D 640 16.56 28.72 37.51
CA LEU D 640 16.01 30.03 37.20
C LEU D 640 16.99 30.88 36.41
N PRO D 641 16.49 31.65 35.46
CA PRO D 641 17.35 32.53 34.69
C PRO D 641 17.68 33.86 35.40
N THR D 642 18.33 33.78 36.56
CA THR D 642 18.76 34.98 37.31
C THR D 642 20.25 34.89 37.58
N PRO D 643 20.87 36.03 37.84
CA PRO D 643 22.30 36.04 38.18
C PRO D 643 22.56 35.18 39.43
N GLU D 644 21.57 35.00 40.28
CA GLU D 644 21.73 34.16 41.47
C GLU D 644 21.67 32.66 41.18
N ASP D 645 21.11 32.29 40.03
CA ASP D 645 20.95 30.86 39.74
C ASP D 645 21.65 30.44 38.45
N ASN D 646 20.96 30.44 37.33
CA ASN D 646 21.61 29.88 36.14
C ASN D 646 21.60 30.75 34.90
N LEU D 647 21.45 32.06 35.08
CA LEU D 647 21.37 33.00 33.95
C LEU D 647 22.44 32.84 32.89
N ASP D 648 23.68 32.71 33.30
CA ASP D 648 24.75 32.63 32.33
C ASP D 648 24.55 31.44 31.38
N HIS D 649 24.12 30.30 31.90
CA HIS D 649 23.94 29.18 30.99
C HIS D 649 22.71 29.36 30.10
N TYR D 650 21.66 30.00 30.62
CA TYR D 650 20.52 30.33 29.78
C TYR D 650 20.98 31.14 28.59
N ARG D 651 21.93 32.03 28.81
CA ARG D 651 22.40 32.94 27.78
C ARG D 651 23.38 32.26 26.84
N ASN D 652 24.08 31.26 27.34
CA ASN D 652 25.06 30.55 26.54
C ASN D 652 24.45 29.42 25.72
N SER D 653 23.20 29.07 25.99
CA SER D 653 22.61 27.90 25.33
C SER D 653 21.56 28.21 24.26
N THR D 654 21.58 29.40 23.67
CA THR D 654 20.63 29.75 22.64
C THR D 654 21.14 29.35 21.28
N VAL D 655 20.23 29.10 20.34
CA VAL D 655 20.71 28.86 18.99
C VAL D 655 21.16 30.16 18.32
N MET D 656 20.51 31.27 18.67
CA MET D 656 20.87 32.56 18.08
C MET D 656 22.36 32.91 18.16
N SER D 657 23.03 32.55 19.25
CA SER D 657 24.46 32.88 19.37
C SER D 657 25.35 32.06 18.41
N ARG D 658 24.78 30.99 17.86
CA ARG D 658 25.58 30.18 16.96
C ARG D 658 25.24 30.50 15.53
N ALA D 659 24.54 31.61 15.31
CA ALA D 659 24.03 31.97 13.99
C ALA D 659 25.10 31.98 12.91
N GLU D 660 26.24 32.55 13.26
CA GLU D 660 27.33 32.63 12.32
C GLU D 660 27.73 31.26 11.75
N ASN D 661 27.70 30.22 12.57
CA ASN D 661 28.12 28.90 12.07
C ASN D 661 27.14 28.25 11.11
N PHE D 662 25.97 28.86 10.93
CA PHE D 662 24.98 28.31 10.01
C PHE D 662 25.40 28.56 8.57
N LYS D 663 26.49 29.30 8.38
CA LYS D 663 27.04 29.48 7.04
C LYS D 663 27.62 28.15 6.59
N GLN D 664 27.78 27.23 7.53
CA GLN D 664 28.42 25.94 7.25
C GLN D 664 27.46 24.82 6.86
N VAL D 665 26.15 25.10 6.85
CA VAL D 665 25.17 24.07 6.59
C VAL D 665 24.00 24.57 5.77
N GLU D 666 23.19 23.62 5.30
CA GLU D 666 21.93 23.94 4.65
C GLU D 666 20.88 23.70 5.73
N TYR D 667 20.08 24.71 6.00
CA TYR D 667 19.13 24.68 7.12
C TYR D 667 17.73 24.92 6.63
N LEU D 668 16.79 24.18 7.20
CA LEU D 668 15.40 24.38 6.87
C LEU D 668 14.72 24.58 8.22
N LEU D 669 14.02 25.71 8.36
CA LEU D 669 13.36 26.08 9.61
C LEU D 669 11.86 26.13 9.39
N ILE D 670 11.12 25.40 10.22
CA ILE D 670 9.70 25.25 10.04
C ILE D 670 8.97 25.49 11.35
N HIS D 671 7.84 26.18 11.31
CA HIS D 671 7.12 26.49 12.54
C HIS D 671 5.68 26.92 12.27
N GLY D 672 4.77 26.42 13.08
CA GLY D 672 3.36 26.78 12.97
C GLY D 672 3.13 28.11 13.63
N THR D 673 2.39 29.00 12.99
CA THR D 673 2.19 30.33 13.58
C THR D 673 1.29 30.34 14.80
N ALA D 674 0.50 29.30 15.02
CA ALA D 674 -0.35 29.27 16.20
C ALA D 674 0.15 28.25 17.20
N ASP D 675 1.46 28.11 17.27
CA ASP D 675 2.04 27.16 18.20
C ASP D 675 1.98 27.77 19.60
N ASP D 676 1.15 27.21 20.46
CA ASP D 676 0.93 27.76 21.78
C ASP D 676 1.89 27.21 22.81
N ASN D 677 2.63 26.19 22.40
CA ASN D 677 3.55 25.45 23.25
C ASN D 677 4.95 26.04 23.05
N VAL D 678 5.59 25.73 21.92
CA VAL D 678 6.80 26.47 21.61
C VAL D 678 6.43 27.56 20.62
N HIS D 679 6.47 28.79 21.12
CA HIS D 679 5.93 29.90 20.36
C HIS D 679 6.71 30.20 19.09
N PHE D 680 5.97 30.58 18.05
CA PHE D 680 6.54 30.92 16.76
C PHE D 680 7.68 31.89 17.01
N GLN D 681 7.51 32.73 18.03
CA GLN D 681 8.56 33.62 18.49
C GLN D 681 9.94 32.95 18.46
N GLN D 682 10.01 31.71 18.91
CA GLN D 682 11.28 30.99 18.98
C GLN D 682 11.96 30.90 17.62
N SER D 683 11.20 30.58 16.59
CA SER D 683 11.76 30.54 15.24
C SER D 683 11.91 31.91 14.66
N ALA D 684 11.02 32.82 15.04
CA ALA D 684 11.10 34.18 14.55
C ALA D 684 12.44 34.78 14.97
N GLN D 685 12.90 34.46 16.17
CA GLN D 685 14.19 34.96 16.64
C GLN D 685 15.37 34.25 15.96
N ILE D 686 15.22 32.95 15.66
CA ILE D 686 16.30 32.28 14.92
C ILE D 686 16.48 32.90 13.55
N SER D 687 15.38 33.12 12.84
CA SER D 687 15.47 33.65 11.48
C SER D 687 16.11 35.01 11.47
N LYS D 688 15.73 35.86 12.43
CA LYS D 688 16.28 37.21 12.54
C LYS D 688 17.80 37.19 12.74
N ALA D 689 18.26 36.32 13.61
CA ALA D 689 19.70 36.22 13.88
C ALA D 689 20.43 35.70 12.64
N LEU D 690 19.83 34.75 11.94
CA LEU D 690 20.44 34.24 10.71
C LEU D 690 20.47 35.36 9.68
N VAL D 691 19.39 36.14 9.60
CA VAL D 691 19.38 37.27 8.67
C VAL D 691 20.48 38.29 9.02
N ASP D 692 20.57 38.58 10.31
CA ASP D 692 21.53 39.54 10.79
C ASP D 692 22.99 39.18 10.50
N VAL D 693 23.32 37.89 10.43
CA VAL D 693 24.69 37.51 10.11
C VAL D 693 24.83 37.12 8.65
N GLY D 694 23.76 37.29 7.88
CA GLY D 694 23.82 37.01 6.46
C GLY D 694 23.92 35.53 6.08
N VAL D 695 23.27 34.65 6.82
CA VAL D 695 23.25 33.26 6.37
C VAL D 695 21.97 32.97 5.62
N ASP D 696 22.12 32.31 4.49
CA ASP D 696 20.97 31.92 3.71
C ASP D 696 20.46 30.56 4.20
N PHE D 697 19.15 30.44 4.27
CA PHE D 697 18.49 29.23 4.76
C PHE D 697 17.10 29.17 4.13
N GLN D 698 16.41 28.06 4.36
CA GLN D 698 15.06 27.85 3.84
C GLN D 698 14.10 27.90 5.01
N ALA D 699 12.89 28.36 4.74
CA ALA D 699 11.90 28.50 5.81
C ALA D 699 10.51 28.10 5.35
N MET D 700 9.66 27.83 6.32
CA MET D 700 8.27 27.60 6.05
C MET D 700 7.46 27.79 7.31
N TRP D 701 6.54 28.74 7.30
CA TRP D 701 5.61 28.89 8.39
C TRP D 701 4.37 28.08 8.01
N TYR D 702 3.64 27.60 9.01
CA TYR D 702 2.36 26.93 8.78
C TYR D 702 1.27 27.72 9.47
N THR D 703 0.56 28.49 8.65
CA THR D 703 -0.52 29.34 9.10
C THR D 703 -1.51 28.61 9.96
N ASP D 704 -1.67 29.09 11.20
CA ASP D 704 -2.67 28.58 12.13
C ASP D 704 -2.43 27.19 12.63
N GLU D 705 -1.28 26.62 12.30
CA GLU D 705 -0.96 25.31 12.80
C GLU D 705 -0.30 25.46 14.17
N ASP D 706 -0.50 24.47 15.04
CA ASP D 706 0.10 24.51 16.36
C ASP D 706 1.35 23.62 16.44
N HIS D 707 1.75 23.24 17.65
CA HIS D 707 2.97 22.47 17.81
C HIS D 707 2.95 21.12 17.08
N GLY D 708 1.75 20.57 16.87
CA GLY D 708 1.62 19.29 16.21
C GLY D 708 1.71 19.38 14.70
N ILE D 709 1.46 20.58 14.17
CA ILE D 709 1.36 20.74 12.72
C ILE D 709 0.62 19.49 12.24
N ALA D 710 -0.49 19.22 12.91
CA ALA D 710 -1.24 17.97 12.78
C ALA D 710 -2.43 17.96 11.85
N SER D 711 -2.79 19.10 11.27
CA SER D 711 -3.89 19.09 10.32
C SER D 711 -3.51 18.16 9.18
N SER D 712 -4.51 17.47 8.65
CA SER D 712 -4.31 16.54 7.56
C SER D 712 -3.51 17.16 6.41
N THR D 713 -3.94 18.33 5.93
CA THR D 713 -3.21 18.99 4.84
C THR D 713 -1.82 19.48 5.25
N ALA D 714 -1.72 20.11 6.42
CA ALA D 714 -0.44 20.63 6.89
C ALA D 714 0.55 19.50 7.06
N HIS D 715 0.08 18.41 7.64
CA HIS D 715 0.90 17.24 7.87
C HIS D 715 1.46 16.67 6.58
N GLN D 716 0.61 16.55 5.57
CA GLN D 716 1.07 16.05 4.29
C GLN D 716 2.05 17.04 3.66
N HIS D 717 1.72 18.32 3.77
CA HIS D 717 2.55 19.36 3.15
C HIS D 717 3.96 19.43 3.78
N ILE D 718 4.05 19.32 5.11
CA ILE D 718 5.36 19.42 5.74
C ILE D 718 6.27 18.25 5.39
N TYR D 719 5.76 17.02 5.47
CA TYR D 719 6.63 15.91 5.14
C TYR D 719 7.04 15.94 3.69
N THR D 720 6.16 16.43 2.81
CA THR D 720 6.48 16.57 1.39
C THR D 720 7.61 17.59 1.21
N HIS D 721 7.45 18.74 1.87
CA HIS D 721 8.47 19.77 1.79
C HIS D 721 9.78 19.28 2.37
N MET D 722 9.74 18.64 3.53
CA MET D 722 10.96 18.14 4.12
C MET D 722 11.61 17.06 3.23
N SER D 723 10.77 16.25 2.57
CA SER D 723 11.26 15.20 1.69
C SER D 723 12.07 15.79 0.54
N HIS D 724 11.53 16.81 -0.09
CA HIS D 724 12.24 17.50 -1.17
C HIS D 724 13.56 18.06 -0.65
N PHE D 725 13.52 18.66 0.54
CA PHE D 725 14.72 19.27 1.11
C PHE D 725 15.81 18.25 1.31
N ILE D 726 15.45 17.14 1.96
CA ILE D 726 16.41 16.07 2.19
C ILE D 726 16.95 15.54 0.86
N LYS D 727 16.06 15.27 -0.10
CA LYS D 727 16.52 14.73 -1.36
C LYS D 727 17.48 15.69 -2.09
N GLN D 728 17.14 16.97 -2.15
CA GLN D 728 18.05 17.91 -2.81
C GLN D 728 19.41 17.95 -2.11
N CYS D 729 19.40 18.02 -0.78
CA CYS D 729 20.63 18.03 -0.01
C CYS D 729 21.51 16.79 -0.28
N PHE D 730 20.86 15.63 -0.43
CA PHE D 730 21.58 14.38 -0.68
C PHE D 730 21.72 14.07 -2.18
N SER D 731 21.28 15.01 -3.00
CA SER D 731 21.35 14.84 -4.45
C SER D 731 20.57 13.62 -4.92
N LEU D 732 19.35 13.45 -4.42
CA LEU D 732 18.50 12.33 -4.85
C LEU D 732 17.46 12.87 -5.82
N PRO D 733 17.32 12.20 -6.97
CA PRO D 733 16.39 12.61 -8.02
C PRO D 733 14.94 12.27 -7.69
C1 NAG E . -22.88 -6.34 -16.01
C2 NAG E . -24.27 -5.71 -16.10
C3 NAG E . -24.46 -4.67 -14.97
C4 NAG E . -24.38 -5.54 -13.69
C5 NAG E . -22.93 -6.00 -13.62
C6 NAG E . -22.56 -6.67 -12.30
C7 NAG E . -23.76 -4.69 -18.33
C8 NAG E . -24.34 -4.50 -19.71
N2 NAG E . -24.56 -5.34 -17.48
O3 NAG E . -25.67 -3.93 -15.09
O4 NAG E . -24.86 -4.96 -12.44
O5 NAG E . -22.68 -6.92 -14.71
O6 NAG E . -23.38 -7.83 -12.10
O7 NAG E . -22.64 -4.32 -18.04
C1 NAG E . -25.32 -5.09 -11.12
C2 NAG E . -24.93 -3.97 -10.14
C3 NAG E . -25.47 -4.18 -8.73
C4 NAG E . -26.97 -4.36 -8.80
C5 NAG E . -27.25 -5.59 -9.66
C6 NAG E . -28.76 -5.84 -9.71
C7 NAG E . -22.98 -2.58 -10.14
C8 NAG E . -21.49 -2.45 -9.97
N2 NAG E . -23.49 -3.80 -10.02
O3 NAG E . -25.17 -3.05 -7.90
O4 NAG E . -27.49 -4.51 -7.48
O5 NAG E . -26.73 -5.42 -10.98
O6 NAG E . -29.08 -6.93 -10.58
O7 NAG E . -23.72 -1.62 -10.32
C1 NAG F . -22.05 -28.46 -37.63
C2 NAG F . -23.31 -27.92 -38.29
C3 NAG F . -24.47 -28.90 -38.09
C4 NAG F . -24.09 -30.29 -38.54
C5 NAG F . -22.81 -30.68 -37.82
C6 NAG F . -22.38 -32.09 -38.21
C7 NAG F . -23.81 -25.62 -38.59
C8 NAG F . -24.27 -24.32 -38.03
N2 NAG F . -23.72 -26.64 -37.75
O3 NAG F . -25.59 -28.45 -38.86
O4 NAG F . -25.15 -31.18 -38.19
O5 NAG F . -21.78 -29.74 -38.16
O6 NAG F . -21.30 -32.01 -39.15
O7 NAG F . -23.59 -25.78 -39.77
C1 NAG F . -25.84 -31.97 -39.09
C2 NAG F . -26.34 -33.06 -38.15
C3 NAG F . -27.40 -33.91 -38.83
C4 NAG F . -28.49 -33.02 -39.43
C5 NAG F . -27.90 -31.86 -40.24
C6 NAG F . -28.99 -30.89 -40.65
C7 NAG F . -24.94 -34.01 -36.39
C8 NAG F . -25.78 -33.18 -35.46
N2 NAG F . -25.23 -33.89 -37.69
O3 NAG F . -28.01 -34.80 -37.88
O4 NAG F . -29.35 -33.81 -40.27
O5 NAG F . -26.94 -31.14 -39.47
O6 NAG F . -29.52 -30.24 -39.48
O7 NAG F . -24.01 -34.68 -35.98
C1 MAN F . -30.21 -34.15 -41.30
C2 MAN F . -31.06 -35.16 -40.55
C3 MAN F . -30.27 -36.45 -40.41
C4 MAN F . -29.73 -36.93 -41.76
C5 MAN F . -29.15 -35.82 -42.63
C6 MAN F . -29.03 -36.32 -44.07
O2 MAN F . -32.26 -35.41 -41.28
O3 MAN F . -31.10 -37.47 -39.85
O4 MAN F . -28.75 -37.95 -41.54
O5 MAN F . -29.99 -34.66 -42.62
O6 MAN F . -27.77 -35.93 -44.66
C1 NAG G . -33.92 -13.07 -37.47
C2 NAG G . -35.37 -13.51 -37.30
C3 NAG G . -35.70 -13.91 -35.89
C4 NAG G . -35.15 -15.32 -35.97
C5 NAG G . -33.63 -15.19 -36.24
C6 NAG G . -32.96 -16.57 -36.30
C7 NAG G . -36.73 -12.34 -39.13
C8 NAG G . -38.18 -12.06 -39.40
N2 NAG G . -36.55 -12.95 -37.96
O3 NAG G . -37.12 -13.92 -35.77
O4 NAG G . -35.50 -16.10 -34.82
O5 NAG G . -33.27 -14.37 -37.38
O6 NAG G . -33.18 -17.22 -37.57
O7 NAG G . -35.86 -12.07 -39.93
C1 NAG G . -35.82 -17.37 -34.35
C2 NAG G . -36.21 -17.01 -32.91
C3 NAG G . -37.04 -18.10 -32.24
C4 NAG G . -38.22 -18.45 -33.13
C5 NAG G . -37.72 -18.89 -34.49
C6 NAG G . -38.89 -19.27 -35.39
C7 NAG G . -33.83 -17.19 -32.17
C8 NAG G . -32.84 -16.64 -31.19
N2 NAG G . -35.05 -16.67 -32.08
O3 NAG G . -37.52 -17.65 -30.97
O4 NAG G . -39.01 -19.47 -32.51
O5 NAG G . -36.96 -17.83 -35.10
O6 NAG G . -38.40 -19.69 -36.68
O7 NAG G . -33.47 -18.00 -33.03
C1 NAG H . 2.21 -34.03 -49.65
C2 NAG H . 2.98 -34.35 -50.92
C3 NAG H . 2.57 -35.74 -51.42
C4 NAG H . 2.82 -36.77 -50.31
C5 NAG H . 2.07 -36.30 -49.06
C6 NAG H . 2.28 -37.22 -47.88
C7 NAG H . 3.66 -32.52 -52.36
C8 NAG H . 3.24 -31.48 -53.35
N2 NAG H . 2.69 -33.30 -51.89
O3 NAG H . 3.33 -36.04 -52.59
O4 NAG H . 2.47 -38.12 -50.70
O5 NAG H . 2.53 -35.01 -48.67
O6 NAG H . 3.53 -36.88 -47.27
O7 NAG H . 4.83 -32.69 -52.06
C1 NAG H . 2.71 -39.47 -50.90
C2 NAG H . 3.48 -40.81 -50.87
C3 NAG H . 2.68 -41.95 -51.49
C4 NAG H . 1.34 -42.04 -50.79
C5 NAG H . 0.64 -40.69 -50.85
C6 NAG H . -0.72 -40.73 -50.17
C7 NAG H . 5.12 -39.94 -52.49
C8 NAG H . 6.54 -40.04 -52.97
N2 NAG H . 4.79 -40.76 -51.49
O3 NAG H . 3.38 -43.20 -51.35
O4 NAG H . 0.54 -43.05 -51.44
O5 NAG H . 1.46 -39.69 -50.23
O6 NAG H . -0.59 -40.96 -48.76
O7 NAG H . 4.37 -39.10 -52.94
C1 NAG I . -37.14 -73.21 5.65
C2 NAG I . -37.80 -74.59 5.80
C3 NAG I . -39.29 -74.53 5.41
C4 NAG I . -40.07 -73.42 6.15
C5 NAG I . -39.25 -72.10 6.03
C6 NAG I . -39.83 -71.00 6.91
C7 NAG I . -36.27 -76.51 5.54
C8 NAG I . -35.60 -77.44 4.56
N2 NAG I . -37.06 -75.57 5.01
O3 NAG I . -39.83 -75.84 5.66
O4 NAG I . -41.49 -73.20 5.77
O5 NAG I . -37.89 -72.26 6.42
O6 NAG I . -39.61 -71.34 8.28
O7 NAG I . -36.13 -76.68 6.75
C1 NAG I . -42.87 -72.83 5.63
C2 NAG I . -44.40 -72.63 5.85
C3 NAG I . -45.18 -72.73 4.52
C4 NAG I . -44.70 -71.59 3.65
C5 NAG I . -43.18 -71.69 3.50
C6 NAG I . -42.65 -70.52 2.66
C7 NAG I . -46.39 -73.53 7.17
C8 NAG I . -46.75 -74.25 8.44
N2 NAG I . -45.06 -73.32 6.97
O3 NAG I . -46.58 -72.56 4.71
O4 NAG I . -45.37 -71.63 2.37
O5 NAG I . -42.53 -71.71 4.79
O6 NAG I . -42.86 -70.79 1.27
O7 NAG I . -47.28 -73.25 6.38
C1 NAG J . -34.92 -42.40 -6.57
C2 NAG J . -36.36 -42.81 -6.84
C3 NAG J . -37.02 -41.70 -7.62
C4 NAG J . -36.95 -40.42 -6.82
C5 NAG J . -35.53 -40.11 -6.34
C6 NAG J . -35.59 -38.96 -5.34
C7 NAG J . -36.68 -45.19 -6.95
C8 NAG J . -36.80 -46.40 -7.80
N2 NAG J . -36.46 -44.05 -7.58
O3 NAG J . -38.39 -42.05 -7.85
O4 NAG J . -37.42 -39.34 -7.65
O5 NAG J . -34.92 -41.25 -5.72
O6 NAG J . -34.27 -38.64 -4.89
O7 NAG J . -36.83 -45.20 -5.73
C1 NAG J . -38.68 -38.96 -7.24
C2 NAG J . -38.44 -37.65 -8.01
C3 NAG J . -39.76 -36.91 -8.18
C4 NAG J . -40.80 -37.79 -8.83
C5 NAG J . -40.93 -39.07 -8.01
C6 NAG J . -41.98 -40.01 -8.60
C7 NAG J . -36.36 -36.40 -7.88
C8 NAG J . -36.08 -36.92 -9.26
N2 NAG J . -37.50 -36.81 -7.31
O3 NAG J . -39.53 -35.72 -8.94
O4 NAG J . -42.05 -37.11 -8.90
O5 NAG J . -39.66 -39.72 -7.95
O6 NAG J . -41.74 -40.17 -10.00
O7 NAG J . -35.56 -35.70 -7.28
C1 NAG K . -14.38 61.11 18.34
C2 NAG K . -14.95 62.23 19.18
C3 NAG K . -15.67 61.56 20.34
C4 NAG K . -16.77 60.67 19.78
C5 NAG K . -16.19 59.66 18.80
C6 NAG K . -17.29 58.76 18.20
C7 NAG K . -13.64 64.26 19.21
C8 NAG K . -12.55 65.02 19.91
N2 NAG K . -13.93 63.08 19.73
O3 NAG K . -16.11 62.60 21.23
O4 NAG K . -17.37 59.96 20.86
O5 NAG K . -15.42 60.32 17.77
O6 NAG K . -17.08 58.54 16.80
O7 NAG K . -14.27 64.69 18.26
C1 NAG K . -18.68 60.25 21.17
C2 NAG K . -19.18 58.96 21.77
C3 NAG K . -20.65 59.16 22.09
C4 NAG K . -20.76 60.28 23.12
C5 NAG K . -20.16 61.55 22.52
C6 NAG K . -20.28 62.71 23.51
C7 NAG K . -18.15 56.84 21.12
C8 NAG K . -17.23 57.06 22.28
N2 NAG K . -19.05 57.81 20.90
O3 NAG K . -21.22 57.95 22.59
O4 NAG K . -22.13 60.51 23.47
O5 NAG K . -18.80 61.30 22.14
O6 NAG K . -19.01 63.01 24.09
O7 NAG K . -18.04 55.87 20.38
C1 MAN K . -22.00 60.08 24.77
C2 MAN K . -23.20 59.51 24.01
C3 MAN K . -24.50 60.28 24.23
C4 MAN K . -24.60 60.84 25.63
C5 MAN K . -23.29 61.35 26.20
C6 MAN K . -23.66 61.65 27.62
O2 MAN K . -23.36 58.13 24.35
O3 MAN K . -25.59 59.37 24.08
O4 MAN K . -25.54 61.91 25.64
O5 MAN K . -22.34 60.30 26.14
O6 MAN K . -25.03 61.19 27.67
C1 MAN K . -25.77 62.15 26.97
C2 MAN K . -27.17 62.58 27.36
C3 MAN K . -28.06 62.76 26.14
C4 MAN K . -27.49 63.89 25.32
C5 MAN K . -26.03 63.56 25.00
C6 MAN K . -25.42 64.74 24.26
O2 MAN K . -27.08 63.89 27.96
O3 MAN K . -29.38 63.12 26.49
O4 MAN K . -28.26 64.08 24.11
O5 MAN K . -25.28 63.25 26.18
O6 MAN K . -24.95 64.33 22.97
C1 NAG L . -5.74 35.29 42.82
C2 NAG L . -6.62 35.59 44.03
C3 NAG L . -6.61 37.10 44.24
C4 NAG L . -5.18 37.56 44.42
C5 NAG L . -4.28 37.07 43.29
C6 NAG L . -2.82 37.42 43.53
C7 NAG L . -8.40 34.03 44.42
C8 NAG L . -9.81 33.61 44.07
N2 NAG L . -7.95 35.10 43.78
O3 NAG L . -7.38 37.46 45.38
O4 NAG L . -5.18 38.99 44.41
O5 NAG L . -4.40 35.66 43.13
O6 NAG L . -2.07 37.08 42.36
O7 NAG L . -7.75 33.45 45.28
C1 NAG L . -4.45 39.69 45.36
C2 NAG L . -4.64 41.03 44.68
C3 NAG L . -4.53 42.18 45.67
C4 NAG L . -5.17 41.89 47.03
C5 NAG L . -4.99 40.45 47.46
C6 NAG L . -5.80 40.16 48.73
C7 NAG L . -3.96 41.48 42.39
C8 NAG L . -5.43 41.52 42.07
N2 NAG L . -3.64 41.21 43.64
O3 NAG L . -5.17 43.34 45.12
O4 NAG L . -4.60 42.75 48.02
O5 NAG L . -5.41 39.60 46.41
O6 NAG L . -7.14 40.64 48.56
O7 NAG L . -3.11 41.61 41.52
C1 NAG M . 3.31 18.78 -29.50
C2 NAG M . 1.97 19.33 -29.06
C3 NAG M . 1.36 20.04 -30.25
C4 NAG M . 2.19 21.29 -30.36
C5 NAG M . 3.63 20.89 -30.70
C6 NAG M . 4.55 22.12 -30.67
C7 NAG M . 1.30 17.42 -27.59
C8 NAG M . 0.07 16.74 -27.05
N2 NAG M . 1.02 18.45 -28.40
O3 NAG M . -0.02 20.35 -30.01
O4 NAG M . 1.64 22.19 -31.33
O5 NAG M . 4.15 19.92 -29.77
O6 NAG M . 5.09 22.36 -31.97
O7 NAG M . 2.41 17.09 -27.26
C1 NAG N . -15.45 2.06 -48.70
C2 NAG N . -15.97 3.39 -49.20
C3 NAG N . -17.42 3.13 -49.51
C4 NAG N . -17.36 2.31 -50.77
C5 NAG N . -16.58 1.01 -50.53
C6 NAG N . -16.23 0.38 -51.87
C7 NAG N . -15.73 5.77 -48.64
C8 NAG N . -16.16 6.07 -50.05
N2 NAG N . -15.64 4.49 -48.30
O3 NAG N . -18.16 4.33 -49.73
O4 NAG N . -18.66 2.01 -51.29
O5 NAG N . -15.34 1.24 -49.86
O6 NAG N . -17.27 -0.53 -52.23
O7 NAG N . -15.40 6.66 -47.86
C1 NAG O . 24.84 -34.89 -41.35
C2 NAG O . 25.15 -35.37 -39.93
C3 NAG O . 24.33 -34.63 -38.90
C4 NAG O . 24.28 -33.18 -39.34
C5 NAG O . 23.44 -33.02 -40.61
C6 NAG O . 23.75 -31.67 -41.27
C7 NAG O . 24.12 -37.61 -39.37
C8 NAG O . 24.39 -39.09 -39.52
N2 NAG O . 25.08 -36.84 -39.88
O3 NAG O . 24.96 -34.71 -37.62
O4 NAG O . 23.71 -32.38 -38.31
O5 NAG O . 23.61 -34.15 -41.48
O6 NAG O . 23.37 -31.63 -42.64
O7 NAG O . 23.09 -37.17 -38.89
C1 NAG P . 8.52 -48.02 -35.57
C2 NAG P . 7.38 -48.85 -36.15
C3 NAG P . 7.95 -50.19 -36.59
C4 NAG P . 8.94 -49.90 -37.73
C5 NAG P . 9.97 -48.88 -37.27
C6 NAG P . 10.80 -48.46 -38.49
C7 NAG P . 5.12 -49.68 -35.45
C8 NAG P . 4.04 -49.51 -34.40
N2 NAG P . 6.20 -48.90 -35.28
O3 NAG P . 6.96 -51.11 -37.08
O4 NAG P . 9.56 -51.10 -38.20
O5 NAG P . 9.35 -47.72 -36.70
O6 NAG P . 11.48 -47.23 -38.21
O7 NAG P . 5.00 -50.55 -36.32
C1 NAG Q . -10.69 -89.79 5.33
C2 NAG Q . -11.23 -89.55 3.92
C3 NAG Q . -12.73 -89.86 3.88
C4 NAG Q . -12.98 -91.23 4.46
C5 NAG Q . -12.35 -91.40 5.83
C6 NAG Q . -12.56 -92.83 6.33
C7 NAG Q . -11.01 -87.64 2.37
C8 NAG Q . -10.64 -86.18 2.34
N2 NAG Q . -10.93 -88.17 3.58
O3 NAG Q . -13.24 -89.86 2.55
O4 NAG Q . -14.40 -91.45 4.55
O5 NAG Q . -10.95 -91.12 5.76
O6 NAG Q . -13.15 -93.63 5.29
O7 NAG Q . -11.41 -88.22 1.36
C1 NAG R . -20.11 -63.84 -22.34
C2 NAG R . -21.20 -64.56 -23.15
C3 NAG R . -20.61 -65.77 -23.86
C4 NAG R . -19.51 -65.25 -24.76
C5 NAG R . -18.46 -64.61 -23.85
C6 NAG R . -17.28 -64.15 -24.68
C7 NAG R . -22.18 -65.56 -21.17
C8 NAG R . -23.42 -65.78 -20.37
N2 NAG R . -22.32 -64.87 -22.30
O3 NAG R . -21.55 -66.53 -24.65
O4 NAG R . -18.94 -66.31 -25.54
O5 NAG R . -19.02 -63.48 -23.18
O6 NAG R . -17.41 -62.74 -24.80
O7 NAG R . -21.09 -65.95 -20.77
C1 FUC S . -16.84 -61.67 -26.40
C2 FUC S . -15.92 -60.46 -26.27
C3 FUC S . -16.63 -59.20 -25.76
C4 FUC S . -18.00 -58.97 -26.40
C5 FUC S . -18.59 -60.24 -26.98
C6 FUC S . -20.11 -60.16 -27.06
O2 FUC S . -15.33 -60.18 -27.55
O3 FUC S . -16.75 -59.27 -24.33
O4 FUC S . -18.90 -58.45 -25.40
O5 FUC S . -18.21 -61.34 -26.17
C1 NAG T . -42.54 -57.42 -14.81
C2 NAG T . -43.53 -57.58 -15.97
C3 NAG T . -43.14 -56.77 -17.20
C4 NAG T . -42.85 -55.33 -16.83
C5 NAG T . -41.83 -55.30 -15.70
C6 NAG T . -41.55 -53.85 -15.31
C7 NAG T . -44.77 -59.63 -16.29
C8 NAG T . -44.71 -61.05 -16.78
N2 NAG T . -43.62 -58.96 -16.37
O3 NAG T . -44.18 -56.81 -18.18
O4 NAG T . -42.36 -54.63 -17.98
O5 NAG T . -42.32 -56.02 -14.57
O6 NAG T . -42.30 -53.53 -14.13
O7 NAG T . -45.80 -59.11 -15.90
C1 NAG U . -26.11 -36.48 18.96
C2 NAG U . -26.55 -36.24 20.39
C3 NAG U . -27.30 -34.91 20.48
C4 NAG U . -26.41 -33.78 19.94
C5 NAG U . -25.81 -34.15 18.58
C6 NAG U . -24.76 -33.12 18.17
C7 NAG U . -27.03 -37.90 22.04
C8 NAG U . -27.92 -39.02 22.51
N2 NAG U . -27.36 -37.34 20.89
O3 NAG U . -27.64 -34.67 21.85
O4 NAG U . -27.14 -32.55 19.84
O5 NAG U . -25.19 -35.43 18.62
O6 NAG U . -23.61 -33.28 19.01
O7 NAG U . -26.10 -37.49 22.72
C1 NAG V . -4.45 -34.86 29.22
C2 NAG V . -3.02 -34.61 28.72
C3 NAG V . -2.73 -35.50 27.52
C4 NAG V . -3.12 -36.96 27.68
C5 NAG V . -4.57 -37.03 28.10
C6 NAG V . -4.97 -38.48 28.31
C7 NAG V . -3.39 -32.46 27.31
C8 NAG V . -2.40 -31.71 26.47
N2 NAG V . -2.74 -33.46 27.91
O3 NAG V . -1.36 -35.37 27.10
O4 NAG V . -2.95 -37.59 26.40
O5 NAG V . -4.73 -36.28 29.31
O6 NAG V . -6.20 -38.62 29.02
O7 NAG V . -4.54 -32.08 27.48
C1 NAG W . -11.11 -21.94 14.18
C2 NAG W . -12.19 -21.49 13.20
C3 NAG W . -12.79 -20.17 13.71
C4 NAG W . -13.40 -20.45 15.07
C5 NAG W . -12.32 -21.00 16.00
C6 NAG W . -12.88 -21.32 17.38
C7 NAG W . -12.37 -21.38 10.78
C8 NAG W . -11.62 -21.30 9.48
N2 NAG W . -11.61 -21.41 11.87
O3 NAG W . -13.80 -19.64 12.83
O4 NAG W . -13.96 -19.24 15.61
O5 NAG W . -11.73 -22.17 15.44
O6 NAG W . -11.82 -21.75 18.24
O7 NAG W . -13.60 -21.35 10.85
C1 NAG X . 14.18 64.97 27.19
C2 NAG X . 14.25 66.11 28.19
C3 NAG X . 15.71 66.34 28.56
C4 NAG X . 16.20 65.04 29.18
C5 NAG X . 16.05 63.88 28.20
C6 NAG X . 16.50 62.56 28.83
C7 NAG X . 14.05 67.89 26.55
C8 NAG X . 13.27 69.09 26.11
N2 NAG X . 13.61 67.30 27.66
O3 NAG X . 15.85 67.42 29.49
O4 NAG X . 17.58 65.19 29.56
O5 NAG X . 14.69 63.75 27.76
O6 NAG X . 15.38 61.72 29.17
O7 NAG X . 14.97 67.45 25.91
C1 NAG Y . 0.09 89.16 6.50
C2 NAG Y . 0.55 90.60 6.56
C3 NAG Y . -0.09 91.28 7.76
C4 NAG Y . -1.61 91.17 7.65
C5 NAG Y . -2.03 89.72 7.41
C6 NAG Y . -3.53 89.64 7.12
C7 NAG Y . 2.74 90.73 7.66
C8 NAG Y . 4.23 90.85 7.43
N2 NAG Y . 2.00 90.71 6.56
O3 NAG Y . 0.30 92.65 7.88
O4 NAG Y . -2.20 91.67 8.84
O5 NAG Y . -1.33 89.15 6.31
O6 NAG Y . -3.80 88.49 6.32
O7 NAG Y . 2.27 90.57 8.77
C1 NAG Z . -7.74 75.10 28.43
C2 NAG Z . -7.91 75.70 29.83
C3 NAG Z . -7.78 74.63 30.91
C4 NAG Z . -8.76 73.52 30.62
C5 NAG Z . -8.46 72.96 29.23
C6 NAG Z . -9.39 71.79 28.92
C7 NAG Z . -7.30 77.93 30.46
C8 NAG Z . -6.20 78.92 30.70
N2 NAG Z . -6.91 76.71 30.08
O3 NAG Z . -8.06 75.21 32.20
O4 NAG Z . -8.65 72.51 31.63
O5 NAG Z . -8.62 73.98 28.25
O6 NAG Z . -10.41 72.20 28.01
O7 NAG Z . -8.47 78.18 30.65
C1 NAG AA . -19.84 56.64 -8.70
C2 NAG AA . -20.79 57.02 -9.82
C3 NAG AA . -22.18 56.47 -9.52
C4 NAG AA . -22.10 54.97 -9.28
C5 NAG AA . -20.98 54.63 -8.30
C6 NAG AA . -20.75 53.13 -8.19
C7 NAG AA . -20.80 58.96 -11.28
C8 NAG AA . -20.75 60.46 -11.35
N2 NAG AA . -20.75 58.45 -10.05
O3 NAG AA . -23.05 56.71 -10.62
O4 NAG AA . -23.37 54.44 -8.82
O5 NAG AA . -19.76 55.23 -8.72
O6 NAG AA . -19.69 52.76 -9.08
O7 NAG AA . -20.97 58.26 -12.27
C1 NAG BA . -7.87 42.81 -26.31
C2 NAG BA . -6.87 41.64 -26.27
C3 NAG BA . -5.84 41.74 -25.15
C4 NAG BA . -5.25 43.14 -25.12
C5 NAG BA . -6.40 44.11 -24.88
C6 NAG BA . -5.82 45.51 -24.72
C7 NAG BA . -8.55 39.86 -26.77
C8 NAG BA . -8.89 38.43 -26.51
N2 NAG BA . -7.45 40.30 -26.17
O3 NAG BA . -4.79 40.79 -25.40
O4 NAG BA . -4.30 43.25 -24.05
O5 NAG BA . -7.30 44.08 -25.98
O6 NAG BA . -6.90 46.45 -24.68
O7 NAG BA . -9.21 40.55 -27.54
C1 NAG CA . -27.07 23.98 24.15
C2 NAG CA . -28.36 24.20 24.93
C3 NAG CA . -29.53 23.50 24.24
C4 NAG CA . -29.59 23.86 22.75
C5 NAG CA . -28.23 23.92 22.07
C6 NAG CA . -28.37 24.67 20.74
C7 NAG CA . -27.93 22.52 26.71
C8 NAG CA . -27.88 22.36 28.20
N2 NAG CA . -28.25 23.75 26.31
O3 NAG CA . -30.78 23.83 24.89
O4 NAG CA . -30.35 22.85 22.08
O5 NAG CA . -27.24 24.56 22.86
O6 NAG CA . -28.03 26.06 20.91
O7 NAG CA . -27.62 21.62 25.94
C1 NAG DA . -18.01 5.62 51.33
C2 NAG DA . -19.29 4.96 51.84
C3 NAG DA . -20.04 5.91 52.77
C4 NAG DA . -19.11 6.51 53.82
C5 NAG DA . -17.83 7.06 53.20
C6 NAG DA . -16.85 7.52 54.28
C7 NAG DA . -20.77 3.36 50.68
C8 NAG DA . -21.61 3.12 49.47
N2 NAG DA . -20.14 4.55 50.73
O3 NAG DA . -21.08 5.18 53.41
O4 NAG DA . -19.78 7.55 54.54
O5 NAG DA . -17.20 6.07 52.42
O6 NAG DA . -16.00 6.44 54.67
O7 NAG DA . -20.73 2.53 51.58
C1 NAG EA . -23.85 31.09 47.18
C2 NAG EA . -24.97 32.00 47.68
C3 NAG EA . -25.17 33.23 46.79
C4 NAG EA . -23.87 33.87 46.35
C5 NAG EA . -22.87 32.82 45.90
C6 NAG EA . -21.52 33.46 45.56
C7 NAG EA . -26.87 31.16 48.92
C8 NAG EA . -28.14 30.36 48.86
N2 NAG EA . -26.20 31.25 47.77
O3 NAG EA . -25.98 34.21 47.47
O4 NAG EA . -24.14 34.76 45.27
O5 NAG EA . -22.68 31.88 46.95
O6 NAG EA . -20.94 33.98 46.76
O7 NAG EA . -26.52 31.77 49.93
C1 NAG FA . 18.29 22.17 44.68
C2 NAG FA . 19.40 21.70 45.61
C3 NAG FA . 20.07 22.90 46.24
C4 NAG FA . 20.59 23.79 45.11
C5 NAG FA . 19.49 24.10 44.12
C6 NAG FA . 20.02 24.89 42.93
C7 NAG FA . 19.59 19.64 46.81
C8 NAG FA . 19.01 18.69 47.81
N2 NAG FA . 18.88 20.74 46.57
O3 NAG FA . 21.18 22.47 47.04
O4 NAG FA . 21.12 25.01 45.66
O5 NAG FA . 18.92 22.88 43.62
O6 NAG FA . 19.25 24.52 41.78
O7 NAG FA . 20.67 19.45 46.30
C1 NAG GA . 32.46 10.68 28.69
C2 NAG GA . 32.60 11.24 27.27
C3 NAG GA . 31.23 11.39 26.62
C4 NAG GA . 30.31 10.31 27.18
C5 NAG GA . 30.08 10.45 28.68
C6 NAG GA . 29.76 9.11 29.32
C7 NAG GA . 33.06 13.72 27.23
C8 NAG GA . 34.19 14.71 27.37
N2 NAG GA . 33.42 12.45 27.35
O3 NAG GA . 31.36 11.26 25.20
O4 NAG GA . 29.04 10.34 26.52
O5 NAG GA . 31.21 11.06 29.29
O6 NAG GA . 29.24 9.30 30.64
O7 NAG GA . 31.91 14.09 27.08
C1 NAG HA . 29.16 31.37 28.78
C2 NAG HA . 29.89 30.95 30.06
C3 NAG HA . 31.17 31.76 30.19
C4 NAG HA . 32.07 31.44 29.03
C5 NAG HA . 31.34 31.85 27.76
C6 NAG HA . 32.21 31.54 26.54
C7 NAG HA . 29.21 30.29 32.30
C8 NAG HA . 30.01 29.04 32.07
N2 NAG HA . 29.15 31.16 31.29
O3 NAG HA . 31.87 31.47 31.41
O4 NAG HA . 33.31 32.15 29.21
O5 NAG HA . 30.08 31.16 27.69
O6 NAG HA . 31.53 31.89 25.32
O7 NAG HA . 28.60 30.47 33.34
#